data_8G4M
#
_entry.id   8G4M
#
_cell.length_a   1.00
_cell.length_b   1.00
_cell.length_c   1.00
_cell.angle_alpha   90.00
_cell.angle_beta   90.00
_cell.angle_gamma   90.00
#
_symmetry.space_group_name_H-M   'P 1'
#
loop_
_entity.id
_entity.type
_entity.pdbx_description
1 polymer 'Envelope glycoprotein gp120'
2 polymer 'Envelope glycoprotein gp41'
3 polymer 'antibody heavy chain'
4 polymer 'antibody light chain'
5 branched alpha-D-mannopyranose-(1-3)-[alpha-D-mannopyranose-(1-6)]beta-D-mannopyranose-(1-4)-2-acetamido-2-deoxy-beta-D-glucopyranose-(1-4)-2-acetamido-2-deoxy-beta-D-glucopyranose
6 branched 2-acetamido-2-deoxy-beta-D-glucopyranose-(1-4)-2-acetamido-2-deoxy-beta-D-glucopyranose
7 branched beta-D-mannopyranose-(1-4)-2-acetamido-2-deoxy-beta-D-glucopyranose-(1-4)-2-acetamido-2-deoxy-beta-D-glucopyranose
8 branched alpha-D-mannopyranose-(1-2)-alpha-D-mannopyranose-(1-3)-[alpha-D-mannopyranose-(1-6)]beta-D-mannopyranose-(1-4)-2-acetamido-2-deoxy-beta-D-glucopyranose-(1-4)-2-acetamido-2-deoxy-beta-D-glucopyranose
9 branched alpha-D-mannopyranose-(1-2)-alpha-D-mannopyranose-(1-3)-beta-D-mannopyranose-(1-4)-2-acetamido-2-deoxy-beta-D-glucopyranose-(1-4)-2-acetamido-2-deoxy-beta-D-glucopyranose
10 non-polymer 2-acetamido-2-deoxy-beta-D-glucopyranose
#
loop_
_entity_poly.entity_id
_entity_poly.type
_entity_poly.pdbx_seq_one_letter_code
_entity_poly.pdbx_strand_id
1 'polypeptide(L)'
;AENLWVTVYYGVPVWKDAETTLFCASDAKAYETEKHNVWATHACVPTDPNPQEIHLENVTEEFNMWKNNMVEQMHTDIIS
LWDQSLKPCVKLTPLCVTLQCTNVTNNITDDMRGELKNCSFNMTTELRDKKQKVYSLFYRLDVVQINENQGNRSNNSNKE
YRLINCNTSACTQACPKVSFEPIPIHYCAPAGFAILKCKDKKFNGTGPCPSVSTVQCTHGIKPVVSTQLLLNGSLAEEEV
MIRSENITNNAKNILVQFNTPVQINCTRPNNNTRKSIRIGPGQAFYATGDIIGDIRQAHCNVSKATWNETLGKVVKQLRK
HFGNNTIIRFANSSGGDLEVTTHSFNCGGEFFYCNTSGLFNSTWISNTSVQGSNSTGSNDSITLPCRIKQIINMWQRIGQ
CMYAPPIQGVIRCVSNITGLILTRDGGSTNSTTETFRPGGGDMRDNWRSELYKYKVVKIEPLGVAPTRCKRRV
;
C,G,I
2 'polypeptide(L)'
;AVGIGAVFLGFLGAAGSTMGAASMTLTVQARNLLSGIVQQQSNLLRAIEAQQHLLKLTVWGIKQLQARVLAVERYLRDQQ
LLGIWGCSGKLICCTNVPWNSSWSNRNLSEIWDNMTWLQWDKEISNYTQIIYGLLEESQNQQEKNEQDLLALD
;
A,B,F
3 'polypeptide(L)'
;EVQLVESGGGLVQPGGSLRLSCSASGFTFSSYAMHWVRQAPGKGLEYVSAISGNGDSTYYADSVRGRFTISRDNSKNTLY
LQMSSLRAEDTAVYYCVKQAAYCTRTSCYYFDYWGQGTLVTVSSASTKGPSVFPLAPSSKSTSGGTAALGCLVKDYFPEP
VTVSWNSGALTSGVHTFPAVLQSSGLYSLSSVVTVPSSSLGTQTYICNVNHKPSNTKVDKKVEPKSCDKGLEVLFQ
;
D,H,J
4 'polypeptide(L)'
;EIVMTQSPATLSVSPGERATLSCRASQGVSSKLAWYQQKPGQAPRLLIYGASTRATGIPARFSGSGSGTEFTLTISSLQS
EDFAVYYCQQYHNWPYTFGQGTKLEIKRTVAAPSVFIFPPSDEQLKSGTASVVCLLNNFYPREAKVQWKVDNALQSGNSQ
ESVTEQDSKDSTYSLSSTLTLSKADYEKHKVYACEVTHQGLSSPVTKSFNRGEC
;
E,L,K
#
loop_
_chem_comp.id
_chem_comp.type
_chem_comp.name
_chem_comp.formula
BMA D-saccharide, beta linking beta-D-mannopyranose 'C6 H12 O6'
MAN D-saccharide, alpha linking alpha-D-mannopyranose 'C6 H12 O6'
NAG D-saccharide, beta linking 2-acetamido-2-deoxy-beta-D-glucopyranose 'C8 H15 N O6'
#
# COMPACT_ATOMS: atom_id res chain seq x y z
N ALA A 1 40.32 -29.44 -8.30
CA ALA A 1 40.23 -29.55 -6.85
C ALA A 1 40.52 -28.21 -6.19
N GLU A 2 41.56 -27.53 -6.67
CA GLU A 2 41.92 -26.22 -6.14
C GLU A 2 41.07 -25.10 -6.71
N ASN A 3 40.22 -25.38 -7.70
CA ASN A 3 39.36 -24.38 -8.30
C ASN A 3 38.00 -24.43 -7.63
N LEU A 4 37.57 -23.31 -7.05
CA LEU A 4 36.30 -23.20 -6.37
C LEU A 4 35.43 -22.18 -7.09
N TRP A 5 34.12 -22.41 -7.03
CA TRP A 5 33.15 -21.59 -7.75
C TRP A 5 32.09 -21.08 -6.80
N VAL A 6 31.57 -19.89 -7.11
CA VAL A 6 30.51 -19.31 -6.29
C VAL A 6 29.25 -20.15 -6.44
N THR A 7 28.66 -20.55 -5.33
CA THR A 7 27.39 -21.25 -5.30
C THR A 7 26.39 -20.41 -4.52
N VAL A 8 25.20 -20.23 -5.10
CA VAL A 8 24.17 -19.38 -4.50
C VAL A 8 23.20 -20.27 -3.74
N TYR A 9 23.09 -20.02 -2.44
CA TYR A 9 22.17 -20.74 -1.56
C TYR A 9 21.04 -19.81 -1.17
N TYR A 10 19.80 -20.29 -1.31
CA TYR A 10 18.62 -19.53 -0.95
C TYR A 10 17.96 -20.17 0.26
N GLY A 11 17.64 -19.36 1.27
CA GLY A 11 17.06 -19.86 2.48
C GLY A 11 18.05 -20.16 3.59
N VAL A 12 19.28 -19.67 3.49
CA VAL A 12 20.26 -19.95 4.54
C VAL A 12 19.79 -19.29 5.83
N PRO A 13 19.99 -19.92 6.99
CA PRO A 13 19.53 -19.30 8.26
C PRO A 13 20.44 -18.20 8.76
N VAL A 14 20.26 -17.00 8.20
CA VAL A 14 21.01 -15.82 8.58
C VAL A 14 20.01 -14.70 8.87
N TRP A 15 20.40 -13.80 9.76
CA TRP A 15 19.54 -12.68 10.13
C TRP A 15 20.39 -11.52 10.61
N LYS A 16 19.77 -10.36 10.67
CA LYS A 16 20.42 -9.15 11.16
C LYS A 16 19.45 -8.38 12.04
N ASP A 17 19.98 -7.61 12.98
CA ASP A 17 19.15 -6.75 13.80
C ASP A 17 18.42 -5.75 12.91
N ALA A 18 17.14 -5.54 13.19
CA ALA A 18 16.33 -4.68 12.35
C ALA A 18 15.17 -4.11 13.15
N GLU A 19 14.59 -3.04 12.62
CA GLU A 19 13.39 -2.42 13.15
C GLU A 19 12.31 -2.47 12.08
N THR A 20 11.14 -3.00 12.43
CA THR A 20 10.08 -3.23 11.48
C THR A 20 8.76 -2.78 12.07
N THR A 21 7.70 -2.88 11.26
CA THR A 21 6.35 -2.49 11.67
C THR A 21 5.63 -3.73 12.16
N LEU A 22 5.63 -3.94 13.47
CA LEU A 22 4.97 -5.10 14.07
C LEU A 22 3.47 -4.84 14.14
N PHE A 23 2.68 -5.74 13.58
CA PHE A 23 1.23 -5.64 13.67
C PHE A 23 0.72 -6.47 14.85
N CYS A 24 -0.53 -6.23 15.21
CA CYS A 24 -1.11 -6.83 16.40
C CYS A 24 -1.93 -8.06 16.05
N ALA A 25 -1.88 -9.06 16.94
CA ALA A 25 -2.74 -10.23 16.86
C ALA A 25 -3.35 -10.47 18.23
N SER A 26 -4.65 -10.75 18.25
CA SER A 26 -5.37 -10.94 19.50
C SER A 26 -6.23 -12.19 19.41
N ASP A 27 -6.50 -12.79 20.57
CA ASP A 27 -7.35 -13.97 20.62
C ASP A 27 -8.75 -13.63 20.13
N ALA A 28 -9.24 -14.38 19.15
CA ALA A 28 -10.57 -14.14 18.60
C ALA A 28 -11.68 -14.44 19.59
N LYS A 29 -11.37 -15.11 20.70
CA LYS A 29 -12.39 -15.45 21.67
C LYS A 29 -13.12 -14.19 22.15
N ALA A 30 -12.37 -13.15 22.51
CA ALA A 30 -12.97 -11.91 22.97
C ALA A 30 -13.63 -11.17 21.81
N LYS A 35 -16.43 -4.44 20.19
CA LYS A 35 -16.01 -3.25 19.46
C LYS A 35 -16.06 -2.03 20.38
N HIS A 36 -15.88 -2.26 21.67
CA HIS A 36 -15.96 -1.22 22.69
C HIS A 36 -14.76 -1.29 23.61
N ASN A 37 -13.57 -1.39 23.02
CA ASN A 37 -12.32 -1.43 23.77
C ASN A 37 -11.40 -0.33 23.26
N VAL A 38 -10.71 0.34 24.18
CA VAL A 38 -9.78 1.38 23.79
C VAL A 38 -8.73 0.81 22.85
N TRP A 39 -8.24 -0.39 23.15
CA TRP A 39 -7.30 -1.10 22.28
C TRP A 39 -8.14 -1.88 21.29
N ALA A 40 -8.23 -1.38 20.06
CA ALA A 40 -9.19 -1.89 19.09
C ALA A 40 -8.75 -3.27 18.64
N THR A 41 -8.91 -4.24 19.55
CA THR A 41 -8.54 -5.61 19.27
C THR A 41 -9.44 -6.25 18.22
N HIS A 42 -10.62 -5.69 17.97
CA HIS A 42 -11.46 -6.20 16.90
C HIS A 42 -10.82 -6.00 15.54
N ALA A 43 -9.84 -5.10 15.44
CA ALA A 43 -9.10 -4.88 14.21
C ALA A 43 -7.80 -5.67 14.17
N CYS A 44 -7.53 -6.49 15.17
CA CYS A 44 -6.30 -7.27 15.23
C CYS A 44 -6.52 -8.64 14.62
N VAL A 45 -5.49 -9.13 13.92
CA VAL A 45 -5.61 -10.44 13.26
C VAL A 45 -5.78 -11.52 14.32
N PRO A 46 -6.62 -12.53 14.10
CA PRO A 46 -6.72 -13.60 15.10
C PRO A 46 -5.40 -14.31 15.30
N THR A 47 -5.12 -14.68 16.54
CA THR A 47 -3.88 -15.35 16.87
C THR A 47 -3.94 -16.83 16.51
N ASP A 48 -2.77 -17.43 16.39
CA ASP A 48 -2.68 -18.87 16.19
C ASP A 48 -3.04 -19.58 17.50
N PRO A 49 -4.05 -20.45 17.51
CA PRO A 49 -4.38 -21.13 18.77
C PRO A 49 -3.22 -21.93 19.34
N ASN A 50 -2.30 -22.39 18.50
CA ASN A 50 -1.17 -23.20 18.91
C ASN A 50 0.09 -22.54 18.37
N PRO A 51 0.63 -21.55 19.08
CA PRO A 51 1.76 -20.80 18.53
C PRO A 51 2.96 -21.71 18.27
N GLN A 52 3.69 -21.41 17.20
CA GLN A 52 4.86 -22.18 16.79
C GLN A 52 6.12 -21.48 17.27
N GLU A 53 6.95 -22.22 17.99
CA GLU A 53 8.22 -21.71 18.50
C GLU A 53 9.31 -22.73 18.19
N ILE A 54 10.38 -22.29 17.55
CA ILE A 54 11.47 -23.15 17.11
C ILE A 54 12.67 -22.91 18.01
N HIS A 55 13.25 -23.99 18.53
CA HIS A 55 14.41 -23.88 19.40
C HIS A 55 15.67 -23.76 18.56
N LEU A 56 16.36 -22.63 18.68
CA LEU A 56 17.58 -22.37 17.92
C LEU A 56 18.76 -22.92 18.72
N GLU A 57 19.11 -24.17 18.46
CA GLU A 57 20.22 -24.80 19.15
C GLU A 57 21.53 -24.14 18.75
N ASN A 58 22.45 -24.02 19.71
CA ASN A 58 23.79 -23.48 19.53
C ASN A 58 23.81 -21.98 19.26
N VAL A 59 22.66 -21.32 19.21
CA VAL A 59 22.59 -19.91 18.84
C VAL A 59 22.69 -19.07 20.11
N THR A 60 23.65 -18.14 20.12
CA THR A 60 23.78 -17.16 21.18
C THR A 60 23.60 -15.78 20.55
N GLU A 61 22.66 -15.00 21.09
CA GLU A 61 22.31 -13.72 20.53
C GLU A 61 22.42 -12.64 21.60
N GLU A 62 22.69 -11.41 21.14
CA GLU A 62 22.87 -10.27 22.02
C GLU A 62 21.53 -9.52 22.14
N PHE A 63 20.99 -9.48 23.34
CA PHE A 63 19.77 -8.76 23.64
C PHE A 63 20.08 -7.51 24.45
N ASN A 64 19.17 -6.53 24.37
CA ASN A 64 19.29 -5.31 25.16
C ASN A 64 17.88 -4.77 25.39
N MET A 65 17.32 -5.06 26.55
CA MET A 65 15.95 -4.61 26.85
C MET A 65 15.84 -3.10 26.88
N TRP A 66 16.93 -2.39 27.12
CA TRP A 66 16.91 -0.95 27.28
C TRP A 66 17.07 -0.19 25.96
N LYS A 67 17.35 -0.90 24.87
CA LYS A 67 17.42 -0.30 23.55
C LYS A 67 16.60 -1.11 22.56
N ASN A 68 15.42 -1.55 23.00
CA ASN A 68 14.53 -2.36 22.18
C ASN A 68 13.52 -1.45 21.49
N ASN A 69 13.54 -1.45 20.16
CA ASN A 69 12.57 -0.64 19.42
C ASN A 69 11.14 -1.13 19.64
N MET A 70 10.98 -2.36 20.11
CA MET A 70 9.63 -2.87 20.39
C MET A 70 8.93 -2.02 21.43
N VAL A 71 9.67 -1.57 22.45
CA VAL A 71 9.07 -0.76 23.50
C VAL A 71 8.59 0.57 22.93
N GLU A 72 9.40 1.21 22.10
CA GLU A 72 8.99 2.48 21.50
C GLU A 72 7.77 2.28 20.60
N GLN A 73 7.78 1.21 19.81
CA GLN A 73 6.65 0.93 18.94
C GLN A 73 5.37 0.72 19.75
N MET A 74 5.46 -0.03 20.85
CA MET A 74 4.29 -0.26 21.68
C MET A 74 3.81 1.03 22.32
N HIS A 75 4.74 1.87 22.79
CA HIS A 75 4.34 3.15 23.37
C HIS A 75 3.57 3.99 22.36
N THR A 76 4.12 4.11 21.14
CA THR A 76 3.45 4.88 20.11
C THR A 76 2.09 4.30 19.78
N ASP A 77 2.00 2.98 19.64
CA ASP A 77 0.73 2.36 19.30
C ASP A 77 -0.30 2.57 20.39
N ILE A 78 0.10 2.46 21.65
CA ILE A 78 -0.84 2.65 22.75
C ILE A 78 -1.34 4.09 22.78
N ILE A 79 -0.44 5.05 22.60
CA ILE A 79 -0.88 6.44 22.60
C ILE A 79 -1.83 6.71 21.43
N SER A 80 -1.51 6.16 20.26
CA SER A 80 -2.37 6.36 19.10
C SER A 80 -3.74 5.74 19.31
N LEU A 81 -3.79 4.56 19.90
CA LEU A 81 -5.08 3.92 20.17
C LEU A 81 -5.88 4.74 21.17
N TRP A 82 -5.22 5.25 22.22
CA TRP A 82 -5.91 6.11 23.18
C TRP A 82 -6.53 7.32 22.48
N ASP A 83 -5.75 8.01 21.65
CA ASP A 83 -6.26 9.19 20.97
C ASP A 83 -7.39 8.83 20.03
N GLN A 84 -7.25 7.74 19.29
CA GLN A 84 -8.30 7.33 18.36
C GLN A 84 -9.60 7.01 19.10
N SER A 85 -9.50 6.31 20.22
CA SER A 85 -10.69 6.02 21.01
C SER A 85 -11.33 7.29 21.54
N LEU A 86 -10.51 8.28 21.89
CA LEU A 86 -11.07 9.53 22.41
C LEU A 86 -11.58 10.46 21.31
N LYS A 87 -11.24 10.21 20.05
CA LYS A 87 -11.63 11.13 18.98
C LYS A 87 -13.14 11.32 18.89
N PRO A 88 -13.97 10.29 18.86
CA PRO A 88 -15.41 10.48 18.62
C PRO A 88 -16.21 10.89 19.84
N CYS A 89 -15.61 10.93 21.03
CA CYS A 89 -16.37 11.16 22.24
C CYS A 89 -16.67 12.65 22.42
N VAL A 90 -17.45 12.95 23.47
CA VAL A 90 -17.91 14.32 23.69
C VAL A 90 -16.77 15.19 24.17
N LYS A 91 -16.72 16.42 23.67
CA LYS A 91 -15.72 17.41 24.08
C LYS A 91 -16.35 18.31 25.14
N LEU A 92 -15.72 18.38 26.30
CA LEU A 92 -16.28 19.13 27.43
C LEU A 92 -15.79 20.57 27.46
N THR A 93 -15.94 21.27 26.32
CA THR A 93 -15.66 22.70 26.32
C THR A 93 -16.61 23.48 27.22
N PRO A 94 -17.93 23.24 27.20
CA PRO A 94 -18.83 24.03 28.05
C PRO A 94 -18.56 23.86 29.54
N LEU A 95 -17.90 22.79 29.95
CA LEU A 95 -17.69 22.53 31.38
C LEU A 95 -16.75 23.52 32.02
N CYS A 96 -16.04 24.34 31.24
CA CYS A 96 -15.11 25.31 31.80
C CYS A 96 -15.87 26.58 32.14
N VAL A 97 -16.53 26.56 33.30
CA VAL A 97 -17.28 27.70 33.82
C VAL A 97 -16.98 27.81 35.30
N THR A 98 -17.42 28.93 35.89
CA THR A 98 -17.26 29.12 37.32
C THR A 98 -18.22 28.21 38.08
N LEU A 99 -17.69 27.51 39.07
CA LEU A 99 -18.46 26.58 39.88
C LEU A 99 -18.59 27.12 41.30
N GLN A 100 -19.80 27.05 41.84
CA GLN A 100 -20.07 27.43 43.23
C GLN A 100 -20.10 26.14 44.05
N CYS A 101 -18.93 25.75 44.56
CA CYS A 101 -18.77 24.47 45.21
C CYS A 101 -18.87 24.60 46.73
N THR A 102 -19.42 23.56 47.34
CA THR A 102 -19.52 23.48 48.80
C THR A 102 -19.17 22.05 49.23
N ASN A 103 -18.71 21.92 50.47
CA ASN A 103 -18.25 20.63 50.95
C ASN A 103 -19.39 19.63 51.02
N VAL A 104 -19.07 18.37 50.73
CA VAL A 104 -20.01 17.27 50.93
C VAL A 104 -19.83 16.76 52.36
N THR A 105 -20.88 16.88 53.16
CA THR A 105 -20.84 16.50 54.57
C THR A 105 -22.05 15.65 54.93
N ASN A 106 -22.41 14.73 54.05
CA ASN A 106 -23.53 13.82 54.26
C ASN A 106 -22.96 12.43 54.52
N ASN A 107 -22.74 12.13 55.81
CA ASN A 107 -22.21 10.84 56.23
C ASN A 107 -20.84 10.57 55.63
N ILE A 108 -19.89 11.45 55.97
CA ILE A 108 -18.51 11.35 55.51
C ILE A 108 -17.63 11.00 56.69
N THR A 109 -16.71 10.07 56.48
CA THR A 109 -15.72 9.75 57.50
C THR A 109 -14.67 10.85 57.57
N ASP A 110 -13.90 10.84 58.66
CA ASP A 110 -12.91 11.89 58.88
C ASP A 110 -11.86 11.90 57.77
N ASP A 111 -11.43 10.73 57.32
CA ASP A 111 -10.43 10.67 56.26
C ASP A 111 -10.96 11.29 54.98
N MET A 112 -12.22 11.00 54.62
CA MET A 112 -12.82 11.53 53.40
C MET A 112 -13.57 12.82 53.70
N ARG A 113 -12.86 13.76 54.31
CA ARG A 113 -13.41 15.07 54.66
C ARG A 113 -12.72 16.11 53.80
N GLY A 114 -13.52 16.89 53.06
CA GLY A 114 -12.98 17.87 52.14
C GLY A 114 -12.48 17.31 50.84
N GLU A 115 -12.64 16.01 50.60
CA GLU A 115 -12.18 15.41 49.35
C GLU A 115 -13.21 15.57 48.24
N LEU A 116 -14.49 15.44 48.56
CA LEU A 116 -15.56 15.61 47.60
C LEU A 116 -16.15 17.01 47.72
N LYS A 117 -16.39 17.64 46.57
CA LYS A 117 -16.95 18.98 46.51
C LYS A 117 -18.27 18.93 45.75
N ASN A 118 -19.29 19.59 46.30
CA ASN A 118 -20.62 19.63 45.71
C ASN A 118 -20.72 20.93 44.92
N CYS A 119 -20.54 20.84 43.61
CA CYS A 119 -20.40 22.01 42.74
C CYS A 119 -21.66 22.22 41.93
N SER A 120 -22.17 23.46 41.94
CA SER A 120 -23.30 23.86 41.13
C SER A 120 -22.85 24.91 40.12
N PHE A 121 -23.39 24.83 38.90
CA PHE A 121 -22.93 25.69 37.84
C PHE A 121 -24.03 25.81 36.78
N ASN A 122 -23.88 26.84 35.94
CA ASN A 122 -24.77 27.03 34.80
C ASN A 122 -24.17 26.33 33.58
N MET A 123 -24.97 25.48 32.94
CA MET A 123 -24.52 24.70 31.81
C MET A 123 -25.43 24.93 30.61
N THR A 124 -24.84 24.85 29.42
CA THR A 124 -25.58 25.06 28.19
C THR A 124 -26.63 23.97 28.02
N THR A 125 -27.77 24.35 27.46
CA THR A 125 -28.86 23.43 27.19
C THR A 125 -28.81 23.00 25.73
N GLU A 126 -29.71 22.10 25.35
CA GLU A 126 -29.83 21.73 23.95
C GLU A 126 -30.21 22.92 23.08
N LEU A 127 -30.79 23.96 23.67
CA LEU A 127 -31.08 25.21 22.98
C LEU A 127 -30.01 26.23 23.31
N ARG A 128 -29.45 26.87 22.27
CA ARG A 128 -28.34 27.77 22.47
C ARG A 128 -28.71 29.00 23.30
N ASP A 129 -30.00 29.30 23.43
CA ASP A 129 -30.45 30.49 24.14
C ASP A 129 -30.98 30.20 25.53
N LYS A 130 -30.80 28.97 26.02
CA LYS A 130 -31.28 28.59 27.34
C LYS A 130 -30.15 27.90 28.11
N LYS A 131 -30.06 28.20 29.40
CA LYS A 131 -29.08 27.59 30.28
C LYS A 131 -29.79 26.87 31.42
N GLN A 132 -29.16 25.82 31.93
CA GLN A 132 -29.70 25.02 33.02
C GLN A 132 -28.75 25.10 34.21
N LYS A 133 -29.30 25.32 35.40
CA LYS A 133 -28.51 25.32 36.63
C LYS A 133 -28.46 23.89 37.14
N VAL A 134 -27.31 23.24 36.95
CA VAL A 134 -27.11 21.86 37.35
C VAL A 134 -26.01 21.81 38.41
N TYR A 135 -25.90 20.67 39.08
CA TYR A 135 -24.90 20.46 40.09
C TYR A 135 -24.26 19.10 39.89
N SER A 136 -23.02 18.96 40.37
CA SER A 136 -22.29 17.71 40.24
C SER A 136 -21.29 17.61 41.39
N LEU A 137 -20.85 16.39 41.65
CA LEU A 137 -19.88 16.12 42.69
C LEU A 137 -18.51 15.94 42.05
N PHE A 138 -17.54 16.75 42.48
CA PHE A 138 -16.19 16.72 41.96
C PHE A 138 -15.21 16.45 43.08
N TYR A 139 -14.24 15.58 42.81
CA TYR A 139 -13.19 15.33 43.78
C TYR A 139 -12.31 16.55 43.93
N ARG A 140 -11.76 16.72 45.14
CA ARG A 140 -10.97 17.90 45.42
C ARG A 140 -9.77 18.05 44.50
N LEU A 141 -9.30 16.93 43.91
CA LEU A 141 -8.16 16.98 43.02
C LEU A 141 -8.49 17.51 41.64
N ASP A 142 -9.78 17.68 41.33
CA ASP A 142 -10.20 18.12 40.00
C ASP A 142 -10.53 19.61 39.94
N VAL A 143 -10.95 20.21 41.05
CA VAL A 143 -11.37 21.60 41.08
C VAL A 143 -10.25 22.45 41.66
N VAL A 144 -10.20 23.71 41.23
CA VAL A 144 -9.23 24.67 41.71
C VAL A 144 -9.98 25.94 42.09
N GLN A 145 -9.68 26.49 43.26
CA GLN A 145 -10.32 27.72 43.69
C GLN A 145 -9.92 28.88 42.80
N ILE A 146 -10.89 29.75 42.52
CA ILE A 146 -10.65 30.95 41.71
C ILE A 146 -10.33 32.10 42.65
N ASN A 147 -9.15 32.68 42.48
CA ASN A 147 -8.71 33.79 43.32
C ASN A 147 -7.52 34.51 42.70
N ASN A 158 -16.76 33.98 48.96
CA ASN A 158 -17.50 33.04 48.11
C ASN A 158 -16.62 31.86 47.72
N LYS A 159 -17.27 30.72 47.48
CA LYS A 159 -16.56 29.49 47.11
C LYS A 159 -16.70 29.28 45.61
N GLU A 160 -15.82 29.93 44.85
CA GLU A 160 -15.80 29.84 43.40
C GLU A 160 -14.63 28.96 42.97
N TYR A 161 -14.93 27.96 42.15
CA TYR A 161 -13.93 26.98 41.71
C TYR A 161 -13.96 26.87 40.20
N ARG A 162 -13.00 26.10 39.67
CA ARG A 162 -12.96 25.77 38.26
C ARG A 162 -12.24 24.44 38.11
N LEU A 163 -12.50 23.77 36.99
CA LEU A 163 -11.85 22.49 36.75
C LEU A 163 -10.35 22.69 36.59
N ILE A 164 -9.60 21.66 37.00
CA ILE A 164 -8.14 21.78 37.02
C ILE A 164 -7.59 22.06 35.63
N ASN A 165 -8.24 21.56 34.60
CA ASN A 165 -7.71 21.60 33.24
C ASN A 165 -8.07 22.85 32.47
N CYS A 166 -8.87 23.75 33.06
CA CYS A 166 -9.44 24.84 32.27
C CYS A 166 -8.39 25.79 31.72
N ASN A 167 -7.20 25.84 32.33
CA ASN A 167 -6.14 26.73 31.85
C ASN A 167 -5.07 25.98 31.07
N THR A 168 -5.30 24.72 30.74
CA THR A 168 -4.33 23.94 29.96
C THR A 168 -4.95 23.30 28.73
N SER A 169 -6.20 22.84 28.81
CA SER A 169 -6.83 22.18 27.68
C SER A 169 -8.28 21.88 28.05
N ALA A 170 -9.04 21.44 27.06
CA ALA A 170 -10.43 21.03 27.25
C ALA A 170 -10.48 19.51 27.26
N CYS A 171 -10.99 18.94 28.34
CA CYS A 171 -11.03 17.50 28.49
C CYS A 171 -12.07 16.88 27.56
N THR A 172 -11.72 15.74 26.98
CA THR A 172 -12.64 14.96 26.16
C THR A 172 -13.20 13.84 27.01
N GLN A 173 -14.51 13.88 27.26
CA GLN A 173 -15.13 12.85 28.06
C GLN A 173 -14.95 11.49 27.40
N ALA A 174 -14.52 10.50 28.19
CA ALA A 174 -14.38 9.16 27.66
C ALA A 174 -15.76 8.56 27.40
N CYS A 175 -15.89 7.92 26.24
CA CYS A 175 -17.17 7.32 25.87
C CYS A 175 -17.53 6.26 26.90
N PRO A 176 -18.71 6.33 27.53
CA PRO A 176 -19.02 5.34 28.58
C PRO A 176 -19.03 3.91 28.09
N LYS A 177 -19.41 3.67 26.84
CA LYS A 177 -19.46 2.31 26.33
C LYS A 177 -18.06 1.72 26.17
N VAL A 178 -17.09 2.55 25.74
CA VAL A 178 -15.74 2.05 25.53
C VAL A 178 -15.16 1.54 26.85
N SER A 179 -14.50 0.39 26.78
CA SER A 179 -13.93 -0.26 27.95
C SER A 179 -12.43 -0.06 27.99
N PHE A 180 -11.92 0.20 29.20
CA PHE A 180 -10.49 0.40 29.41
C PHE A 180 -9.76 -0.88 29.79
N GLU A 181 -10.46 -2.01 29.89
CA GLU A 181 -9.83 -3.22 30.36
C GLU A 181 -8.69 -3.62 29.44
N PRO A 182 -7.47 -3.85 29.96
CA PRO A 182 -6.37 -4.28 29.09
C PRO A 182 -6.63 -5.66 28.52
N ILE A 183 -6.60 -5.76 27.19
CA ILE A 183 -6.73 -7.04 26.50
C ILE A 183 -5.35 -7.44 25.98
N PRO A 184 -4.93 -8.70 26.13
CA PRO A 184 -3.59 -9.06 25.69
C PRO A 184 -3.39 -8.77 24.20
N ILE A 185 -2.20 -8.28 23.87
CA ILE A 185 -1.83 -7.96 22.51
C ILE A 185 -0.59 -8.77 22.15
N HIS A 186 -0.68 -9.51 21.04
CA HIS A 186 0.46 -10.27 20.52
C HIS A 186 1.07 -9.47 19.37
N TYR A 187 2.31 -9.06 19.52
CA TYR A 187 3.01 -8.30 18.49
C TYR A 187 3.67 -9.27 17.52
N CYS A 188 3.19 -9.27 16.28
CA CYS A 188 3.64 -10.20 15.26
C CYS A 188 4.53 -9.47 14.26
N ALA A 189 5.56 -10.17 13.78
CA ALA A 189 6.46 -9.60 12.80
C ALA A 189 6.09 -10.06 11.40
N PRO A 190 6.29 -9.22 10.38
CA PRO A 190 5.91 -9.63 9.02
C PRO A 190 6.79 -10.76 8.51
N ALA A 191 6.30 -11.43 7.47
CA ALA A 191 7.09 -12.46 6.82
C ALA A 191 8.40 -11.86 6.32
N GLY A 192 9.48 -12.62 6.46
CA GLY A 192 10.81 -12.12 6.21
C GLY A 192 11.47 -11.52 7.43
N PHE A 193 10.73 -11.35 8.52
CA PHE A 193 11.27 -10.95 9.81
C PHE A 193 10.93 -12.03 10.83
N ALA A 194 11.72 -12.08 11.90
CA ALA A 194 11.50 -13.03 12.97
C ALA A 194 11.73 -12.34 14.31
N ILE A 195 11.05 -12.85 15.33
CA ILE A 195 11.22 -12.37 16.69
C ILE A 195 11.94 -13.45 17.48
N LEU A 196 13.10 -13.11 18.02
CA LEU A 196 13.89 -14.05 18.81
C LEU A 196 13.57 -13.87 20.28
N LYS A 197 13.21 -14.96 20.94
CA LYS A 197 12.84 -14.95 22.35
C LYS A 197 13.99 -15.53 23.17
N CYS A 198 14.41 -14.81 24.19
CA CYS A 198 15.48 -15.26 25.08
C CYS A 198 14.87 -16.17 26.14
N LYS A 199 15.08 -17.47 26.01
CA LYS A 199 14.49 -18.45 26.93
C LYS A 199 15.31 -18.61 28.20
N ASP A 200 16.44 -17.92 28.33
CA ASP A 200 17.24 -18.03 29.54
C ASP A 200 16.43 -17.57 30.74
N LYS A 201 16.45 -18.37 31.81
CA LYS A 201 15.68 -18.08 33.01
C LYS A 201 16.35 -17.08 33.93
N LYS A 202 17.65 -16.81 33.74
CA LYS A 202 18.38 -15.88 34.57
C LYS A 202 18.88 -14.67 33.78
N PHE A 203 18.28 -14.41 32.62
CA PHE A 203 18.69 -13.28 31.81
C PHE A 203 18.40 -11.97 32.55
N ASN A 204 19.36 -11.04 32.50
CA ASN A 204 19.24 -9.77 33.19
C ASN A 204 19.01 -8.61 32.23
N GLY A 205 18.50 -8.89 31.03
CA GLY A 205 18.09 -7.86 30.11
C GLY A 205 19.17 -7.38 29.16
N THR A 206 20.43 -7.73 29.39
CA THR A 206 21.52 -7.29 28.55
C THR A 206 22.55 -8.39 28.43
N GLY A 207 23.33 -8.35 27.35
CA GLY A 207 24.37 -9.33 27.12
C GLY A 207 23.86 -10.52 26.34
N PRO A 208 24.75 -11.48 26.08
CA PRO A 208 24.35 -12.66 25.30
C PRO A 208 23.32 -13.50 26.03
N CYS A 209 22.47 -14.14 25.24
CA CYS A 209 21.46 -15.07 25.75
C CYS A 209 21.78 -16.47 25.24
N PRO A 210 22.36 -17.36 26.06
CA PRO A 210 22.79 -18.66 25.53
C PRO A 210 21.66 -19.49 24.95
N SER A 211 20.46 -19.39 25.51
CA SER A 211 19.31 -20.17 25.06
C SER A 211 18.35 -19.24 24.34
N VAL A 212 18.19 -19.44 23.03
CA VAL A 212 17.37 -18.57 22.19
C VAL A 212 16.38 -19.42 21.41
N SER A 213 15.26 -18.80 21.05
CA SER A 213 14.26 -19.44 20.21
C SER A 213 13.59 -18.36 19.37
N THR A 214 13.07 -18.76 18.21
CA THR A 214 12.47 -17.83 17.27
C THR A 214 10.96 -18.03 17.24
N VAL A 215 10.23 -16.93 17.32
CA VAL A 215 8.77 -16.94 17.26
C VAL A 215 8.33 -15.84 16.29
N GLN A 216 7.11 -15.99 15.79
CA GLN A 216 6.53 -15.00 14.89
C GLN A 216 5.66 -13.97 15.62
N CYS A 217 5.19 -14.29 16.82
CA CYS A 217 4.37 -13.38 17.60
C CYS A 217 4.75 -13.49 19.06
N THR A 218 4.78 -12.35 19.75
CA THR A 218 5.04 -12.35 21.17
C THR A 218 3.83 -12.87 21.93
N HIS A 219 4.06 -13.27 23.18
CA HIS A 219 2.95 -13.67 24.03
C HIS A 219 2.04 -12.49 24.30
N GLY A 220 0.84 -12.79 24.80
CA GLY A 220 -0.12 -11.74 25.09
C GLY A 220 0.39 -10.75 26.12
N ILE A 221 0.62 -9.51 25.70
CA ILE A 221 1.10 -8.46 26.57
C ILE A 221 -0.06 -7.51 26.83
N LYS A 222 -0.52 -7.47 28.07
CA LYS A 222 -1.60 -6.57 28.44
C LYS A 222 -1.08 -5.15 28.57
N PRO A 223 -1.71 -4.16 27.92
CA PRO A 223 -1.25 -2.77 28.08
C PRO A 223 -1.67 -2.16 29.41
N VAL A 224 -1.22 -2.78 30.50
CA VAL A 224 -1.54 -2.27 31.83
C VAL A 224 -0.71 -1.03 32.11
N VAL A 225 -1.37 0.03 32.54
CA VAL A 225 -0.72 1.32 32.82
C VAL A 225 -0.67 1.50 34.33
N SER A 226 0.54 1.59 34.86
CA SER A 226 0.74 1.81 36.29
C SER A 226 2.10 2.47 36.48
N THR A 227 2.31 3.04 37.66
CA THR A 227 3.46 3.88 37.92
C THR A 227 4.49 3.23 38.84
N GLN A 228 4.10 2.81 40.03
CA GLN A 228 5.05 2.29 41.00
C GLN A 228 5.06 0.77 41.07
N LEU A 229 3.91 0.13 40.88
CA LEU A 229 3.79 -1.32 40.94
C LEU A 229 3.37 -1.83 39.57
N LEU A 230 4.05 -2.87 39.09
CA LEU A 230 3.71 -3.50 37.82
C LEU A 230 2.63 -4.54 38.07
N LEU A 231 1.43 -4.28 37.55
CA LEU A 231 0.27 -5.11 37.82
C LEU A 231 -0.02 -6.05 36.66
N ASN A 232 -0.48 -7.25 37.00
CA ASN A 232 -0.96 -8.21 36.01
C ASN A 232 0.10 -8.54 34.97
N GLY A 233 1.37 -8.50 35.36
CA GLY A 233 2.46 -8.79 34.46
C GLY A 233 2.81 -10.27 34.44
N SER A 234 3.96 -10.56 33.86
CA SER A 234 4.51 -11.91 33.83
C SER A 234 5.59 -12.05 34.89
N LEU A 235 5.57 -13.18 35.59
CA LEU A 235 6.45 -13.41 36.72
C LEU A 235 7.73 -14.12 36.27
N ALA A 236 8.81 -13.86 37.00
CA ALA A 236 10.06 -14.56 36.75
C ALA A 236 9.88 -16.05 37.04
N GLU A 237 10.51 -16.89 36.22
CA GLU A 237 10.29 -18.32 36.31
C GLU A 237 11.02 -18.95 37.50
N GLU A 238 12.18 -18.42 37.87
CA GLU A 238 13.02 -19.03 38.91
C GLU A 238 13.06 -18.20 40.18
N GLU A 239 13.44 -16.93 40.09
CA GLU A 239 13.61 -16.10 41.28
C GLU A 239 13.43 -14.64 40.88
N VAL A 240 13.31 -13.78 41.90
CA VAL A 240 13.18 -12.36 41.64
C VAL A 240 14.35 -11.90 40.79
N MET A 241 14.06 -11.05 39.81
CA MET A 241 15.06 -10.59 38.85
C MET A 241 15.15 -9.07 38.92
N ILE A 242 16.31 -8.55 39.30
CA ILE A 242 16.55 -7.12 39.29
C ILE A 242 17.26 -6.77 37.99
N ARG A 243 16.64 -5.89 37.21
CA ARG A 243 17.17 -5.49 35.91
C ARG A 243 17.31 -3.98 35.87
N SER A 244 18.48 -3.51 35.46
CA SER A 244 18.74 -2.09 35.34
C SER A 244 19.70 -1.85 34.18
N GLU A 245 19.50 -0.71 33.50
CA GLU A 245 20.40 -0.38 32.40
C GLU A 245 21.83 -0.22 32.90
N ASN A 246 22.00 0.37 34.08
CA ASN A 246 23.32 0.53 34.69
C ASN A 246 23.10 0.54 36.20
N ILE A 247 23.33 -0.61 36.84
CA ILE A 247 22.99 -0.75 38.25
C ILE A 247 23.79 0.25 39.09
N THR A 248 25.05 0.48 38.73
CA THR A 248 25.86 1.42 39.50
C THR A 248 25.27 2.82 39.45
N ASN A 249 24.82 3.25 38.28
CA ASN A 249 24.19 4.56 38.16
C ASN A 249 22.94 4.62 39.02
N ASN A 250 22.77 5.71 39.76
CA ASN A 250 21.60 5.91 40.60
C ASN A 250 20.50 6.68 39.89
N ALA A 251 20.74 7.15 38.67
CA ALA A 251 19.74 7.86 37.90
C ALA A 251 18.95 6.95 36.98
N LYS A 252 19.20 5.65 37.02
CA LYS A 252 18.52 4.68 36.17
C LYS A 252 17.57 3.85 37.02
N ASN A 253 16.33 3.73 36.57
CA ASN A 253 15.33 2.96 37.30
C ASN A 253 15.71 1.50 37.35
N ILE A 254 15.30 0.84 38.43
CA ILE A 254 15.53 -0.59 38.63
C ILE A 254 14.21 -1.31 38.42
N LEU A 255 14.19 -2.29 37.53
CA LEU A 255 13.00 -3.07 37.24
C LEU A 255 13.09 -4.39 37.99
N VAL A 256 12.14 -4.61 38.90
CA VAL A 256 12.09 -5.80 39.73
C VAL A 256 10.94 -6.68 39.25
N GLN A 257 11.23 -7.94 39.00
CA GLN A 257 10.23 -8.91 38.55
C GLN A 257 10.06 -9.97 39.63
N PHE A 258 8.84 -10.15 40.10
CA PHE A 258 8.56 -11.14 41.14
C PHE A 258 8.44 -12.53 40.53
N ASN A 259 8.84 -13.53 41.30
CA ASN A 259 8.61 -14.92 40.92
C ASN A 259 7.25 -15.43 41.35
N THR A 260 6.66 -14.84 42.39
CA THR A 260 5.31 -15.13 42.82
C THR A 260 4.54 -13.83 42.98
N PRO A 261 3.29 -13.77 42.55
CA PRO A 261 2.54 -12.52 42.61
C PRO A 261 2.11 -12.17 44.02
N VAL A 262 1.88 -10.87 44.23
CA VAL A 262 1.33 -10.34 45.47
C VAL A 262 -0.05 -9.78 45.15
N GLN A 263 -1.08 -10.38 45.73
CA GLN A 263 -2.44 -9.95 45.45
C GLN A 263 -2.71 -8.59 46.08
N ILE A 264 -3.35 -7.70 45.31
CA ILE A 264 -3.74 -6.38 45.78
C ILE A 264 -5.22 -6.21 45.52
N ASN A 265 -5.97 -5.83 46.56
CA ASN A 265 -7.42 -5.69 46.49
C ASN A 265 -7.77 -4.21 46.60
N CYS A 266 -8.18 -3.62 45.49
CA CYS A 266 -8.54 -2.20 45.44
C CYS A 266 -10.04 -2.06 45.27
N THR A 267 -10.62 -1.13 46.02
CA THR A 267 -12.06 -0.93 46.02
C THR A 267 -12.37 0.55 46.19
N ARG A 268 -13.58 0.93 45.78
CA ARG A 268 -14.10 2.28 45.93
C ARG A 268 -15.40 2.18 46.71
N PRO A 269 -15.34 2.22 48.05
CA PRO A 269 -16.56 1.95 48.83
C PRO A 269 -17.56 3.08 48.81
N ASN A 270 -17.93 3.53 47.62
CA ASN A 270 -18.91 4.59 47.45
C ASN A 270 -19.89 4.16 46.38
N ASN A 271 -21.17 4.04 46.74
CA ASN A 271 -22.22 3.66 45.80
C ASN A 271 -22.53 4.88 44.94
N ASN A 272 -21.63 5.14 43.99
CA ASN A 272 -21.75 6.33 43.15
C ASN A 272 -22.99 6.24 42.27
N THR A 273 -23.56 7.42 41.97
CA THR A 273 -24.69 7.55 41.08
C THR A 273 -24.28 8.42 39.90
N ARG A 274 -24.60 7.96 38.69
CA ARG A 274 -24.27 8.68 37.47
C ARG A 274 -25.48 9.48 37.02
N LYS A 275 -25.28 10.76 36.76
CA LYS A 275 -26.34 11.66 36.33
C LYS A 275 -25.98 12.20 34.95
N SER A 276 -26.91 12.07 34.00
CA SER A 276 -26.68 12.49 32.62
C SER A 276 -27.22 13.90 32.43
N ILE A 277 -26.35 14.80 31.99
CA ILE A 277 -26.70 16.19 31.75
C ILE A 277 -26.53 16.45 30.25
N ARG A 278 -27.60 16.91 29.61
CA ARG A 278 -27.59 17.18 28.17
C ARG A 278 -27.05 18.58 27.96
N ILE A 279 -25.80 18.68 27.51
CA ILE A 279 -25.12 19.96 27.34
C ILE A 279 -25.21 20.47 25.91
N GLY A 280 -25.94 19.79 25.04
CA GLY A 280 -26.06 20.20 23.66
C GLY A 280 -26.85 19.19 22.86
N PRO A 281 -27.02 19.44 21.57
CA PRO A 281 -27.76 18.50 20.73
C PRO A 281 -27.01 17.18 20.57
N GLY A 282 -27.53 16.12 21.16
CA GLY A 282 -26.89 14.82 21.07
C GLY A 282 -25.65 14.65 21.91
N GLN A 283 -25.38 15.59 22.82
CA GLN A 283 -24.21 15.53 23.69
C GLN A 283 -24.68 15.48 25.13
N ALA A 284 -24.16 14.50 25.88
CA ALA A 284 -24.52 14.29 27.27
C ALA A 284 -23.27 14.30 28.13
N PHE A 285 -23.29 15.05 29.22
CA PHE A 285 -22.21 15.09 30.19
C PHE A 285 -22.62 14.26 31.40
N TYR A 286 -21.81 13.27 31.76
CA TYR A 286 -22.16 12.33 32.83
C TYR A 286 -21.55 12.82 34.13
N ALA A 287 -22.40 13.35 35.01
CA ALA A 287 -21.97 13.90 36.29
C ALA A 287 -22.24 12.90 37.40
N THR A 288 -21.61 13.14 38.55
CA THR A 288 -21.82 12.32 39.74
C THR A 288 -22.99 12.91 40.52
N GLY A 289 -24.09 12.17 40.59
CA GLY A 289 -25.30 12.67 41.21
C GLY A 289 -25.22 12.74 42.72
N ASP A 290 -25.13 11.58 43.38
CA ASP A 290 -25.11 11.52 44.83
C ASP A 290 -24.70 10.14 45.30
N ILE A 291 -23.80 10.09 46.28
CA ILE A 291 -23.36 8.81 46.84
C ILE A 291 -24.49 8.25 47.68
N ILE A 292 -24.97 7.05 47.33
CA ILE A 292 -26.05 6.40 48.06
C ILE A 292 -25.46 5.76 49.30
N GLY A 293 -25.74 6.35 50.46
CA GLY A 293 -25.24 5.83 51.72
C GLY A 293 -24.06 6.62 52.24
N ASP A 294 -23.29 5.96 53.10
CA ASP A 294 -22.12 6.58 53.70
C ASP A 294 -21.02 6.76 52.66
N ILE A 295 -20.06 7.63 52.99
CA ILE A 295 -18.94 7.95 52.11
C ILE A 295 -17.67 7.52 52.81
N ARG A 296 -16.86 6.70 52.13
CA ARG A 296 -15.62 6.18 52.67
C ARG A 296 -14.51 6.31 51.63
N GLN A 297 -13.28 6.38 52.12
CA GLN A 297 -12.14 6.53 51.24
C GLN A 297 -11.85 5.24 50.48
N ALA A 298 -11.40 5.39 49.23
CA ALA A 298 -10.94 4.25 48.46
C ALA A 298 -9.57 3.80 48.97
N HIS A 299 -9.31 2.50 48.87
CA HIS A 299 -8.09 1.95 49.42
C HIS A 299 -7.76 0.65 48.72
N CYS A 300 -6.52 0.19 48.90
CA CYS A 300 -6.05 -1.09 48.39
C CYS A 300 -5.43 -1.87 49.54
N ASN A 301 -5.62 -3.19 49.50
CA ASN A 301 -5.10 -4.09 50.53
C ASN A 301 -4.07 -5.03 49.93
N VAL A 302 -2.97 -5.22 50.65
CA VAL A 302 -1.98 -6.24 50.33
C VAL A 302 -1.63 -6.98 51.62
N SER A 303 -1.55 -8.30 51.54
CA SER A 303 -1.24 -9.10 52.73
C SER A 303 0.11 -8.68 53.30
N LYS A 304 0.15 -8.44 54.61
CA LYS A 304 1.39 -8.02 55.24
C LYS A 304 2.46 -9.10 55.13
N ALA A 305 2.09 -10.35 55.39
CA ALA A 305 3.07 -11.44 55.35
C ALA A 305 3.60 -11.65 53.95
N THR A 306 2.71 -11.69 52.95
CA THR A 306 3.15 -11.90 51.58
C THR A 306 4.04 -10.76 51.11
N TRP A 307 3.65 -9.52 51.40
CA TRP A 307 4.46 -8.39 51.02
C TRP A 307 5.83 -8.44 51.69
N ASN A 308 5.86 -8.80 52.98
CA ASN A 308 7.15 -8.90 53.66
C ASN A 308 8.02 -9.96 53.03
N GLU A 309 7.44 -11.11 52.68
CA GLU A 309 8.22 -12.17 52.05
C GLU A 309 8.80 -11.70 50.73
N THR A 310 7.96 -11.07 49.90
CA THR A 310 8.45 -10.60 48.60
C THR A 310 9.52 -9.54 48.76
N LEU A 311 9.35 -8.63 49.72
CA LEU A 311 10.36 -7.61 49.95
C LEU A 311 11.66 -8.24 50.45
N GLY A 312 11.57 -9.28 51.27
CA GLY A 312 12.77 -9.97 51.70
C GLY A 312 13.49 -10.63 50.54
N LYS A 313 12.73 -11.25 49.63
CA LYS A 313 13.36 -11.84 48.45
C LYS A 313 14.02 -10.76 47.59
N VAL A 314 13.34 -9.61 47.43
CA VAL A 314 13.91 -8.52 46.66
C VAL A 314 15.20 -8.03 47.29
N VAL A 315 15.23 -7.92 48.61
CA VAL A 315 16.45 -7.50 49.31
C VAL A 315 17.55 -8.53 49.10
N LYS A 316 17.21 -9.81 49.23
CA LYS A 316 18.22 -10.86 49.05
C LYS A 316 18.84 -10.80 47.68
N GLN A 317 18.02 -10.60 46.64
CA GLN A 317 18.56 -10.51 45.29
C GLN A 317 19.19 -9.16 45.00
N LEU A 318 18.92 -8.14 45.82
CA LEU A 318 19.53 -6.84 45.63
C LEU A 318 20.97 -6.81 46.14
N ARG A 319 21.26 -7.56 47.20
CA ARG A 319 22.60 -7.56 47.76
C ARG A 319 23.64 -8.13 46.80
N LYS A 320 23.20 -8.89 45.79
CA LYS A 320 24.14 -9.40 44.80
C LYS A 320 24.89 -8.28 44.10
N HIS A 321 24.26 -7.11 43.98
CA HIS A 321 24.85 -5.98 43.27
C HIS A 321 25.43 -4.92 44.20
N PHE A 322 25.24 -5.05 45.51
CA PHE A 322 25.67 -4.01 46.44
C PHE A 322 26.54 -4.57 47.56
N GLY A 323 26.26 -5.78 47.99
CA GLY A 323 27.08 -6.45 49.00
C GLY A 323 26.26 -7.17 50.05
N ASN A 324 26.82 -8.25 50.59
CA ASN A 324 26.15 -9.02 51.62
C ASN A 324 26.04 -8.26 52.94
N ASN A 325 26.83 -7.21 53.13
CA ASN A 325 26.87 -6.50 54.40
C ASN A 325 26.47 -5.05 54.22
N THR A 326 25.39 -4.82 53.49
CA THR A 326 24.86 -3.48 53.26
C THR A 326 23.42 -3.42 53.75
N ILE A 327 23.07 -2.30 54.38
CA ILE A 327 21.72 -2.12 54.91
C ILE A 327 20.82 -1.62 53.79
N ILE A 328 19.84 -2.43 53.41
CA ILE A 328 18.89 -2.09 52.35
C ILE A 328 17.61 -1.61 53.02
N ARG A 329 17.24 -0.36 52.78
CA ARG A 329 16.05 0.22 53.35
C ARG A 329 15.17 0.79 52.24
N PHE A 330 13.86 0.61 52.40
CA PHE A 330 12.87 1.11 51.45
C PHE A 330 12.17 2.33 52.03
N ALA A 331 12.11 3.40 51.25
CA ALA A 331 11.45 4.63 51.67
C ALA A 331 10.47 5.05 50.58
N ASN A 332 9.41 5.74 51.00
CA ASN A 332 8.38 6.14 50.05
C ASN A 332 8.94 7.15 49.05
N SER A 333 8.11 7.52 48.08
CA SER A 333 8.57 8.33 46.97
C SER A 333 9.06 9.69 47.47
N SER A 334 10.10 10.20 46.81
CA SER A 334 10.69 11.48 47.21
C SER A 334 9.68 12.61 47.08
N GLY A 335 9.07 12.74 45.91
CA GLY A 335 8.12 13.80 45.68
C GLY A 335 7.91 14.04 44.21
N GLY A 336 7.03 14.99 43.91
CA GLY A 336 6.67 15.35 42.57
C GLY A 336 5.17 15.41 42.42
N ASP A 337 4.70 15.30 41.19
CA ASP A 337 3.27 15.32 40.93
C ASP A 337 2.62 14.03 41.40
N LEU A 338 1.31 14.09 41.60
CA LEU A 338 0.58 12.94 42.13
C LEU A 338 0.70 11.72 41.24
N GLU A 339 0.99 11.91 39.95
CA GLU A 339 1.10 10.78 39.03
C GLU A 339 2.41 10.03 39.18
N VAL A 340 3.38 10.54 39.94
CA VAL A 340 4.68 9.92 40.05
C VAL A 340 4.92 9.46 41.49
N THR A 341 4.31 10.16 42.44
CA THR A 341 4.50 9.87 43.86
C THR A 341 3.50 8.87 44.41
N THR A 342 2.57 8.39 43.59
CA THR A 342 1.55 7.45 44.02
C THR A 342 1.42 6.33 43.00
N HIS A 343 0.92 5.19 43.47
CA HIS A 343 0.72 4.03 42.61
C HIS A 343 -0.53 4.28 41.77
N SER A 344 -0.33 4.97 40.65
CA SER A 344 -1.43 5.25 39.74
C SER A 344 -1.83 4.00 38.99
N PHE A 345 -3.13 3.85 38.78
CA PHE A 345 -3.65 2.76 37.96
C PHE A 345 -5.13 3.02 37.71
N ASN A 346 -5.68 2.27 36.76
CA ASN A 346 -7.09 2.34 36.42
C ASN A 346 -7.73 1.02 36.77
N CYS A 347 -8.85 1.07 37.50
CA CYS A 347 -9.51 -0.12 38.02
C CYS A 347 -11.00 -0.02 37.70
N GLY A 348 -11.42 -0.70 36.63
CA GLY A 348 -12.82 -0.69 36.27
C GLY A 348 -13.32 0.60 35.68
N GLY A 349 -12.41 1.42 35.14
CA GLY A 349 -12.78 2.69 34.55
C GLY A 349 -12.53 3.90 35.43
N GLU A 350 -12.29 3.69 36.72
CA GLU A 350 -12.00 4.78 37.65
C GLU A 350 -10.52 4.75 37.99
N PHE A 351 -9.89 5.92 37.94
CA PHE A 351 -8.45 6.03 38.08
C PHE A 351 -8.08 6.27 39.53
N PHE A 352 -7.26 5.37 40.09
CA PHE A 352 -6.84 5.45 41.47
C PHE A 352 -5.43 6.03 41.56
N TYR A 353 -5.13 6.65 42.70
CA TYR A 353 -3.80 7.16 42.99
C TYR A 353 -3.50 6.81 44.45
N CYS A 354 -2.90 5.64 44.65
CA CYS A 354 -2.73 5.08 45.98
C CYS A 354 -1.41 5.52 46.61
N ASN A 355 -1.45 5.78 47.90
CA ASN A 355 -0.31 6.28 48.67
C ASN A 355 0.45 5.07 49.20
N THR A 356 1.45 4.63 48.44
CA THR A 356 2.22 3.44 48.81
C THR A 356 3.32 3.78 49.80
N SER A 357 2.95 4.44 50.90
CA SER A 357 3.91 4.72 51.95
C SER A 357 4.05 3.59 52.94
N GLY A 358 3.01 2.79 53.13
CA GLY A 358 3.08 1.64 54.00
C GLY A 358 3.79 0.45 53.40
N LEU A 359 4.01 0.44 52.09
CA LEU A 359 4.71 -0.65 51.45
C LEU A 359 6.23 -0.46 51.57
N PHE A 360 6.75 0.63 51.01
CA PHE A 360 8.18 0.89 51.00
C PHE A 360 8.57 1.69 52.24
N ASN A 361 8.49 1.00 53.39
CA ASN A 361 8.81 1.61 54.68
C ASN A 361 9.36 0.51 55.57
N SER A 362 10.69 0.40 55.60
CA SER A 362 11.38 -0.63 56.36
C SER A 362 12.88 -0.51 56.10
N THR A 363 13.65 -1.11 57.01
CA THR A 363 15.11 -1.19 56.88
C THR A 363 15.54 -2.62 57.12
N TRP A 364 16.38 -3.16 56.24
CA TRP A 364 16.79 -4.55 56.28
C TRP A 364 18.29 -4.60 56.58
N ILE A 365 18.63 -5.10 57.77
CA ILE A 365 20.03 -5.30 58.14
C ILE A 365 20.49 -6.65 57.60
N SER A 366 21.80 -6.86 57.55
CA SER A 366 22.37 -8.07 56.97
C SER A 366 22.30 -9.24 57.96
N ASN A 367 21.07 -9.56 58.36
CA ASN A 367 20.82 -10.68 59.27
C ASN A 367 19.33 -10.85 59.50
N ASN A 379 -1.82 -12.91 58.09
CA ASN A 379 -2.84 -12.58 59.07
C ASN A 379 -3.46 -11.21 58.79
N ASP A 380 -2.67 -10.15 58.99
CA ASP A 380 -3.13 -8.79 58.80
C ASP A 380 -2.89 -8.37 57.34
N SER A 381 -3.27 -7.13 57.03
CA SER A 381 -3.12 -6.58 55.70
C SER A 381 -2.73 -5.12 55.80
N ILE A 382 -2.08 -4.63 54.75
CA ILE A 382 -1.66 -3.23 54.66
C ILE A 382 -2.69 -2.48 53.82
N THR A 383 -3.35 -1.49 54.43
CA THR A 383 -4.36 -0.69 53.74
C THR A 383 -3.70 0.57 53.21
N LEU A 384 -3.81 0.78 51.89
CA LEU A 384 -3.20 1.92 51.23
C LEU A 384 -4.28 2.94 50.90
N PRO A 385 -4.33 4.10 51.55
CA PRO A 385 -5.33 5.11 51.17
C PRO A 385 -5.10 5.59 49.76
N CYS A 386 -6.18 5.63 48.98
CA CYS A 386 -6.11 5.99 47.57
C CYS A 386 -7.04 7.16 47.27
N ARG A 387 -6.54 8.10 46.47
CA ARG A 387 -7.31 9.22 45.99
C ARG A 387 -7.72 8.96 44.55
N ILE A 388 -8.83 9.55 44.13
CA ILE A 388 -9.41 9.30 42.83
C ILE A 388 -9.54 10.62 42.07
N LYS A 389 -9.30 10.56 40.77
CA LYS A 389 -9.39 11.72 39.88
C LYS A 389 -10.36 11.42 38.75
N GLN A 390 -10.92 12.48 38.18
CA GLN A 390 -11.72 12.37 36.96
C GLN A 390 -11.06 13.00 35.75
N ILE A 391 -10.33 14.10 35.95
CA ILE A 391 -9.54 14.70 34.88
C ILE A 391 -8.19 14.00 34.86
N ILE A 392 -7.90 13.30 33.76
CA ILE A 392 -6.73 12.45 33.65
C ILE A 392 -5.83 12.99 32.56
N ASN A 393 -4.54 13.09 32.87
CA ASN A 393 -3.51 13.50 31.90
C ASN A 393 -2.59 12.30 31.69
N MET A 394 -2.96 11.44 30.75
CA MET A 394 -2.19 10.24 30.48
C MET A 394 -0.94 10.57 29.68
N TRP A 395 0.01 9.65 29.70
CA TRP A 395 1.22 9.72 28.89
C TRP A 395 2.04 10.98 29.18
N GLN A 396 1.84 11.59 30.35
CA GLN A 396 2.60 12.77 30.76
C GLN A 396 2.51 13.88 29.71
N ARG A 397 1.36 13.97 29.06
CA ARG A 397 1.13 14.98 28.03
C ARG A 397 0.38 16.16 28.65
N ILE A 398 0.88 17.37 28.39
CA ILE A 398 0.25 18.60 28.87
C ILE A 398 -0.51 19.22 27.70
N GLY A 399 -1.76 19.58 27.93
CA GLY A 399 -2.62 20.11 26.90
C GLY A 399 -3.55 19.10 26.28
N GLN A 400 -3.63 17.88 26.82
CA GLN A 400 -4.52 16.85 26.29
C GLN A 400 -4.96 15.99 27.48
N CYS A 401 -6.12 16.33 28.04
CA CYS A 401 -6.66 15.65 29.20
C CYS A 401 -7.91 14.87 28.82
N MET A 402 -8.33 13.99 29.73
CA MET A 402 -9.52 13.17 29.54
C MET A 402 -10.34 13.20 30.82
N TYR A 403 -11.66 13.20 30.68
CA TYR A 403 -12.57 13.16 31.80
C TYR A 403 -13.20 11.78 31.87
N ALA A 404 -12.91 11.05 32.94
CA ALA A 404 -13.46 9.71 33.10
C ALA A 404 -14.86 9.79 33.68
N PRO A 405 -15.90 9.33 32.98
CA PRO A 405 -17.25 9.44 33.53
C PRO A 405 -17.37 8.63 34.81
N PRO A 406 -18.25 9.05 35.71
CA PRO A 406 -18.45 8.27 36.94
C PRO A 406 -18.94 6.86 36.63
N ILE A 407 -18.54 5.91 37.47
CA ILE A 407 -18.94 4.53 37.35
C ILE A 407 -19.98 4.24 38.43
N GLN A 408 -21.18 3.83 38.00
CA GLN A 408 -22.24 3.56 38.94
C GLN A 408 -21.93 2.32 39.76
N GLY A 409 -22.32 2.34 41.03
CA GLY A 409 -22.10 1.22 41.91
C GLY A 409 -20.78 1.28 42.63
N VAL A 410 -20.42 0.16 43.24
CA VAL A 410 -19.19 0.01 44.00
C VAL A 410 -18.17 -0.71 43.14
N ILE A 411 -16.96 -0.19 43.10
CA ILE A 411 -15.88 -0.74 42.28
C ILE A 411 -15.00 -1.61 43.16
N ARG A 412 -14.56 -2.74 42.62
CA ARG A 412 -13.65 -3.63 43.34
C ARG A 412 -12.94 -4.50 42.32
N CYS A 413 -11.60 -4.44 42.31
CA CYS A 413 -10.80 -5.23 41.40
C CYS A 413 -9.64 -5.86 42.17
N VAL A 414 -9.24 -7.05 41.74
CA VAL A 414 -8.15 -7.80 42.35
C VAL A 414 -7.07 -7.99 41.28
N SER A 415 -5.85 -7.58 41.59
CA SER A 415 -4.73 -7.65 40.67
C SER A 415 -3.53 -8.29 41.34
N ASN A 416 -2.51 -8.57 40.55
CA ASN A 416 -1.26 -9.15 41.03
C ASN A 416 -0.15 -8.12 40.87
N ILE A 417 0.55 -7.84 41.96
CA ILE A 417 1.74 -6.99 41.91
C ILE A 417 2.87 -7.86 41.36
N THR A 418 3.13 -7.75 40.06
CA THR A 418 4.13 -8.59 39.42
C THR A 418 5.54 -8.04 39.56
N GLY A 419 5.70 -6.73 39.72
CA GLY A 419 7.02 -6.16 39.80
C GLY A 419 6.98 -4.76 40.39
N LEU A 420 8.17 -4.15 40.46
CA LEU A 420 8.33 -2.81 40.99
C LEU A 420 9.25 -2.02 40.09
N ILE A 421 9.14 -0.70 40.17
CA ILE A 421 10.04 0.22 39.47
C ILE A 421 10.70 1.06 40.55
N LEU A 422 11.85 0.60 41.03
CA LEU A 422 12.53 1.26 42.14
C LEU A 422 13.55 2.27 41.64
N THR A 423 13.99 3.13 42.55
CA THR A 423 15.01 4.11 42.27
C THR A 423 15.91 4.23 43.49
N ARG A 424 17.21 4.24 43.26
CA ARG A 424 18.19 4.35 44.34
C ARG A 424 18.51 5.80 44.64
N ASP A 425 19.12 6.03 45.79
CA ASP A 425 19.48 7.36 46.25
C ASP A 425 20.99 7.57 46.09
N GLY A 426 21.37 8.66 45.43
CA GLY A 426 22.76 8.96 45.23
C GLY A 426 23.42 9.54 46.47
N GLY A 427 24.72 9.81 46.34
CA GLY A 427 25.48 10.34 47.45
C GLY A 427 26.00 9.25 48.36
N SER A 428 26.78 8.32 47.80
CA SER A 428 27.28 7.21 48.58
C SER A 428 28.11 7.70 49.77
N THR A 429 29.22 8.36 49.49
CA THR A 429 30.15 8.86 50.51
C THR A 429 30.31 7.85 51.65
N ASN A 430 30.78 6.66 51.27
CA ASN A 430 30.96 5.56 52.21
C ASN A 430 29.62 5.14 52.81
N SER A 431 28.70 4.77 51.92
CA SER A 431 27.35 4.39 52.31
C SER A 431 27.33 2.91 52.68
N THR A 432 27.22 2.63 53.98
CA THR A 432 26.93 1.28 54.43
C THR A 432 25.48 0.90 54.21
N THR A 433 24.63 1.86 53.85
CA THR A 433 23.20 1.63 53.64
C THR A 433 22.80 2.19 52.28
N GLU A 434 21.88 1.48 51.62
CA GLU A 434 21.33 1.90 50.34
C GLU A 434 19.82 2.09 50.49
N THR A 435 19.32 3.21 49.99
CA THR A 435 17.91 3.54 50.09
C THR A 435 17.26 3.43 48.71
N PHE A 436 16.20 2.64 48.63
CA PHE A 436 15.44 2.45 47.40
C PHE A 436 14.05 2.99 47.58
N ARG A 437 13.59 3.79 46.62
CA ARG A 437 12.25 4.35 46.67
C ARG A 437 11.52 4.05 45.36
N PRO A 438 10.20 3.90 45.42
CA PRO A 438 9.45 3.63 44.18
C PRO A 438 9.49 4.82 43.25
N GLY A 439 9.40 4.54 41.96
CA GLY A 439 9.38 5.60 40.96
C GLY A 439 8.76 5.14 39.66
N GLY A 440 7.79 5.90 39.16
CA GLY A 440 7.14 5.56 37.90
C GLY A 440 7.56 6.50 36.79
N GLY A 441 6.64 7.36 36.37
CA GLY A 441 6.95 8.33 35.33
C GLY A 441 6.82 7.76 33.93
N ASP A 442 7.95 7.47 33.31
CA ASP A 442 7.94 6.91 31.96
C ASP A 442 7.14 5.60 31.96
N MET A 443 6.20 5.50 31.02
CA MET A 443 5.37 4.31 30.91
C MET A 443 6.03 3.22 30.08
N ARG A 444 7.10 3.53 29.35
CA ARG A 444 7.80 2.51 28.59
C ARG A 444 8.33 1.42 29.51
N ASP A 445 8.65 1.76 30.76
CA ASP A 445 9.13 0.77 31.71
C ASP A 445 8.07 -0.30 31.98
N ASN A 446 6.79 0.05 31.81
CA ASN A 446 5.74 -0.95 31.98
C ASN A 446 5.77 -1.95 30.83
N TRP A 447 5.94 -1.48 29.59
CA TRP A 447 6.08 -2.39 28.46
C TRP A 447 7.42 -3.11 28.50
N ARG A 448 8.49 -2.40 28.86
CA ARG A 448 9.82 -2.99 28.84
C ARG A 448 9.88 -4.22 29.75
N SER A 449 9.12 -4.24 30.84
CA SER A 449 9.14 -5.38 31.74
C SER A 449 8.63 -6.65 31.06
N GLU A 450 7.89 -6.53 29.97
CA GLU A 450 7.34 -7.67 29.25
C GLU A 450 8.06 -7.98 27.95
N LEU A 451 8.51 -6.95 27.21
CA LEU A 451 9.22 -7.14 25.97
C LEU A 451 10.72 -7.24 26.17
N TYR A 452 11.18 -7.58 27.38
CA TYR A 452 12.61 -7.64 27.64
C TYR A 452 13.27 -8.82 26.94
N LYS A 453 12.53 -9.90 26.72
CA LYS A 453 13.09 -11.13 26.18
C LYS A 453 12.91 -11.24 24.67
N TYR A 454 12.35 -10.24 24.01
CA TYR A 454 12.06 -10.29 22.59
C TYR A 454 12.96 -9.31 21.84
N LYS A 455 13.36 -9.70 20.64
CA LYS A 455 14.06 -8.80 19.72
C LYS A 455 13.68 -9.18 18.29
N VAL A 456 13.57 -8.16 17.45
CA VAL A 456 13.18 -8.34 16.05
C VAL A 456 14.44 -8.43 15.20
N VAL A 457 14.48 -9.42 14.30
CA VAL A 457 15.60 -9.61 13.40
C VAL A 457 15.07 -9.70 11.98
N LYS A 458 15.96 -9.42 11.04
CA LYS A 458 15.64 -9.40 9.62
C LYS A 458 16.37 -10.56 8.95
N ILE A 459 15.62 -11.41 8.25
CA ILE A 459 16.19 -12.61 7.65
C ILE A 459 16.91 -12.24 6.36
N GLU A 460 17.98 -12.98 6.07
CA GLU A 460 18.80 -12.79 4.86
C GLU A 460 18.92 -14.14 4.18
N PRO A 461 17.88 -14.59 3.48
CA PRO A 461 17.89 -15.94 2.93
C PRO A 461 18.95 -16.19 1.87
N LEU A 462 19.50 -15.14 1.26
CA LEU A 462 20.44 -15.29 0.15
C LEU A 462 21.86 -15.36 0.69
N GLY A 463 22.59 -16.39 0.27
CA GLY A 463 23.97 -16.55 0.68
C GLY A 463 24.79 -17.15 -0.44
N VAL A 464 26.08 -16.81 -0.45
CA VAL A 464 27.02 -17.28 -1.46
C VAL A 464 28.22 -17.89 -0.75
N ALA A 465 28.61 -19.09 -1.18
CA ALA A 465 29.73 -19.80 -0.58
C ALA A 465 30.48 -20.53 -1.68
N PRO A 466 31.76 -20.84 -1.46
CA PRO A 466 32.54 -21.56 -2.47
C PRO A 466 32.27 -23.06 -2.43
N THR A 467 32.22 -23.67 -3.60
CA THR A 467 32.07 -25.11 -3.73
C THR A 467 32.76 -25.56 -5.00
N ARG A 468 33.00 -26.87 -5.08
CA ARG A 468 33.60 -27.45 -6.28
C ARG A 468 32.62 -27.59 -7.42
N CYS A 469 31.32 -27.40 -7.18
CA CYS A 469 30.34 -27.50 -8.23
C CYS A 469 30.50 -26.36 -9.23
N LYS A 470 30.21 -26.66 -10.49
CA LYS A 470 30.28 -25.68 -11.56
C LYS A 470 29.05 -25.83 -12.45
N ARG A 471 28.52 -24.70 -12.90
CA ARG A 471 27.37 -24.73 -13.79
C ARG A 471 27.73 -25.41 -15.11
N ARG A 472 26.85 -26.27 -15.58
CA ARG A 472 27.08 -26.96 -16.84
C ARG A 472 26.62 -26.09 -18.01
N VAL A 473 27.41 -26.09 -19.07
CA VAL A 473 27.12 -25.26 -20.24
C VAL A 473 26.58 -26.12 -21.38
N ALA B 1 17.67 -32.36 2.65
CA ALA B 1 16.65 -31.64 1.90
C ALA B 1 15.28 -32.26 2.14
N VAL B 2 15.27 -33.55 2.45
CA VAL B 2 14.06 -34.27 2.82
C VAL B 2 14.08 -34.73 4.28
N GLY B 3 15.15 -34.43 5.00
CA GLY B 3 15.15 -34.61 6.44
C GLY B 3 15.03 -36.05 6.91
N ILE B 4 15.81 -36.96 6.31
CA ILE B 4 15.84 -38.33 6.80
C ILE B 4 16.56 -38.35 8.14
N GLY B 5 15.89 -38.83 9.17
CA GLY B 5 16.49 -38.92 10.48
C GLY B 5 16.77 -37.60 11.15
N ALA B 6 16.04 -36.55 10.78
CA ALA B 6 16.22 -35.25 11.40
C ALA B 6 15.41 -35.17 12.69
N VAL B 7 16.03 -34.68 13.75
CA VAL B 7 15.32 -34.57 15.03
C VAL B 7 14.10 -33.69 14.88
N PHE B 8 14.28 -32.50 14.29
CA PHE B 8 13.16 -31.61 14.00
C PHE B 8 13.65 -30.53 13.05
N LEU B 9 12.79 -30.15 12.10
CA LEU B 9 13.07 -29.09 11.15
C LEU B 9 12.12 -27.94 11.39
N GLY B 10 12.65 -26.73 11.53
CA GLY B 10 11.84 -25.56 11.76
C GLY B 10 12.53 -24.32 11.25
N PHE B 11 11.74 -23.25 11.09
CA PHE B 11 12.26 -21.99 10.60
C PHE B 11 13.48 -21.57 11.40
N LEU B 12 14.60 -21.34 10.71
CA LEU B 12 15.86 -20.99 11.33
C LEU B 12 16.33 -22.05 12.31
N GLY B 13 15.86 -23.29 12.15
CA GLY B 13 16.25 -24.34 13.07
C GLY B 13 17.74 -24.59 13.09
N ALA B 14 18.35 -24.68 11.91
CA ALA B 14 19.79 -24.90 11.79
C ALA B 14 20.54 -23.58 11.70
N ALA B 15 20.25 -22.66 12.63
CA ALA B 15 20.97 -21.40 12.65
C ALA B 15 22.31 -21.51 13.34
N GLY B 16 22.42 -22.39 14.33
CA GLY B 16 23.67 -22.66 15.00
C GLY B 16 24.45 -23.82 14.43
N SER B 17 23.88 -24.54 13.47
CA SER B 17 24.56 -25.65 12.85
C SER B 17 25.59 -25.16 11.84
N THR B 18 26.48 -26.06 11.44
CA THR B 18 27.49 -25.71 10.45
C THR B 18 26.84 -25.50 9.09
N MET B 19 27.57 -24.81 8.21
CA MET B 19 27.01 -24.51 6.88
C MET B 19 26.66 -25.78 6.14
N GLY B 20 27.49 -26.81 6.26
CA GLY B 20 27.19 -28.06 5.58
C GLY B 20 25.89 -28.68 6.07
N ALA B 21 25.69 -28.70 7.39
CA ALA B 21 24.47 -29.27 7.94
C ALA B 21 23.27 -28.38 7.66
N ALA B 22 23.44 -27.07 7.79
CA ALA B 22 22.33 -26.14 7.55
C ALA B 22 21.94 -26.05 6.09
N SER B 23 22.76 -26.56 5.17
CA SER B 23 22.43 -26.51 3.76
C SER B 23 21.39 -27.54 3.35
N MET B 24 21.08 -28.51 4.21
CA MET B 24 20.07 -29.51 3.93
C MET B 24 18.70 -29.11 4.43
N THR B 25 18.56 -27.91 5.01
CA THR B 25 17.29 -27.43 5.54
C THR B 25 16.85 -26.13 4.89
N LEU B 26 17.30 -25.87 3.66
CA LEU B 26 16.95 -24.62 3.00
C LEU B 26 15.44 -24.53 2.76
N THR B 27 14.82 -25.64 2.39
CA THR B 27 13.38 -25.63 2.15
C THR B 27 12.62 -25.10 3.36
N VAL B 28 13.12 -25.35 4.56
CA VAL B 28 12.41 -24.94 5.77
C VAL B 28 12.29 -23.43 5.83
N GLN B 29 13.40 -22.73 5.55
CA GLN B 29 13.38 -21.28 5.57
C GLN B 29 12.70 -20.71 4.33
N ALA B 30 12.90 -21.36 3.17
CA ALA B 30 12.42 -20.78 1.92
C ALA B 30 10.90 -20.65 1.90
N ARG B 31 10.19 -21.64 2.43
CA ARG B 31 8.74 -21.66 2.34
C ARG B 31 8.05 -20.73 3.35
N ASN B 32 8.81 -20.12 4.27
CA ASN B 32 8.24 -19.25 5.28
C ASN B 32 8.55 -17.78 5.06
N LEU B 33 9.10 -17.43 3.90
CA LEU B 33 9.51 -16.05 3.63
C LEU B 33 8.39 -15.19 3.05
N LEU B 34 7.22 -15.77 2.78
CA LEU B 34 6.10 -15.03 2.23
C LEU B 34 4.85 -15.12 3.08
N SER B 35 4.57 -16.29 3.65
CA SER B 35 3.39 -16.49 4.49
C SER B 35 3.68 -16.16 5.96
N GLY B 36 4.74 -16.73 6.52
CA GLY B 36 5.10 -16.50 7.90
C GLY B 36 5.75 -17.70 8.54
N LEU B 57 -10.76 3.48 9.20
CA LEU B 57 -9.32 3.41 9.39
C LEU B 57 -8.99 3.23 10.87
N THR B 58 -8.02 2.36 11.16
CA THR B 58 -7.60 2.08 12.51
C THR B 58 -6.09 2.00 12.55
N VAL B 59 -5.53 2.19 13.75
CA VAL B 59 -4.09 2.13 13.92
C VAL B 59 -3.56 0.76 13.51
N TRP B 60 -4.26 -0.30 13.90
CA TRP B 60 -3.80 -1.65 13.58
C TRP B 60 -3.85 -1.91 12.08
N GLY B 61 -4.91 -1.45 11.41
CA GLY B 61 -5.04 -1.72 9.99
C GLY B 61 -3.88 -1.17 9.18
N ILE B 62 -3.47 0.06 9.47
CA ILE B 62 -2.34 0.65 8.77
C ILE B 62 -1.08 -0.17 9.02
N LYS B 63 -0.87 -0.61 10.26
CA LYS B 63 0.31 -1.42 10.58
C LYS B 63 0.28 -2.73 9.82
N GLN B 64 -0.88 -3.37 9.72
CA GLN B 64 -0.97 -4.62 8.97
C GLN B 64 -0.69 -4.40 7.50
N LEU B 65 -1.21 -3.32 6.92
CA LEU B 65 -0.92 -3.02 5.52
C LEU B 65 0.57 -2.81 5.30
N GLN B 66 1.22 -2.05 6.18
CA GLN B 66 2.65 -1.82 6.05
C GLN B 66 3.41 -3.13 6.19
N ALA B 67 3.00 -4.00 7.10
CA ALA B 67 3.66 -5.28 7.27
C ALA B 67 3.55 -6.13 6.00
N ARG B 68 2.36 -6.17 5.40
CA ARG B 68 2.19 -6.94 4.18
C ARG B 68 3.06 -6.39 3.05
N VAL B 69 3.10 -5.06 2.91
CA VAL B 69 3.93 -4.46 1.87
C VAL B 69 5.40 -4.79 2.11
N LEU B 70 5.84 -4.71 3.38
CA LEU B 70 7.22 -5.02 3.70
C LEU B 70 7.55 -6.47 3.37
N ALA B 71 6.65 -7.39 3.70
CA ALA B 71 6.90 -8.80 3.41
C ALA B 71 7.04 -9.01 1.90
N VAL B 72 6.13 -8.43 1.12
CA VAL B 72 6.20 -8.60 -0.33
C VAL B 72 7.51 -8.01 -0.86
N GLU B 73 7.87 -6.82 -0.39
CA GLU B 73 9.10 -6.18 -0.86
C GLU B 73 10.31 -7.05 -0.56
N ARG B 74 10.41 -7.56 0.68
CA ARG B 74 11.58 -8.34 1.05
C ARG B 74 11.66 -9.63 0.27
N TYR B 75 10.53 -10.30 0.07
CA TYR B 75 10.53 -11.53 -0.72
C TYR B 75 10.99 -11.26 -2.15
N LEU B 76 10.42 -10.22 -2.78
CA LEU B 76 10.77 -9.95 -4.17
C LEU B 76 12.20 -9.46 -4.30
N ARG B 77 12.76 -8.83 -3.26
CA ARG B 77 14.13 -8.36 -3.35
C ARG B 77 15.09 -9.52 -3.60
N ASP B 78 14.89 -10.63 -2.89
CA ASP B 78 15.73 -11.81 -3.10
C ASP B 78 15.33 -12.56 -4.36
N GLN B 79 14.03 -12.60 -4.67
CA GLN B 79 13.60 -13.32 -5.86
C GLN B 79 14.18 -12.70 -7.13
N GLN B 80 14.24 -11.37 -7.19
CA GLN B 80 14.83 -10.71 -8.35
C GLN B 80 16.30 -11.06 -8.50
N LEU B 81 17.04 -11.04 -7.40
CA LEU B 81 18.46 -11.38 -7.46
C LEU B 81 18.65 -12.81 -7.94
N LEU B 82 17.82 -13.73 -7.44
CA LEU B 82 17.90 -15.10 -7.94
C LEU B 82 17.59 -15.15 -9.42
N GLY B 83 16.60 -14.38 -9.87
CA GLY B 83 16.22 -14.43 -11.27
C GLY B 83 17.32 -13.95 -12.19
N ILE B 84 17.98 -12.84 -11.85
CA ILE B 84 19.00 -12.28 -12.75
C ILE B 84 20.33 -12.99 -12.63
N TRP B 85 20.46 -13.97 -11.75
CA TRP B 85 21.65 -14.81 -11.68
C TRP B 85 21.48 -16.15 -12.38
N GLY B 86 20.32 -16.41 -12.95
CA GLY B 86 20.05 -17.70 -13.56
C GLY B 86 19.70 -18.79 -12.58
N CYS B 87 19.47 -18.45 -11.31
CA CYS B 87 19.16 -19.42 -10.27
C CYS B 87 17.69 -19.44 -9.91
N SER B 88 16.83 -18.96 -10.80
CA SER B 88 15.40 -18.89 -10.51
C SER B 88 14.85 -20.28 -10.21
N GLY B 89 14.07 -20.37 -9.14
CA GLY B 89 13.44 -21.64 -8.79
C GLY B 89 14.40 -22.68 -8.26
N LYS B 90 15.53 -22.27 -7.71
CA LYS B 90 16.54 -23.18 -7.19
C LYS B 90 16.93 -22.76 -5.78
N LEU B 91 17.16 -23.75 -4.92
CA LEU B 91 17.65 -23.49 -3.57
C LEU B 91 19.17 -23.52 -3.51
N ILE B 92 19.79 -24.47 -4.21
CA ILE B 92 21.23 -24.50 -4.40
C ILE B 92 21.49 -24.41 -5.89
N CYS B 93 22.22 -23.36 -6.31
CA CYS B 93 22.45 -23.09 -7.71
C CYS B 93 23.92 -22.85 -7.94
N CYS B 94 24.56 -23.71 -8.71
CA CYS B 94 25.96 -23.55 -9.05
C CYS B 94 26.11 -22.50 -10.16
N THR B 95 27.21 -21.78 -10.12
CA THR B 95 27.46 -20.69 -11.04
C THR B 95 28.83 -20.87 -11.70
N ASN B 96 29.10 -20.03 -12.70
CA ASN B 96 30.34 -20.07 -13.46
C ASN B 96 31.37 -19.07 -12.94
N VAL B 97 31.09 -18.39 -11.83
CA VAL B 97 31.98 -17.37 -11.30
C VAL B 97 33.02 -18.06 -10.43
N PRO B 98 34.30 -18.05 -10.81
CA PRO B 98 35.31 -18.66 -9.93
C PRO B 98 35.44 -17.89 -8.63
N TRP B 99 35.77 -18.61 -7.57
CA TRP B 99 35.90 -18.01 -6.25
C TRP B 99 37.26 -17.33 -6.13
N ASN B 100 37.25 -16.01 -5.99
CA ASN B 100 38.49 -15.27 -5.78
C ASN B 100 39.00 -15.51 -4.37
N SER B 101 40.23 -16.00 -4.26
CA SER B 101 40.79 -16.31 -2.95
C SER B 101 40.85 -15.08 -2.06
N SER B 102 40.87 -13.88 -2.63
CA SER B 102 40.90 -12.67 -1.83
C SER B 102 39.64 -12.54 -0.97
N TRP B 103 38.50 -12.97 -1.48
CA TRP B 103 37.26 -12.88 -0.71
C TRP B 103 37.35 -13.69 0.57
N SER B 104 37.90 -14.90 0.48
CA SER B 104 38.08 -15.74 1.66
C SER B 104 39.07 -16.84 1.32
N ASN B 105 40.11 -16.97 2.13
CA ASN B 105 41.18 -17.94 1.89
C ASN B 105 41.02 -19.22 2.70
N ARG B 106 39.90 -19.38 3.38
CA ARG B 106 39.70 -20.57 4.20
C ARG B 106 39.47 -21.79 3.33
N ASN B 107 39.90 -22.95 3.83
CA ASN B 107 39.72 -24.19 3.11
C ASN B 107 38.24 -24.52 3.01
N LEU B 108 37.91 -25.45 2.09
CA LEU B 108 36.52 -25.87 1.96
C LEU B 108 36.03 -26.53 3.23
N SER B 109 36.85 -27.38 3.85
CA SER B 109 36.47 -28.00 5.11
C SER B 109 36.36 -26.96 6.22
N GLU B 110 37.23 -25.94 6.20
CA GLU B 110 37.18 -24.88 7.19
C GLU B 110 35.92 -24.04 7.09
N ILE B 111 35.17 -24.14 6.01
CA ILE B 111 33.96 -23.36 5.80
C ILE B 111 32.70 -24.20 6.05
N TRP B 112 32.64 -25.39 5.48
CA TRP B 112 31.43 -26.20 5.49
C TRP B 112 31.34 -27.11 6.70
N ASP B 113 32.33 -27.11 7.59
CA ASP B 113 32.30 -27.98 8.76
C ASP B 113 32.65 -27.28 10.07
N ASN B 114 33.36 -26.16 10.05
CA ASN B 114 33.76 -25.44 11.25
C ASN B 114 33.24 -24.01 11.22
N MET B 115 32.08 -23.79 10.62
CA MET B 115 31.54 -22.44 10.50
C MET B 115 30.04 -22.52 10.31
N THR B 116 29.34 -21.48 10.76
CA THR B 116 27.90 -21.35 10.58
C THR B 116 27.61 -20.21 9.62
N TRP B 117 26.44 -20.29 8.97
CA TRP B 117 26.08 -19.29 7.98
C TRP B 117 26.11 -17.89 8.58
N LEU B 118 25.75 -17.74 9.85
CA LEU B 118 25.82 -16.43 10.50
C LEU B 118 27.26 -15.93 10.55
N GLN B 119 28.19 -16.81 10.90
CA GLN B 119 29.60 -16.42 10.89
C GLN B 119 30.08 -16.10 9.49
N TRP B 120 29.67 -16.92 8.52
CA TRP B 120 30.09 -16.69 7.14
C TRP B 120 29.63 -15.34 6.63
N ASP B 121 28.38 -14.97 6.91
CA ASP B 121 27.86 -13.69 6.45
C ASP B 121 28.71 -12.54 6.96
N LYS B 122 29.26 -12.66 8.17
CA LYS B 122 30.08 -11.59 8.72
C LYS B 122 31.44 -11.49 8.04
N GLU B 123 31.87 -12.54 7.34
CA GLU B 123 33.19 -12.54 6.70
C GLU B 123 33.15 -12.00 5.28
N ILE B 124 32.17 -12.42 4.48
CA ILE B 124 32.08 -12.03 3.09
C ILE B 124 31.14 -10.84 2.89
N SER B 125 30.77 -10.15 3.97
CA SER B 125 29.90 -9.00 3.82
C SER B 125 30.57 -7.90 3.00
N ASN B 126 31.86 -7.68 3.21
CA ASN B 126 32.58 -6.66 2.47
C ASN B 126 32.62 -6.95 0.98
N TYR B 127 32.55 -8.22 0.58
CA TYR B 127 32.71 -8.62 -0.80
C TYR B 127 31.41 -9.08 -1.44
N THR B 128 30.26 -8.83 -0.80
CA THR B 128 29.00 -9.31 -1.34
C THR B 128 28.66 -8.59 -2.65
N GLN B 129 28.80 -7.27 -2.67
CA GLN B 129 28.45 -6.52 -3.87
C GLN B 129 29.34 -6.89 -5.05
N ILE B 130 30.62 -7.14 -4.80
CA ILE B 130 31.51 -7.56 -5.88
C ILE B 130 31.04 -8.88 -6.46
N ILE B 131 30.68 -9.84 -5.60
CA ILE B 131 30.24 -11.13 -6.07
C ILE B 131 28.94 -11.01 -6.86
N TYR B 132 28.00 -10.20 -6.37
CA TYR B 132 26.71 -10.06 -7.05
C TYR B 132 26.89 -9.53 -8.46
N GLY B 133 27.71 -8.50 -8.62
CA GLY B 133 27.97 -7.98 -9.95
C GLY B 133 28.60 -9.02 -10.86
N LEU B 134 29.53 -9.80 -10.32
CA LEU B 134 30.15 -10.86 -11.11
C LEU B 134 29.12 -11.89 -11.54
N LEU B 135 28.21 -12.27 -10.63
CA LEU B 135 27.17 -13.22 -10.99
C LEU B 135 26.26 -12.67 -12.08
N GLU B 136 25.87 -11.40 -11.97
CA GLU B 136 25.01 -10.80 -12.99
C GLU B 136 25.70 -10.77 -14.34
N GLU B 137 26.97 -10.35 -14.36
CA GLU B 137 27.70 -10.30 -15.62
C GLU B 137 27.86 -11.70 -16.21
N SER B 138 28.16 -12.68 -15.37
CA SER B 138 28.32 -14.04 -15.86
C SER B 138 27.02 -14.56 -16.44
N GLN B 139 25.89 -14.27 -15.79
CA GLN B 139 24.61 -14.72 -16.33
C GLN B 139 24.31 -14.04 -17.66
N ASN B 140 24.61 -12.75 -17.78
CA ASN B 140 24.41 -12.07 -19.06
C ASN B 140 25.26 -12.70 -20.15
N GLN B 141 26.53 -12.98 -19.83
CA GLN B 141 27.42 -13.61 -20.81
C GLN B 141 26.90 -14.99 -21.21
N GLN B 142 26.42 -15.76 -20.24
CA GLN B 142 25.87 -17.08 -20.56
C GLN B 142 24.66 -16.95 -21.47
N GLU B 143 23.77 -16.00 -21.19
CA GLU B 143 22.60 -15.82 -22.04
C GLU B 143 23.01 -15.46 -23.46
N LYS B 144 23.97 -14.53 -23.61
CA LYS B 144 24.42 -14.16 -24.94
C LYS B 144 25.05 -15.34 -25.66
N ASN B 145 25.87 -16.12 -24.96
CA ASN B 145 26.51 -17.27 -25.58
C ASN B 145 25.49 -18.30 -26.01
N GLU B 146 24.48 -18.55 -25.18
CA GLU B 146 23.43 -19.49 -25.55
C GLU B 146 22.66 -19.00 -26.76
N GLN B 147 22.37 -17.70 -26.82
CA GLN B 147 21.71 -17.14 -27.99
C GLN B 147 22.54 -17.37 -29.25
N ASP B 148 23.85 -17.09 -29.17
CA ASP B 148 24.72 -17.30 -30.31
C ASP B 148 24.75 -18.76 -30.73
N LEU B 149 24.84 -19.67 -29.75
CA LEU B 149 24.88 -21.10 -30.05
C LEU B 149 23.60 -21.55 -30.74
N LEU B 150 22.46 -21.10 -30.24
CA LEU B 150 21.19 -21.49 -30.85
C LEU B 150 21.01 -20.86 -32.22
N ALA B 151 21.63 -19.71 -32.47
CA ALA B 151 21.52 -19.07 -33.78
C ALA B 151 22.18 -19.87 -34.89
N LEU B 152 23.04 -20.83 -34.55
CA LEU B 152 23.74 -21.62 -35.54
C LEU B 152 22.89 -22.74 -36.13
N ASP B 153 21.78 -23.09 -35.48
CA ASP B 153 20.93 -24.16 -35.98
C ASP B 153 20.20 -23.73 -37.25
N ALA C 1 18.18 -19.61 -42.89
CA ALA C 1 19.20 -18.57 -42.79
C ALA C 1 18.56 -17.18 -42.82
N GLU C 2 17.54 -17.03 -43.65
CA GLU C 2 16.81 -15.78 -43.76
C GLU C 2 15.61 -15.71 -42.82
N ASN C 3 15.34 -16.78 -42.07
CA ASN C 3 14.19 -16.83 -41.17
C ASN C 3 14.60 -16.28 -39.81
N LEU C 4 13.88 -15.27 -39.34
CA LEU C 4 14.13 -14.64 -38.05
C LEU C 4 13.04 -15.06 -37.06
N TRP C 5 13.38 -14.97 -35.78
CA TRP C 5 12.48 -15.38 -34.71
C TRP C 5 12.43 -14.31 -33.63
N VAL C 6 11.30 -14.27 -32.92
CA VAL C 6 11.15 -13.33 -31.83
C VAL C 6 12.06 -13.73 -30.68
N THR C 7 12.81 -12.77 -30.15
CA THR C 7 13.64 -12.97 -28.97
C THR C 7 13.23 -11.96 -27.91
N VAL C 8 13.00 -12.43 -26.70
CA VAL C 8 12.52 -11.59 -25.60
C VAL C 8 13.71 -11.16 -24.77
N TYR C 9 13.89 -9.85 -24.63
CA TYR C 9 14.97 -9.27 -23.84
C TYR C 9 14.37 -8.60 -22.61
N TYR C 10 14.93 -8.89 -21.44
CA TYR C 10 14.49 -8.28 -20.19
C TYR C 10 15.56 -7.32 -19.71
N GLY C 11 15.15 -6.10 -19.36
CA GLY C 11 16.09 -5.09 -18.93
C GLY C 11 16.59 -4.16 -20.02
N VAL C 12 15.92 -4.15 -21.17
CA VAL C 12 16.37 -3.25 -22.24
C VAL C 12 16.24 -1.81 -21.78
N PRO C 13 17.18 -0.91 -22.11
CA PRO C 13 17.05 0.50 -21.67
C PRO C 13 16.04 1.29 -22.50
N VAL C 14 14.78 1.14 -22.15
CA VAL C 14 13.68 1.85 -22.80
C VAL C 14 12.85 2.53 -21.73
N TRP C 15 12.20 3.63 -22.11
CA TRP C 15 11.37 4.36 -21.18
C TRP C 15 10.28 5.10 -21.94
N LYS C 16 9.24 5.49 -21.20
CA LYS C 16 8.12 6.23 -21.75
C LYS C 16 7.75 7.36 -20.80
N ASP C 17 7.29 8.47 -21.36
CA ASP C 17 6.81 9.56 -20.53
C ASP C 17 5.64 9.09 -19.69
N ALA C 18 5.66 9.42 -18.40
CA ALA C 18 4.65 8.95 -17.48
C ALA C 18 4.49 9.92 -16.32
N GLU C 19 3.35 9.81 -15.64
CA GLU C 19 3.07 10.57 -14.44
C GLU C 19 2.93 9.60 -13.27
N THR C 20 3.61 9.89 -12.17
CA THR C 20 3.62 9.02 -11.01
C THR C 20 3.56 9.86 -9.75
N THR C 21 3.49 9.18 -8.60
CA THR C 21 3.41 9.83 -7.30
C THR C 21 4.82 9.92 -6.73
N LEU C 22 5.52 11.00 -7.08
CA LEU C 22 6.85 11.22 -6.54
C LEU C 22 6.77 11.49 -5.04
N PHE C 23 7.70 10.92 -4.29
CA PHE C 23 7.81 11.16 -2.86
C PHE C 23 9.02 12.03 -2.58
N CYS C 24 9.06 12.60 -1.38
CA CYS C 24 10.05 13.58 -1.01
C CYS C 24 11.23 12.92 -0.30
N ALA C 25 12.39 13.57 -0.41
CA ALA C 25 13.57 13.19 0.34
C ALA C 25 14.26 14.46 0.82
N SER C 26 14.78 14.41 2.05
CA SER C 26 15.34 15.60 2.69
C SER C 26 16.71 15.27 3.28
N ASP C 27 17.54 16.29 3.40
CA ASP C 27 18.86 16.12 3.97
C ASP C 27 18.76 15.80 5.46
N ALA C 28 19.60 14.86 5.91
CA ALA C 28 19.57 14.48 7.32
C ALA C 28 20.01 15.63 8.21
N LYS C 29 21.01 16.40 7.78
CA LYS C 29 21.53 17.49 8.61
C LYS C 29 20.42 18.44 9.05
N ALA C 30 19.43 18.67 8.20
CA ALA C 30 18.32 19.56 8.54
C ALA C 30 17.48 18.97 9.66
N LYS C 35 11.14 23.34 16.01
CA LYS C 35 11.93 22.40 15.23
C LYS C 35 11.14 21.86 14.05
N HIS C 36 9.83 21.74 14.24
CA HIS C 36 8.96 21.24 13.18
C HIS C 36 8.85 22.27 12.06
N ASN C 37 8.42 21.78 10.89
CA ASN C 37 8.38 22.58 9.68
C ASN C 37 7.03 22.41 9.00
N VAL C 38 6.60 23.45 8.28
CA VAL C 38 5.36 23.36 7.53
C VAL C 38 5.45 22.25 6.49
N TRP C 39 6.56 22.19 5.78
CA TRP C 39 6.80 21.15 4.79
C TRP C 39 7.41 19.97 5.54
N ALA C 40 6.53 19.16 6.14
CA ALA C 40 6.95 18.14 7.10
C ALA C 40 8.14 17.37 6.56
N THR C 41 9.28 17.51 7.24
CA THR C 41 10.52 16.91 6.79
C THR C 41 10.89 15.66 7.58
N HIS C 42 10.44 15.56 8.83
CA HIS C 42 10.64 14.33 9.58
C HIS C 42 9.94 13.14 8.91
N ALA C 43 8.95 13.41 8.07
CA ALA C 43 8.26 12.36 7.34
C ALA C 43 8.91 12.04 6.01
N CYS C 44 9.91 12.81 5.59
CA CYS C 44 10.56 12.59 4.30
C CYS C 44 11.72 11.61 4.46
N VAL C 45 11.88 10.76 3.46
CA VAL C 45 12.98 9.78 3.49
C VAL C 45 14.31 10.52 3.45
N PRO C 46 15.31 10.12 4.23
CA PRO C 46 16.61 10.80 4.15
C PRO C 46 17.21 10.67 2.75
N THR C 47 17.85 11.74 2.30
CA THR C 47 18.47 11.74 0.99
C THR C 47 19.76 10.92 1.01
N ASP C 48 20.19 10.49 -0.17
CA ASP C 48 21.48 9.85 -0.31
C ASP C 48 22.56 10.91 -0.21
N PRO C 49 23.50 10.81 0.74
CA PRO C 49 24.53 11.85 0.86
C PRO C 49 25.40 11.98 -0.37
N ASN C 50 25.46 10.94 -1.21
CA ASN C 50 26.26 10.95 -2.44
C ASN C 50 25.32 10.56 -3.58
N PRO C 51 24.57 11.51 -4.11
CA PRO C 51 23.57 11.16 -5.13
C PRO C 51 24.21 10.54 -6.37
N GLN C 52 23.50 9.59 -6.95
CA GLN C 52 23.96 8.88 -8.14
C GLN C 52 23.31 9.49 -9.38
N GLU C 53 24.12 9.83 -10.37
CA GLU C 53 23.63 10.40 -11.61
C GLU C 53 24.37 9.75 -12.76
N ILE C 54 23.63 9.17 -13.69
CA ILE C 54 24.19 8.41 -14.81
C ILE C 54 24.07 9.26 -16.06
N HIS C 55 25.19 9.46 -16.75
CA HIS C 55 25.22 10.25 -17.98
C HIS C 55 24.75 9.39 -19.14
N LEU C 56 23.61 9.76 -19.73
CA LEU C 56 23.03 9.01 -20.84
C LEU C 56 23.67 9.52 -22.14
N GLU C 57 24.77 8.89 -22.52
CA GLU C 57 25.45 9.26 -23.76
C GLU C 57 24.56 8.98 -24.95
N ASN C 58 24.63 9.86 -25.95
CA ASN C 58 23.92 9.74 -27.23
C ASN C 58 22.42 9.95 -27.11
N VAL C 59 21.89 10.19 -25.91
CA VAL C 59 20.46 10.28 -25.71
C VAL C 59 20.02 11.72 -25.89
N THR C 60 19.07 11.94 -26.79
CA THR C 60 18.40 13.22 -26.96
C THR C 60 16.95 13.05 -26.55
N GLU C 61 16.51 13.85 -25.59
CA GLU C 61 15.17 13.73 -25.01
C GLU C 61 14.42 15.04 -25.17
N GLU C 62 13.11 14.93 -25.34
CA GLU C 62 12.24 16.09 -25.53
C GLU C 62 11.63 16.48 -24.19
N PHE C 63 11.96 17.66 -23.71
CA PHE C 63 11.43 18.20 -22.46
C PHE C 63 10.41 19.27 -22.76
N ASN C 64 9.46 19.44 -21.83
CA ASN C 64 8.44 20.49 -21.95
C ASN C 64 8.28 21.13 -20.57
N MET C 65 8.97 22.25 -20.36
CA MET C 65 8.95 22.91 -19.06
C MET C 65 7.55 23.32 -18.64
N TRP C 66 6.63 23.50 -19.59
CA TRP C 66 5.32 24.07 -19.30
C TRP C 66 4.22 23.02 -19.17
N LYS C 67 4.40 21.83 -19.75
CA LYS C 67 3.47 20.72 -19.56
C LYS C 67 4.07 19.66 -18.65
N ASN C 68 4.94 20.08 -17.74
CA ASN C 68 5.60 19.16 -16.82
C ASN C 68 4.68 18.87 -15.63
N ASN C 69 4.44 17.58 -15.37
CA ASN C 69 3.55 17.19 -14.29
C ASN C 69 4.21 17.24 -12.93
N MET C 70 5.54 17.30 -12.87
CA MET C 70 6.22 17.45 -11.58
C MET C 70 5.92 18.79 -10.93
N VAL C 71 5.37 19.75 -11.67
CA VAL C 71 5.05 21.05 -11.11
C VAL C 71 3.67 21.07 -10.48
N GLU C 72 2.66 20.54 -11.17
CA GLU C 72 1.33 20.46 -10.58
C GLU C 72 1.34 19.57 -9.35
N GLN C 73 2.06 18.46 -9.41
CA GLN C 73 2.17 17.58 -8.25
C GLN C 73 2.82 18.30 -7.09
N MET C 74 3.87 19.08 -7.35
CA MET C 74 4.51 19.84 -6.28
C MET C 74 3.55 20.87 -5.70
N HIS C 75 2.78 21.55 -6.56
CA HIS C 75 1.81 22.51 -6.07
C HIS C 75 0.79 21.85 -5.14
N THR C 76 0.26 20.70 -5.56
CA THR C 76 -0.71 19.99 -4.74
C THR C 76 -0.08 19.56 -3.42
N ASP C 77 1.14 19.04 -3.46
CA ASP C 77 1.80 18.59 -2.24
C ASP C 77 2.05 19.75 -1.29
N ILE C 78 2.47 20.89 -1.83
CA ILE C 78 2.73 22.06 -0.99
C ILE C 78 1.45 22.52 -0.31
N ILE C 79 0.34 22.59 -1.07
CA ILE C 79 -0.92 23.01 -0.49
C ILE C 79 -1.36 22.01 0.58
N SER C 80 -1.22 20.71 0.31
CA SER C 80 -1.62 19.71 1.28
C SER C 80 -0.80 19.81 2.56
N LEU C 81 0.51 20.03 2.42
CA LEU C 81 1.36 20.18 3.60
C LEU C 81 0.97 21.43 4.39
N TRP C 82 0.66 22.52 3.70
CA TRP C 82 0.21 23.72 4.38
C TRP C 82 -1.05 23.43 5.20
N ASP C 83 -2.03 22.77 4.59
CA ASP C 83 -3.26 22.47 5.29
C ASP C 83 -3.01 21.53 6.47
N GLN C 84 -2.15 20.53 6.27
CA GLN C 84 -1.86 19.59 7.36
C GLN C 84 -1.20 20.31 8.53
N SER C 85 -0.25 21.21 8.25
CA SER C 85 0.40 21.95 9.31
C SER C 85 -0.58 22.85 10.04
N LEU C 86 -1.52 23.45 9.32
CA LEU C 86 -2.48 24.35 9.95
C LEU C 86 -3.59 23.61 10.67
N LYS C 87 -3.81 22.32 10.39
CA LYS C 87 -4.92 21.60 11.01
C LYS C 87 -4.90 21.66 12.53
N PRO C 88 -3.80 21.36 13.21
CA PRO C 88 -3.81 21.31 14.68
C PRO C 88 -3.72 22.67 15.37
N CYS C 89 -3.57 23.77 14.61
CA CYS C 89 -3.36 25.06 15.24
C CYS C 89 -4.70 25.68 15.68
N VAL C 90 -4.58 26.78 16.42
CA VAL C 90 -5.76 27.42 17.00
C VAL C 90 -6.63 28.02 15.91
N LYS C 91 -7.94 27.88 16.07
CA LYS C 91 -8.91 28.47 15.15
C LYS C 91 -9.45 29.75 15.77
N LEU C 92 -9.22 30.88 15.12
CA LEU C 92 -9.56 32.19 15.67
C LEU C 92 -11.00 32.56 15.31
N THR C 93 -11.93 31.74 15.78
CA THR C 93 -13.35 32.05 15.64
C THR C 93 -13.77 33.17 16.58
N PRO C 94 -13.36 33.16 17.86
CA PRO C 94 -13.79 34.25 18.75
C PRO C 94 -13.26 35.61 18.37
N LEU C 95 -12.20 35.68 17.55
CA LEU C 95 -11.62 36.96 17.17
C LEU C 95 -12.53 37.78 16.28
N CYS C 96 -13.61 37.19 15.75
CA CYS C 96 -14.53 37.92 14.88
C CYS C 96 -15.54 38.64 15.76
N VAL C 97 -15.08 39.75 16.35
CA VAL C 97 -15.88 40.57 17.24
C VAL C 97 -15.66 42.03 16.88
N THR C 98 -16.59 42.87 17.30
CA THR C 98 -16.45 44.30 17.05
C THR C 98 -15.22 44.84 17.76
N LEU C 99 -14.41 45.63 17.05
CA LEU C 99 -13.21 46.23 17.59
C LEU C 99 -13.37 47.74 17.65
N GLN C 100 -12.94 48.34 18.75
CA GLN C 100 -12.96 49.79 18.93
C GLN C 100 -11.53 50.27 18.70
N CYS C 101 -11.23 50.61 17.46
CA CYS C 101 -9.86 50.90 17.04
C CYS C 101 -9.59 52.40 17.02
N THR C 102 -8.39 52.76 17.45
CA THR C 102 -7.92 54.14 17.41
C THR C 102 -6.51 54.15 16.82
N ASN C 103 -6.17 55.27 16.18
CA ASN C 103 -4.89 55.36 15.49
C ASN C 103 -3.72 55.24 16.46
N VAL C 104 -2.63 54.66 15.97
CA VAL C 104 -1.36 54.67 16.68
C VAL C 104 -0.57 55.89 16.20
N THR C 105 -0.27 56.79 17.12
CA THR C 105 0.42 58.04 16.79
C THR C 105 1.56 58.32 17.75
N ASN C 106 2.16 57.26 18.31
CA ASN C 106 3.25 57.39 19.26
C ASN C 106 4.56 57.12 18.52
N ASN C 107 5.24 58.20 18.12
CA ASN C 107 6.54 58.10 17.46
C ASN C 107 6.41 57.39 16.11
N ILE C 108 5.52 57.89 15.27
CA ILE C 108 5.30 57.35 13.94
C ILE C 108 5.87 58.33 12.91
N THR C 109 6.53 57.78 11.89
CA THR C 109 6.95 58.59 10.76
C THR C 109 5.75 58.88 9.87
N ASP C 110 5.90 59.88 9.01
CA ASP C 110 4.78 60.29 8.16
C ASP C 110 4.34 59.16 7.25
N ASP C 111 5.28 58.37 6.74
CA ASP C 111 4.92 57.27 5.85
C ASP C 111 4.04 56.24 6.57
N MET C 112 4.40 55.91 7.81
CA MET C 112 3.61 54.94 8.60
C MET C 112 2.60 55.67 9.47
N ARG C 113 1.74 56.45 8.81
CA ARG C 113 0.67 57.19 9.46
C ARG C 113 -0.66 56.57 9.06
N GLY C 114 -1.37 56.01 10.04
CA GLY C 114 -2.60 55.30 9.77
C GLY C 114 -2.42 53.87 9.35
N GLU C 115 -1.17 53.40 9.21
CA GLU C 115 -0.92 52.01 8.83
C GLU C 115 -1.14 51.04 9.98
N LEU C 116 -1.10 51.53 11.22
CA LEU C 116 -1.28 50.70 12.40
C LEU C 116 -2.48 51.21 13.19
N LYS C 117 -3.29 50.28 13.70
CA LYS C 117 -4.48 50.60 14.46
C LYS C 117 -4.41 49.96 15.83
N ASN C 118 -4.80 50.72 16.85
CA ASN C 118 -4.83 50.26 18.23
C ASN C 118 -6.26 49.88 18.58
N CYS C 119 -6.53 48.58 18.64
CA CYS C 119 -7.89 48.07 18.76
C CYS C 119 -8.08 47.38 20.11
N SER C 120 -9.23 47.66 20.73
CA SER C 120 -9.63 47.03 21.98
C SER C 120 -10.96 46.32 21.78
N PHE C 121 -11.10 45.16 22.41
CA PHE C 121 -12.28 44.33 22.20
C PHE C 121 -12.49 43.42 23.39
N ASN C 122 -13.70 42.88 23.50
CA ASN C 122 -14.02 41.88 24.51
C ASN C 122 -13.75 40.50 23.93
N MET C 123 -12.95 39.71 24.64
CA MET C 123 -12.54 38.39 24.17
C MET C 123 -12.88 37.34 25.21
N THR C 124 -13.22 36.16 24.72
CA THR C 124 -13.59 35.06 25.60
C THR C 124 -12.42 34.67 26.50
N THR C 125 -12.73 34.36 27.75
CA THR C 125 -11.75 33.91 28.72
C THR C 125 -11.74 32.38 28.74
N GLU C 126 -10.78 31.82 29.48
CA GLU C 126 -10.73 30.37 29.65
C GLU C 126 -12.05 29.84 30.19
N LEU C 127 -12.75 30.65 30.98
CA LEU C 127 -14.07 30.28 31.46
C LEU C 127 -15.15 30.79 30.49
N ARG C 128 -16.12 29.93 30.21
CA ARG C 128 -17.15 30.27 29.24
C ARG C 128 -18.07 31.38 29.71
N ASP C 129 -18.05 31.74 30.99
CA ASP C 129 -18.95 32.75 31.54
C ASP C 129 -18.24 34.05 31.88
N LYS C 130 -16.98 34.22 31.49
CA LYS C 130 -16.21 35.42 31.77
C LYS C 130 -15.59 35.94 30.49
N LYS C 131 -15.51 37.26 30.39
CA LYS C 131 -14.90 37.93 29.24
C LYS C 131 -13.81 38.87 29.72
N GLN C 132 -12.83 39.10 28.86
CA GLN C 132 -11.71 39.98 29.13
C GLN C 132 -11.66 41.09 28.09
N LYS C 133 -11.47 42.32 28.56
CA LYS C 133 -11.29 43.46 27.67
C LYS C 133 -9.80 43.58 27.36
N VAL C 134 -9.40 43.11 26.18
CA VAL C 134 -8.02 43.15 25.76
C VAL C 134 -7.88 44.13 24.61
N TYR C 135 -6.64 44.37 24.20
CA TYR C 135 -6.35 45.24 23.07
C TYR C 135 -5.18 44.66 22.29
N SER C 136 -5.13 45.02 21.01
CA SER C 136 -4.08 44.54 20.13
C SER C 136 -3.85 45.57 19.04
N LEU C 137 -2.66 45.49 18.42
CA LEU C 137 -2.29 46.37 17.32
C LEU C 137 -2.50 45.63 16.01
N PHE C 138 -3.35 46.18 15.15
CA PHE C 138 -3.69 45.57 13.87
C PHE C 138 -3.30 46.52 12.74
N TYR C 139 -2.70 45.95 11.69
CA TYR C 139 -2.38 46.73 10.51
C TYR C 139 -3.66 47.12 9.79
N ARG C 140 -3.63 48.30 9.16
CA ARG C 140 -4.81 48.80 8.48
C ARG C 140 -5.32 47.81 7.43
N LEU C 141 -4.40 47.04 6.83
CA LEU C 141 -4.80 46.08 5.80
C LEU C 141 -5.63 44.93 6.36
N ASP C 142 -5.70 44.78 7.69
CA ASP C 142 -6.39 43.66 8.30
C ASP C 142 -7.75 44.02 8.89
N VAL C 143 -8.07 45.31 9.03
CA VAL C 143 -9.29 45.75 9.69
C VAL C 143 -10.14 46.52 8.69
N VAL C 144 -11.45 46.33 8.77
CA VAL C 144 -12.42 47.03 7.94
C VAL C 144 -13.39 47.77 8.85
N GLN C 145 -13.63 49.04 8.55
CA GLN C 145 -14.59 49.81 9.32
C GLN C 145 -15.99 49.24 9.17
N ILE C 146 -16.72 49.16 10.28
CA ILE C 146 -18.09 48.64 10.28
C ILE C 146 -19.01 49.80 9.92
N ASN C 147 -19.48 49.82 8.67
CA ASN C 147 -20.37 50.89 8.20
C ASN C 147 -20.78 50.62 6.76
N ASN C 158 -12.68 54.79 19.14
CA ASN C 158 -13.29 55.90 18.41
C ASN C 158 -14.30 55.39 17.40
N LYS C 159 -13.86 54.50 16.52
CA LYS C 159 -14.71 53.94 15.47
C LYS C 159 -14.65 52.42 15.53
N GLU C 160 -15.72 51.80 15.04
CA GLU C 160 -15.87 50.35 15.10
C GLU C 160 -15.28 49.71 13.85
N TYR C 161 -14.48 48.67 14.06
CA TYR C 161 -13.82 47.95 12.97
C TYR C 161 -14.12 46.46 13.11
N ARG C 162 -13.64 45.69 12.13
CA ARG C 162 -13.71 44.24 12.18
C ARG C 162 -12.60 43.68 11.31
N LEU C 163 -12.20 42.45 11.61
CA LEU C 163 -11.16 41.81 10.82
C LEU C 163 -11.64 41.59 9.40
N ILE C 164 -10.70 41.64 8.46
CA ILE C 164 -11.04 41.58 7.04
C ILE C 164 -11.75 40.26 6.72
N ASN C 165 -11.34 39.17 7.36
CA ASN C 165 -11.82 37.84 7.03
C ASN C 165 -13.18 37.51 7.61
N CYS C 166 -13.75 38.38 8.46
CA CYS C 166 -14.91 37.98 9.24
C CYS C 166 -16.15 37.72 8.40
N ASN C 167 -16.19 38.17 7.15
CA ASN C 167 -17.31 37.89 6.27
C ASN C 167 -16.98 36.84 5.23
N THR C 168 -15.83 36.18 5.34
CA THR C 168 -15.42 35.14 4.41
C THR C 168 -15.10 33.82 5.08
N SER C 169 -14.44 33.86 6.25
CA SER C 169 -14.08 32.64 6.97
C SER C 169 -13.41 33.06 8.28
N ALA C 170 -13.14 32.05 9.12
CA ALA C 170 -12.45 32.25 10.38
C ALA C 170 -10.98 31.86 10.21
N CYS C 171 -10.09 32.80 10.46
CA CYS C 171 -8.67 32.55 10.26
C CYS C 171 -8.15 31.54 11.27
N THR C 172 -7.21 30.71 10.82
CA THR C 172 -6.53 29.74 11.68
C THR C 172 -5.15 30.27 12.01
N GLN C 173 -4.91 30.56 13.28
CA GLN C 173 -3.61 31.08 13.69
C GLN C 173 -2.52 30.06 13.39
N ALA C 174 -1.41 30.55 12.84
CA ALA C 174 -0.28 29.68 12.58
C ALA C 174 0.41 29.31 13.89
N CYS C 175 0.72 28.03 14.06
CA CYS C 175 1.36 27.59 15.29
C CYS C 175 2.71 28.29 15.45
N PRO C 176 2.96 28.95 16.58
CA PRO C 176 4.22 29.69 16.71
C PRO C 176 5.46 28.81 16.64
N LYS C 177 5.36 27.53 16.99
CA LYS C 177 6.51 26.63 17.00
C LYS C 177 6.72 25.93 15.67
N VAL C 178 5.92 26.23 14.66
CA VAL C 178 6.09 25.67 13.33
C VAL C 178 6.73 26.73 12.45
N SER C 179 7.88 26.41 11.88
CA SER C 179 8.68 27.37 11.13
C SER C 179 8.28 27.37 9.66
N PHE C 180 8.13 28.56 9.09
CA PHE C 180 7.82 28.73 7.68
C PHE C 180 9.05 28.69 6.78
N GLU C 181 10.24 28.60 7.36
CA GLU C 181 11.46 28.67 6.56
C GLU C 181 11.47 27.54 5.53
N PRO C 182 11.62 27.84 4.24
CA PRO C 182 11.66 26.77 3.24
C PRO C 182 12.89 25.90 3.42
N ILE C 183 12.69 24.59 3.30
CA ILE C 183 13.76 23.61 3.42
C ILE C 183 13.85 22.86 2.11
N PRO C 184 15.04 22.58 1.58
CA PRO C 184 15.13 21.90 0.28
C PRO C 184 14.40 20.56 0.32
N ILE C 185 13.66 20.29 -0.76
CA ILE C 185 12.90 19.06 -0.90
C ILE C 185 13.36 18.38 -2.19
N HIS C 186 13.79 17.13 -2.08
CA HIS C 186 14.20 16.34 -3.23
C HIS C 186 13.05 15.42 -3.62
N TYR C 187 12.55 15.60 -4.84
CA TYR C 187 11.43 14.81 -5.34
C TYR C 187 11.97 13.54 -5.99
N CYS C 188 11.83 12.42 -5.30
CA CYS C 188 12.34 11.13 -5.77
C CYS C 188 11.24 10.38 -6.51
N ALA C 189 11.66 9.48 -7.39
CA ALA C 189 10.74 8.69 -8.18
C ALA C 189 10.74 7.24 -7.72
N PRO C 190 9.62 6.54 -7.85
CA PRO C 190 9.58 5.13 -7.43
C PRO C 190 10.48 4.26 -8.29
N ALA C 191 10.82 3.10 -7.73
CA ALA C 191 11.57 2.11 -8.51
C ALA C 191 10.76 1.72 -9.74
N GLY C 192 11.46 1.54 -10.86
CA GLY C 192 10.82 1.35 -12.14
C GLY C 192 10.49 2.63 -12.87
N PHE C 193 10.68 3.78 -12.22
CA PHE C 193 10.58 5.08 -12.86
C PHE C 193 11.92 5.79 -12.72
N ALA C 194 12.15 6.77 -13.60
CA ALA C 194 13.39 7.52 -13.58
C ALA C 194 13.08 8.98 -13.85
N ILE C 195 13.99 9.85 -13.39
CA ILE C 195 13.92 11.28 -13.63
C ILE C 195 15.09 11.64 -14.53
N LEU C 196 14.78 12.21 -15.70
CA LEU C 196 15.80 12.62 -16.65
C LEU C 196 16.10 14.10 -16.45
N LYS C 197 17.37 14.42 -16.26
CA LYS C 197 17.81 15.79 -16.04
C LYS C 197 18.45 16.33 -17.31
N CYS C 198 17.99 17.49 -17.76
CA CYS C 198 18.54 18.14 -18.94
C CYS C 198 19.77 18.94 -18.52
N LYS C 199 20.95 18.43 -18.82
CA LYS C 199 22.19 19.09 -18.45
C LYS C 199 22.58 20.19 -19.42
N ASP C 200 21.83 20.39 -20.49
CA ASP C 200 22.14 21.48 -21.42
C ASP C 200 22.07 22.81 -20.70
N LYS C 201 23.11 23.63 -20.89
CA LYS C 201 23.24 24.89 -20.19
C LYS C 201 22.53 26.04 -20.90
N LYS C 202 22.07 25.84 -22.12
CA LYS C 202 21.34 26.85 -22.88
C LYS C 202 19.92 26.39 -23.18
N PHE C 203 19.40 25.46 -22.39
CA PHE C 203 18.05 24.96 -22.60
C PHE C 203 17.03 26.04 -22.29
N ASN C 204 16.01 26.15 -23.13
CA ASN C 204 14.98 27.17 -22.99
C ASN C 204 13.64 26.57 -22.58
N GLY C 205 13.67 25.44 -21.87
CA GLY C 205 12.49 24.83 -21.31
C GLY C 205 11.73 23.92 -22.25
N THR C 206 11.80 24.16 -23.55
CA THR C 206 11.07 23.38 -24.53
C THR C 206 12.01 22.92 -25.63
N GLY C 207 11.70 21.76 -26.21
CA GLY C 207 12.48 21.21 -27.29
C GLY C 207 13.43 20.12 -26.83
N PRO C 208 14.13 19.50 -27.77
CA PRO C 208 15.04 18.42 -27.41
C PRO C 208 16.22 18.91 -26.58
N CYS C 209 16.67 18.07 -25.66
CA CYS C 209 17.86 18.35 -24.86
C CYS C 209 18.96 17.38 -25.26
N PRO C 210 20.02 17.84 -25.92
CA PRO C 210 21.05 16.89 -26.39
C PRO C 210 21.91 16.30 -25.30
N SER C 211 21.94 16.89 -24.10
CA SER C 211 22.72 16.38 -22.98
C SER C 211 21.75 15.99 -21.88
N VAL C 212 21.60 14.69 -21.64
CA VAL C 212 20.63 14.15 -20.71
C VAL C 212 21.32 13.18 -19.76
N SER C 213 20.92 13.22 -18.50
CA SER C 213 21.36 12.25 -17.51
C SER C 213 20.16 11.86 -16.65
N THR C 214 20.21 10.65 -16.10
CA THR C 214 19.11 10.11 -15.32
C THR C 214 19.48 10.15 -13.84
N VAL C 215 18.54 10.62 -13.01
CA VAL C 215 18.72 10.68 -11.58
C VAL C 215 17.48 10.10 -10.91
N GLN C 216 17.64 9.66 -9.67
CA GLN C 216 16.52 9.12 -8.91
C GLN C 216 15.81 10.19 -8.10
N CYS C 217 16.50 11.26 -7.73
CA CYS C 217 15.91 12.36 -6.99
C CYS C 217 16.40 13.67 -7.57
N THR C 218 15.54 14.68 -7.53
CA THR C 218 15.93 16.00 -7.98
C THR C 218 16.82 16.68 -6.94
N HIS C 219 17.47 17.76 -7.34
CA HIS C 219 18.26 18.53 -6.40
C HIS C 219 17.34 19.22 -5.39
N GLY C 220 17.92 19.66 -4.29
CA GLY C 220 17.15 20.31 -3.25
C GLY C 220 16.42 21.53 -3.76
N ILE C 221 15.09 21.45 -3.82
CA ILE C 221 14.26 22.55 -4.32
C ILE C 221 13.57 23.17 -3.12
N LYS C 222 13.90 24.43 -2.85
CA LYS C 222 13.29 25.14 -1.73
C LYS C 222 11.90 25.64 -2.13
N PRO C 223 10.85 25.30 -1.38
CA PRO C 223 9.51 25.80 -1.73
C PRO C 223 9.30 27.25 -1.34
N VAL C 224 10.10 28.13 -1.95
CA VAL C 224 9.98 29.56 -1.68
C VAL C 224 8.76 30.11 -2.39
N VAL C 225 7.96 30.89 -1.67
CA VAL C 225 6.71 31.45 -2.19
C VAL C 225 6.92 32.95 -2.38
N SER C 226 6.87 33.40 -3.63
CA SER C 226 6.98 34.81 -3.97
C SER C 226 6.21 35.06 -5.26
N THR C 227 5.89 36.33 -5.49
CA THR C 227 5.00 36.70 -6.59
C THR C 227 5.74 37.26 -7.79
N GLN C 228 6.51 38.33 -7.61
CA GLN C 228 7.15 39.01 -8.73
C GLN C 228 8.62 38.66 -8.90
N LEU C 229 9.34 38.43 -7.81
CA LEU C 229 10.75 38.11 -7.84
C LEU C 229 10.96 36.69 -7.32
N LEU C 230 11.74 35.90 -8.04
CA LEU C 230 12.08 34.55 -7.62
C LEU C 230 13.29 34.62 -6.69
N LEU C 231 13.09 34.21 -5.44
CA LEU C 231 14.11 34.35 -4.41
C LEU C 231 14.71 33.00 -4.05
N ASN C 232 16.00 33.01 -3.74
CA ASN C 232 16.70 31.85 -3.22
C ASN C 232 16.61 30.65 -4.17
N GLY C 233 16.50 30.92 -5.47
CA GLY C 233 16.41 29.86 -6.45
C GLY C 233 17.77 29.52 -7.05
N SER C 234 17.74 28.63 -8.04
CA SER C 234 18.95 28.23 -8.74
C SER C 234 19.23 29.20 -9.88
N LEU C 235 20.50 29.49 -10.10
CA LEU C 235 20.94 30.48 -11.07
C LEU C 235 21.35 29.81 -12.38
N ALA C 236 21.18 30.54 -13.48
CA ALA C 236 21.65 30.06 -14.76
C ALA C 236 23.17 29.95 -14.78
N GLU C 237 23.68 29.01 -15.57
CA GLU C 237 25.10 28.72 -15.55
C GLU C 237 25.90 29.69 -16.42
N GLU C 238 25.36 30.09 -17.57
CA GLU C 238 26.10 30.91 -18.52
C GLU C 238 25.50 32.30 -18.69
N GLU C 239 24.23 32.40 -19.04
CA GLU C 239 23.62 33.68 -19.36
C GLU C 239 22.21 33.73 -18.78
N VAL C 240 21.68 34.94 -18.70
CA VAL C 240 20.29 35.11 -18.29
C VAL C 240 19.40 34.40 -19.30
N MET C 241 18.55 33.52 -18.80
CA MET C 241 17.70 32.68 -19.64
C MET C 241 16.27 33.17 -19.58
N ILE C 242 15.72 33.56 -20.72
CA ILE C 242 14.32 33.96 -20.84
C ILE C 242 13.55 32.76 -21.35
N ARG C 243 12.57 32.31 -20.58
CA ARG C 243 11.78 31.13 -20.92
C ARG C 243 10.31 31.50 -20.89
N SER C 244 9.60 31.17 -21.96
CA SER C 244 8.17 31.42 -22.05
C SER C 244 7.54 30.33 -22.90
N GLU C 245 6.32 29.94 -22.55
CA GLU C 245 5.63 28.92 -23.34
C GLU C 245 5.46 29.37 -24.78
N ASN C 246 5.18 30.65 -24.99
CA ASN C 246 5.05 31.19 -26.34
C ASN C 246 5.42 32.67 -26.26
N ILE C 247 6.66 32.98 -26.66
CA ILE C 247 7.17 34.34 -26.50
C ILE C 247 6.33 35.33 -27.29
N THR C 248 5.85 34.93 -28.48
CA THR C 248 5.03 35.84 -29.28
C THR C 248 3.75 36.21 -28.54
N ASN C 249 3.10 35.23 -27.91
CA ASN C 249 1.89 35.51 -27.15
C ASN C 249 2.20 36.42 -25.97
N ASN C 250 1.40 37.46 -25.81
CA ASN C 250 1.56 38.41 -24.71
C ASN C 250 0.75 38.02 -23.48
N ALA C 251 -0.07 36.98 -23.56
CA ALA C 251 -0.86 36.52 -22.43
C ALA C 251 -0.15 35.44 -21.63
N LYS C 252 1.05 35.04 -22.02
CA LYS C 252 1.81 34.01 -21.34
C LYS C 252 2.99 34.64 -20.62
N ASN C 253 3.16 34.30 -19.35
CA ASN C 253 4.20 34.92 -18.55
C ASN C 253 5.59 34.53 -19.05
N ILE C 254 6.54 35.42 -18.84
CA ILE C 254 7.94 35.21 -19.19
C ILE C 254 8.72 34.96 -17.92
N LEU C 255 9.48 33.87 -17.89
CA LEU C 255 10.29 33.51 -16.74
C LEU C 255 11.74 33.84 -17.03
N VAL C 256 12.33 34.69 -16.19
CA VAL C 256 13.71 35.13 -16.34
C VAL C 256 14.53 34.50 -15.23
N GLN C 257 15.68 33.93 -15.59
CA GLN C 257 16.59 33.30 -14.64
C GLN C 257 17.93 34.02 -14.72
N PHE C 258 18.36 34.58 -13.59
CA PHE C 258 19.62 35.32 -13.55
C PHE C 258 20.80 34.36 -13.47
N ASN C 259 21.90 34.75 -14.11
CA ASN C 259 23.15 34.02 -13.96
C ASN C 259 23.89 34.40 -12.70
N THR C 260 23.67 35.61 -12.18
CA THR C 260 24.25 36.06 -10.94
C THR C 260 23.16 36.61 -10.04
N PRO C 261 23.20 36.32 -8.74
CA PRO C 261 22.11 36.77 -7.85
C PRO C 261 22.18 38.26 -7.59
N VAL C 262 21.02 38.83 -7.27
CA VAL C 262 20.91 40.21 -6.82
C VAL C 262 20.48 40.16 -5.36
N GLN C 263 21.38 40.58 -4.48
CA GLN C 263 21.07 40.54 -3.05
C GLN C 263 20.02 41.58 -2.70
N ILE C 264 19.03 41.17 -1.92
CA ILE C 264 17.96 42.05 -1.46
C ILE C 264 17.88 41.94 0.05
N ASN C 265 18.01 43.07 0.74
CA ASN C 265 17.91 43.14 2.19
C ASN C 265 16.52 43.62 2.57
N CYS C 266 15.78 42.80 3.31
CA CYS C 266 14.44 43.14 3.76
C CYS C 266 14.39 43.12 5.27
N THR C 267 13.74 44.12 5.85
CA THR C 267 13.69 44.25 7.30
C THR C 267 12.38 44.90 7.72
N ARG C 268 11.95 44.60 8.93
CA ARG C 268 10.82 45.27 9.58
C ARG C 268 11.35 45.96 10.82
N PRO C 269 11.70 47.25 10.74
CA PRO C 269 12.46 47.87 11.84
C PRO C 269 11.74 47.88 13.17
N ASN C 270 10.40 47.84 13.18
CA ASN C 270 9.66 47.95 14.42
C ASN C 270 10.07 46.87 15.40
N ASN C 271 10.29 47.26 16.66
CA ASN C 271 10.61 46.31 17.72
C ASN C 271 9.31 45.82 18.33
N ASN C 272 8.71 44.83 17.69
CA ASN C 272 7.39 44.36 18.07
C ASN C 272 7.43 43.64 19.41
N THR C 273 6.27 43.60 20.07
CA THR C 273 6.09 42.88 21.31
C THR C 273 4.91 41.94 21.16
N ARG C 274 5.07 40.70 21.58
CA ARG C 274 4.04 39.68 21.44
C ARG C 274 3.29 39.51 22.75
N LYS C 275 1.97 39.57 22.69
CA LYS C 275 1.10 39.37 23.83
C LYS C 275 0.34 38.07 23.66
N SER C 276 0.37 37.22 24.69
CA SER C 276 -0.34 35.95 24.68
C SER C 276 -1.68 36.15 25.40
N ILE C 277 -2.75 36.21 24.63
CA ILE C 277 -4.10 36.35 25.16
C ILE C 277 -4.75 34.97 25.15
N ARG C 278 -5.13 34.49 26.32
CA ARG C 278 -5.71 33.15 26.46
C ARG C 278 -7.20 33.25 26.15
N ILE C 279 -7.60 32.80 24.95
CA ILE C 279 -8.97 32.93 24.50
C ILE C 279 -9.81 31.71 24.82
N GLY C 280 -9.24 30.69 25.44
CA GLY C 280 -9.96 29.48 25.78
C GLY C 280 -9.07 28.48 26.47
N PRO C 281 -9.63 27.33 26.84
CA PRO C 281 -8.82 26.30 27.51
C PRO C 281 -7.76 25.74 26.59
N GLY C 282 -6.50 26.04 26.88
CA GLY C 282 -5.41 25.57 26.05
C GLY C 282 -5.25 26.30 24.74
N GLN C 283 -5.98 27.39 24.53
CA GLN C 283 -5.91 28.17 23.30
C GLN C 283 -5.44 29.58 23.63
N ALA C 284 -4.42 30.04 22.90
CA ALA C 284 -3.85 31.36 23.11
C ALA C 284 -3.83 32.12 21.81
N PHE C 285 -4.20 33.39 21.87
CA PHE C 285 -4.15 34.29 20.72
C PHE C 285 -2.97 35.23 20.90
N TYR C 286 -2.03 35.17 19.97
CA TYR C 286 -0.79 35.94 20.08
C TYR C 286 -1.01 37.30 19.43
N ALA C 287 -1.27 38.30 20.25
CA ALA C 287 -1.55 39.65 19.80
C ALA C 287 -0.31 40.52 19.90
N THR C 288 -0.21 41.49 18.98
CA THR C 288 0.85 42.48 19.08
C THR C 288 0.62 43.36 20.30
N GLY C 289 1.70 43.68 21.01
CA GLY C 289 1.60 44.50 22.20
C GLY C 289 1.86 45.95 21.88
N ASP C 290 3.02 46.45 22.28
CA ASP C 290 3.44 47.81 21.97
C ASP C 290 4.84 47.78 21.40
N ILE C 291 5.07 48.59 20.37
CA ILE C 291 6.38 48.67 19.74
C ILE C 291 7.29 49.51 20.63
N ILE C 292 8.43 48.95 21.01
CA ILE C 292 9.39 49.61 21.89
C ILE C 292 10.29 50.47 21.00
N GLY C 293 9.93 51.75 20.86
CA GLY C 293 10.70 52.70 20.09
C GLY C 293 9.83 53.36 19.05
N ASP C 294 10.49 54.02 18.09
CA ASP C 294 9.77 54.68 17.02
C ASP C 294 9.21 53.64 16.04
N ILE C 295 8.18 54.04 15.31
CA ILE C 295 7.50 53.19 14.34
C ILE C 295 7.90 53.66 12.96
N ARG C 296 8.48 52.77 12.16
CA ARG C 296 8.97 53.10 10.84
C ARG C 296 8.58 52.00 9.86
N GLN C 297 8.46 52.37 8.59
CA GLN C 297 8.00 51.45 7.57
C GLN C 297 8.99 50.31 7.38
N ALA C 298 8.46 49.17 6.94
CA ALA C 298 9.28 48.07 6.47
C ALA C 298 9.67 48.31 5.02
N HIS C 299 10.84 47.82 4.65
CA HIS C 299 11.39 48.14 3.35
C HIS C 299 12.39 47.07 2.94
N CYS C 300 12.73 47.07 1.65
CA CYS C 300 13.74 46.19 1.10
C CYS C 300 14.73 47.01 0.28
N ASN C 301 16.00 46.62 0.32
CA ASN C 301 17.07 47.31 -0.38
C ASN C 301 17.70 46.39 -1.41
N VAL C 302 17.88 46.89 -2.62
CA VAL C 302 18.66 46.21 -3.66
C VAL C 302 19.63 47.23 -4.24
N SER C 303 20.89 46.84 -4.40
CA SER C 303 21.90 47.75 -4.90
C SER C 303 21.50 48.28 -6.27
N LYS C 304 21.62 49.59 -6.46
CA LYS C 304 21.27 50.19 -7.74
C LYS C 304 22.16 49.67 -8.86
N ALA C 305 23.46 49.58 -8.61
CA ALA C 305 24.39 49.15 -9.64
C ALA C 305 24.14 47.70 -10.06
N THR C 306 24.00 46.81 -9.08
CA THR C 306 23.77 45.40 -9.40
C THR C 306 22.44 45.23 -10.12
N TRP C 307 21.40 45.93 -9.66
CA TRP C 307 20.11 45.82 -10.32
C TRP C 307 20.18 46.32 -11.75
N ASN C 308 20.90 47.43 -11.98
CA ASN C 308 21.00 47.94 -13.33
C ASN C 308 21.78 46.99 -14.23
N GLU C 309 22.84 46.39 -13.71
CA GLU C 309 23.59 45.41 -14.50
C GLU C 309 22.71 44.24 -14.88
N THR C 310 21.97 43.69 -13.91
CA THR C 310 21.12 42.54 -14.21
C THR C 310 20.01 42.92 -15.19
N LEU C 311 19.45 44.11 -15.04
CA LEU C 311 18.40 44.56 -15.97
C LEU C 311 18.98 44.73 -17.38
N GLY C 312 20.21 45.23 -17.48
CA GLY C 312 20.84 45.33 -18.78
C GLY C 312 21.05 43.98 -19.43
N LYS C 313 21.49 43.00 -18.64
CA LYS C 313 21.62 41.64 -19.17
C LYS C 313 20.27 41.11 -19.62
N VAL C 314 19.23 41.34 -18.83
CA VAL C 314 17.89 40.86 -19.18
C VAL C 314 17.45 41.50 -20.49
N VAL C 315 17.69 42.80 -20.66
CA VAL C 315 17.31 43.48 -21.89
C VAL C 315 18.07 42.91 -23.07
N LYS C 316 19.38 42.69 -22.90
CA LYS C 316 20.17 42.13 -23.98
C LYS C 316 19.64 40.78 -24.42
N GLN C 317 19.27 39.93 -23.45
CA GLN C 317 18.73 38.62 -23.80
C GLN C 317 17.31 38.71 -24.35
N LEU C 318 16.57 39.75 -23.96
CA LEU C 318 15.21 39.91 -24.46
C LEU C 318 15.20 40.39 -25.90
N ARG C 319 16.17 41.20 -26.29
CA ARG C 319 16.22 41.70 -27.65
C ARG C 319 16.37 40.57 -28.67
N LYS C 320 16.83 39.39 -28.24
CA LYS C 320 16.92 38.27 -29.16
C LYS C 320 15.56 37.90 -29.72
N HIS C 321 14.54 37.87 -28.86
CA HIS C 321 13.20 37.47 -29.27
C HIS C 321 12.32 38.64 -29.69
N PHE C 322 12.76 39.88 -29.46
CA PHE C 322 11.96 41.07 -29.71
C PHE C 322 12.75 42.10 -30.50
N GLY C 323 13.42 41.65 -31.55
CA GLY C 323 14.13 42.56 -32.42
C GLY C 323 15.41 43.09 -31.81
N ASN C 324 16.37 43.45 -32.66
CA ASN C 324 17.66 43.94 -32.20
C ASN C 324 17.66 45.42 -31.85
N ASN C 325 16.62 46.16 -32.24
CA ASN C 325 16.57 47.60 -32.01
C ASN C 325 15.30 48.05 -31.30
N THR C 326 14.38 47.15 -31.00
CA THR C 326 13.17 47.54 -30.27
C THR C 326 13.54 48.09 -28.90
N ILE C 327 12.82 49.12 -28.48
CA ILE C 327 13.07 49.76 -27.20
C ILE C 327 12.42 48.92 -26.10
N ILE C 328 13.21 48.51 -25.13
CA ILE C 328 12.74 47.69 -24.01
C ILE C 328 12.61 48.58 -22.79
N ARG C 329 11.39 48.72 -22.28
CA ARG C 329 11.13 49.52 -21.10
C ARG C 329 10.38 48.69 -20.06
N PHE C 330 10.73 48.88 -18.80
CA PHE C 330 10.12 48.16 -17.69
C PHE C 330 9.18 49.09 -16.93
N ALA C 331 7.94 48.66 -16.75
CA ALA C 331 6.94 49.39 -15.99
C ALA C 331 6.46 48.52 -14.83
N ASN C 332 5.88 49.17 -13.83
CA ASN C 332 5.41 48.45 -12.66
C ASN C 332 4.10 47.72 -12.97
N SER C 333 3.61 46.97 -12.00
CA SER C 333 2.45 46.13 -12.23
C SER C 333 1.24 46.98 -12.60
N SER C 334 0.40 46.43 -13.49
CA SER C 334 -0.76 47.17 -13.97
C SER C 334 -1.72 47.48 -12.82
N GLY C 335 -2.26 46.45 -12.19
CA GLY C 335 -3.19 46.65 -11.11
C GLY C 335 -3.73 45.33 -10.62
N GLY C 336 -4.60 45.42 -9.61
CA GLY C 336 -5.22 44.27 -8.99
C GLY C 336 -5.08 44.34 -7.49
N ASP C 337 -5.21 43.18 -6.85
CA ASP C 337 -5.08 43.10 -5.41
C ASP C 337 -3.61 43.18 -4.99
N LEU C 338 -3.40 43.35 -3.69
CA LEU C 338 -2.05 43.51 -3.18
C LEU C 338 -1.19 42.27 -3.40
N GLU C 339 -1.81 41.11 -3.60
CA GLU C 339 -1.05 39.87 -3.76
C GLU C 339 -0.45 39.72 -5.15
N VAL C 340 -0.88 40.51 -6.13
CA VAL C 340 -0.35 40.42 -7.48
C VAL C 340 0.37 41.69 -7.94
N THR C 341 0.07 42.84 -7.33
CA THR C 341 0.72 44.09 -7.70
C THR C 341 1.96 44.38 -6.88
N THR C 342 2.31 43.50 -5.94
CA THR C 342 3.45 43.72 -5.06
C THR C 342 4.26 42.44 -4.96
N HIS C 343 5.53 42.60 -4.61
CA HIS C 343 6.43 41.46 -4.43
C HIS C 343 6.18 40.89 -3.03
N SER C 344 5.35 39.86 -2.97
CA SER C 344 5.01 39.24 -1.71
C SER C 344 6.01 38.15 -1.35
N PHE C 345 6.34 38.04 -0.07
CA PHE C 345 7.19 36.98 0.43
C PHE C 345 6.98 36.87 1.94
N ASN C 346 7.71 35.95 2.56
CA ASN C 346 7.60 35.69 3.99
C ASN C 346 9.00 35.75 4.59
N CYS C 347 9.29 36.84 5.30
CA CYS C 347 10.62 37.06 5.88
C CYS C 347 10.66 36.49 7.29
N GLY C 348 10.79 35.17 7.36
CA GLY C 348 10.92 34.50 8.64
C GLY C 348 9.74 34.67 9.56
N GLY C 349 8.53 34.50 9.02
CA GLY C 349 7.33 34.57 9.83
C GLY C 349 6.41 35.71 9.45
N GLU C 350 6.99 36.87 9.16
CA GLU C 350 6.22 38.04 8.77
C GLU C 350 6.05 38.06 7.26
N PHE C 351 4.84 38.37 6.80
CA PHE C 351 4.51 38.34 5.38
C PHE C 351 4.59 39.76 4.83
N PHE C 352 5.54 40.00 3.94
CA PHE C 352 5.77 41.31 3.36
C PHE C 352 5.01 41.46 2.04
N TYR C 353 4.76 42.70 1.67
CA TYR C 353 4.15 43.04 0.37
C TYR C 353 4.84 44.32 -0.11
N CYS C 354 5.91 44.13 -0.88
CA CYS C 354 6.77 45.25 -1.27
C CYS C 354 6.35 45.84 -2.59
N ASN C 355 6.45 47.17 -2.68
CA ASN C 355 6.05 47.93 -3.85
C ASN C 355 7.24 48.02 -4.79
N THR C 356 7.33 47.07 -5.72
CA THR C 356 8.45 47.02 -6.66
C THR C 356 8.23 47.97 -7.83
N SER C 357 7.97 49.25 -7.54
CA SER C 357 7.82 50.24 -8.58
C SER C 357 9.13 50.92 -8.93
N GLY C 358 10.10 50.91 -8.02
CA GLY C 358 11.40 51.48 -8.32
C GLY C 358 12.29 50.51 -9.06
N LEU C 359 12.02 49.21 -8.91
CA LEU C 359 12.82 48.21 -9.61
C LEU C 359 12.52 48.23 -11.11
N PHE C 360 11.24 48.22 -11.47
CA PHE C 360 10.81 48.19 -12.87
C PHE C 360 10.34 49.57 -13.27
N ASN C 361 11.31 50.44 -13.61
CA ASN C 361 10.99 51.78 -14.09
C ASN C 361 12.20 52.26 -14.87
N SER C 362 12.17 52.10 -16.19
CA SER C 362 13.30 52.47 -17.03
C SER C 362 12.94 52.22 -18.48
N THR C 363 13.73 52.82 -19.38
CA THR C 363 13.62 52.60 -20.81
C THR C 363 15.02 52.39 -21.37
N TRP C 364 15.18 51.36 -22.19
CA TRP C 364 16.48 50.99 -22.74
C TRP C 364 16.48 51.20 -24.24
N ILE C 365 17.45 51.97 -24.72
CA ILE C 365 17.56 52.31 -26.14
C ILE C 365 18.48 51.31 -26.82
N SER C 366 18.30 51.15 -28.13
CA SER C 366 19.03 50.12 -28.87
C SER C 366 20.54 50.31 -28.78
N ASN C 367 21.01 51.52 -28.55
CA ASN C 367 22.46 51.78 -28.47
C ASN C 367 23.11 50.90 -27.41
N ASN C 379 27.09 51.81 -4.86
CA ASN C 379 27.10 53.16 -4.30
C ASN C 379 25.81 53.42 -3.53
N ASP C 380 24.70 53.54 -4.25
CA ASP C 380 23.40 53.81 -3.67
C ASP C 380 22.59 52.53 -3.59
N SER C 381 21.35 52.66 -3.12
CA SER C 381 20.44 51.53 -2.98
C SER C 381 19.04 51.96 -3.39
N ILE C 382 18.23 50.98 -3.79
CA ILE C 382 16.83 51.21 -4.12
C ILE C 382 16.00 50.67 -2.97
N THR C 383 15.28 51.56 -2.29
CA THR C 383 14.48 51.20 -1.13
C THR C 383 13.04 50.96 -1.57
N LEU C 384 12.54 49.76 -1.33
CA LEU C 384 11.19 49.39 -1.73
C LEU C 384 10.27 49.46 -0.52
N PRO C 385 9.29 50.36 -0.48
CA PRO C 385 8.42 50.46 0.70
C PRO C 385 7.47 49.27 0.76
N CYS C 386 7.58 48.49 1.83
CA CYS C 386 6.80 47.27 1.99
C CYS C 386 5.74 47.44 3.07
N ARG C 387 4.66 46.68 2.91
CA ARG C 387 3.57 46.64 3.86
C ARG C 387 3.44 45.22 4.40
N ILE C 388 3.11 45.10 5.69
CA ILE C 388 2.99 43.82 6.34
C ILE C 388 1.50 43.53 6.57
N LYS C 389 1.14 42.26 6.48
CA LYS C 389 -0.21 41.80 6.75
C LYS C 389 -0.12 40.58 7.67
N GLN C 390 -1.19 40.37 8.43
CA GLN C 390 -1.27 39.23 9.33
C GLN C 390 -2.33 38.21 8.93
N ILE C 391 -3.37 38.62 8.22
CA ILE C 391 -4.37 37.71 7.69
C ILE C 391 -3.98 37.39 6.25
N ILE C 392 -3.57 36.14 6.02
CA ILE C 392 -2.97 35.74 4.75
C ILE C 392 -3.90 34.75 4.06
N ASN C 393 -4.19 35.01 2.79
CA ASN C 393 -4.95 34.10 1.94
C ASN C 393 -3.96 33.47 0.96
N MET C 394 -3.31 32.40 1.39
CA MET C 394 -2.33 31.73 0.56
C MET C 394 -3.00 30.97 -0.57
N TRP C 395 -2.23 30.73 -1.63
CA TRP C 395 -2.65 29.91 -2.76
C TRP C 395 -3.86 30.50 -3.46
N GLN C 396 -4.10 31.80 -3.32
CA GLN C 396 -5.21 32.49 -3.96
C GLN C 396 -6.56 31.88 -3.59
N ARG C 397 -6.61 31.08 -2.53
CA ARG C 397 -7.85 30.44 -2.12
C ARG C 397 -8.73 31.43 -1.37
N ILE C 398 -10.04 31.16 -1.40
CA ILE C 398 -11.02 31.95 -0.67
C ILE C 398 -11.67 31.08 0.39
N GLY C 399 -12.04 31.71 1.51
CA GLY C 399 -12.64 31.02 2.62
C GLY C 399 -11.66 30.28 3.51
N GLN C 400 -10.36 30.36 3.23
CA GLN C 400 -9.33 29.70 4.02
C GLN C 400 -8.20 30.71 4.23
N CYS C 401 -8.29 31.48 5.30
CA CYS C 401 -7.27 32.46 5.66
C CYS C 401 -6.49 31.98 6.88
N MET C 402 -5.27 32.49 7.00
CA MET C 402 -4.38 32.14 8.10
C MET C 402 -3.91 33.43 8.76
N TYR C 403 -3.85 33.41 10.10
CA TYR C 403 -3.38 34.55 10.86
C TYR C 403 -1.94 34.30 11.28
N ALA C 404 -1.04 35.16 10.81
CA ALA C 404 0.37 35.01 11.15
C ALA C 404 0.65 35.70 12.48
N PRO C 405 1.07 34.97 13.52
CA PRO C 405 1.33 35.62 14.79
C PRO C 405 2.45 36.63 14.66
N PRO C 406 2.42 37.71 15.46
CA PRO C 406 3.51 38.67 15.41
C PRO C 406 4.83 38.03 15.83
N ILE C 407 5.91 38.55 15.28
CA ILE C 407 7.26 38.09 15.59
C ILE C 407 7.90 39.13 16.50
N GLN C 408 8.33 38.69 17.68
CA GLN C 408 8.93 39.61 18.64
C GLN C 408 10.29 40.09 18.14
N GLY C 409 10.61 41.34 18.45
CA GLY C 409 11.88 41.91 18.07
C GLY C 409 11.89 42.37 16.63
N VAL C 410 13.08 42.79 16.20
CA VAL C 410 13.27 43.26 14.83
C VAL C 410 13.44 42.06 13.91
N ILE C 411 13.08 42.25 12.65
CA ILE C 411 13.14 41.21 11.63
C ILE C 411 14.03 41.69 10.50
N ARG C 412 14.90 40.80 10.02
CA ARG C 412 15.82 41.15 8.95
C ARG C 412 16.25 39.87 8.24
N CYS C 413 16.02 39.79 6.94
CA CYS C 413 16.43 38.65 6.13
C CYS C 413 17.10 39.14 4.87
N VAL C 414 18.05 38.34 4.38
CA VAL C 414 18.79 38.63 3.16
C VAL C 414 18.59 37.47 2.19
N SER C 415 18.15 37.79 0.98
CA SER C 415 17.85 36.79 -0.04
C SER C 415 18.45 37.22 -1.37
N ASN C 416 18.41 36.31 -2.33
CA ASN C 416 18.92 36.55 -3.67
C ASN C 416 17.76 36.55 -4.66
N ILE C 417 17.67 37.60 -5.47
CA ILE C 417 16.67 37.66 -6.54
C ILE C 417 17.20 36.81 -7.68
N THR C 418 16.77 35.55 -7.71
CA THR C 418 17.27 34.62 -8.73
C THR C 418 16.65 34.85 -10.09
N GLY C 419 15.40 35.32 -10.14
CA GLY C 419 14.73 35.49 -11.40
C GLY C 419 13.55 36.43 -11.28
N LEU C 420 12.80 36.55 -12.38
CA LEU C 420 11.64 37.41 -12.45
C LEU C 420 10.53 36.69 -13.19
N ILE C 421 9.31 37.17 -12.99
CA ILE C 421 8.14 36.71 -13.74
C ILE C 421 7.55 37.93 -14.41
N LEU C 422 7.95 38.17 -15.66
CA LEU C 422 7.53 39.36 -16.38
C LEU C 422 6.30 39.07 -17.23
N THR C 423 5.63 40.16 -17.63
CA THR C 423 4.51 40.08 -18.56
C THR C 423 4.65 41.20 -19.58
N ARG C 424 4.20 40.93 -20.80
CA ARG C 424 4.35 41.85 -21.92
C ARG C 424 3.00 42.42 -22.31
N ASP C 425 2.98 43.70 -22.67
CA ASP C 425 1.77 44.37 -23.11
C ASP C 425 1.58 44.20 -24.61
N GLY C 426 0.32 44.05 -25.03
CA GLY C 426 0.02 43.85 -26.43
C GLY C 426 -0.02 45.16 -27.20
N GLY C 427 1.16 45.72 -27.47
CA GLY C 427 1.25 46.98 -28.18
C GLY C 427 1.19 46.82 -29.69
N SER C 428 0.04 47.12 -30.28
CA SER C 428 -0.16 47.02 -31.72
C SER C 428 0.06 48.39 -32.35
N THR C 429 -0.27 48.49 -33.65
CA THR C 429 -0.15 49.73 -34.41
C THR C 429 1.32 50.14 -34.57
N ASN C 430 2.10 49.22 -35.12
CA ASN C 430 3.51 49.46 -35.42
C ASN C 430 4.24 49.96 -34.18
N SER C 431 4.25 49.12 -33.15
CA SER C 431 4.89 49.44 -31.87
C SER C 431 6.36 49.06 -31.96
N THR C 432 7.23 50.07 -31.95
CA THR C 432 8.66 49.84 -31.95
C THR C 432 9.22 49.65 -30.54
N THR C 433 8.39 49.76 -29.52
CA THR C 433 8.80 49.59 -28.13
C THR C 433 8.01 48.47 -27.49
N GLU C 434 8.68 47.71 -26.64
CA GLU C 434 8.06 46.62 -25.89
C GLU C 434 8.13 46.94 -24.40
N THR C 435 7.00 46.83 -23.73
CA THR C 435 6.89 47.16 -22.31
C THR C 435 6.68 45.87 -21.53
N PHE C 436 7.57 45.60 -20.57
CA PHE C 436 7.48 44.43 -19.70
C PHE C 436 7.24 44.89 -18.27
N ARG C 437 6.25 44.29 -17.62
CA ARG C 437 5.95 44.63 -16.25
C ARG C 437 5.86 43.36 -15.42
N PRO C 438 6.17 43.44 -14.12
CA PRO C 438 6.17 42.23 -13.30
C PRO C 438 4.78 41.65 -13.16
N GLY C 439 4.73 40.33 -12.95
CA GLY C 439 3.47 39.65 -12.73
C GLY C 439 3.67 38.34 -12.02
N GLY C 440 2.91 38.13 -10.93
CA GLY C 440 3.01 36.90 -10.18
C GLY C 440 1.80 36.00 -10.38
N GLY C 441 0.92 35.95 -9.38
CA GLY C 441 -0.29 35.16 -9.48
C GLY C 441 -0.06 33.69 -9.20
N ASP C 442 -0.05 32.88 -10.25
CA ASP C 442 0.10 31.44 -10.08
C ASP C 442 1.41 31.13 -9.37
N MET C 443 1.33 30.29 -8.35
CA MET C 443 2.52 29.86 -7.64
C MET C 443 3.26 28.73 -8.35
N ARG C 444 2.64 28.10 -9.34
CA ARG C 444 3.32 27.05 -10.09
C ARG C 444 4.56 27.59 -10.78
N ASP C 445 4.49 28.83 -11.27
CA ASP C 445 5.63 29.43 -11.94
C ASP C 445 6.85 29.51 -11.03
N ASN C 446 6.66 29.53 -9.71
CA ASN C 446 7.80 29.48 -8.82
C ASN C 446 8.45 28.11 -8.84
N TRP C 447 7.65 27.04 -8.77
CA TRP C 447 8.20 25.70 -8.87
C TRP C 447 8.75 25.44 -10.27
N ARG C 448 8.05 25.92 -11.29
CA ARG C 448 8.49 25.67 -12.67
C ARG C 448 9.89 26.18 -12.91
N SER C 449 10.29 27.27 -12.26
CA SER C 449 11.63 27.80 -12.44
C SER C 449 12.69 26.81 -11.97
N GLU C 450 12.32 25.84 -11.14
CA GLU C 450 13.25 24.83 -10.65
C GLU C 450 13.07 23.48 -11.32
N LEU C 451 11.84 23.01 -11.48
CA LEU C 451 11.58 21.74 -12.15
C LEU C 451 11.39 21.94 -13.65
N TYR C 452 12.33 22.63 -14.29
CA TYR C 452 12.28 22.83 -15.73
C TYR C 452 13.20 21.87 -16.48
N LYS C 453 14.23 21.35 -15.83
CA LYS C 453 15.16 20.42 -16.44
C LYS C 453 14.87 18.97 -16.08
N TYR C 454 13.78 18.70 -15.36
CA TYR C 454 13.44 17.37 -14.91
C TYR C 454 12.18 16.88 -15.61
N LYS C 455 12.14 15.58 -15.89
CA LYS C 455 10.93 14.93 -16.39
C LYS C 455 10.93 13.50 -15.91
N VAL C 456 9.75 12.98 -15.59
CA VAL C 456 9.60 11.63 -15.09
C VAL C 456 9.31 10.71 -16.28
N VAL C 457 10.00 9.57 -16.32
CA VAL C 457 9.81 8.58 -17.36
C VAL C 457 9.54 7.23 -16.71
N LYS C 458 8.91 6.35 -17.47
CA LYS C 458 8.52 5.02 -17.00
C LYS C 458 9.32 3.99 -17.77
N ILE C 459 10.04 3.14 -17.04
CA ILE C 459 10.94 2.17 -17.67
C ILE C 459 10.13 1.00 -18.21
N GLU C 460 10.58 0.45 -19.34
CA GLU C 460 9.94 -0.67 -20.01
C GLU C 460 10.99 -1.74 -20.24
N PRO C 461 11.31 -2.54 -19.23
CA PRO C 461 12.43 -3.49 -19.35
C PRO C 461 12.20 -4.62 -20.34
N LEU C 462 10.97 -4.83 -20.79
CA LEU C 462 10.62 -5.97 -21.63
C LEU C 462 10.65 -5.52 -23.09
N GLY C 463 11.45 -6.19 -23.90
CA GLY C 463 11.57 -5.85 -25.31
C GLY C 463 11.65 -7.10 -26.15
N VAL C 464 11.15 -6.99 -27.38
CA VAL C 464 11.14 -8.09 -28.34
C VAL C 464 11.81 -7.60 -29.62
N ALA C 465 12.74 -8.40 -30.13
CA ALA C 465 13.47 -8.06 -31.35
C ALA C 465 13.70 -9.33 -32.15
N PRO C 466 13.91 -9.20 -33.46
CA PRO C 466 14.17 -10.38 -34.28
C PRO C 466 15.61 -10.84 -34.17
N THR C 467 15.79 -12.16 -34.14
CA THR C 467 17.12 -12.76 -34.08
C THR C 467 17.10 -14.08 -34.83
N ARG C 468 18.28 -14.52 -35.24
CA ARG C 468 18.42 -15.83 -35.87
C ARG C 468 18.24 -16.97 -34.89
N CYS C 469 18.23 -16.68 -33.58
CA CYS C 469 18.12 -17.73 -32.58
C CYS C 469 16.72 -18.32 -32.55
N LYS C 470 16.65 -19.63 -32.32
CA LYS C 470 15.38 -20.34 -32.21
C LYS C 470 15.41 -21.20 -30.97
N ARG C 471 14.27 -21.30 -30.29
CA ARG C 471 14.18 -22.10 -29.09
C ARG C 471 14.38 -23.58 -29.42
N ARG C 472 14.96 -24.31 -28.47
CA ARG C 472 15.21 -25.74 -28.62
C ARG C 472 14.07 -26.53 -27.98
N VAL C 473 13.59 -27.53 -28.70
CA VAL C 473 12.48 -28.36 -28.22
C VAL C 473 13.01 -29.69 -27.74
N GLY D 3 36.33 -7.73 -25.31
CA GLY D 3 36.61 -7.98 -23.91
C GLY D 3 35.68 -7.24 -22.96
N ILE D 4 35.84 -7.49 -21.66
CA ILE D 4 35.04 -6.83 -20.63
C ILE D 4 35.79 -5.57 -20.23
N GLY D 5 35.50 -4.47 -20.92
CA GLY D 5 36.18 -3.21 -20.67
C GLY D 5 35.25 -2.03 -20.64
N ALA D 6 34.03 -2.22 -20.13
CA ALA D 6 33.05 -1.15 -20.10
C ALA D 6 33.62 0.06 -19.37
N VAL D 7 33.45 1.24 -19.98
CA VAL D 7 33.91 2.47 -19.33
C VAL D 7 33.16 2.68 -18.03
N PHE D 8 31.84 2.53 -18.06
CA PHE D 8 31.04 2.58 -16.85
C PHE D 8 29.67 2.03 -17.15
N LEU D 9 29.12 1.25 -16.20
CA LEU D 9 27.79 0.69 -16.32
C LEU D 9 26.89 1.33 -15.29
N GLY D 10 25.75 1.86 -15.74
CA GLY D 10 24.80 2.48 -14.84
C GLY D 10 23.39 2.32 -15.40
N PHE D 11 22.43 2.61 -14.54
CA PHE D 11 21.02 2.50 -14.92
C PHE D 11 20.75 3.30 -16.19
N LEU D 12 20.30 2.62 -17.23
CA LEU D 12 19.98 3.24 -18.52
C LEU D 12 21.22 3.83 -19.18
N GLY D 13 22.41 3.43 -18.74
CA GLY D 13 23.63 3.98 -19.33
C GLY D 13 23.76 3.67 -20.80
N ALA D 14 23.21 2.54 -21.25
CA ALA D 14 23.29 2.12 -22.64
C ALA D 14 22.07 2.57 -23.44
N ALA D 15 21.26 3.48 -22.90
CA ALA D 15 20.05 3.89 -23.61
C ALA D 15 20.37 4.49 -24.97
N GLY D 16 21.57 5.04 -25.14
CA GLY D 16 21.96 5.64 -26.39
C GLY D 16 22.77 4.73 -27.28
N SER D 17 23.18 3.58 -26.75
CA SER D 17 23.99 2.64 -27.50
C SER D 17 23.10 1.81 -28.43
N THR D 18 23.75 1.11 -29.37
CA THR D 18 23.01 0.26 -30.30
C THR D 18 22.39 -0.91 -29.55
N MET D 19 21.37 -1.51 -30.18
CA MET D 19 20.68 -2.62 -29.54
C MET D 19 21.64 -3.75 -29.21
N GLY D 20 22.61 -4.00 -30.09
CA GLY D 20 23.58 -5.05 -29.81
C GLY D 20 24.45 -4.73 -28.61
N ALA D 21 24.93 -3.48 -28.51
CA ALA D 21 25.79 -3.11 -27.39
C ALA D 21 25.00 -2.99 -26.10
N ALA D 22 23.77 -2.48 -26.18
CA ALA D 22 22.95 -2.35 -25.00
C ALA D 22 22.48 -3.69 -24.46
N SER D 23 22.52 -4.75 -25.28
CA SER D 23 22.09 -6.06 -24.84
C SER D 23 23.07 -6.71 -23.87
N MET D 24 24.27 -6.15 -23.71
CA MET D 24 25.24 -6.66 -22.76
C MET D 24 25.13 -5.99 -21.40
N THR D 25 24.14 -5.12 -21.20
CA THR D 25 23.94 -4.43 -19.94
C THR D 25 22.52 -4.62 -19.43
N LEU D 26 21.91 -5.76 -19.74
CA LEU D 26 20.54 -6.01 -19.30
C LEU D 26 20.46 -6.05 -17.78
N THR D 27 21.42 -6.71 -17.14
CA THR D 27 21.39 -6.81 -15.68
C THR D 27 21.50 -5.45 -15.01
N VAL D 28 22.07 -4.46 -15.69
CA VAL D 28 22.20 -3.13 -15.09
C VAL D 28 20.82 -2.52 -14.85
N GLN D 29 19.93 -2.62 -15.84
CA GLN D 29 18.57 -2.13 -15.65
C GLN D 29 17.74 -3.09 -14.82
N ALA D 30 17.92 -4.40 -15.02
CA ALA D 30 17.06 -5.37 -14.35
C ALA D 30 17.22 -5.33 -12.84
N ARG D 31 18.38 -4.91 -12.35
CA ARG D 31 18.64 -4.92 -10.92
C ARG D 31 18.16 -3.66 -10.21
N ASN D 32 17.73 -2.63 -10.95
CA ASN D 32 17.24 -1.38 -10.37
C ASN D 32 15.74 -1.22 -10.53
N LEU D 33 15.01 -2.29 -10.84
CA LEU D 33 13.59 -2.20 -11.09
C LEU D 33 12.75 -2.37 -9.83
N LEU D 34 13.35 -2.68 -8.69
CA LEU D 34 12.63 -2.84 -7.44
C LEU D 34 13.03 -1.83 -6.38
N SER D 35 14.28 -1.38 -6.37
CA SER D 35 14.71 -0.32 -5.46
C SER D 35 15.85 0.43 -6.14
N GLY D 36 15.52 1.55 -6.77
CA GLY D 36 16.51 2.34 -7.49
C GLY D 36 17.67 2.78 -6.63
N LEU D 57 -2.36 9.10 7.96
CA LEU D 57 -0.93 9.16 7.67
C LEU D 57 -0.56 10.53 7.12
N THR D 58 0.73 10.87 7.21
CA THR D 58 1.20 12.15 6.73
C THR D 58 1.06 12.24 5.22
N VAL D 59 1.13 13.47 4.70
CA VAL D 59 1.07 13.67 3.25
C VAL D 59 2.21 12.92 2.58
N TRP D 60 3.42 13.03 3.14
CA TRP D 60 4.56 12.30 2.60
C TRP D 60 4.53 10.82 2.92
N GLY D 61 3.74 10.41 3.91
CA GLY D 61 3.70 9.02 4.32
C GLY D 61 2.89 8.14 3.39
N ILE D 62 1.92 8.73 2.70
CA ILE D 62 1.09 7.95 1.77
C ILE D 62 1.73 7.88 0.39
N LYS D 63 2.42 8.93 -0.04
CA LYS D 63 3.08 8.91 -1.33
C LYS D 63 4.13 7.81 -1.38
N GLN D 64 4.90 7.65 -0.30
CA GLN D 64 5.92 6.60 -0.27
C GLN D 64 5.29 5.22 -0.36
N LEU D 65 4.21 4.98 0.37
CA LEU D 65 3.55 3.68 0.31
C LEU D 65 3.01 3.39 -1.07
N GLN D 66 2.38 4.40 -1.68
CA GLN D 66 1.87 4.21 -3.04
C GLN D 66 2.99 3.93 -4.02
N ALA D 67 4.12 4.64 -3.87
CA ALA D 67 5.27 4.39 -4.74
C ALA D 67 5.77 2.96 -4.59
N ARG D 68 5.89 2.49 -3.35
CA ARG D 68 6.36 1.12 -3.13
C ARG D 68 5.43 0.11 -3.78
N VAL D 69 4.12 0.26 -3.55
CA VAL D 69 3.17 -0.67 -4.12
C VAL D 69 3.25 -0.63 -5.64
N LEU D 70 3.33 0.57 -6.22
CA LEU D 70 3.36 0.69 -7.67
C LEU D 70 4.59 0.01 -8.26
N ALA D 71 5.75 0.18 -7.62
CA ALA D 71 6.96 -0.49 -8.10
C ALA D 71 6.79 -2.00 -8.07
N VAL D 72 6.23 -2.52 -6.97
CA VAL D 72 6.03 -3.96 -6.87
C VAL D 72 5.11 -4.45 -7.98
N GLU D 73 4.02 -3.71 -8.22
CA GLU D 73 3.07 -4.11 -9.25
C GLU D 73 3.71 -4.14 -10.63
N ARG D 74 4.48 -3.10 -10.97
CA ARG D 74 5.08 -3.07 -12.30
C ARG D 74 6.08 -4.20 -12.47
N TYR D 75 6.91 -4.44 -11.45
CA TYR D 75 7.86 -5.54 -11.54
C TYR D 75 7.15 -6.88 -11.71
N LEU D 76 6.07 -7.09 -10.96
CA LEU D 76 5.35 -8.35 -11.06
C LEU D 76 4.63 -8.49 -12.39
N ARG D 77 4.15 -7.38 -12.96
CA ARG D 77 3.54 -7.44 -14.29
C ARG D 77 4.56 -7.92 -15.32
N ASP D 78 5.76 -7.33 -15.28
CA ASP D 78 6.80 -7.76 -16.21
C ASP D 78 7.17 -9.21 -15.98
N GLN D 79 7.30 -9.63 -14.72
CA GLN D 79 7.67 -11.00 -14.42
C GLN D 79 6.59 -11.99 -14.89
N GLN D 80 5.33 -11.64 -14.71
CA GLN D 80 4.25 -12.49 -15.18
C GLN D 80 4.27 -12.63 -16.68
N LEU D 81 4.47 -11.52 -17.40
CA LEU D 81 4.57 -11.59 -18.85
C LEU D 81 5.72 -12.50 -19.26
N LEU D 82 6.86 -12.40 -18.58
CA LEU D 82 7.95 -13.31 -18.86
C LEU D 82 7.55 -14.76 -18.59
N GLY D 83 6.85 -15.00 -17.48
CA GLY D 83 6.56 -16.36 -17.08
C GLY D 83 5.63 -17.06 -18.05
N ILE D 84 4.56 -16.38 -18.48
CA ILE D 84 3.62 -17.03 -19.39
C ILE D 84 4.18 -17.21 -20.79
N TRP D 85 5.34 -16.62 -21.09
CA TRP D 85 6.01 -16.82 -22.36
C TRP D 85 7.03 -17.94 -22.33
N GLY D 86 7.25 -18.56 -21.16
CA GLY D 86 8.29 -19.55 -21.02
C GLY D 86 9.67 -18.99 -20.81
N CYS D 87 9.80 -17.68 -20.64
CA CYS D 87 11.09 -17.02 -20.47
C CYS D 87 11.37 -16.69 -19.01
N SER D 88 10.75 -17.41 -18.07
CA SER D 88 10.91 -17.08 -16.66
C SER D 88 12.37 -17.19 -16.25
N GLY D 89 12.83 -16.20 -15.50
CA GLY D 89 14.20 -16.20 -15.01
C GLY D 89 15.25 -16.18 -16.10
N LYS D 90 15.02 -15.38 -17.15
CA LYS D 90 15.95 -15.29 -18.26
C LYS D 90 16.08 -13.83 -18.69
N LEU D 91 17.29 -13.44 -19.06
CA LEU D 91 17.54 -12.10 -19.59
C LEU D 91 17.35 -12.05 -21.10
N ILE D 92 17.89 -13.03 -21.81
CA ILE D 92 17.71 -13.18 -23.25
C ILE D 92 17.09 -14.55 -23.46
N CYS D 93 15.82 -14.58 -23.87
CA CYS D 93 15.08 -15.82 -24.05
C CYS D 93 14.66 -15.94 -25.50
N CYS D 94 14.98 -17.08 -26.11
CA CYS D 94 14.61 -17.34 -27.50
C CYS D 94 13.28 -18.08 -27.55
N THR D 95 12.49 -17.76 -28.56
CA THR D 95 11.13 -18.27 -28.68
C THR D 95 10.95 -18.96 -30.03
N ASN D 96 9.80 -19.60 -30.19
CA ASN D 96 9.45 -20.33 -31.39
C ASN D 96 8.54 -19.55 -32.32
N VAL D 97 8.34 -18.26 -32.06
CA VAL D 97 7.44 -17.43 -32.85
C VAL D 97 8.26 -16.81 -33.99
N PRO D 98 8.01 -17.17 -35.25
CA PRO D 98 8.76 -16.55 -36.34
C PRO D 98 8.43 -15.07 -36.46
N TRP D 99 9.43 -14.30 -36.90
CA TRP D 99 9.25 -12.87 -37.07
C TRP D 99 8.46 -12.59 -38.34
N ASN D 100 7.42 -11.79 -38.23
CA ASN D 100 6.61 -11.40 -39.37
C ASN D 100 7.18 -10.15 -40.01
N SER D 101 7.46 -10.22 -41.31
CA SER D 101 8.02 -9.06 -42.00
C SER D 101 7.11 -7.85 -41.93
N SER D 102 5.81 -8.05 -41.70
CA SER D 102 4.89 -6.94 -41.56
C SER D 102 5.26 -6.07 -40.36
N TRP D 103 5.66 -6.70 -39.26
CA TRP D 103 6.01 -5.94 -38.06
C TRP D 103 7.17 -5.01 -38.31
N SER D 104 8.22 -5.50 -38.98
CA SER D 104 9.37 -4.67 -39.32
C SER D 104 10.16 -5.38 -40.41
N ASN D 105 10.37 -4.69 -41.53
CA ASN D 105 11.07 -5.26 -42.67
C ASN D 105 12.57 -4.96 -42.64
N ARG D 106 13.07 -4.32 -41.59
CA ARG D 106 14.48 -3.93 -41.54
C ARG D 106 15.36 -5.17 -41.41
N ASN D 107 16.57 -5.07 -41.94
CA ASN D 107 17.51 -6.17 -41.88
C ASN D 107 18.00 -6.38 -40.45
N LEU D 108 18.52 -7.58 -40.20
CA LEU D 108 19.11 -7.87 -38.90
C LEU D 108 20.31 -6.97 -38.62
N SER D 109 21.15 -6.75 -39.65
CA SER D 109 22.34 -5.93 -39.45
C SER D 109 21.98 -4.51 -39.07
N GLU D 110 20.94 -3.95 -39.67
CA GLU D 110 20.55 -2.57 -39.43
C GLU D 110 19.64 -2.42 -38.22
N ILE D 111 19.35 -3.50 -37.50
CA ILE D 111 18.59 -3.43 -36.25
C ILE D 111 19.52 -3.50 -35.05
N TRP D 112 20.50 -4.39 -35.08
CA TRP D 112 21.38 -4.63 -33.94
C TRP D 112 22.66 -3.81 -33.99
N ASP D 113 22.88 -3.03 -35.05
CA ASP D 113 24.08 -2.22 -35.17
C ASP D 113 23.81 -0.78 -35.61
N ASN D 114 22.56 -0.43 -35.96
CA ASN D 114 22.24 0.92 -36.37
C ASN D 114 20.92 1.38 -35.73
N MET D 115 20.64 0.90 -34.53
CA MET D 115 19.40 1.21 -33.84
C MET D 115 19.61 1.09 -32.35
N THR D 116 18.96 1.98 -31.60
CA THR D 116 18.92 1.89 -30.14
C THR D 116 17.57 1.33 -29.72
N TRP D 117 17.54 0.71 -28.53
CA TRP D 117 16.31 0.10 -28.07
C TRP D 117 15.18 1.12 -27.99
N LEU D 118 15.49 2.39 -27.72
CA LEU D 118 14.47 3.41 -27.69
C LEU D 118 13.86 3.62 -29.08
N GLN D 119 14.71 3.68 -30.10
CA GLN D 119 14.21 3.81 -31.47
C GLN D 119 13.41 2.58 -31.88
N TRP D 120 13.91 1.40 -31.53
CA TRP D 120 13.19 0.17 -31.88
C TRP D 120 11.82 0.13 -31.23
N ASP D 121 11.73 0.53 -29.96
CA ASP D 121 10.44 0.47 -29.26
C ASP D 121 9.40 1.33 -29.96
N LYS D 122 9.79 2.52 -30.43
CA LYS D 122 8.86 3.39 -31.12
C LYS D 122 8.40 2.81 -32.46
N GLU D 123 9.07 1.77 -32.96
CA GLU D 123 8.67 1.14 -34.21
C GLU D 123 7.71 -0.03 -33.96
N ILE D 124 8.13 -1.00 -33.16
CA ILE D 124 7.28 -2.14 -32.82
C ILE D 124 6.49 -1.76 -31.58
N SER D 125 5.46 -0.97 -31.81
CA SER D 125 4.52 -0.59 -30.76
C SER D 125 3.09 -0.85 -31.17
N ASN D 126 2.76 -0.66 -32.45
CA ASN D 126 1.47 -1.06 -32.96
C ASN D 126 1.34 -2.57 -33.09
N TYR D 127 2.44 -3.31 -32.93
CA TYR D 127 2.46 -4.76 -33.09
C TYR D 127 2.87 -5.48 -31.82
N THR D 128 3.00 -4.77 -30.69
CA THR D 128 3.49 -5.41 -29.48
C THR D 128 2.47 -6.40 -28.92
N GLN D 129 1.19 -6.01 -28.91
CA GLN D 129 0.18 -6.91 -28.36
C GLN D 129 0.04 -8.17 -29.21
N ILE D 130 0.15 -8.04 -30.53
CA ILE D 130 0.09 -9.21 -31.39
C ILE D 130 1.23 -10.17 -31.06
N ILE D 131 2.43 -9.63 -30.88
CA ILE D 131 3.59 -10.46 -30.56
C ILE D 131 3.40 -11.12 -29.21
N TYR D 132 2.86 -10.38 -28.23
CA TYR D 132 2.63 -10.96 -26.91
C TYR D 132 1.64 -12.12 -26.98
N GLY D 133 0.55 -11.93 -27.72
CA GLY D 133 -0.42 -13.01 -27.86
C GLY D 133 0.17 -14.22 -28.55
N LEU D 134 0.96 -13.98 -29.61
CA LEU D 134 1.61 -15.09 -30.29
C LEU D 134 2.55 -15.83 -29.36
N LEU D 135 3.31 -15.09 -28.56
CA LEU D 135 4.23 -15.73 -27.62
C LEU D 135 3.48 -16.58 -26.60
N GLU D 136 2.38 -16.06 -26.06
CA GLU D 136 1.61 -16.82 -25.09
C GLU D 136 1.05 -18.10 -25.72
N GLU D 137 0.48 -17.97 -26.93
CA GLU D 137 -0.07 -19.14 -27.60
C GLU D 137 1.02 -20.17 -27.87
N SER D 138 2.19 -19.72 -28.34
CA SER D 138 3.27 -20.64 -28.63
C SER D 138 3.76 -21.34 -27.38
N GLN D 139 3.86 -20.61 -26.26
CA GLN D 139 4.29 -21.23 -25.02
C GLN D 139 3.28 -22.27 -24.55
N ASN D 140 1.99 -21.97 -24.66
CA ASN D 140 0.98 -22.94 -24.28
C ASN D 140 1.06 -24.19 -25.15
N GLN D 141 1.24 -24.00 -26.47
CA GLN D 141 1.38 -25.14 -27.36
C GLN D 141 2.61 -25.96 -27.01
N GLN D 142 3.72 -25.29 -26.66
CA GLN D 142 4.92 -26.01 -26.28
C GLN D 142 4.70 -26.83 -25.02
N GLU D 143 4.01 -26.26 -24.03
CA GLU D 143 3.73 -27.00 -22.81
C GLU D 143 2.86 -28.22 -23.10
N LYS D 144 1.83 -28.06 -23.94
CA LYS D 144 0.98 -29.19 -24.28
C LYS D 144 1.76 -30.27 -25.02
N ASN D 145 2.61 -29.86 -25.97
CA ASN D 145 3.40 -30.83 -26.72
C ASN D 145 4.38 -31.57 -25.80
N GLU D 146 5.01 -30.85 -24.88
CA GLU D 146 5.92 -31.50 -23.94
C GLU D 146 5.18 -32.49 -23.05
N GLN D 147 3.98 -32.12 -22.60
CA GLN D 147 3.19 -33.07 -21.82
C GLN D 147 2.85 -34.31 -22.64
N ASP D 148 2.48 -34.11 -23.91
CA ASP D 148 2.16 -35.25 -24.76
C ASP D 148 3.37 -36.17 -24.94
N LEU D 149 4.54 -35.57 -25.18
CA LEU D 149 5.73 -36.39 -25.40
C LEU D 149 6.11 -37.17 -24.14
N LEU D 150 6.01 -36.53 -22.98
CA LEU D 150 6.33 -37.22 -21.73
C LEU D 150 5.39 -38.38 -21.48
N ALA D 151 4.17 -38.31 -22.01
CA ALA D 151 3.23 -39.41 -21.83
C ALA D 151 3.73 -40.69 -22.48
N LEU D 152 4.32 -40.59 -23.66
CA LEU D 152 4.81 -41.78 -24.35
C LEU D 152 5.89 -42.47 -23.53
N ASP D 153 6.81 -41.71 -22.95
CA ASP D 153 7.89 -42.29 -22.16
C ASP D 153 7.33 -42.96 -20.91
N ALA E 1 0.43 -48.33 -18.39
CA ALA E 1 -0.41 -47.25 -18.88
C ALA E 1 -1.48 -46.90 -17.86
N GLU E 2 -1.85 -47.88 -17.03
CA GLU E 2 -2.86 -47.67 -16.01
C GLU E 2 -2.39 -46.72 -14.91
N ASN E 3 -1.11 -46.41 -14.85
CA ASN E 3 -0.56 -45.52 -13.82
C ASN E 3 -0.75 -44.08 -14.26
N LEU E 4 -1.43 -43.29 -13.43
CA LEU E 4 -1.68 -41.88 -13.69
C LEU E 4 -0.95 -41.04 -12.66
N TRP E 5 -0.40 -39.91 -13.12
CA TRP E 5 0.41 -39.05 -12.28
C TRP E 5 -0.22 -37.67 -12.19
N VAL E 6 0.02 -36.99 -11.06
CA VAL E 6 -0.51 -35.66 -10.86
C VAL E 6 0.18 -34.69 -11.82
N THR E 7 -0.62 -33.88 -12.51
CA THR E 7 -0.11 -32.82 -13.36
C THR E 7 -0.67 -31.49 -12.86
N VAL E 8 0.21 -30.51 -12.72
CA VAL E 8 -0.15 -29.21 -12.16
C VAL E 8 -0.40 -28.26 -13.31
N TYR E 9 -1.61 -27.71 -13.37
CA TYR E 9 -2.00 -26.75 -14.38
C TYR E 9 -2.17 -25.38 -13.73
N TYR E 10 -1.59 -24.35 -14.35
CA TYR E 10 -1.69 -22.98 -13.88
C TYR E 10 -2.51 -22.17 -14.86
N GLY E 11 -3.53 -21.48 -14.36
CA GLY E 11 -4.42 -20.72 -15.19
C GLY E 11 -5.71 -21.42 -15.58
N VAL E 12 -6.06 -22.51 -14.90
CA VAL E 12 -7.30 -23.21 -15.26
C VAL E 12 -8.49 -22.31 -14.97
N PRO E 13 -9.56 -22.36 -15.75
CA PRO E 13 -10.72 -21.49 -15.49
C PRO E 13 -11.65 -22.01 -14.40
N VAL E 14 -11.25 -21.75 -13.15
CA VAL E 14 -12.02 -22.16 -11.98
C VAL E 14 -12.20 -20.95 -11.09
N TRP E 15 -13.29 -20.94 -10.33
CA TRP E 15 -13.57 -19.83 -9.44
C TRP E 15 -14.40 -20.32 -8.26
N LYS E 16 -14.39 -19.54 -7.19
CA LYS E 16 -15.17 -19.80 -6.00
C LYS E 16 -15.87 -18.52 -5.56
N ASP E 17 -17.05 -18.68 -4.96
CA ASP E 17 -17.75 -17.53 -4.41
C ASP E 17 -16.87 -16.86 -3.36
N ALA E 18 -16.80 -15.54 -3.43
CA ALA E 18 -15.91 -14.79 -2.54
C ALA E 18 -16.47 -13.40 -2.32
N GLU E 19 -15.96 -12.76 -1.27
CA GLU E 19 -16.32 -11.38 -0.92
C GLU E 19 -15.07 -10.52 -0.99
N THR E 20 -15.17 -9.39 -1.68
CA THR E 20 -14.03 -8.49 -1.83
C THR E 20 -14.54 -7.07 -1.89
N THR E 21 -13.60 -6.12 -1.80
CA THR E 21 -13.92 -4.69 -1.79
C THR E 21 -13.94 -4.20 -3.23
N LEU E 22 -15.10 -4.31 -3.87
CA LEU E 22 -15.28 -3.77 -5.21
C LEU E 22 -15.04 -2.27 -5.20
N PHE E 23 -14.33 -1.78 -6.21
CA PHE E 23 -14.07 -0.36 -6.34
C PHE E 23 -14.95 0.22 -7.44
N CYS E 24 -15.56 1.37 -7.15
CA CYS E 24 -16.55 1.97 -8.03
C CYS E 24 -15.88 2.60 -9.26
N ALA E 25 -16.72 2.92 -10.25
CA ALA E 25 -16.27 3.62 -11.43
C ALA E 25 -17.41 4.50 -11.92
N SER E 26 -17.06 5.54 -12.68
CA SER E 26 -18.03 6.52 -13.14
C SER E 26 -17.76 6.88 -14.59
N ASP E 27 -18.82 7.22 -15.31
CA ASP E 27 -18.69 7.65 -16.69
C ASP E 27 -17.96 8.99 -16.77
N ALA E 28 -17.20 9.16 -17.85
CA ALA E 28 -16.51 10.43 -18.06
C ALA E 28 -17.50 11.58 -18.22
N LYS E 29 -18.66 11.32 -18.82
CA LYS E 29 -19.67 12.36 -18.98
C LYS E 29 -20.15 12.91 -17.64
N ALA E 30 -20.02 12.14 -16.56
CA ALA E 30 -20.45 12.60 -15.25
C ALA E 30 -19.70 13.87 -14.85
N LYS E 35 -18.24 16.77 -10.25
CA LYS E 35 -17.40 17.42 -9.26
C LYS E 35 -18.26 18.14 -8.22
N HIS E 36 -19.54 18.35 -8.53
CA HIS E 36 -20.49 19.03 -7.66
C HIS E 36 -21.73 18.18 -7.48
N ASN E 37 -21.52 16.89 -7.18
CA ASN E 37 -22.60 15.95 -6.94
C ASN E 37 -22.32 15.17 -5.67
N VAL E 38 -23.40 14.71 -5.02
CA VAL E 38 -23.27 14.03 -3.74
C VAL E 38 -22.40 12.78 -3.87
N TRP E 39 -22.42 12.13 -5.02
CA TRP E 39 -21.70 10.88 -5.22
C TRP E 39 -20.33 11.23 -5.80
N ALA E 40 -19.37 11.48 -4.91
CA ALA E 40 -18.06 11.97 -5.30
C ALA E 40 -17.47 11.11 -6.41
N THR E 41 -17.24 11.73 -7.57
CA THR E 41 -16.60 11.05 -8.68
C THR E 41 -15.09 10.98 -8.55
N HIS E 42 -14.50 11.74 -7.63
CA HIS E 42 -13.07 11.67 -7.39
C HIS E 42 -12.67 10.40 -6.65
N ALA E 43 -13.61 9.77 -5.95
CA ALA E 43 -13.36 8.49 -5.30
C ALA E 43 -13.67 7.30 -6.19
N CYS E 44 -14.14 7.54 -7.41
CA CYS E 44 -14.45 6.49 -8.36
C CYS E 44 -13.56 6.68 -9.59
N VAL E 45 -12.86 5.62 -9.98
CA VAL E 45 -11.95 5.69 -11.12
C VAL E 45 -12.77 5.80 -12.40
N PRO E 46 -12.27 6.44 -13.45
CA PRO E 46 -13.04 6.52 -14.69
C PRO E 46 -13.29 5.13 -15.27
N THR E 47 -14.49 4.94 -15.82
CA THR E 47 -14.86 3.66 -16.38
C THR E 47 -14.29 3.48 -17.77
N ASP E 48 -14.16 2.23 -18.19
CA ASP E 48 -13.66 1.94 -19.53
C ASP E 48 -14.71 2.35 -20.56
N PRO E 49 -14.36 3.16 -21.57
CA PRO E 49 -15.38 3.58 -22.53
C PRO E 49 -16.03 2.42 -23.26
N ASN E 50 -15.31 1.33 -23.50
CA ASN E 50 -15.82 0.16 -24.19
C ASN E 50 -15.69 -1.04 -23.26
N PRO E 51 -16.70 -1.32 -22.43
CA PRO E 51 -16.59 -2.43 -21.48
C PRO E 51 -16.45 -3.76 -22.21
N GLN E 52 -15.71 -4.67 -21.58
CA GLN E 52 -15.44 -5.99 -22.15
C GLN E 52 -16.26 -7.02 -21.39
N GLU E 53 -17.05 -7.80 -22.11
CA GLU E 53 -17.87 -8.86 -21.54
C GLU E 53 -17.61 -10.14 -22.32
N ILE E 54 -17.36 -11.22 -21.60
CA ILE E 54 -17.06 -12.53 -22.20
C ILE E 54 -18.23 -13.45 -21.91
N HIS E 55 -18.75 -14.09 -22.96
CA HIS E 55 -19.87 -15.02 -22.82
C HIS E 55 -19.33 -16.37 -22.39
N LEU E 56 -19.67 -16.79 -21.17
CA LEU E 56 -19.22 -18.07 -20.64
C LEU E 56 -20.17 -19.16 -21.15
N GLU E 57 -19.84 -19.71 -22.31
CA GLU E 57 -20.65 -20.77 -22.88
C GLU E 57 -20.64 -22.00 -21.98
N ASN E 58 -21.79 -22.68 -21.90
CA ASN E 58 -21.98 -23.93 -21.17
C ASN E 58 -21.94 -23.75 -19.65
N VAL E 59 -21.72 -22.55 -19.14
CA VAL E 59 -21.55 -22.34 -17.71
C VAL E 59 -22.90 -22.08 -17.08
N THR E 60 -23.23 -22.85 -16.04
CA THR E 60 -24.42 -22.64 -15.22
C THR E 60 -23.95 -22.36 -13.81
N GLU E 61 -24.31 -21.18 -13.29
CA GLU E 61 -23.85 -20.74 -11.98
C GLU E 61 -25.04 -20.47 -11.07
N GLU E 62 -24.83 -20.69 -9.78
CA GLU E 62 -25.86 -20.49 -8.77
C GLU E 62 -25.77 -19.07 -8.22
N PHE E 63 -26.80 -18.27 -8.49
CA PHE E 63 -26.89 -16.91 -7.97
C PHE E 63 -27.84 -16.87 -6.79
N ASN E 64 -27.63 -15.89 -5.91
CA ASN E 64 -28.52 -15.68 -4.77
C ASN E 64 -28.48 -14.19 -4.44
N MET E 65 -29.46 -13.44 -4.95
CA MET E 65 -29.47 -11.99 -4.75
C MET E 65 -29.68 -11.62 -3.29
N TRP E 66 -30.27 -12.51 -2.49
CA TRP E 66 -30.58 -12.19 -1.10
C TRP E 66 -29.37 -12.38 -0.19
N LYS E 67 -28.41 -13.21 -0.56
CA LYS E 67 -27.16 -13.35 0.16
C LYS E 67 -25.99 -12.72 -0.59
N ASN E 68 -26.29 -11.83 -1.54
CA ASN E 68 -25.25 -11.17 -2.32
C ASN E 68 -24.56 -10.12 -1.45
N ASN E 69 -23.24 -10.18 -1.38
CA ASN E 69 -22.48 -9.23 -0.60
C ASN E 69 -22.25 -7.91 -1.35
N MET E 70 -22.48 -7.89 -2.66
CA MET E 70 -22.33 -6.65 -3.40
C MET E 70 -23.31 -5.59 -2.90
N VAL E 71 -24.46 -6.03 -2.39
CA VAL E 71 -25.45 -5.09 -1.87
C VAL E 71 -24.94 -4.47 -0.57
N GLU E 72 -24.38 -5.29 0.32
CA GLU E 72 -23.86 -4.76 1.58
C GLU E 72 -22.73 -3.78 1.34
N GLN E 73 -21.86 -4.06 0.36
CA GLN E 73 -20.77 -3.15 0.07
C GLN E 73 -21.27 -1.87 -0.57
N MET E 74 -22.35 -1.93 -1.34
CA MET E 74 -22.88 -0.73 -1.97
C MET E 74 -23.59 0.17 -0.97
N HIS E 75 -24.29 -0.42 0.00
CA HIS E 75 -24.95 0.38 1.03
C HIS E 75 -23.92 1.23 1.78
N THR E 76 -22.84 0.59 2.21
CA THR E 76 -21.79 1.31 2.94
C THR E 76 -21.16 2.36 2.05
N ASP E 77 -20.92 2.05 0.78
CA ASP E 77 -20.31 3.02 -0.12
C ASP E 77 -21.19 4.23 -0.30
N ILE E 78 -22.50 4.02 -0.48
CA ILE E 78 -23.41 5.15 -0.66
C ILE E 78 -23.46 5.99 0.60
N ILE E 79 -23.51 5.34 1.78
CA ILE E 79 -23.53 6.11 3.03
C ILE E 79 -22.25 6.92 3.17
N SER E 80 -21.11 6.31 2.84
CA SER E 80 -19.84 7.03 2.95
C SER E 80 -19.79 8.21 1.99
N LEU E 81 -20.28 8.04 0.76
CA LEU E 81 -20.30 9.15 -0.18
C LEU E 81 -21.20 10.27 0.34
N TRP E 82 -22.36 9.91 0.90
CA TRP E 82 -23.23 10.91 1.49
C TRP E 82 -22.51 11.70 2.57
N ASP E 83 -21.89 10.99 3.52
CA ASP E 83 -21.21 11.67 4.62
C ASP E 83 -20.07 12.55 4.11
N GLN E 84 -19.29 12.05 3.16
CA GLN E 84 -18.19 12.83 2.62
C GLN E 84 -18.69 14.09 1.91
N SER E 85 -19.80 13.97 1.17
CA SER E 85 -20.38 15.14 0.53
C SER E 85 -20.86 16.15 1.56
N LEU E 86 -21.34 15.68 2.71
CA LEU E 86 -21.82 16.59 3.74
C LEU E 86 -20.69 17.19 4.58
N LYS E 87 -19.47 16.68 4.46
CA LYS E 87 -18.38 17.16 5.32
C LYS E 87 -18.09 18.65 5.14
N PRO E 88 -17.89 19.17 3.92
CA PRO E 88 -17.55 20.58 3.75
C PRO E 88 -18.77 21.49 3.66
N CYS E 89 -19.69 21.33 4.60
CA CYS E 89 -20.94 22.07 4.59
C CYS E 89 -21.22 22.64 5.97
N VAL E 90 -22.05 23.68 6.01
CA VAL E 90 -22.31 24.40 7.24
C VAL E 90 -23.01 23.49 8.23
N LYS E 91 -22.52 23.49 9.47
CA LYS E 91 -23.16 22.77 10.56
C LYS E 91 -24.11 23.73 11.28
N LEU E 92 -25.39 23.38 11.31
CA LEU E 92 -26.41 24.28 11.85
C LEU E 92 -26.51 24.16 13.36
N THR E 93 -25.38 24.27 14.06
CA THR E 93 -25.44 24.32 15.52
C THR E 93 -26.18 25.54 16.02
N PRO E 94 -25.96 26.75 15.49
CA PRO E 94 -26.68 27.91 16.02
C PRO E 94 -28.19 27.84 15.85
N LEU E 95 -28.68 27.02 14.94
CA LEU E 95 -30.11 26.97 14.65
C LEU E 95 -30.92 26.37 15.79
N CYS E 96 -30.28 25.76 16.78
CA CYS E 96 -31.00 25.15 17.90
C CYS E 96 -31.29 26.23 18.93
N VAL E 97 -32.32 27.04 18.63
CA VAL E 97 -32.74 28.13 19.50
C VAL E 97 -34.26 28.12 19.56
N THR E 98 -34.79 28.80 20.57
CA THR E 98 -36.24 28.93 20.70
C THR E 98 -36.80 29.70 19.53
N LEU E 99 -37.92 29.22 18.99
CA LEU E 99 -38.58 29.84 17.85
C LEU E 99 -39.96 30.31 18.27
N GLN E 100 -40.27 31.57 17.98
CA GLN E 100 -41.59 32.13 18.23
C GLN E 100 -42.39 32.00 16.94
N CYS E 101 -43.03 30.85 16.76
CA CYS E 101 -43.66 30.50 15.50
C CYS E 101 -45.14 30.85 15.51
N THR E 102 -45.63 31.29 14.35
CA THR E 102 -47.04 31.58 14.15
C THR E 102 -47.47 30.99 12.80
N ASN E 103 -48.76 30.71 12.69
CA ASN E 103 -49.27 30.03 11.50
C ASN E 103 -49.10 30.89 10.26
N VAL E 104 -48.83 30.23 9.13
CA VAL E 104 -48.83 30.89 7.82
C VAL E 104 -50.24 30.71 7.27
N THR E 105 -51.10 31.70 7.53
CA THR E 105 -52.50 31.67 7.11
C THR E 105 -52.75 32.84 6.17
N ASN E 106 -52.47 32.62 4.88
CA ASN E 106 -52.82 33.58 3.84
C ASN E 106 -52.76 32.88 2.50
N ASN E 107 -53.87 32.91 1.76
CA ASN E 107 -53.96 32.27 0.46
C ASN E 107 -53.56 30.80 0.54
N ILE E 108 -54.03 30.13 1.59
CA ILE E 108 -53.75 28.71 1.81
C ILE E 108 -55.03 27.91 1.58
N THR E 109 -54.86 26.70 1.10
CA THR E 109 -55.98 25.77 0.92
C THR E 109 -56.28 25.06 2.22
N ASP E 110 -57.48 24.47 2.29
CA ASP E 110 -57.90 23.81 3.52
C ASP E 110 -57.03 22.61 3.86
N ASP E 111 -56.33 22.05 2.88
CA ASP E 111 -55.47 20.89 3.11
C ASP E 111 -54.07 21.27 3.58
N MET E 112 -53.72 22.56 3.53
CA MET E 112 -52.40 23.04 3.97
C MET E 112 -52.51 23.92 5.20
N ARG E 113 -53.55 23.74 6.01
CA ARG E 113 -53.73 24.53 7.21
C ARG E 113 -52.86 23.96 8.31
N GLY E 114 -51.92 24.77 8.82
CA GLY E 114 -51.03 24.34 9.86
C GLY E 114 -49.79 23.61 9.39
N GLU E 115 -49.63 23.41 8.09
CA GLU E 115 -48.45 22.72 7.58
C GLU E 115 -47.22 23.60 7.65
N LEU E 116 -47.35 24.89 7.31
CA LEU E 116 -46.24 25.83 7.32
C LEU E 116 -46.34 26.72 8.55
N LYS E 117 -45.22 26.89 9.25
CA LYS E 117 -45.14 27.72 10.44
C LYS E 117 -44.18 28.86 10.19
N ASN E 118 -44.61 30.08 10.54
CA ASN E 118 -43.79 31.28 10.36
C ASN E 118 -43.04 31.52 11.66
N CYS E 119 -41.75 31.19 11.67
CA CYS E 119 -40.95 31.14 12.89
C CYS E 119 -39.96 32.30 12.91
N SER E 120 -39.90 32.99 14.05
CA SER E 120 -38.97 34.08 14.27
C SER E 120 -38.02 33.71 15.41
N PHE E 121 -36.75 34.09 15.28
CA PHE E 121 -35.76 33.69 16.25
C PHE E 121 -34.57 34.64 16.18
N ASN E 122 -33.75 34.61 17.22
CA ASN E 122 -32.49 35.34 17.26
C ASN E 122 -31.38 34.42 16.75
N MET E 123 -30.56 34.93 15.83
CA MET E 123 -29.51 34.14 15.22
C MET E 123 -28.19 34.91 15.30
N THR E 124 -27.11 34.14 15.40
CA THR E 124 -25.79 34.73 15.49
C THR E 124 -25.42 35.45 14.20
N THR E 125 -24.67 36.54 14.34
CA THR E 125 -24.16 37.30 13.21
C THR E 125 -22.72 36.88 12.92
N GLU E 126 -22.15 37.47 11.86
CA GLU E 126 -20.75 37.22 11.57
C GLU E 126 -19.85 37.69 12.70
N LEU E 127 -20.34 38.56 13.57
CA LEU E 127 -19.60 39.04 14.73
C LEU E 127 -20.10 38.32 15.97
N ARG E 128 -19.17 37.82 16.79
CA ARG E 128 -19.54 37.01 17.94
C ARG E 128 -20.36 37.79 18.97
N ASP E 129 -20.34 39.12 18.91
CA ASP E 129 -21.00 39.95 19.91
C ASP E 129 -22.30 40.56 19.43
N LYS E 130 -22.73 40.27 18.20
CA LYS E 130 -23.95 40.83 17.64
C LYS E 130 -24.88 39.71 17.21
N LYS E 131 -26.17 39.87 17.51
CA LYS E 131 -27.20 38.93 17.12
C LYS E 131 -28.21 39.63 16.23
N GLN E 132 -28.84 38.85 15.35
CA GLN E 132 -29.83 39.35 14.41
C GLN E 132 -31.14 38.62 14.61
N LYS E 133 -32.24 39.37 14.57
CA LYS E 133 -33.58 38.80 14.65
C LYS E 133 -34.05 38.49 13.23
N VAL E 134 -34.24 37.20 12.93
CA VAL E 134 -34.63 36.76 11.61
C VAL E 134 -35.84 35.86 11.74
N TYR E 135 -36.50 35.62 10.61
CA TYR E 135 -37.66 34.74 10.55
C TYR E 135 -37.51 33.81 9.36
N SER E 136 -38.15 32.65 9.46
CA SER E 136 -38.12 31.66 8.40
C SER E 136 -39.39 30.84 8.45
N LEU E 137 -39.71 30.22 7.32
CA LEU E 137 -40.87 29.35 7.20
C LEU E 137 -40.43 27.90 7.37
N PHE E 138 -40.98 27.24 8.38
CA PHE E 138 -40.65 25.85 8.69
C PHE E 138 -41.90 25.00 8.57
N TYR E 139 -41.76 23.85 7.92
CA TYR E 139 -42.85 22.90 7.85
C TYR E 139 -43.17 22.35 9.23
N ARG E 140 -44.44 22.07 9.47
CA ARG E 140 -44.85 21.58 10.79
C ARG E 140 -44.11 20.31 11.16
N LEU E 141 -43.65 19.54 10.18
CA LEU E 141 -42.92 18.31 10.45
C LEU E 141 -41.52 18.54 10.98
N ASP E 142 -41.03 19.79 10.95
CA ASP E 142 -39.68 20.10 11.38
C ASP E 142 -39.60 20.70 12.77
N VAL E 143 -40.65 21.38 13.22
CA VAL E 143 -40.64 22.07 14.50
C VAL E 143 -41.46 21.28 15.51
N VAL E 144 -41.02 21.35 16.76
CA VAL E 144 -41.69 20.69 17.88
C VAL E 144 -41.98 21.75 18.93
N GLN E 145 -43.21 21.76 19.45
CA GLN E 145 -43.58 22.74 20.46
C GLN E 145 -42.77 22.52 21.73
N ILE E 146 -42.29 23.61 22.31
CA ILE E 146 -41.52 23.57 23.55
C ILE E 146 -42.50 23.56 24.72
N ASN E 147 -42.40 22.54 25.57
CA ASN E 147 -43.27 22.42 26.73
C ASN E 147 -42.77 21.30 27.64
N ASN E 158 -46.40 33.34 18.53
CA ASN E 158 -47.25 33.19 19.70
C ASN E 158 -46.70 32.11 20.64
N LYS E 159 -46.53 30.91 20.11
CA LYS E 159 -46.04 29.78 20.89
C LYS E 159 -44.58 29.50 20.57
N GLU E 160 -43.90 28.86 21.52
CA GLU E 160 -42.49 28.55 21.39
C GLU E 160 -42.30 27.17 20.78
N TYR E 161 -41.35 27.06 19.85
CA TYR E 161 -41.06 25.83 19.14
C TYR E 161 -39.56 25.60 19.12
N ARG E 162 -39.17 24.45 18.59
CA ARG E 162 -37.76 24.12 18.40
C ARG E 162 -37.66 23.11 17.26
N LEU E 163 -36.51 23.11 16.59
CA LEU E 163 -36.29 22.14 15.52
C LEU E 163 -36.32 20.73 16.09
N ILE E 164 -36.89 19.81 15.30
CA ILE E 164 -37.15 18.47 15.81
C ILE E 164 -35.87 17.76 16.20
N ASN E 165 -34.75 18.10 15.56
CA ASN E 165 -33.49 17.40 15.76
C ASN E 165 -32.69 17.91 16.94
N CYS E 166 -33.17 18.95 17.64
CA CYS E 166 -32.32 19.62 18.62
C CYS E 166 -31.96 18.71 19.78
N ASN E 167 -32.80 17.73 20.11
CA ASN E 167 -32.54 16.84 21.22
C ASN E 167 -31.89 15.54 20.79
N THR E 168 -31.50 15.42 19.52
CA THR E 168 -30.81 14.24 19.03
C THR E 168 -29.44 14.55 18.45
N SER E 169 -29.30 15.61 17.66
CA SER E 169 -28.03 15.99 17.08
C SER E 169 -28.19 17.35 16.42
N ALA E 170 -27.13 17.80 15.76
CA ALA E 170 -27.11 19.07 15.04
C ALA E 170 -27.10 18.78 13.54
N CYS E 171 -28.00 19.42 12.81
CA CYS E 171 -28.13 19.16 11.38
C CYS E 171 -27.05 19.88 10.59
N THR E 172 -26.67 19.27 9.47
CA THR E 172 -25.70 19.83 8.54
C THR E 172 -26.44 20.31 7.30
N GLN E 173 -26.33 21.60 7.01
CA GLN E 173 -27.03 22.16 5.87
C GLN E 173 -26.36 21.71 4.57
N ALA E 174 -27.08 20.94 3.76
CA ALA E 174 -26.53 20.48 2.50
C ALA E 174 -26.08 21.66 1.66
N CYS E 175 -24.85 21.57 1.14
CA CYS E 175 -24.30 22.65 0.35
C CYS E 175 -25.16 22.83 -0.91
N PRO E 176 -25.67 24.04 -1.18
CA PRO E 176 -26.55 24.20 -2.35
C PRO E 176 -25.88 23.82 -3.67
N LYS E 177 -24.56 23.94 -3.76
CA LYS E 177 -23.89 23.63 -5.02
C LYS E 177 -24.01 22.16 -5.37
N VAL E 178 -23.86 21.27 -4.38
CA VAL E 178 -23.93 19.85 -4.65
C VAL E 178 -25.37 19.44 -4.93
N SER E 179 -25.55 18.48 -5.83
CA SER E 179 -26.87 18.03 -6.26
C SER E 179 -27.05 16.57 -5.86
N PHE E 180 -28.25 16.25 -5.39
CA PHE E 180 -28.59 14.88 -5.01
C PHE E 180 -28.97 14.01 -6.20
N GLU E 181 -28.81 14.50 -7.42
CA GLU E 181 -29.20 13.73 -8.59
C GLU E 181 -28.43 12.41 -8.62
N PRO E 182 -29.10 11.27 -8.73
CA PRO E 182 -28.39 9.99 -8.78
C PRO E 182 -27.57 9.87 -10.06
N ILE E 183 -26.27 9.64 -9.90
CA ILE E 183 -25.35 9.47 -11.03
C ILE E 183 -25.02 7.98 -11.12
N PRO E 184 -25.08 7.38 -12.32
CA PRO E 184 -24.79 5.95 -12.41
C PRO E 184 -23.41 5.62 -11.89
N ILE E 185 -23.32 4.51 -11.15
CA ILE E 185 -22.07 4.05 -10.58
C ILE E 185 -21.84 2.62 -11.02
N HIS E 186 -20.66 2.34 -11.57
CA HIS E 186 -20.27 1.00 -11.99
C HIS E 186 -19.33 0.40 -10.95
N TYR E 187 -19.60 -0.84 -10.57
CA TYR E 187 -18.79 -1.55 -9.58
C TYR E 187 -17.88 -2.54 -10.29
N CYS E 188 -16.57 -2.41 -10.06
CA CYS E 188 -15.58 -3.24 -10.72
C CYS E 188 -14.87 -4.10 -9.68
N ALA E 189 -14.44 -5.28 -10.11
CA ALA E 189 -13.77 -6.20 -9.21
C ALA E 189 -12.25 -6.05 -9.34
N PRO E 190 -11.50 -6.25 -8.26
CA PRO E 190 -10.05 -6.15 -8.35
C PRO E 190 -9.45 -7.27 -9.17
N ALA E 191 -8.14 -7.18 -9.39
CA ALA E 191 -7.43 -8.24 -10.09
C ALA E 191 -7.50 -9.54 -9.29
N GLY E 192 -7.64 -10.65 -10.00
CA GLY E 192 -7.84 -11.93 -9.36
C GLY E 192 -9.27 -12.26 -9.01
N PHE E 193 -10.20 -11.32 -9.22
CA PHE E 193 -11.62 -11.53 -9.00
C PHE E 193 -12.36 -11.22 -10.29
N ALA E 194 -13.59 -11.74 -10.38
CA ALA E 194 -14.42 -11.53 -11.54
C ALA E 194 -15.86 -11.37 -11.11
N ILE E 195 -16.64 -10.68 -11.95
CA ILE E 195 -18.07 -10.49 -11.72
C ILE E 195 -18.81 -11.27 -12.79
N LEU E 196 -19.71 -12.15 -12.37
CA LEU E 196 -20.52 -12.95 -13.27
C LEU E 196 -21.91 -12.34 -13.38
N LYS E 197 -22.36 -12.11 -14.61
CA LYS E 197 -23.65 -11.51 -14.87
C LYS E 197 -24.61 -12.58 -15.39
N CYS E 198 -25.78 -12.67 -14.78
CA CYS E 198 -26.81 -13.62 -15.20
C CYS E 198 -27.64 -12.98 -16.29
N LYS E 199 -27.44 -13.42 -17.53
CA LYS E 199 -28.13 -12.86 -18.68
C LYS E 199 -29.51 -13.45 -18.91
N ASP E 200 -29.92 -14.43 -18.11
CA ASP E 200 -31.25 -15.01 -18.26
C ASP E 200 -32.30 -13.93 -18.06
N LYS E 201 -33.25 -13.86 -18.99
CA LYS E 201 -34.27 -12.81 -18.96
C LYS E 201 -35.43 -13.14 -18.03
N LYS E 202 -35.56 -14.40 -17.61
CA LYS E 202 -36.63 -14.81 -16.69
C LYS E 202 -36.06 -15.21 -15.33
N PHE E 203 -34.86 -14.77 -14.99
CA PHE E 203 -34.27 -15.11 -13.71
C PHE E 203 -35.06 -14.49 -12.58
N ASN E 204 -35.27 -15.26 -11.51
CA ASN E 204 -36.06 -14.83 -10.36
C ASN E 204 -35.19 -14.59 -9.14
N GLY E 205 -33.91 -14.26 -9.35
CA GLY E 205 -33.01 -13.91 -8.27
C GLY E 205 -32.21 -15.05 -7.68
N THR E 206 -32.86 -16.18 -7.41
CA THR E 206 -32.22 -17.33 -6.80
C THR E 206 -32.32 -18.54 -7.72
N GLY E 207 -31.30 -19.39 -7.66
CA GLY E 207 -31.25 -20.60 -8.45
C GLY E 207 -30.19 -20.52 -9.53
N PRO E 208 -30.04 -21.61 -10.29
CA PRO E 208 -29.01 -21.63 -11.33
C PRO E 208 -29.39 -20.73 -12.51
N CYS E 209 -28.37 -20.08 -13.07
CA CYS E 209 -28.55 -19.23 -14.25
C CYS E 209 -27.91 -19.91 -15.45
N PRO E 210 -28.68 -20.35 -16.45
CA PRO E 210 -28.06 -21.05 -17.58
C PRO E 210 -27.19 -20.15 -18.44
N SER E 211 -27.62 -18.92 -18.68
CA SER E 211 -26.86 -17.98 -19.50
C SER E 211 -26.06 -17.07 -18.57
N VAL E 212 -24.74 -17.25 -18.57
CA VAL E 212 -23.85 -16.53 -17.67
C VAL E 212 -22.73 -15.92 -18.49
N SER E 213 -22.32 -14.71 -18.12
CA SER E 213 -21.20 -14.03 -18.74
C SER E 213 -20.42 -13.28 -17.66
N THR E 214 -19.12 -13.10 -17.90
CA THR E 214 -18.25 -12.42 -16.96
C THR E 214 -17.97 -11.01 -17.46
N VAL E 215 -18.02 -10.05 -16.54
CA VAL E 215 -17.82 -8.64 -16.85
C VAL E 215 -16.80 -8.07 -15.90
N GLN E 216 -16.17 -6.96 -16.31
CA GLN E 216 -15.22 -6.29 -15.45
C GLN E 216 -15.92 -5.33 -14.49
N CYS E 217 -16.92 -4.61 -14.97
CA CYS E 217 -17.68 -3.66 -14.16
C CYS E 217 -19.16 -3.84 -14.44
N THR E 218 -19.96 -3.61 -13.40
CA THR E 218 -21.41 -3.69 -13.55
C THR E 218 -21.92 -2.53 -14.39
N HIS E 219 -23.11 -2.70 -14.94
CA HIS E 219 -23.75 -1.60 -15.66
C HIS E 219 -24.06 -0.46 -14.69
N GLY E 220 -24.10 0.74 -15.24
CA GLY E 220 -24.35 1.92 -14.42
C GLY E 220 -25.61 1.79 -13.59
N ILE E 221 -25.46 1.71 -12.28
CA ILE E 221 -26.58 1.59 -11.35
C ILE E 221 -26.78 2.94 -10.70
N LYS E 222 -27.95 3.53 -10.90
CA LYS E 222 -28.26 4.83 -10.31
C LYS E 222 -28.66 4.64 -8.85
N PRO E 223 -27.98 5.27 -7.89
CA PRO E 223 -28.39 5.11 -6.48
C PRO E 223 -29.61 5.94 -6.13
N VAL E 224 -30.74 5.60 -6.73
CA VAL E 224 -31.99 6.29 -6.45
C VAL E 224 -32.53 5.83 -5.11
N VAL E 225 -32.88 6.79 -4.26
CA VAL E 225 -33.36 6.51 -2.91
C VAL E 225 -34.87 6.68 -2.88
N SER E 226 -35.58 5.62 -2.54
CA SER E 226 -37.03 5.65 -2.40
C SER E 226 -37.45 4.50 -1.50
N THR E 227 -38.65 4.62 -0.94
CA THR E 227 -39.12 3.70 0.10
C THR E 227 -40.04 2.62 -0.45
N GLN E 228 -41.16 3.01 -1.06
CA GLN E 228 -42.17 2.06 -1.50
C GLN E 228 -42.14 1.79 -2.99
N LEU E 229 -41.83 2.79 -3.80
CA LEU E 229 -41.81 2.67 -5.25
C LEU E 229 -40.37 2.81 -5.73
N LEU E 230 -39.91 1.84 -6.51
CA LEU E 230 -38.58 1.91 -7.10
C LEU E 230 -38.63 2.79 -8.34
N LEU E 231 -37.94 3.92 -8.29
CA LEU E 231 -37.99 4.92 -9.35
C LEU E 231 -36.72 4.86 -10.20
N ASN E 232 -36.89 5.14 -11.49
CA ASN E 232 -35.76 5.30 -12.41
C ASN E 232 -34.86 4.07 -12.42
N GLY E 233 -35.43 2.89 -12.23
CA GLY E 233 -34.69 1.65 -12.22
C GLY E 233 -34.63 0.99 -13.57
N SER E 234 -34.28 -0.29 -13.56
CA SER E 234 -34.24 -1.11 -14.77
C SER E 234 -35.47 -2.00 -14.83
N LEU E 235 -36.02 -2.15 -16.01
CA LEU E 235 -37.28 -2.85 -16.22
C LEU E 235 -37.02 -4.29 -16.67
N ALA E 236 -37.88 -5.20 -16.22
CA ALA E 236 -37.82 -6.57 -16.70
C ALA E 236 -38.05 -6.61 -18.21
N GLU E 237 -37.24 -7.41 -18.90
CA GLU E 237 -37.26 -7.40 -20.35
C GLU E 237 -38.47 -8.11 -20.95
N GLU E 238 -39.07 -9.05 -20.23
CA GLU E 238 -40.16 -9.85 -20.77
C GLU E 238 -41.47 -9.67 -20.03
N GLU E 239 -41.47 -9.77 -18.70
CA GLU E 239 -42.70 -9.72 -17.94
C GLU E 239 -42.38 -9.26 -16.52
N VAL E 240 -43.44 -8.88 -15.80
CA VAL E 240 -43.27 -8.48 -14.40
C VAL E 240 -42.66 -9.63 -13.62
N MET E 241 -41.61 -9.33 -12.86
CA MET E 241 -40.86 -10.32 -12.11
C MET E 241 -41.06 -10.12 -10.62
N ILE E 242 -41.68 -11.09 -9.97
CA ILE E 242 -41.83 -11.09 -8.52
C ILE E 242 -40.65 -11.84 -7.92
N ARG E 243 -39.95 -11.19 -6.98
CA ARG E 243 -38.76 -11.76 -6.37
C ARG E 243 -38.89 -11.67 -4.86
N SER E 244 -38.63 -12.79 -4.18
CA SER E 244 -38.67 -12.84 -2.74
C SER E 244 -37.74 -13.93 -2.25
N GLU E 245 -37.10 -13.69 -1.11
CA GLU E 245 -36.21 -14.69 -0.52
C GLU E 245 -36.97 -15.97 -0.21
N ASN E 246 -38.16 -15.84 0.36
CA ASN E 246 -39.01 -16.99 0.66
C ASN E 246 -40.45 -16.52 0.51
N ILE E 247 -41.04 -16.77 -0.66
CA ILE E 247 -42.35 -16.22 -0.98
C ILE E 247 -43.42 -16.69 -0.01
N THR E 248 -43.21 -17.83 0.64
CA THR E 248 -44.18 -18.35 1.59
C THR E 248 -44.02 -17.75 2.99
N ASN E 249 -42.99 -16.95 3.22
CA ASN E 249 -42.77 -16.29 4.50
C ASN E 249 -43.25 -14.84 4.40
N ASN E 250 -44.25 -14.48 5.19
CA ASN E 250 -44.78 -13.13 5.15
C ASN E 250 -43.82 -12.09 5.71
N ALA E 251 -42.75 -12.52 6.39
CA ALA E 251 -41.78 -11.60 6.94
C ALA E 251 -40.73 -11.13 5.94
N LYS E 252 -40.80 -11.62 4.70
CA LYS E 252 -39.84 -11.28 3.66
C LYS E 252 -40.51 -10.38 2.64
N ASN E 253 -39.86 -9.26 2.32
CA ASN E 253 -40.40 -8.33 1.34
C ASN E 253 -40.41 -8.96 -0.04
N ILE E 254 -41.33 -8.49 -0.88
CA ILE E 254 -41.45 -8.94 -2.27
C ILE E 254 -41.01 -7.80 -3.17
N LEU E 255 -40.04 -8.09 -4.03
CA LEU E 255 -39.49 -7.09 -4.95
C LEU E 255 -40.14 -7.30 -6.32
N VAL E 256 -41.07 -6.42 -6.67
CA VAL E 256 -41.75 -6.47 -7.96
C VAL E 256 -41.00 -5.58 -8.94
N GLN E 257 -40.68 -6.13 -10.11
CA GLN E 257 -40.00 -5.39 -11.17
C GLN E 257 -40.93 -5.29 -12.37
N PHE E 258 -41.27 -4.07 -12.76
CA PHE E 258 -42.16 -3.85 -13.88
C PHE E 258 -41.44 -4.10 -15.20
N ASN E 259 -42.21 -4.50 -16.21
CA ASN E 259 -41.69 -4.62 -17.56
C ASN E 259 -41.89 -3.36 -18.39
N THR E 260 -42.82 -2.49 -17.98
CA THR E 260 -43.02 -1.20 -18.62
C THR E 260 -43.13 -0.15 -17.52
N PRO E 261 -42.46 0.99 -17.64
CA PRO E 261 -42.50 1.98 -16.56
C PRO E 261 -43.87 2.63 -16.44
N VAL E 262 -44.17 3.08 -15.23
CA VAL E 262 -45.36 3.88 -14.96
C VAL E 262 -44.88 5.28 -14.62
N GLN E 263 -45.19 6.24 -15.49
CA GLN E 263 -44.74 7.60 -15.28
C GLN E 263 -45.45 8.22 -14.09
N ILE E 264 -44.69 8.93 -13.26
CA ILE E 264 -45.23 9.62 -12.10
C ILE E 264 -44.73 11.05 -12.14
N ASN E 265 -45.66 12.00 -12.09
CA ASN E 265 -45.35 13.42 -12.13
C ASN E 265 -45.53 13.99 -10.73
N CYS E 266 -44.46 14.56 -10.18
CA CYS E 266 -44.48 15.14 -8.84
C CYS E 266 -44.11 16.61 -8.93
N THR E 267 -44.76 17.43 -8.09
CA THR E 267 -44.54 18.86 -8.13
C THR E 267 -44.79 19.46 -6.76
N ARG E 268 -44.14 20.60 -6.50
CA ARG E 268 -44.37 21.42 -5.32
C ARG E 268 -44.84 22.78 -5.82
N PRO E 269 -46.15 23.00 -5.93
CA PRO E 269 -46.63 24.20 -6.64
C PRO E 269 -46.20 25.50 -6.01
N ASN E 270 -45.89 25.51 -4.72
CA ASN E 270 -45.53 26.76 -4.05
C ASN E 270 -44.31 27.40 -4.70
N ASN E 271 -44.41 28.69 -4.97
CA ASN E 271 -43.29 29.46 -5.54
C ASN E 271 -42.44 29.95 -4.37
N ASN E 272 -41.53 29.09 -3.93
CA ASN E 272 -40.75 29.35 -2.74
C ASN E 272 -39.70 30.43 -3.00
N THR E 273 -39.29 31.08 -1.91
CA THR E 273 -38.22 32.07 -1.94
C THR E 273 -37.15 31.67 -0.93
N ARG E 274 -35.89 31.84 -1.31
CA ARG E 274 -34.76 31.45 -0.47
C ARG E 274 -34.10 32.70 0.10
N LYS E 275 -33.88 32.70 1.41
CA LYS E 275 -33.22 33.79 2.11
C LYS E 275 -31.87 33.32 2.62
N SER E 276 -30.81 34.05 2.27
CA SER E 276 -29.47 33.74 2.75
C SER E 276 -29.22 34.52 4.04
N ILE E 277 -29.09 33.80 5.15
CA ILE E 277 -28.82 34.39 6.45
C ILE E 277 -27.38 34.05 6.83
N ARG E 278 -26.58 35.06 7.10
CA ARG E 278 -25.17 34.87 7.45
C ARG E 278 -25.11 34.62 8.96
N ILE E 279 -24.91 33.36 9.33
CA ILE E 279 -24.90 32.96 10.74
C ILE E 279 -23.50 32.92 11.32
N GLY E 280 -22.48 33.29 10.55
CA GLY E 280 -21.12 33.25 11.03
C GLY E 280 -20.15 33.65 9.94
N PRO E 281 -18.85 33.59 10.25
CA PRO E 281 -17.85 33.93 9.22
C PRO E 281 -17.78 32.90 8.12
N GLY E 282 -18.31 33.24 6.95
CA GLY E 282 -18.31 32.33 5.82
C GLY E 282 -19.41 31.29 5.82
N GLN E 283 -20.26 31.29 6.83
CA GLN E 283 -21.35 30.34 6.95
C GLN E 283 -22.68 31.05 6.72
N ALA E 284 -23.49 30.50 5.81
CA ALA E 284 -24.78 31.08 5.47
C ALA E 284 -25.86 30.02 5.67
N PHE E 285 -26.96 30.43 6.29
CA PHE E 285 -28.12 29.57 6.48
C PHE E 285 -29.21 30.01 5.51
N TYR E 286 -29.68 29.07 4.69
CA TYR E 286 -30.63 29.38 3.63
C TYR E 286 -32.04 29.12 4.15
N ALA E 287 -32.74 30.20 4.48
CA ALA E 287 -34.09 30.13 5.03
C ALA E 287 -35.12 30.32 3.93
N THR E 288 -36.37 30.01 4.27
CA THR E 288 -37.50 30.20 3.36
C THR E 288 -38.13 31.55 3.67
N GLY E 289 -37.91 32.52 2.78
CA GLY E 289 -38.42 33.86 3.00
C GLY E 289 -39.92 33.94 2.96
N ASP E 290 -40.50 33.73 1.78
CA ASP E 290 -41.95 33.82 1.62
C ASP E 290 -42.34 33.05 0.37
N ILE E 291 -43.63 32.74 0.28
CA ILE E 291 -44.19 32.06 -0.89
C ILE E 291 -44.93 33.11 -1.71
N ILE E 292 -44.50 33.28 -2.96
CA ILE E 292 -45.07 34.29 -3.84
C ILE E 292 -46.33 33.74 -4.49
N GLY E 293 -47.48 33.94 -3.84
CA GLY E 293 -48.75 33.53 -4.41
C GLY E 293 -49.51 32.56 -3.53
N ASP E 294 -50.43 31.82 -4.14
CA ASP E 294 -51.22 30.84 -3.40
C ASP E 294 -50.33 29.71 -2.89
N ILE E 295 -50.74 29.14 -1.76
CA ILE E 295 -50.04 28.01 -1.15
C ILE E 295 -50.92 26.78 -1.33
N ARG E 296 -50.37 25.75 -1.99
CA ARG E 296 -51.09 24.53 -2.28
C ARG E 296 -50.22 23.33 -1.95
N GLN E 297 -50.89 22.21 -1.65
CA GLN E 297 -50.18 21.00 -1.26
C GLN E 297 -49.39 20.42 -2.43
N ALA E 298 -48.24 19.83 -2.10
CA ALA E 298 -47.49 19.07 -3.09
C ALA E 298 -48.19 17.75 -3.36
N HIS E 299 -48.01 17.23 -4.57
CA HIS E 299 -48.72 16.04 -4.98
C HIS E 299 -47.95 15.34 -6.09
N CYS E 300 -48.32 14.09 -6.34
CA CYS E 300 -47.79 13.31 -7.45
C CYS E 300 -48.94 12.72 -8.24
N ASN E 301 -48.79 12.68 -9.56
CA ASN E 301 -49.81 12.15 -10.46
C ASN E 301 -49.31 10.89 -11.13
N VAL E 302 -50.15 9.86 -11.17
CA VAL E 302 -49.90 8.67 -11.97
C VAL E 302 -51.19 8.32 -12.69
N SER E 303 -51.09 8.01 -13.97
CA SER E 303 -52.28 7.72 -14.76
C SER E 303 -53.05 6.56 -14.14
N LYS E 304 -54.36 6.77 -13.95
CA LYS E 304 -55.19 5.73 -13.37
C LYS E 304 -55.22 4.50 -14.28
N ALA E 305 -55.35 4.71 -15.59
CA ALA E 305 -55.38 3.59 -16.52
C ALA E 305 -54.06 2.83 -16.49
N THR E 306 -52.94 3.54 -16.60
CA THR E 306 -51.64 2.88 -16.63
C THR E 306 -51.37 2.13 -15.34
N TRP E 307 -51.64 2.77 -14.20
CA TRP E 307 -51.38 2.12 -12.92
C TRP E 307 -52.22 0.86 -12.78
N ASN E 308 -53.52 0.96 -13.08
CA ASN E 308 -54.39 -0.21 -12.98
C ASN E 308 -53.94 -1.30 -13.94
N GLU E 309 -53.55 -0.93 -15.16
CA GLU E 309 -53.11 -1.91 -16.13
C GLU E 309 -51.89 -2.67 -15.63
N THR E 310 -50.89 -1.94 -15.11
CA THR E 310 -49.70 -2.59 -14.59
C THR E 310 -50.01 -3.40 -13.34
N LEU E 311 -50.86 -2.86 -12.46
CA LEU E 311 -51.25 -3.62 -11.27
C LEU E 311 -51.94 -4.92 -11.65
N GLY E 312 -52.65 -4.93 -12.77
CA GLY E 312 -53.22 -6.19 -13.25
C GLY E 312 -52.16 -7.21 -13.60
N LYS E 313 -51.06 -6.76 -14.21
CA LYS E 313 -49.97 -7.66 -14.52
C LYS E 313 -49.33 -8.22 -13.25
N VAL E 314 -49.17 -7.37 -12.23
CA VAL E 314 -48.58 -7.84 -10.98
C VAL E 314 -49.45 -8.92 -10.36
N VAL E 315 -50.76 -8.72 -10.37
CA VAL E 315 -51.67 -9.73 -9.81
C VAL E 315 -51.56 -11.03 -10.59
N LYS E 316 -51.51 -10.93 -11.92
CA LYS E 316 -51.41 -12.13 -12.74
C LYS E 316 -50.15 -12.93 -12.39
N GLN E 317 -49.02 -12.24 -12.23
CA GLN E 317 -47.79 -12.91 -11.83
C GLN E 317 -47.76 -13.28 -10.36
N LEU E 318 -48.57 -12.61 -9.53
CA LEU E 318 -48.63 -12.95 -8.12
C LEU E 318 -49.44 -14.20 -7.85
N ARG E 319 -50.31 -14.61 -8.79
CA ARG E 319 -51.11 -15.80 -8.59
C ARG E 319 -50.34 -17.08 -8.89
N LYS E 320 -49.21 -16.98 -9.58
CA LYS E 320 -48.37 -18.16 -9.81
C LYS E 320 -47.75 -18.68 -8.53
N HIS E 321 -47.78 -17.91 -7.44
CA HIS E 321 -47.24 -18.35 -6.16
C HIS E 321 -48.29 -18.53 -5.08
N PHE E 322 -49.48 -17.96 -5.25
CA PHE E 322 -50.54 -18.01 -4.24
C PHE E 322 -51.82 -18.60 -4.81
N GLY E 323 -51.71 -19.45 -5.83
CA GLY E 323 -52.86 -20.11 -6.39
C GLY E 323 -53.54 -19.28 -7.47
N ASN E 324 -54.35 -19.97 -8.28
CA ASN E 324 -55.05 -19.36 -9.39
C ASN E 324 -56.41 -18.79 -9.01
N ASN E 325 -56.89 -19.08 -7.80
CA ASN E 325 -58.21 -18.64 -7.35
C ASN E 325 -58.13 -18.00 -5.98
N THR E 326 -57.16 -17.11 -5.79
CA THR E 326 -56.98 -16.37 -4.55
C THR E 326 -57.26 -14.89 -4.79
N ILE E 327 -57.97 -14.27 -3.86
CA ILE E 327 -58.33 -12.87 -3.97
C ILE E 327 -57.11 -12.04 -3.59
N ILE E 328 -56.51 -11.39 -4.58
CA ILE E 328 -55.35 -10.54 -4.35
C ILE E 328 -55.84 -9.11 -4.15
N ARG E 329 -55.57 -8.56 -2.96
CA ARG E 329 -56.00 -7.22 -2.60
C ARG E 329 -54.79 -6.40 -2.15
N PHE E 330 -54.77 -5.14 -2.55
CA PHE E 330 -53.71 -4.21 -2.17
C PHE E 330 -54.25 -3.22 -1.16
N ALA E 331 -53.53 -3.07 -0.05
CA ALA E 331 -53.91 -2.15 1.02
C ALA E 331 -52.75 -1.23 1.33
N ASN E 332 -53.08 -0.01 1.76
CA ASN E 332 -52.06 0.97 2.06
C ASN E 332 -51.20 0.50 3.23
N SER E 333 -50.12 1.25 3.48
CA SER E 333 -49.16 0.84 4.49
C SER E 333 -49.82 0.76 5.86
N SER E 334 -49.40 -0.23 6.64
CA SER E 334 -50.01 -0.44 7.96
C SER E 334 -49.83 0.77 8.86
N GLY E 335 -48.60 1.10 9.19
CA GLY E 335 -48.33 2.22 10.07
C GLY E 335 -46.87 2.29 10.44
N GLY E 336 -46.53 3.36 11.13
CA GLY E 336 -45.17 3.62 11.55
C GLY E 336 -44.84 5.08 11.35
N ASP E 337 -43.54 5.37 11.27
CA ASP E 337 -43.09 6.73 11.03
C ASP E 337 -43.33 7.13 9.58
N LEU E 338 -43.19 8.42 9.31
CA LEU E 338 -43.46 8.93 7.96
C LEU E 338 -42.53 8.30 6.94
N GLU E 339 -41.25 8.14 7.28
CA GLU E 339 -40.28 7.63 6.32
C GLU E 339 -40.56 6.19 5.89
N VAL E 340 -41.41 5.47 6.61
CA VAL E 340 -41.72 4.08 6.30
C VAL E 340 -43.08 3.93 5.64
N THR E 341 -44.05 4.73 6.05
CA THR E 341 -45.42 4.60 5.58
C THR E 341 -45.72 5.45 4.35
N THR E 342 -44.73 6.16 3.81
CA THR E 342 -44.94 7.04 2.68
C THR E 342 -43.88 6.80 1.62
N HIS E 343 -44.21 7.13 0.38
CA HIS E 343 -43.29 7.00 -0.74
C HIS E 343 -42.30 8.15 -0.69
N SER E 344 -41.21 7.94 0.04
CA SER E 344 -40.18 8.96 0.16
C SER E 344 -39.32 9.00 -1.09
N PHE E 345 -38.85 10.20 -1.43
CA PHE E 345 -37.92 10.39 -2.53
C PHE E 345 -37.49 11.86 -2.53
N ASN E 346 -36.56 12.18 -3.41
CA ASN E 346 -36.00 13.52 -3.54
C ASN E 346 -36.31 14.03 -4.93
N CYS E 347 -37.21 15.01 -5.02
CA CYS E 347 -37.66 15.55 -6.31
C CYS E 347 -36.97 16.90 -6.53
N GLY E 348 -35.83 16.85 -7.20
CA GLY E 348 -35.12 18.07 -7.52
C GLY E 348 -34.48 18.76 -6.34
N GLY E 349 -34.16 18.02 -5.28
CA GLY E 349 -33.53 18.58 -4.10
C GLY E 349 -34.48 18.78 -2.93
N GLU E 350 -35.78 18.71 -3.14
CA GLU E 350 -36.76 18.76 -2.07
C GLU E 350 -37.25 17.35 -1.78
N PHE E 351 -37.27 16.98 -0.50
CA PHE E 351 -37.59 15.61 -0.10
C PHE E 351 -39.10 15.48 0.09
N PHE E 352 -39.72 14.63 -0.72
CA PHE E 352 -41.16 14.41 -0.68
C PHE E 352 -41.48 13.17 0.14
N TYR E 353 -42.66 13.17 0.74
CA TYR E 353 -43.19 12.03 1.49
C TYR E 353 -44.64 11.85 1.05
N CYS E 354 -44.85 11.09 -0.01
CA CYS E 354 -46.16 10.96 -0.62
C CYS E 354 -46.97 9.85 0.03
N ASN E 355 -48.28 10.05 0.05
CA ASN E 355 -49.21 9.15 0.72
C ASN E 355 -49.76 8.19 -0.32
N THR E 356 -49.02 7.11 -0.58
CA THR E 356 -49.40 6.12 -1.60
C THR E 356 -50.50 5.23 -1.03
N SER E 357 -51.67 5.85 -0.83
CA SER E 357 -52.86 5.13 -0.38
C SER E 357 -53.91 4.98 -1.46
N GLY E 358 -53.90 5.82 -2.49
CA GLY E 358 -54.79 5.64 -3.62
C GLY E 358 -54.22 4.64 -4.61
N LEU E 359 -52.90 4.48 -4.59
CA LEU E 359 -52.28 3.49 -5.47
C LEU E 359 -52.65 2.07 -5.05
N PHE E 360 -52.43 1.75 -3.77
CA PHE E 360 -52.68 0.41 -3.24
C PHE E 360 -54.03 0.44 -2.50
N ASN E 361 -55.11 0.47 -3.27
CA ASN E 361 -56.45 0.41 -2.71
C ASN E 361 -57.35 -0.28 -3.75
N SER E 362 -57.45 -1.59 -3.65
CA SER E 362 -58.25 -2.37 -4.59
C SER E 362 -58.26 -3.85 -4.22
N THR E 363 -59.30 -4.56 -4.65
CA THR E 363 -59.39 -6.01 -4.52
C THR E 363 -59.55 -6.59 -5.92
N TRP E 364 -58.72 -7.58 -6.25
CA TRP E 364 -58.71 -8.19 -7.56
C TRP E 364 -59.38 -9.56 -7.48
N ILE E 365 -60.43 -9.75 -8.27
CA ILE E 365 -61.17 -11.00 -8.25
C ILE E 365 -60.52 -12.00 -9.19
N SER E 366 -60.86 -13.28 -8.99
CA SER E 366 -60.24 -14.34 -9.79
C SER E 366 -60.55 -14.16 -11.27
N ASN E 367 -61.79 -13.84 -11.60
CA ASN E 367 -62.20 -13.66 -12.99
C ASN E 367 -62.44 -12.18 -13.29
N ASN E 379 -57.22 8.19 -19.00
CA ASN E 379 -58.13 9.33 -19.04
C ASN E 379 -57.78 10.33 -17.95
N ASP E 380 -58.02 9.96 -16.70
CA ASP E 380 -57.71 10.78 -15.55
C ASP E 380 -56.45 10.24 -14.88
N SER E 381 -56.09 10.81 -13.73
CA SER E 381 -54.88 10.43 -13.02
C SER E 381 -55.18 10.34 -11.52
N ILE E 382 -54.36 9.56 -10.83
CA ILE E 382 -54.45 9.42 -9.38
C ILE E 382 -53.52 10.44 -8.74
N THR E 383 -54.06 11.29 -7.89
CA THR E 383 -53.30 12.35 -7.23
C THR E 383 -52.93 11.88 -5.83
N LEU E 384 -51.63 11.89 -5.52
CA LEU E 384 -51.13 11.45 -4.24
C LEU E 384 -50.71 12.66 -3.41
N PRO E 385 -51.40 12.99 -2.32
CA PRO E 385 -50.96 14.14 -1.51
C PRO E 385 -49.63 13.85 -0.85
N CYS E 386 -48.68 14.77 -1.04
CA CYS E 386 -47.32 14.62 -0.55
C CYS E 386 -46.97 15.72 0.43
N ARG E 387 -46.11 15.39 1.38
CA ARG E 387 -45.60 16.33 2.37
C ARG E 387 -44.10 16.48 2.19
N ILE E 388 -43.59 17.67 2.51
CA ILE E 388 -42.19 18.00 2.36
C ILE E 388 -41.58 18.23 3.74
N LYS E 389 -40.39 17.69 3.94
CA LYS E 389 -39.61 17.95 5.13
C LYS E 389 -38.29 18.62 4.74
N GLN E 390 -37.64 19.22 5.73
CA GLN E 390 -36.32 19.81 5.54
C GLN E 390 -35.25 19.14 6.37
N ILE E 391 -35.59 18.60 7.53
CA ILE E 391 -34.65 17.87 8.37
C ILE E 391 -34.79 16.39 8.02
N ILE E 392 -33.77 15.84 7.35
CA ILE E 392 -33.82 14.49 6.79
C ILE E 392 -32.88 13.60 7.59
N ASN E 393 -33.39 12.46 8.04
CA ASN E 393 -32.59 11.43 8.69
C ASN E 393 -32.46 10.28 7.70
N MET E 394 -31.46 10.37 6.83
CA MET E 394 -31.27 9.37 5.79
C MET E 394 -30.68 8.09 6.37
N TRP E 395 -30.88 6.99 5.65
CA TRP E 395 -30.30 5.70 5.98
C TRP E 395 -30.78 5.18 7.33
N GLN E 396 -31.95 5.63 7.79
CA GLN E 396 -32.52 5.17 9.04
C GLN E 396 -31.56 5.38 10.21
N ARG E 397 -30.70 6.39 10.11
CA ARG E 397 -29.71 6.68 11.14
C ARG E 397 -30.26 7.68 12.14
N ILE E 398 -29.90 7.47 13.41
CA ILE E 398 -30.27 8.37 14.50
C ILE E 398 -29.02 9.08 14.97
N GLY E 399 -29.10 10.42 15.05
CA GLY E 399 -27.98 11.23 15.43
C GLY E 399 -27.23 11.87 14.28
N GLN E 400 -27.68 11.67 13.04
CA GLN E 400 -27.05 12.26 11.87
C GLN E 400 -28.18 12.77 10.96
N CYS E 401 -28.58 14.02 11.15
CA CYS E 401 -29.63 14.63 10.37
C CYS E 401 -29.04 15.66 9.40
N MET E 402 -29.73 15.86 8.30
CA MET E 402 -29.31 16.81 7.27
C MET E 402 -30.46 17.77 6.99
N TYR E 403 -30.13 19.04 6.83
CA TYR E 403 -31.11 20.08 6.53
C TYR E 403 -31.07 20.39 5.05
N ALA E 404 -32.18 20.18 4.36
CA ALA E 404 -32.25 20.44 2.93
C ALA E 404 -32.61 21.90 2.69
N PRO E 405 -31.74 22.69 2.07
CA PRO E 405 -32.07 24.10 1.87
C PRO E 405 -33.29 24.25 0.99
N PRO E 406 -34.07 25.33 1.17
CA PRO E 406 -35.19 25.57 0.26
C PRO E 406 -34.71 25.84 -1.15
N ILE E 407 -35.56 25.52 -2.12
CA ILE E 407 -35.26 25.70 -3.53
C ILE E 407 -36.21 26.74 -4.09
N GLN E 408 -35.66 27.78 -4.72
CA GLN E 408 -36.46 28.85 -5.26
C GLN E 408 -37.32 28.35 -6.43
N GLY E 409 -38.48 28.96 -6.58
CA GLY E 409 -39.36 28.63 -7.68
C GLY E 409 -40.17 27.38 -7.43
N VAL E 410 -40.87 26.96 -8.47
CA VAL E 410 -41.71 25.77 -8.42
C VAL E 410 -40.85 24.55 -8.75
N ILE E 411 -41.19 23.42 -8.13
CA ILE E 411 -40.48 22.17 -8.31
C ILE E 411 -41.38 21.22 -9.10
N ARG E 412 -40.81 20.58 -10.12
CA ARG E 412 -41.54 19.62 -10.92
C ARG E 412 -40.56 18.62 -11.50
N CYS E 413 -40.78 17.34 -11.20
CA CYS E 413 -39.93 16.26 -11.69
C CYS E 413 -40.80 15.12 -12.20
N VAL E 414 -40.29 14.42 -13.21
CA VAL E 414 -40.97 13.29 -13.82
C VAL E 414 -40.07 12.07 -13.68
N SER E 415 -40.63 10.98 -13.16
CA SER E 415 -39.89 9.76 -12.93
C SER E 415 -40.71 8.57 -13.41
N ASN E 416 -40.05 7.41 -13.44
CA ASN E 416 -40.67 6.15 -13.85
C ASN E 416 -40.72 5.21 -12.66
N ILE E 417 -41.91 4.69 -12.35
CA ILE E 417 -42.05 3.68 -11.29
C ILE E 417 -41.62 2.35 -11.89
N THR E 418 -40.40 1.93 -11.59
CA THR E 418 -39.86 0.72 -12.17
C THR E 418 -40.27 -0.53 -11.42
N GLY E 419 -40.58 -0.41 -10.13
CA GLY E 419 -40.91 -1.58 -9.35
C GLY E 419 -41.61 -1.20 -8.06
N LEU E 420 -41.76 -2.20 -7.20
CA LEU E 420 -42.43 -2.03 -5.92
C LEU E 420 -41.74 -2.89 -4.87
N ILE E 421 -42.00 -2.58 -3.61
CA ILE E 421 -41.53 -3.37 -2.48
C ILE E 421 -42.77 -3.69 -1.64
N LEU E 422 -43.39 -4.83 -1.91
CA LEU E 422 -44.62 -5.21 -1.25
C LEU E 422 -44.32 -6.08 -0.02
N THR E 423 -45.33 -6.24 0.81
CA THR E 423 -45.27 -7.12 1.97
C THR E 423 -46.63 -7.76 2.19
N ARG E 424 -46.62 -9.05 2.48
CA ARG E 424 -47.86 -9.81 2.64
C ARG E 424 -48.24 -9.91 4.12
N ASP E 425 -49.55 -9.91 4.36
CA ASP E 425 -50.07 -10.05 5.71
C ASP E 425 -50.20 -11.53 6.06
N GLY E 426 -49.82 -11.86 7.29
CA GLY E 426 -49.84 -13.24 7.75
C GLY E 426 -51.25 -13.73 8.05
N GLY E 427 -52.06 -13.86 7.00
CA GLY E 427 -53.44 -14.31 7.18
C GLY E 427 -53.58 -15.81 7.19
N SER E 428 -53.64 -16.38 8.39
CA SER E 428 -53.80 -17.81 8.57
C SER E 428 -55.28 -18.14 8.79
N THR E 429 -55.56 -19.41 9.11
CA THR E 429 -56.91 -19.87 9.42
C THR E 429 -57.80 -19.81 8.17
N ASN E 430 -57.39 -20.57 7.15
CA ASN E 430 -58.16 -20.72 5.92
C ASN E 430 -58.45 -19.35 5.29
N SER E 431 -57.37 -18.66 4.93
CA SER E 431 -57.46 -17.35 4.29
C SER E 431 -57.42 -17.56 2.78
N THR E 432 -58.56 -17.32 2.12
CA THR E 432 -58.64 -17.43 0.68
C THR E 432 -58.22 -16.16 -0.04
N THR E 433 -57.85 -15.12 0.71
CA THR E 433 -57.41 -13.85 0.13
C THR E 433 -56.06 -13.47 0.70
N GLU E 434 -55.25 -12.82 -0.13
CA GLU E 434 -53.92 -12.36 0.26
C GLU E 434 -53.88 -10.84 0.13
N THR E 435 -53.39 -10.18 1.18
CA THR E 435 -53.29 -8.73 1.23
C THR E 435 -51.82 -8.34 1.13
N PHE E 436 -51.50 -7.52 0.14
CA PHE E 436 -50.14 -7.02 -0.08
C PHE E 436 -50.14 -5.52 0.18
N ARG E 437 -49.27 -5.09 1.08
CA ARG E 437 -49.13 -3.68 1.40
C ARG E 437 -47.74 -3.18 1.00
N PRO E 438 -47.60 -1.91 0.66
CA PRO E 438 -46.26 -1.39 0.34
C PRO E 438 -45.34 -1.49 1.54
N GLY E 439 -44.06 -1.76 1.27
CA GLY E 439 -43.07 -1.86 2.31
C GLY E 439 -41.93 -0.88 2.10
N GLY E 440 -40.77 -1.15 2.70
CA GLY E 440 -39.63 -0.29 2.54
C GLY E 440 -38.69 -0.34 3.72
N GLY E 441 -38.21 0.82 4.14
CA GLY E 441 -37.29 0.89 5.27
C GLY E 441 -35.86 0.71 4.84
N ASP E 442 -35.34 -0.51 5.00
CA ASP E 442 -33.97 -0.80 4.60
C ASP E 442 -33.79 -0.48 3.12
N MET E 443 -32.75 0.30 2.81
CA MET E 443 -32.48 0.67 1.43
C MET E 443 -31.68 -0.39 0.69
N ARG E 444 -31.22 -1.44 1.37
CA ARG E 444 -30.54 -2.52 0.69
C ARG E 444 -31.44 -3.15 -0.37
N ASP E 445 -32.74 -3.22 -0.08
CA ASP E 445 -33.67 -3.76 -1.06
C ASP E 445 -33.70 -2.91 -2.32
N ASN E 446 -33.47 -1.61 -2.20
CA ASN E 446 -33.39 -0.76 -3.38
C ASN E 446 -32.21 -1.15 -4.26
N TRP E 447 -31.05 -1.38 -3.65
CA TRP E 447 -29.90 -1.82 -4.43
C TRP E 447 -30.07 -3.27 -4.90
N ARG E 448 -30.66 -4.12 -4.05
CA ARG E 448 -30.83 -5.51 -4.41
C ARG E 448 -31.63 -5.67 -5.70
N SER E 449 -32.52 -4.72 -5.99
CA SER E 449 -33.31 -4.78 -7.21
C SER E 449 -32.47 -4.56 -8.46
N GLU E 450 -31.23 -4.08 -8.31
CA GLU E 450 -30.35 -3.84 -9.45
C GLU E 450 -29.14 -4.75 -9.50
N LEU E 451 -28.67 -5.22 -8.35
CA LEU E 451 -27.50 -6.09 -8.30
C LEU E 451 -27.85 -7.57 -8.29
N TYR E 452 -29.13 -7.91 -8.45
CA TYR E 452 -29.51 -9.31 -8.50
C TYR E 452 -28.83 -10.05 -9.64
N LYS E 453 -28.45 -9.32 -10.70
CA LYS E 453 -27.85 -9.94 -11.87
C LYS E 453 -26.41 -10.36 -11.63
N TYR E 454 -25.72 -9.74 -10.67
CA TYR E 454 -24.28 -9.85 -10.55
C TYR E 454 -23.89 -10.65 -9.31
N LYS E 455 -22.70 -11.25 -9.36
CA LYS E 455 -22.10 -11.91 -8.22
C LYS E 455 -20.59 -11.90 -8.41
N VAL E 456 -19.87 -11.81 -7.29
CA VAL E 456 -18.41 -11.74 -7.30
C VAL E 456 -17.85 -13.12 -7.02
N VAL E 457 -16.85 -13.53 -7.80
CA VAL E 457 -16.20 -14.82 -7.63
C VAL E 457 -14.70 -14.59 -7.58
N LYS E 458 -13.99 -15.54 -6.96
CA LYS E 458 -12.55 -15.49 -6.83
C LYS E 458 -11.94 -16.55 -7.73
N ILE E 459 -10.97 -16.15 -8.55
CA ILE E 459 -10.38 -17.04 -9.53
C ILE E 459 -9.30 -17.89 -8.87
N GLU E 460 -9.34 -19.19 -9.12
CA GLU E 460 -8.34 -20.13 -8.61
C GLU E 460 -7.56 -20.70 -9.78
N PRO E 461 -6.39 -20.18 -10.12
CA PRO E 461 -5.71 -20.61 -11.35
C PRO E 461 -4.96 -21.93 -11.22
N LEU E 462 -4.85 -22.49 -10.03
CA LEU E 462 -4.08 -23.70 -9.81
C LEU E 462 -5.02 -24.91 -9.86
N GLY E 463 -4.64 -25.90 -10.66
CA GLY E 463 -5.42 -27.12 -10.77
C GLY E 463 -4.52 -28.33 -10.89
N VAL E 464 -5.00 -29.45 -10.35
CA VAL E 464 -4.28 -30.71 -10.38
C VAL E 464 -5.19 -31.78 -10.97
N ALA E 465 -4.71 -32.48 -11.98
CA ALA E 465 -5.48 -33.50 -12.66
C ALA E 465 -4.58 -34.68 -12.98
N PRO E 466 -5.13 -35.88 -13.15
CA PRO E 466 -4.30 -37.03 -13.51
C PRO E 466 -3.99 -37.06 -14.99
N THR E 467 -2.74 -37.42 -15.30
CA THR E 467 -2.30 -37.56 -16.68
C THR E 467 -1.32 -38.71 -16.76
N ARG E 468 -1.02 -39.12 -17.99
CA ARG E 468 -0.06 -40.20 -18.25
C ARG E 468 1.37 -39.70 -18.31
N CYS E 469 1.60 -38.40 -18.18
CA CYS E 469 2.94 -37.84 -18.25
C CYS E 469 3.61 -37.92 -16.88
N LYS E 470 4.91 -38.19 -16.89
CA LYS E 470 5.70 -38.31 -15.67
C LYS E 470 6.94 -37.43 -15.80
N ARG E 471 7.31 -36.79 -14.69
CA ARG E 471 8.47 -35.92 -14.70
C ARG E 471 9.74 -36.70 -14.99
N ARG E 472 10.66 -36.08 -15.72
CA ARG E 472 11.92 -36.72 -16.05
C ARG E 472 12.84 -36.75 -14.82
N VAL E 473 13.73 -37.73 -14.81
CA VAL E 473 14.69 -37.88 -13.73
C VAL E 473 16.10 -37.52 -14.22
N GLY F 3 -7.58 -23.45 -29.14
CA GLY F 3 -7.26 -24.30 -30.28
C GLY F 3 -6.40 -23.58 -31.30
N ILE F 4 -6.07 -24.29 -32.40
CA ILE F 4 -5.28 -23.68 -33.45
C ILE F 4 -6.02 -22.48 -34.04
N GLY F 5 -7.31 -22.65 -34.31
CA GLY F 5 -8.16 -21.55 -34.72
C GLY F 5 -9.39 -21.49 -33.86
N ALA F 6 -9.54 -20.43 -33.07
CA ALA F 6 -10.59 -20.34 -32.06
C ALA F 6 -11.56 -19.23 -32.41
N VAL F 7 -12.83 -19.43 -32.04
CA VAL F 7 -13.84 -18.42 -32.27
C VAL F 7 -13.50 -17.15 -31.50
N PHE F 8 -13.15 -17.28 -30.23
CA PHE F 8 -12.72 -16.14 -29.44
C PHE F 8 -12.12 -16.65 -28.14
N LEU F 9 -11.05 -16.00 -27.69
CA LEU F 9 -10.40 -16.31 -26.43
C LEU F 9 -10.63 -15.14 -25.48
N GLY F 10 -11.22 -15.43 -24.32
CA GLY F 10 -11.48 -14.40 -23.34
C GLY F 10 -11.28 -14.93 -21.94
N PHE F 11 -11.19 -14.00 -20.99
CA PHE F 11 -11.02 -14.37 -19.60
C PHE F 11 -12.13 -15.31 -19.17
N LEU F 12 -11.76 -16.50 -18.70
CA LEU F 12 -12.70 -17.53 -18.27
C LEU F 12 -13.61 -17.98 -19.42
N GLY F 13 -13.21 -17.72 -20.66
CA GLY F 13 -14.04 -18.11 -21.79
C GLY F 13 -14.27 -19.61 -21.86
N ALA F 14 -13.24 -20.39 -21.52
CA ALA F 14 -13.31 -21.84 -21.56
C ALA F 14 -13.81 -22.44 -20.25
N ALA F 15 -14.47 -21.65 -19.41
CA ALA F 15 -14.97 -22.16 -18.13
C ALA F 15 -15.94 -23.30 -18.33
N GLY F 16 -16.64 -23.33 -19.47
CA GLY F 16 -17.59 -24.38 -19.77
C GLY F 16 -17.06 -25.46 -20.68
N SER F 17 -15.85 -25.33 -21.20
CA SER F 17 -15.28 -26.35 -22.07
C SER F 17 -14.69 -27.48 -21.24
N THR F 18 -14.53 -28.63 -21.89
CA THR F 18 -13.93 -29.77 -21.23
C THR F 18 -12.49 -29.46 -20.83
N MET F 19 -12.00 -30.16 -19.81
CA MET F 19 -10.65 -29.87 -19.30
C MET F 19 -9.61 -29.97 -20.41
N GLY F 20 -9.81 -30.87 -21.37
CA GLY F 20 -8.87 -30.96 -22.47
C GLY F 20 -8.83 -29.71 -23.32
N ALA F 21 -10.02 -29.18 -23.66
CA ALA F 21 -10.09 -27.98 -24.48
C ALA F 21 -9.72 -26.74 -23.68
N ALA F 22 -10.15 -26.67 -22.43
CA ALA F 22 -9.83 -25.51 -21.59
C ALA F 22 -8.36 -25.45 -21.22
N SER F 23 -7.60 -26.51 -21.43
CA SER F 23 -6.18 -26.52 -21.12
C SER F 23 -5.35 -25.81 -22.17
N MET F 24 -5.93 -25.45 -23.30
CA MET F 24 -5.23 -24.72 -24.35
C MET F 24 -5.41 -23.21 -24.22
N THR F 25 -6.05 -22.75 -23.15
CA THR F 25 -6.29 -21.33 -22.92
C THR F 25 -5.82 -20.90 -21.55
N LEU F 26 -4.79 -21.57 -21.01
CA LEU F 26 -4.30 -21.25 -19.68
C LEU F 26 -3.76 -19.82 -19.63
N THR F 27 -3.04 -19.40 -20.67
CA THR F 27 -2.47 -18.07 -20.67
C THR F 27 -3.55 -16.99 -20.59
N VAL F 28 -4.73 -17.27 -21.14
CA VAL F 28 -5.81 -16.28 -21.13
C VAL F 28 -6.16 -15.89 -19.70
N GLN F 29 -6.30 -16.89 -18.82
CA GLN F 29 -6.58 -16.61 -17.42
C GLN F 29 -5.33 -16.13 -16.70
N ALA F 30 -4.17 -16.69 -17.02
CA ALA F 30 -2.95 -16.35 -16.30
C ALA F 30 -2.56 -14.90 -16.50
N ARG F 31 -2.89 -14.30 -17.65
CA ARG F 31 -2.49 -12.94 -17.93
C ARG F 31 -3.42 -11.90 -17.32
N ASN F 32 -4.53 -12.32 -16.70
CA ASN F 32 -5.50 -11.40 -16.12
C ASN F 32 -5.57 -11.51 -14.60
N LEU F 33 -4.58 -12.16 -13.98
CA LEU F 33 -4.57 -12.34 -12.53
C LEU F 33 -3.85 -11.23 -11.79
N LEU F 34 -3.37 -10.21 -12.50
CA LEU F 34 -2.61 -9.13 -11.88
C LEU F 34 -3.04 -7.74 -12.28
N SER F 35 -3.72 -7.56 -13.41
CA SER F 35 -4.13 -6.26 -13.91
C SER F 35 -5.64 -6.17 -13.89
N GLY F 36 -6.16 -5.06 -13.35
CA GLY F 36 -7.59 -4.84 -13.27
C GLY F 36 -7.94 -3.52 -12.63
N LEU F 57 -4.94 10.27 4.01
CA LEU F 57 -5.63 11.08 3.02
C LEU F 57 -7.12 10.75 3.03
N THR F 58 -7.46 9.50 2.70
CA THR F 58 -8.83 9.04 2.71
C THR F 58 -8.83 7.53 2.93
N VAL F 59 -10.03 6.97 3.08
CA VAL F 59 -10.16 5.53 3.22
C VAL F 59 -10.29 4.84 1.86
N TRP F 60 -10.79 5.55 0.85
CA TRP F 60 -10.87 4.97 -0.49
C TRP F 60 -9.50 4.61 -1.01
N GLY F 61 -8.53 5.51 -0.85
CA GLY F 61 -7.16 5.19 -1.24
C GLY F 61 -6.62 3.99 -0.48
N ILE F 62 -6.87 3.94 0.83
CA ILE F 62 -6.39 2.82 1.62
C ILE F 62 -7.04 1.52 1.17
N LYS F 63 -8.35 1.54 0.92
CA LYS F 63 -9.04 0.34 0.48
C LYS F 63 -8.52 -0.13 -0.87
N GLN F 64 -8.29 0.81 -1.79
CA GLN F 64 -7.70 0.46 -3.07
C GLN F 64 -6.32 -0.16 -2.89
N LEU F 65 -5.52 0.42 -2.00
CA LEU F 65 -4.18 -0.12 -1.73
C LEU F 65 -4.28 -1.53 -1.19
N GLN F 66 -5.23 -1.77 -0.28
CA GLN F 66 -5.42 -3.12 0.25
C GLN F 66 -5.80 -4.09 -0.86
N ALA F 67 -6.69 -3.68 -1.77
CA ALA F 67 -7.08 -4.56 -2.86
C ALA F 67 -5.89 -4.91 -3.74
N ARG F 68 -5.09 -3.90 -4.09
CA ARG F 68 -3.94 -4.14 -4.95
C ARG F 68 -2.92 -5.04 -4.27
N VAL F 69 -2.65 -4.78 -2.99
CA VAL F 69 -1.72 -5.62 -2.24
C VAL F 69 -2.24 -7.05 -2.15
N LEU F 70 -3.55 -7.21 -1.98
CA LEU F 70 -4.12 -8.56 -1.92
C LEU F 70 -3.92 -9.29 -3.24
N ALA F 71 -4.14 -8.59 -4.36
CA ALA F 71 -3.90 -9.23 -5.65
C ALA F 71 -2.45 -9.67 -5.77
N VAL F 72 -1.52 -8.80 -5.38
CA VAL F 72 -0.10 -9.14 -5.46
C VAL F 72 0.20 -10.35 -4.58
N GLU F 73 -0.32 -10.37 -3.35
CA GLU F 73 -0.06 -11.47 -2.44
C GLU F 73 -0.60 -12.77 -2.98
N ARG F 74 -1.81 -12.76 -3.55
CA ARG F 74 -2.37 -13.99 -4.10
C ARG F 74 -1.52 -14.50 -5.26
N TYR F 75 -1.11 -13.60 -6.15
CA TYR F 75 -0.26 -14.02 -7.27
C TYR F 75 1.04 -14.62 -6.76
N LEU F 76 1.66 -13.97 -5.78
CA LEU F 76 2.94 -14.46 -5.26
C LEU F 76 2.76 -15.78 -4.54
N ARG F 77 1.64 -15.98 -3.84
CA ARG F 77 1.39 -17.25 -3.18
C ARG F 77 1.26 -18.36 -4.21
N ASP F 78 0.53 -18.11 -5.29
CA ASP F 78 0.42 -19.12 -6.34
C ASP F 78 1.78 -19.43 -6.94
N GLN F 79 2.59 -18.40 -7.20
CA GLN F 79 3.92 -18.62 -7.77
C GLN F 79 4.80 -19.41 -6.82
N GLN F 80 4.73 -19.10 -5.52
CA GLN F 80 5.53 -19.84 -4.55
C GLN F 80 5.09 -21.30 -4.48
N LEU F 81 3.78 -21.54 -4.52
CA LEU F 81 3.29 -22.91 -4.53
C LEU F 81 3.83 -23.67 -5.74
N LEU F 82 3.81 -23.02 -6.91
CA LEU F 82 4.40 -23.65 -8.09
C LEU F 82 5.89 -23.93 -7.88
N GLY F 83 6.60 -22.97 -7.32
CA GLY F 83 8.04 -23.12 -7.16
C GLY F 83 8.41 -24.27 -6.24
N ILE F 84 7.75 -24.36 -5.09
CA ILE F 84 8.07 -25.42 -4.13
C ILE F 84 7.69 -26.79 -4.64
N TRP F 85 6.90 -26.89 -5.70
CA TRP F 85 6.61 -28.15 -6.35
C TRP F 85 7.57 -28.45 -7.50
N GLY F 86 8.49 -27.55 -7.80
CA GLY F 86 9.39 -27.72 -8.92
C GLY F 86 8.80 -27.32 -10.26
N CYS F 87 7.61 -26.73 -10.27
CA CYS F 87 6.93 -26.32 -11.49
C CYS F 87 7.06 -24.82 -11.77
N SER F 88 8.19 -24.23 -11.40
CA SER F 88 8.36 -22.79 -11.52
C SER F 88 8.25 -22.36 -12.99
N GLY F 89 7.47 -21.33 -13.24
CA GLY F 89 7.36 -20.77 -14.57
C GLY F 89 6.88 -21.75 -15.62
N LYS F 90 5.89 -22.58 -15.29
CA LYS F 90 5.35 -23.55 -16.23
C LYS F 90 3.83 -23.53 -16.14
N LEU F 91 3.18 -23.54 -17.31
CA LEU F 91 1.72 -23.63 -17.34
C LEU F 91 1.25 -25.04 -17.09
N ILE F 92 1.89 -26.03 -17.70
CA ILE F 92 1.59 -27.44 -17.49
C ILE F 92 2.89 -28.12 -17.05
N CYS F 93 2.89 -28.65 -15.83
CA CYS F 93 4.08 -29.26 -15.24
C CYS F 93 3.76 -30.68 -14.81
N CYS F 94 4.53 -31.64 -15.33
CA CYS F 94 4.39 -33.02 -14.91
C CYS F 94 5.13 -33.25 -13.60
N THR F 95 4.60 -34.15 -12.79
CA THR F 95 5.14 -34.39 -11.45
C THR F 95 5.36 -35.90 -11.26
N ASN F 96 6.08 -36.22 -10.19
CA ASN F 96 6.42 -37.60 -9.86
C ASN F 96 5.43 -38.22 -8.87
N VAL F 97 4.37 -37.52 -8.51
CA VAL F 97 3.40 -38.00 -7.54
C VAL F 97 2.38 -38.86 -8.28
N PRO F 98 2.28 -40.16 -7.98
CA PRO F 98 1.26 -40.98 -8.63
C PRO F 98 -0.14 -40.59 -8.18
N TRP F 99 -1.12 -40.86 -9.04
CA TRP F 99 -2.50 -40.54 -8.74
C TRP F 99 -3.12 -41.65 -7.91
N ASN F 100 -3.56 -41.31 -6.70
CA ASN F 100 -4.24 -42.27 -5.84
C ASN F 100 -5.70 -42.36 -6.26
N SER F 101 -6.15 -43.57 -6.61
CA SER F 101 -7.51 -43.75 -7.10
C SER F 101 -8.55 -43.30 -6.08
N SER F 102 -8.19 -43.25 -4.79
CA SER F 102 -9.13 -42.78 -3.79
C SER F 102 -9.57 -41.35 -4.07
N TRP F 103 -8.65 -40.52 -4.58
CA TRP F 103 -9.00 -39.15 -4.89
C TRP F 103 -10.10 -39.08 -5.96
N SER F 104 -9.99 -39.92 -6.98
CA SER F 104 -11.01 -39.98 -8.02
C SER F 104 -10.75 -41.23 -8.86
N ASN F 105 -11.82 -41.98 -9.14
CA ASN F 105 -11.73 -43.23 -9.88
C ASN F 105 -12.11 -43.08 -11.34
N ARG F 106 -12.29 -41.85 -11.82
CA ARG F 106 -12.73 -41.65 -13.19
C ARG F 106 -11.62 -41.97 -14.17
N ASN F 107 -12.01 -42.41 -15.36
CA ASN F 107 -11.06 -42.74 -16.40
C ASN F 107 -10.42 -41.47 -16.96
N LEU F 108 -9.26 -41.66 -17.61
CA LEU F 108 -8.57 -40.52 -18.21
C LEU F 108 -9.43 -39.88 -19.29
N SER F 109 -10.03 -40.69 -20.15
CA SER F 109 -10.88 -40.15 -21.20
C SER F 109 -12.11 -39.46 -20.65
N GLU F 110 -12.66 -39.98 -19.55
CA GLU F 110 -13.86 -39.42 -18.96
C GLU F 110 -13.58 -38.21 -18.09
N ILE F 111 -12.30 -37.88 -17.85
CA ILE F 111 -11.95 -36.64 -17.16
C ILE F 111 -11.63 -35.53 -18.16
N TRP F 112 -10.81 -35.82 -19.16
CA TRP F 112 -10.31 -34.80 -20.07
C TRP F 112 -11.23 -34.56 -21.26
N ASP F 113 -12.34 -35.28 -21.37
CA ASP F 113 -13.24 -35.10 -22.50
C ASP F 113 -14.71 -35.13 -22.11
N ASN F 114 -15.03 -35.21 -20.81
CA ASN F 114 -16.43 -35.31 -20.40
C ASN F 114 -16.75 -34.47 -19.16
N MET F 115 -15.86 -33.56 -18.75
CA MET F 115 -16.15 -32.69 -17.63
C MET F 115 -15.28 -31.45 -17.75
N THR F 116 -15.68 -30.40 -17.04
CA THR F 116 -14.98 -29.13 -17.05
C THR F 116 -14.15 -28.97 -15.78
N TRP F 117 -13.25 -27.99 -15.81
CA TRP F 117 -12.39 -27.76 -14.65
C TRP F 117 -13.21 -27.40 -13.42
N LEU F 118 -14.28 -26.63 -13.61
CA LEU F 118 -15.16 -26.30 -12.48
C LEU F 118 -15.77 -27.56 -11.88
N GLN F 119 -16.26 -28.46 -12.74
CA GLN F 119 -16.79 -29.72 -12.25
C GLN F 119 -15.71 -30.55 -11.57
N TRP F 120 -14.52 -30.60 -12.18
CA TRP F 120 -13.43 -31.37 -11.60
C TRP F 120 -13.03 -30.83 -10.24
N ASP F 121 -12.96 -29.51 -10.10
CA ASP F 121 -12.55 -28.92 -8.84
C ASP F 121 -13.52 -29.29 -7.72
N LYS F 122 -14.81 -29.28 -8.00
CA LYS F 122 -15.80 -29.62 -6.99
C LYS F 122 -15.63 -31.06 -6.51
N GLU F 123 -15.06 -31.92 -7.35
CA GLU F 123 -14.95 -33.33 -6.99
C GLU F 123 -13.73 -33.59 -6.11
N ILE F 124 -12.57 -33.04 -6.47
CA ILE F 124 -11.34 -33.29 -5.75
C ILE F 124 -11.04 -32.16 -4.75
N SER F 125 -12.04 -31.37 -4.39
CA SER F 125 -11.81 -30.28 -3.44
C SER F 125 -11.34 -30.82 -2.09
N ASN F 126 -11.91 -31.94 -1.64
CA ASN F 126 -11.52 -32.50 -0.36
C ASN F 126 -10.06 -32.92 -0.35
N TYR F 127 -9.57 -33.51 -1.44
CA TYR F 127 -8.24 -34.09 -1.49
C TYR F 127 -7.19 -33.13 -2.04
N THR F 128 -7.49 -31.83 -2.10
CA THR F 128 -6.55 -30.89 -2.70
C THR F 128 -5.32 -30.69 -1.81
N GLN F 129 -5.53 -30.48 -0.51
CA GLN F 129 -4.40 -30.22 0.38
C GLN F 129 -3.50 -31.45 0.47
N ILE F 130 -4.08 -32.65 0.45
CA ILE F 130 -3.27 -33.86 0.44
C ILE F 130 -2.35 -33.88 -0.77
N ILE F 131 -2.90 -33.55 -1.94
CA ILE F 131 -2.10 -33.54 -3.16
C ILE F 131 -1.01 -32.48 -3.08
N TYR F 132 -1.33 -31.32 -2.52
CA TYR F 132 -0.34 -30.26 -2.41
C TYR F 132 0.82 -30.69 -1.51
N GLY F 133 0.50 -31.31 -0.37
CA GLY F 133 1.55 -31.80 0.51
C GLY F 133 2.38 -32.87 -0.13
N LEU F 134 1.74 -33.80 -0.85
CA LEU F 134 2.48 -34.84 -1.54
C LEU F 134 3.40 -34.24 -2.60
N LEU F 135 2.92 -33.23 -3.32
CA LEU F 135 3.77 -32.58 -4.31
C LEU F 135 4.97 -31.93 -3.66
N GLU F 136 4.77 -31.24 -2.54
CA GLU F 136 5.88 -30.59 -1.86
C GLU F 136 6.91 -31.61 -1.39
N GLU F 137 6.44 -32.70 -0.78
CA GLU F 137 7.38 -33.72 -0.29
C GLU F 137 8.10 -34.40 -1.43
N SER F 138 7.40 -34.67 -2.53
CA SER F 138 8.05 -35.28 -3.69
C SER F 138 9.12 -34.36 -4.27
N GLN F 139 8.85 -33.06 -4.33
CA GLN F 139 9.86 -32.13 -4.80
C GLN F 139 11.04 -32.09 -3.84
N ASN F 140 10.79 -32.22 -2.55
CA ASN F 140 11.89 -32.30 -1.58
C ASN F 140 12.76 -33.52 -1.86
N GLN F 141 12.13 -34.67 -2.11
CA GLN F 141 12.90 -35.87 -2.42
C GLN F 141 13.70 -35.69 -3.71
N GLN F 142 13.09 -35.08 -4.72
CA GLN F 142 13.80 -34.86 -5.98
C GLN F 142 14.99 -33.94 -5.78
N GLU F 143 14.83 -32.90 -4.96
CA GLU F 143 15.93 -31.99 -4.70
C GLU F 143 17.05 -32.69 -3.95
N LYS F 144 16.71 -33.56 -2.98
CA LYS F 144 17.75 -34.34 -2.32
C LYS F 144 18.48 -35.23 -3.30
N ASN F 145 17.75 -35.88 -4.20
CA ASN F 145 18.40 -36.75 -5.18
C ASN F 145 19.34 -35.95 -6.07
N GLU F 146 18.89 -34.77 -6.51
CA GLU F 146 19.73 -33.91 -7.33
C GLU F 146 21.00 -33.55 -6.58
N GLN F 147 20.85 -33.10 -5.33
CA GLN F 147 22.01 -32.66 -4.55
C GLN F 147 22.98 -33.82 -4.32
N ASP F 148 22.47 -35.00 -3.99
CA ASP F 148 23.34 -36.15 -3.75
C ASP F 148 24.07 -36.55 -5.03
N LEU F 149 23.37 -36.58 -6.16
CA LEU F 149 24.02 -36.91 -7.42
C LEU F 149 25.11 -35.90 -7.75
N LEU F 150 24.81 -34.61 -7.54
CA LEU F 150 25.81 -33.58 -7.82
C LEU F 150 27.03 -33.74 -6.93
N ALA F 151 26.82 -33.98 -5.64
CA ALA F 151 27.95 -34.19 -4.74
C ALA F 151 28.73 -35.45 -5.09
N LEU F 152 28.06 -36.45 -5.67
CA LEU F 152 28.76 -37.68 -6.05
C LEU F 152 29.81 -37.40 -7.11
N ASP F 153 29.48 -36.56 -8.09
CA ASP F 153 30.42 -36.25 -9.17
C ASP F 153 31.53 -35.34 -8.67
N GLU G 1 11.12 -56.81 14.64
CA GLU G 1 10.83 -56.22 15.97
C GLU G 1 12.07 -55.45 16.41
N VAL G 2 11.86 -54.23 16.91
CA VAL G 2 12.95 -53.31 17.21
C VAL G 2 13.41 -53.54 18.64
N GLN G 3 14.70 -53.83 18.79
CA GLN G 3 15.31 -54.03 20.10
C GLN G 3 16.30 -52.92 20.40
N LEU G 4 16.22 -52.37 21.61
CA LEU G 4 17.17 -51.39 22.10
C LEU G 4 17.61 -51.81 23.50
N VAL G 5 18.89 -52.11 23.64
CA VAL G 5 19.45 -52.61 24.89
C VAL G 5 20.54 -51.64 25.34
N GLU G 6 20.42 -51.16 26.57
CA GLU G 6 21.39 -50.23 27.13
C GLU G 6 22.51 -51.00 27.83
N SER G 7 23.51 -50.26 28.28
CA SER G 7 24.65 -50.85 28.98
C SER G 7 25.55 -49.73 29.48
N GLY G 8 26.41 -50.08 30.43
CA GLY G 8 27.39 -49.16 30.97
C GLY G 8 26.99 -48.47 32.25
N GLY G 9 25.70 -48.43 32.57
CA GLY G 9 25.26 -47.75 33.77
C GLY G 9 25.78 -48.43 35.02
N GLY G 10 25.88 -47.64 36.09
CA GLY G 10 26.39 -48.18 37.34
C GLY G 10 26.67 -47.07 38.34
N LEU G 11 27.62 -47.34 39.24
CA LEU G 11 27.98 -46.42 40.29
C LEU G 11 29.22 -45.63 39.86
N VAL G 12 29.13 -44.31 39.91
CA VAL G 12 30.23 -43.42 39.55
C VAL G 12 30.29 -42.30 40.57
N GLN G 13 31.51 -41.94 40.97
CA GLN G 13 31.69 -40.88 41.95
C GLN G 13 31.34 -39.54 41.33
N PRO G 14 30.91 -38.56 42.13
CA PRO G 14 30.64 -37.23 41.58
C PRO G 14 31.87 -36.65 40.91
N GLY G 15 31.66 -35.96 39.79
CA GLY G 15 32.74 -35.42 39.01
C GLY G 15 33.43 -36.43 38.11
N GLY G 16 32.99 -37.68 38.10
CA GLY G 16 33.58 -38.72 37.28
C GLY G 16 33.04 -38.72 35.87
N SER G 17 33.36 -39.78 35.15
CA SER G 17 32.95 -39.95 33.76
C SER G 17 32.26 -41.30 33.60
N LEU G 18 31.36 -41.36 32.62
CA LEU G 18 30.61 -42.59 32.36
C LEU G 18 30.15 -42.57 30.91
N ARG G 19 30.15 -43.74 30.28
CA ARG G 19 29.73 -43.89 28.90
C ARG G 19 28.67 -44.98 28.80
N LEU G 20 27.57 -44.68 28.13
CA LEU G 20 26.50 -45.63 27.90
C LEU G 20 26.47 -46.02 26.42
N SER G 21 25.95 -47.22 26.15
CA SER G 21 25.80 -47.71 24.80
C SER G 21 24.41 -48.29 24.62
N CYS G 22 23.87 -48.16 23.41
CA CYS G 22 22.54 -48.67 23.10
C CYS G 22 22.60 -49.34 21.74
N SER G 23 22.59 -50.67 21.74
CA SER G 23 22.60 -51.43 20.50
C SER G 23 21.19 -51.53 19.95
N ALA G 24 20.99 -51.08 18.72
CA ALA G 24 19.69 -51.03 18.08
C ALA G 24 19.65 -51.98 16.90
N SER G 25 18.56 -52.74 16.80
CA SER G 25 18.38 -53.68 15.70
C SER G 25 16.89 -53.76 15.36
N GLY G 26 16.61 -54.14 14.13
CA GLY G 26 15.25 -54.28 13.64
C GLY G 26 14.74 -53.12 12.83
N PHE G 27 15.57 -52.11 12.56
CA PHE G 27 15.15 -50.97 11.76
C PHE G 27 16.40 -50.29 11.20
N THR G 28 16.18 -49.45 10.19
CA THR G 28 17.27 -48.68 9.60
C THR G 28 17.76 -47.66 10.61
N PHE G 29 18.93 -47.93 11.21
CA PHE G 29 19.41 -47.07 12.28
C PHE G 29 19.68 -45.65 11.79
N SER G 30 20.27 -45.52 10.59
CA SER G 30 20.66 -44.21 10.09
C SER G 30 19.48 -43.37 9.66
N SER G 31 18.28 -43.94 9.56
CA SER G 31 17.12 -43.22 9.05
C SER G 31 16.28 -42.56 10.14
N TYR G 32 16.64 -42.73 11.41
CA TYR G 32 15.84 -42.20 12.51
C TYR G 32 16.74 -41.57 13.56
N ALA G 33 16.26 -40.50 14.16
CA ALA G 33 16.99 -39.84 15.23
C ALA G 33 16.92 -40.67 16.51
N MET G 34 17.88 -40.46 17.39
CA MET G 34 17.97 -41.15 18.66
C MET G 34 18.00 -40.14 19.80
N HIS G 35 17.26 -40.43 20.86
CA HIS G 35 17.17 -39.56 22.02
C HIS G 35 17.57 -40.33 23.27
N TRP G 36 18.06 -39.59 24.26
CA TRP G 36 18.31 -40.13 25.59
C TRP G 36 17.34 -39.47 26.56
N VAL G 37 16.56 -40.29 27.26
CA VAL G 37 15.55 -39.82 28.20
C VAL G 37 15.85 -40.43 29.56
N ARG G 38 15.92 -39.59 30.59
CA ARG G 38 16.24 -40.04 31.93
C ARG G 38 15.06 -39.81 32.85
N GLN G 39 14.88 -40.72 33.81
CA GLN G 39 13.81 -40.66 34.79
C GLN G 39 14.44 -40.74 36.17
N ALA G 40 14.67 -39.58 36.79
CA ALA G 40 15.22 -39.57 38.14
C ALA G 40 14.23 -40.23 39.09
N PRO G 41 14.71 -40.91 40.14
CA PRO G 41 13.79 -41.57 41.06
C PRO G 41 12.77 -40.59 41.62
N GLY G 42 11.50 -41.01 41.60
CA GLY G 42 10.44 -40.14 42.09
C GLY G 42 10.14 -38.96 41.20
N LYS G 43 10.48 -39.03 39.92
CA LYS G 43 10.23 -37.94 39.00
C LYS G 43 9.82 -38.51 37.64
N GLY G 44 9.25 -37.65 36.80
CA GLY G 44 8.82 -38.04 35.48
C GLY G 44 9.95 -38.09 34.49
N LEU G 45 9.61 -38.51 33.28
CA LEU G 45 10.59 -38.62 32.21
C LEU G 45 11.09 -37.24 31.81
N GLU G 46 12.39 -37.15 31.55
CA GLU G 46 13.04 -35.88 31.22
C GLU G 46 13.92 -36.06 30.00
N TYR G 47 13.92 -35.04 29.13
CA TYR G 47 14.75 -35.05 27.93
C TYR G 47 16.19 -34.73 28.28
N VAL G 48 17.13 -35.51 27.76
CA VAL G 48 18.55 -35.33 28.01
C VAL G 48 19.28 -34.84 26.76
N SER G 49 19.24 -35.61 25.68
CA SER G 49 19.92 -35.23 24.45
C SER G 49 19.32 -36.01 23.29
N ALA G 50 19.58 -35.51 22.08
CA ALA G 50 19.10 -36.15 20.87
C ALA G 50 20.15 -35.97 19.78
N ILE G 51 20.12 -36.88 18.80
CA ILE G 51 21.07 -36.87 17.69
C ILE G 51 20.31 -37.21 16.41
N SER G 52 20.64 -36.51 15.33
CA SER G 52 19.97 -36.71 14.06
C SER G 52 20.31 -38.09 13.49
N GLY G 53 19.74 -38.38 12.33
CA GLY G 53 19.91 -39.70 11.75
C GLY G 53 21.35 -40.02 11.42
N ASN G 54 22.05 -39.08 10.78
CA ASN G 54 23.42 -39.28 10.35
C ASN G 54 24.44 -38.72 11.34
N GLY G 55 23.99 -38.19 12.47
CA GLY G 55 24.90 -37.73 13.50
C GLY G 55 25.46 -36.34 13.30
N ASP G 56 25.02 -35.62 12.26
CA ASP G 56 25.57 -34.29 12.03
C ASP G 56 25.05 -33.28 13.03
N SER G 57 23.83 -33.45 13.51
CA SER G 57 23.20 -32.53 14.44
C SER G 57 22.90 -33.23 15.75
N THR G 58 23.36 -32.65 16.86
CA THR G 58 23.10 -33.18 18.19
C THR G 58 22.52 -32.08 19.06
N TYR G 59 21.55 -32.45 19.89
CA TYR G 59 20.86 -31.53 20.77
C TYR G 59 21.03 -31.95 22.22
N TYR G 60 21.09 -30.97 23.12
CA TYR G 60 21.33 -31.23 24.53
C TYR G 60 20.40 -30.38 25.37
N ALA G 61 20.00 -30.92 26.51
CA ALA G 61 19.26 -30.16 27.49
C ALA G 61 20.17 -29.16 28.18
N ASP G 62 19.56 -28.10 28.73
CA ASP G 62 20.35 -27.05 29.36
C ASP G 62 21.15 -27.60 30.53
N SER G 63 20.57 -28.50 31.32
CA SER G 63 21.25 -29.03 32.49
C SER G 63 22.52 -29.80 32.10
N VAL G 64 22.44 -30.59 31.03
CA VAL G 64 23.54 -31.46 30.65
C VAL G 64 24.43 -30.86 29.57
N ARG G 65 24.02 -29.77 28.93
CA ARG G 65 24.82 -29.19 27.86
C ARG G 65 26.20 -28.81 28.38
N GLY G 66 27.23 -29.11 27.58
CA GLY G 66 28.60 -28.82 27.94
C GLY G 66 29.28 -29.91 28.75
N ARG G 67 28.54 -30.93 29.19
CA ARG G 67 29.10 -32.04 29.94
C ARG G 67 28.90 -33.38 29.28
N PHE G 68 27.73 -33.60 28.67
CA PHE G 68 27.45 -34.86 27.98
C PHE G 68 27.86 -34.76 26.53
N THR G 69 27.95 -35.92 25.88
CA THR G 69 28.32 -35.98 24.46
C THR G 69 27.63 -37.19 23.85
N ILE G 70 26.60 -36.95 23.05
CA ILE G 70 25.87 -38.01 22.37
C ILE G 70 26.51 -38.26 21.01
N SER G 71 26.68 -39.53 20.67
CA SER G 71 27.23 -39.90 19.37
C SER G 71 26.66 -41.25 18.97
N ARG G 72 26.66 -41.51 17.67
CA ARG G 72 26.14 -42.75 17.12
C ARG G 72 27.11 -43.30 16.09
N ASP G 73 27.09 -44.61 15.93
CA ASP G 73 27.92 -45.34 14.97
C ASP G 73 26.98 -46.10 14.04
N ASN G 74 26.60 -45.46 12.92
CA ASN G 74 25.66 -46.08 12.01
C ASN G 74 26.17 -47.42 11.48
N SER G 75 27.50 -47.59 11.43
CA SER G 75 28.05 -48.83 10.91
C SER G 75 27.64 -50.02 11.76
N LYS G 76 27.71 -49.88 13.09
CA LYS G 76 27.41 -50.98 14.00
C LYS G 76 26.09 -50.78 14.73
N ASN G 77 25.29 -49.80 14.32
CA ASN G 77 23.97 -49.57 14.90
C ASN G 77 24.04 -49.43 16.43
N THR G 78 24.85 -48.47 16.87
CA THR G 78 25.06 -48.22 18.29
C THR G 78 24.93 -46.73 18.57
N LEU G 79 24.36 -46.40 19.73
CA LEU G 79 24.21 -45.03 20.19
C LEU G 79 24.95 -44.89 21.51
N TYR G 80 25.77 -43.85 21.62
CA TYR G 80 26.62 -43.64 22.78
C TYR G 80 26.27 -42.33 23.47
N LEU G 81 26.43 -42.30 24.79
CA LEU G 81 26.27 -41.09 25.57
C LEU G 81 27.44 -41.01 26.56
N GLN G 82 28.35 -40.08 26.33
CA GLN G 82 29.51 -39.90 27.17
C GLN G 82 29.22 -38.78 28.17
N MET G 83 29.26 -39.11 29.46
CA MET G 83 29.01 -38.16 30.53
C MET G 83 30.32 -37.81 31.22
N SER G 84 30.49 -36.53 31.53
CA SER G 84 31.68 -36.05 32.22
C SER G 84 31.27 -35.06 33.29
N SER G 85 32.08 -34.98 34.34
CA SER G 85 31.82 -34.08 35.46
C SER G 85 30.41 -34.27 35.99
N LEU G 86 30.04 -35.52 36.23
CA LEU G 86 28.71 -35.84 36.69
C LEU G 86 28.45 -35.24 38.07
N ARG G 87 27.17 -35.03 38.36
CA ARG G 87 26.74 -34.41 39.61
C ARG G 87 25.71 -35.32 40.28
N ALA G 88 25.33 -34.95 41.51
CA ALA G 88 24.37 -35.76 42.25
C ALA G 88 23.02 -35.84 41.55
N GLU G 89 22.53 -34.71 41.02
CA GLU G 89 21.22 -34.70 40.38
C GLU G 89 21.21 -35.44 39.06
N ASP G 90 22.37 -35.83 38.53
CA ASP G 90 22.42 -36.58 37.28
C ASP G 90 22.04 -38.04 37.46
N THR G 91 21.90 -38.52 38.69
CA THR G 91 21.51 -39.91 38.92
C THR G 91 20.07 -40.12 38.46
N ALA G 92 19.87 -41.12 37.62
CA ALA G 92 18.54 -41.44 37.09
C ALA G 92 18.64 -42.75 36.30
N VAL G 93 17.54 -43.13 35.68
CA VAL G 93 17.49 -44.27 34.78
C VAL G 93 17.43 -43.71 33.36
N TYR G 94 18.47 -43.95 32.57
CA TYR G 94 18.60 -43.39 31.24
C TYR G 94 18.07 -44.41 30.22
N TYR G 95 17.10 -43.99 29.42
CA TYR G 95 16.54 -44.81 28.36
C TYR G 95 17.04 -44.31 27.01
N CYS G 96 17.62 -45.21 26.23
CA CYS G 96 17.92 -44.90 24.84
C CYS G 96 16.65 -45.09 24.02
N VAL G 97 16.27 -44.06 23.27
CA VAL G 97 14.95 -43.97 22.68
C VAL G 97 15.07 -43.75 21.18
N LYS G 98 14.17 -44.37 20.43
CA LYS G 98 14.13 -44.24 18.97
C LYS G 98 12.99 -43.30 18.61
N GLN G 99 13.30 -42.24 17.87
CA GLN G 99 12.26 -41.33 17.42
C GLN G 99 11.35 -42.05 16.44
N ALA G 100 10.06 -41.72 16.50
CA ALA G 100 9.07 -42.44 15.71
C ALA G 100 9.34 -42.29 14.23
N ALA G 101 9.24 -41.07 13.71
CA ALA G 101 9.38 -40.81 12.28
C ALA G 101 10.16 -39.52 12.08
N TYR G 102 10.39 -39.19 10.81
CA TYR G 102 11.08 -37.96 10.42
C TYR G 102 10.17 -37.19 9.47
N CYS G 103 9.96 -35.91 9.75
CA CYS G 103 9.09 -35.07 8.96
C CYS G 103 9.78 -33.75 8.65
N THR G 104 9.61 -33.28 7.42
CA THR G 104 10.17 -32.01 6.98
C THR G 104 9.18 -30.86 7.07
N ARG G 105 7.92 -31.11 7.44
CA ARG G 105 6.90 -30.08 7.45
C ARG G 105 6.11 -30.05 8.75
N THR G 106 6.55 -30.74 9.78
CA THR G 106 5.83 -30.79 11.05
C THR G 106 6.77 -31.34 12.12
N SER G 107 6.22 -31.59 13.31
CA SER G 107 6.98 -32.06 14.46
C SER G 107 6.58 -33.50 14.76
N CYS G 108 7.56 -34.39 14.86
CA CYS G 108 7.29 -35.80 15.09
C CYS G 108 8.32 -36.40 16.05
N TYR G 109 8.60 -35.71 17.16
CA TYR G 109 9.51 -36.26 18.16
C TYR G 109 8.73 -37.02 19.23
N TYR G 110 8.02 -38.06 18.77
CA TYR G 110 7.50 -39.08 19.66
C TYR G 110 8.25 -40.39 19.37
N PHE G 111 8.06 -41.35 20.26
CA PHE G 111 8.96 -42.49 20.35
C PHE G 111 8.21 -43.79 20.14
N ASP G 112 8.70 -44.61 19.22
CA ASP G 112 8.09 -45.91 18.96
C ASP G 112 8.51 -46.91 20.03
N TYR G 113 9.81 -47.12 20.20
CA TYR G 113 10.34 -48.14 21.09
C TYR G 113 11.35 -47.51 22.05
N TRP G 114 11.29 -47.94 23.30
CA TRP G 114 12.21 -47.51 24.34
C TRP G 114 13.08 -48.68 24.75
N GLY G 115 14.35 -48.40 25.04
CA GLY G 115 15.20 -49.41 25.63
C GLY G 115 14.82 -49.69 27.07
N GLN G 116 15.34 -50.80 27.60
CA GLN G 116 15.04 -51.15 28.98
C GLN G 116 15.50 -50.04 29.92
N GLY G 117 16.67 -49.49 29.67
CA GLY G 117 17.21 -48.42 30.49
C GLY G 117 18.23 -48.94 31.48
N THR G 118 19.15 -48.07 31.89
CA THR G 118 20.21 -48.42 32.80
C THR G 118 20.25 -47.41 33.95
N LEU G 119 20.60 -47.90 35.13
CA LEU G 119 20.63 -47.09 36.34
C LEU G 119 22.02 -46.49 36.52
N VAL G 120 22.08 -45.17 36.68
CA VAL G 120 23.32 -44.45 36.92
C VAL G 120 23.20 -43.78 38.27
N THR G 121 24.14 -44.08 39.17
CA THR G 121 24.16 -43.53 40.52
C THR G 121 25.39 -42.66 40.71
N VAL G 122 25.19 -41.48 41.29
CA VAL G 122 26.28 -40.56 41.62
C VAL G 122 26.26 -40.37 43.13
N SER G 123 27.29 -40.86 43.80
CA SER G 123 27.38 -40.76 45.25
C SER G 123 28.83 -40.96 45.67
N SER G 124 29.13 -40.53 46.89
CA SER G 124 30.48 -40.65 47.43
C SER G 124 30.51 -41.70 48.55
N GLU H 1 8.97 -23.13 28.14
CA GLU H 1 8.82 -24.61 28.06
C GLU H 1 7.40 -25.04 28.41
N ILE H 2 6.73 -25.70 27.48
CA ILE H 2 5.36 -26.13 27.70
C ILE H 2 5.33 -27.12 28.87
N VAL H 3 4.40 -26.91 29.79
CA VAL H 3 4.25 -27.74 30.97
C VAL H 3 3.01 -28.59 30.81
N MET H 4 3.18 -29.91 30.93
CA MET H 4 2.07 -30.86 30.84
C MET H 4 1.64 -31.23 32.25
N THR H 5 0.36 -31.05 32.54
CA THR H 5 -0.20 -31.35 33.85
C THR H 5 -1.17 -32.52 33.72
N GLN H 6 -0.96 -33.55 34.53
CA GLN H 6 -1.78 -34.75 34.53
C GLN H 6 -2.65 -34.76 35.78
N SER H 7 -3.96 -34.93 35.58
CA SER H 7 -4.90 -35.01 36.68
C SER H 7 -5.84 -36.19 36.45
N PRO H 8 -6.14 -36.98 37.49
CA PRO H 8 -5.63 -36.90 38.87
C PRO H 8 -4.23 -37.47 38.98
N ALA H 9 -3.51 -37.21 40.07
CA ALA H 9 -2.19 -37.80 40.24
C ALA H 9 -2.27 -39.31 40.29
N THR H 10 -3.25 -39.85 40.99
CA THR H 10 -3.49 -41.28 41.05
C THR H 10 -4.98 -41.55 40.87
N LEU H 11 -5.30 -42.58 40.09
CA LEU H 11 -6.68 -42.93 39.78
C LEU H 11 -6.89 -44.41 40.09
N SER H 12 -7.98 -44.72 40.78
CA SER H 12 -8.32 -46.09 41.15
C SER H 12 -9.64 -46.46 40.51
N VAL H 13 -9.63 -47.52 39.70
CA VAL H 13 -10.82 -48.03 39.04
C VAL H 13 -10.76 -49.54 39.03
N SER H 14 -11.88 -50.19 39.32
CA SER H 14 -11.92 -51.64 39.33
C SER H 14 -11.90 -52.18 37.91
N PRO H 15 -11.50 -53.44 37.72
CA PRO H 15 -11.46 -54.00 36.37
C PRO H 15 -12.83 -54.00 35.73
N GLY H 16 -12.86 -53.75 34.43
CA GLY H 16 -14.08 -53.80 33.64
C GLY H 16 -14.74 -52.46 33.37
N GLU H 17 -14.42 -51.43 34.15
CA GLU H 17 -15.01 -50.11 33.94
C GLU H 17 -14.10 -49.25 33.08
N ARG H 18 -14.61 -48.07 32.73
CA ARG H 18 -13.85 -47.12 31.92
C ARG H 18 -13.00 -46.25 32.83
N ALA H 19 -11.76 -46.00 32.41
CA ALA H 19 -10.84 -45.12 33.12
C ALA H 19 -10.46 -43.96 32.22
N THR H 20 -10.58 -42.74 32.76
CA THR H 20 -10.29 -41.53 32.02
C THR H 20 -9.11 -40.81 32.67
N LEU H 21 -8.10 -40.51 31.87
CA LEU H 21 -6.93 -39.77 32.30
C LEU H 21 -6.85 -38.47 31.51
N SER H 22 -6.62 -37.37 32.20
CA SER H 22 -6.63 -36.04 31.62
C SER H 22 -5.23 -35.43 31.66
N CYS H 23 -4.80 -34.87 30.54
CA CYS H 23 -3.53 -34.17 30.44
C CYS H 23 -3.79 -32.77 29.90
N ARG H 24 -3.23 -31.77 30.57
CA ARG H 24 -3.41 -30.37 30.20
C ARG H 24 -2.05 -29.75 29.91
N ALA H 25 -2.00 -28.94 28.85
CA ALA H 25 -0.78 -28.28 28.42
C ALA H 25 -0.86 -26.78 28.71
N SER H 26 0.29 -26.20 29.05
CA SER H 26 0.32 -24.77 29.34
C SER H 26 -0.06 -23.96 28.12
N GLN H 27 0.37 -24.39 26.93
CA GLN H 27 0.02 -23.74 25.68
C GLN H 27 -0.52 -24.78 24.71
N GLY H 28 -1.27 -24.32 23.73
CA GLY H 28 -1.83 -25.21 22.73
C GLY H 28 -0.76 -25.98 21.99
N VAL H 29 -0.91 -27.30 21.94
CA VAL H 29 0.04 -28.18 21.26
C VAL H 29 -0.61 -28.86 20.06
N SER H 30 -1.72 -28.33 19.58
CA SER H 30 -2.45 -28.87 18.43
C SER H 30 -2.71 -30.35 18.72
N SER H 31 -2.49 -31.26 17.77
CA SER H 31 -2.67 -32.69 17.99
C SER H 31 -1.37 -33.38 18.37
N LYS H 32 -0.31 -32.63 18.64
CA LYS H 32 1.01 -33.21 18.89
C LYS H 32 1.10 -33.65 20.35
N LEU H 33 0.35 -34.69 20.66
CA LEU H 33 0.38 -35.31 21.98
C LEU H 33 0.48 -36.82 21.85
N ALA H 34 1.26 -37.44 22.73
CA ALA H 34 1.45 -38.88 22.73
C ALA H 34 1.27 -39.40 24.15
N TRP H 35 0.82 -40.65 24.25
CA TRP H 35 0.57 -41.30 25.52
C TRP H 35 1.47 -42.53 25.66
N TYR H 36 2.09 -42.68 26.83
CA TYR H 36 3.01 -43.78 27.10
C TYR H 36 2.55 -44.51 28.35
N GLN H 37 2.72 -45.84 28.34
CA GLN H 37 2.41 -46.68 29.48
C GLN H 37 3.69 -47.34 29.97
N GLN H 38 3.98 -47.21 31.26
CA GLN H 38 5.20 -47.74 31.86
C GLN H 38 4.81 -48.66 33.01
N LYS H 39 4.86 -49.97 32.77
CA LYS H 39 4.67 -50.91 33.85
C LYS H 39 5.86 -50.83 34.81
N PRO H 40 5.66 -51.20 36.08
CA PRO H 40 6.77 -51.12 37.03
C PRO H 40 7.96 -51.95 36.55
N GLY H 41 9.15 -51.38 36.71
CA GLY H 41 10.36 -52.07 36.28
C GLY H 41 10.38 -52.42 34.81
N GLN H 42 9.71 -51.63 33.97
CA GLN H 42 9.65 -51.88 32.54
C GLN H 42 9.79 -50.57 31.79
N ALA H 43 10.27 -50.67 30.56
CA ALA H 43 10.41 -49.49 29.73
C ALA H 43 9.04 -48.98 29.29
N PRO H 44 8.87 -47.66 29.18
CA PRO H 44 7.58 -47.13 28.71
C PRO H 44 7.26 -47.62 27.30
N ARG H 45 5.97 -47.78 27.04
CA ARG H 45 5.48 -48.26 25.76
C ARG H 45 4.52 -47.23 25.17
N LEU H 46 4.71 -46.89 23.91
CA LEU H 46 3.86 -45.91 23.25
C LEU H 46 2.47 -46.49 23.02
N LEU H 47 1.44 -45.73 23.43
CA LEU H 47 0.06 -46.12 23.23
C LEU H 47 -0.60 -45.29 22.15
N ILE H 48 -0.58 -43.97 22.28
CA ILE H 48 -1.26 -43.06 21.36
C ILE H 48 -0.25 -42.04 20.88
N TYR H 49 -0.30 -41.72 19.58
CA TYR H 49 0.47 -40.62 19.01
C TYR H 49 -0.45 -39.80 18.13
N GLY H 50 -0.29 -38.48 18.17
CA GLY H 50 -1.22 -37.58 17.51
C GLY H 50 -2.49 -37.33 18.29
N ALA H 51 -2.59 -37.83 19.52
CA ALA H 51 -3.72 -37.69 20.43
C ALA H 51 -4.90 -38.56 20.05
N SER H 52 -4.97 -39.07 18.82
CA SER H 52 -6.07 -39.95 18.42
C SER H 52 -5.63 -41.25 17.77
N THR H 53 -4.42 -41.34 17.24
CA THR H 53 -3.99 -42.53 16.52
C THR H 53 -3.36 -43.53 17.49
N ARG H 54 -3.70 -44.79 17.31
CA ARG H 54 -3.20 -45.86 18.16
C ARG H 54 -1.94 -46.46 17.58
N ALA H 55 -0.93 -46.66 18.41
CA ALA H 55 0.30 -47.29 17.96
C ALA H 55 0.04 -48.74 17.56
N THR H 56 0.83 -49.23 16.63
CA THR H 56 0.66 -50.60 16.13
C THR H 56 0.78 -51.58 17.29
N GLY H 57 -0.10 -52.58 17.30
CA GLY H 57 -0.11 -53.59 18.34
C GLY H 57 -0.76 -53.16 19.63
N ILE H 58 -1.47 -52.04 19.65
CA ILE H 58 -2.13 -51.55 20.86
C ILE H 58 -3.59 -51.99 20.84
N PRO H 59 -4.12 -52.54 21.95
CA PRO H 59 -5.53 -52.94 21.95
C PRO H 59 -6.45 -51.76 21.67
N ALA H 60 -7.57 -52.05 21.00
CA ALA H 60 -8.51 -51.02 20.62
C ALA H 60 -9.18 -50.36 21.83
N ARG H 61 -9.13 -51.00 22.99
CA ARG H 61 -9.76 -50.41 24.18
C ARG H 61 -9.09 -49.10 24.58
N PHE H 62 -7.85 -48.87 24.16
CA PHE H 62 -7.16 -47.62 24.43
C PHE H 62 -7.60 -46.58 23.40
N SER H 63 -8.29 -45.54 23.86
CA SER H 63 -8.77 -44.47 22.99
C SER H 63 -8.35 -43.14 23.58
N GLY H 64 -7.70 -42.32 22.76
CA GLY H 64 -7.30 -40.97 23.16
C GLY H 64 -8.03 -39.94 22.34
N SER H 65 -8.33 -38.80 22.96
CA SER H 65 -9.07 -37.75 22.30
C SER H 65 -8.64 -36.40 22.85
N GLY H 66 -8.90 -35.36 22.08
CA GLY H 66 -8.58 -34.00 22.48
C GLY H 66 -7.76 -33.26 21.45
N SER H 67 -7.72 -31.93 21.55
CA SER H 67 -6.96 -31.11 20.62
C SER H 67 -6.72 -29.75 21.27
N GLY H 68 -5.55 -29.19 21.02
CA GLY H 68 -5.21 -27.90 21.57
C GLY H 68 -4.60 -27.99 22.95
N THR H 69 -5.39 -27.69 23.97
CA THR H 69 -4.90 -27.64 25.34
C THR H 69 -5.39 -28.77 26.23
N GLU H 70 -6.51 -29.40 25.90
CA GLU H 70 -7.11 -30.44 26.71
C GLU H 70 -7.07 -31.76 25.96
N PHE H 71 -6.55 -32.81 26.63
CA PHE H 71 -6.48 -34.15 26.05
C PHE H 71 -6.90 -35.16 27.11
N THR H 72 -7.49 -36.26 26.65
CA THR H 72 -7.96 -37.30 27.54
C THR H 72 -7.66 -38.67 26.93
N LEU H 73 -7.30 -39.61 27.80
CA LEU H 73 -7.11 -41.00 27.41
C LEU H 73 -8.18 -41.85 28.08
N THR H 74 -8.90 -42.63 27.28
CA THR H 74 -10.02 -43.43 27.76
C THR H 74 -9.71 -44.90 27.55
N ILE H 75 -9.79 -45.68 28.63
CA ILE H 75 -9.64 -47.13 28.56
C ILE H 75 -11.02 -47.74 28.80
N SER H 76 -11.71 -48.10 27.72
CA SER H 76 -13.10 -48.50 27.83
C SER H 76 -13.26 -49.72 28.72
N SER H 77 -12.42 -50.73 28.53
CA SER H 77 -12.51 -52.01 29.24
C SER H 77 -11.20 -52.26 29.95
N LEU H 78 -11.10 -51.76 31.19
CA LEU H 78 -9.89 -51.98 31.97
C LEU H 78 -9.72 -53.47 32.27
N GLN H 79 -8.47 -53.91 32.27
CA GLN H 79 -8.12 -55.29 32.55
C GLN H 79 -6.95 -55.31 33.54
N SER H 80 -6.66 -56.50 34.07
CA SER H 80 -5.64 -56.61 35.11
C SER H 80 -4.30 -56.09 34.62
N GLU H 81 -3.87 -56.50 33.42
CA GLU H 81 -2.58 -56.05 32.90
C GLU H 81 -2.55 -54.56 32.62
N ASP H 82 -3.71 -53.88 32.59
CA ASP H 82 -3.74 -52.45 32.35
C ASP H 82 -3.46 -51.68 33.64
N PHE H 83 -2.36 -52.01 34.31
CA PHE H 83 -1.93 -51.33 35.53
C PHE H 83 -0.55 -50.77 35.25
N ALA H 84 -0.43 -49.45 35.24
CA ALA H 84 0.85 -48.80 35.00
C ALA H 84 0.72 -47.29 35.13
N VAL H 85 1.85 -46.59 35.08
CA VAL H 85 1.87 -45.13 35.10
C VAL H 85 1.76 -44.64 33.67
N TYR H 86 0.77 -43.78 33.42
CA TYR H 86 0.50 -43.28 32.08
C TYR H 86 1.02 -41.85 31.96
N TYR H 87 1.89 -41.62 30.98
CA TYR H 87 2.50 -40.33 30.74
C TYR H 87 1.98 -39.74 29.45
N CYS H 88 1.76 -38.43 29.45
CA CYS H 88 1.46 -37.69 28.23
C CYS H 88 2.68 -36.87 27.83
N GLN H 89 2.92 -36.78 26.53
CA GLN H 89 4.09 -36.08 26.01
C GLN H 89 3.67 -35.22 24.84
N GLN H 90 4.14 -33.98 24.83
CA GLN H 90 3.94 -33.09 23.70
C GLN H 90 5.18 -33.08 22.82
N TYR H 91 4.95 -33.06 21.51
CA TYR H 91 6.02 -32.90 20.53
C TYR H 91 5.68 -31.77 19.57
N HIS H 92 5.24 -30.65 20.14
CA HIS H 92 4.94 -29.44 19.38
C HIS H 92 6.06 -28.41 19.46
N ASN H 93 6.64 -28.21 20.64
CA ASN H 93 7.71 -27.24 20.83
C ASN H 93 8.90 -27.94 21.47
N TRP H 94 10.07 -27.78 20.88
CA TRP H 94 11.28 -28.35 21.46
C TRP H 94 11.71 -27.54 22.67
N PRO H 95 12.13 -28.18 23.76
CA PRO H 95 12.21 -29.64 23.99
C PRO H 95 10.85 -30.26 24.25
N TYR H 96 10.68 -31.53 23.88
CA TYR H 96 9.46 -32.24 24.23
C TYR H 96 9.39 -32.44 25.73
N THR H 97 8.18 -32.30 26.28
CA THR H 97 7.97 -32.39 27.72
C THR H 97 6.96 -33.49 28.02
N PHE H 98 7.19 -34.21 29.11
CA PHE H 98 6.35 -35.31 29.54
C PHE H 98 5.44 -34.87 30.69
N GLY H 99 4.31 -35.55 30.82
CA GLY H 99 3.48 -35.36 31.99
C GLY H 99 4.08 -35.99 33.23
N GLN H 100 3.59 -35.57 34.39
CA GLN H 100 4.12 -36.07 35.65
C GLN H 100 3.69 -37.50 35.94
N GLY H 101 2.76 -38.06 35.18
CA GLY H 101 2.33 -39.42 35.37
C GLY H 101 1.02 -39.53 36.13
N THR H 102 0.20 -40.51 35.77
CA THR H 102 -1.08 -40.77 36.41
C THR H 102 -1.08 -42.21 36.87
N LYS H 103 -0.64 -42.45 38.11
CA LYS H 103 -0.57 -43.80 38.65
C LYS H 103 -1.96 -44.43 38.64
N LEU H 104 -2.12 -45.49 37.85
CA LEU H 104 -3.38 -46.21 37.78
C LEU H 104 -3.33 -47.39 38.75
N GLU H 105 -4.35 -47.49 39.59
CA GLU H 105 -4.40 -48.51 40.64
C GLU H 105 -5.66 -49.34 40.47
N ILE H 106 -5.51 -50.66 40.50
CA ILE H 106 -6.64 -51.56 40.29
C ILE H 106 -7.49 -51.60 41.56
N LYS H 107 -8.80 -51.46 41.40
CA LYS H 107 -9.72 -51.44 42.53
C LYS H 107 -10.56 -52.71 42.58
N GLU I 1 -8.66 -19.07 -54.93
CA GLU I 1 -9.75 -18.19 -54.41
C GLU I 1 -10.59 -18.96 -53.40
N VAL I 2 -11.11 -18.25 -52.40
CA VAL I 2 -11.91 -18.86 -51.36
C VAL I 2 -13.35 -19.02 -51.84
N GLN I 3 -13.88 -20.23 -51.74
CA GLN I 3 -15.24 -20.53 -52.17
C GLN I 3 -15.93 -21.36 -51.10
N LEU I 4 -17.14 -20.97 -50.75
CA LEU I 4 -17.99 -21.73 -49.83
C LEU I 4 -19.34 -21.94 -50.50
N VAL I 5 -19.77 -23.19 -50.61
CA VAL I 5 -21.02 -23.55 -51.27
C VAL I 5 -21.86 -24.36 -50.29
N GLU I 6 -23.06 -23.88 -50.01
CA GLU I 6 -23.97 -24.55 -49.11
C GLU I 6 -24.84 -25.55 -49.87
N SER I 7 -25.33 -26.54 -49.14
CA SER I 7 -26.21 -27.55 -49.72
C SER I 7 -27.01 -28.20 -48.60
N GLY I 8 -28.05 -28.92 -48.99
CA GLY I 8 -28.90 -29.64 -48.06
C GLY I 8 -30.16 -28.90 -47.65
N GLY I 9 -30.29 -27.62 -48.01
CA GLY I 9 -31.48 -26.87 -47.65
C GLY I 9 -32.68 -27.32 -48.46
N GLY I 10 -33.84 -26.84 -48.02
CA GLY I 10 -35.09 -27.19 -48.67
C GLY I 10 -36.28 -26.93 -47.76
N LEU I 11 -37.36 -27.66 -48.02
CA LEU I 11 -38.59 -27.54 -47.25
C LEU I 11 -38.70 -28.69 -46.27
N VAL I 12 -39.03 -28.37 -45.01
CA VAL I 12 -39.12 -29.38 -43.97
C VAL I 12 -40.33 -29.09 -43.08
N GLN I 13 -41.02 -30.16 -42.69
CA GLN I 13 -42.16 -30.05 -41.80
C GLN I 13 -41.71 -29.59 -40.41
N PRO I 14 -42.51 -28.78 -39.72
CA PRO I 14 -42.14 -28.39 -38.36
C PRO I 14 -41.95 -29.60 -37.46
N GLY I 15 -40.94 -29.53 -36.60
CA GLY I 15 -40.54 -30.65 -35.78
C GLY I 15 -39.66 -31.66 -36.48
N GLY I 16 -39.34 -31.44 -37.75
CA GLY I 16 -38.49 -32.34 -38.50
C GLY I 16 -37.01 -32.07 -38.27
N SER I 17 -36.18 -32.75 -39.04
CA SER I 17 -34.74 -32.63 -38.95
C SER I 17 -34.16 -32.38 -40.34
N LEU I 18 -33.19 -31.47 -40.40
CA LEU I 18 -32.53 -31.13 -41.66
C LEU I 18 -31.03 -30.98 -41.40
N ARG I 19 -30.23 -31.37 -42.40
CA ARG I 19 -28.78 -31.29 -42.31
C ARG I 19 -28.26 -30.45 -43.47
N LEU I 20 -27.29 -29.58 -43.18
CA LEU I 20 -26.67 -28.73 -44.18
C LEU I 20 -25.18 -29.05 -44.28
N SER I 21 -24.62 -28.77 -45.45
CA SER I 21 -23.20 -28.94 -45.71
C SER I 21 -22.65 -27.70 -46.37
N CYS I 22 -21.36 -27.45 -46.18
CA CYS I 22 -20.69 -26.28 -46.75
C CYS I 22 -19.27 -26.69 -47.13
N SER I 23 -19.08 -27.03 -48.40
CA SER I 23 -17.75 -27.39 -48.88
C SER I 23 -16.91 -26.13 -49.03
N ALA I 24 -15.75 -26.11 -48.39
CA ALA I 24 -14.87 -24.96 -48.38
C ALA I 24 -13.56 -25.29 -49.08
N SER I 25 -13.05 -24.33 -49.84
CA SER I 25 -11.80 -24.51 -50.57
C SER I 25 -11.13 -23.15 -50.74
N GLY I 26 -9.82 -23.19 -50.97
CA GLY I 26 -9.04 -21.99 -51.17
C GLY I 26 -8.32 -21.47 -49.95
N PHE I 27 -8.44 -22.15 -48.80
CA PHE I 27 -7.76 -21.72 -47.59
C PHE I 27 -7.60 -22.92 -46.67
N THR I 28 -6.73 -22.77 -45.68
CA THR I 28 -6.51 -23.81 -44.69
C THR I 28 -7.77 -23.91 -43.82
N PHE I 29 -8.57 -24.94 -44.07
CA PHE I 29 -9.87 -25.05 -43.41
C PHE I 29 -9.70 -25.22 -41.90
N SER I 30 -8.75 -26.05 -41.47
CA SER I 30 -8.64 -26.40 -40.07
C SER I 30 -8.14 -25.26 -39.20
N SER I 31 -7.61 -24.19 -39.79
CA SER I 31 -7.01 -23.10 -39.01
C SER I 31 -7.93 -21.92 -38.82
N TYR I 32 -9.17 -21.98 -39.29
CA TYR I 32 -10.10 -20.87 -39.20
C TYR I 32 -11.43 -21.35 -38.65
N ALA I 33 -11.96 -20.60 -37.68
CA ALA I 33 -13.29 -20.91 -37.16
C ALA I 33 -14.34 -20.60 -38.20
N MET I 34 -15.40 -21.42 -38.21
CA MET I 34 -16.49 -21.29 -39.18
C MET I 34 -17.80 -21.09 -38.44
N HIS I 35 -18.62 -20.18 -38.96
CA HIS I 35 -19.88 -19.82 -38.33
C HIS I 35 -21.04 -20.12 -39.27
N TRP I 36 -22.23 -20.25 -38.69
CA TRP I 36 -23.47 -20.33 -39.44
C TRP I 36 -24.29 -19.09 -39.11
N VAL I 37 -24.65 -18.32 -40.13
CA VAL I 37 -25.41 -17.09 -39.99
C VAL I 37 -26.65 -17.18 -40.85
N ARG I 38 -27.81 -16.91 -40.25
CA ARG I 38 -29.08 -16.98 -40.95
C ARG I 38 -29.72 -15.60 -41.00
N GLN I 39 -30.47 -15.36 -42.08
CA GLN I 39 -31.19 -14.10 -42.27
C GLN I 39 -32.62 -14.44 -42.65
N ALA I 40 -33.54 -14.25 -41.72
CA ALA I 40 -34.94 -14.53 -42.00
C ALA I 40 -35.48 -13.54 -43.04
N PRO I 41 -36.49 -13.93 -43.80
CA PRO I 41 -37.02 -13.04 -44.84
C PRO I 41 -37.46 -11.70 -44.25
N GLY I 42 -36.82 -10.63 -44.71
CA GLY I 42 -37.16 -9.30 -44.24
C GLY I 42 -36.53 -8.90 -42.92
N LYS I 43 -35.60 -9.69 -42.39
CA LYS I 43 -34.94 -9.40 -41.13
C LYS I 43 -33.43 -9.34 -41.35
N GLY I 44 -32.73 -8.84 -40.34
CA GLY I 44 -31.29 -8.72 -40.41
C GLY I 44 -30.58 -10.04 -40.17
N LEU I 45 -29.27 -10.02 -40.43
CA LEU I 45 -28.46 -11.21 -40.24
C LEU I 45 -28.38 -11.56 -38.76
N GLU I 46 -28.49 -12.85 -38.46
CA GLU I 46 -28.54 -13.34 -37.09
C GLU I 46 -27.54 -14.48 -36.91
N TYR I 47 -26.86 -14.47 -35.77
CA TYR I 47 -25.89 -15.51 -35.46
C TYR I 47 -26.60 -16.77 -35.00
N VAL I 48 -26.20 -17.91 -35.56
CA VAL I 48 -26.81 -19.21 -35.27
C VAL I 48 -25.87 -20.08 -34.44
N SER I 49 -24.70 -20.40 -34.97
CA SER I 49 -23.74 -21.24 -34.25
C SER I 49 -22.36 -21.02 -34.82
N ALA I 50 -21.36 -21.46 -34.08
CA ALA I 50 -19.97 -21.34 -34.49
C ALA I 50 -19.19 -22.54 -33.98
N ILE I 51 -18.05 -22.80 -34.62
CA ILE I 51 -17.20 -23.92 -34.26
C ILE I 51 -15.75 -23.51 -34.50
N SER I 52 -14.87 -23.91 -33.59
CA SER I 52 -13.47 -23.53 -33.68
C SER I 52 -12.79 -24.28 -34.82
N GLY I 53 -11.50 -24.01 -34.99
CA GLY I 53 -10.78 -24.60 -36.11
C GLY I 53 -10.69 -26.11 -36.03
N ASN I 54 -10.35 -26.63 -34.86
CA ASN I 54 -10.23 -28.06 -34.65
C ASN I 54 -11.53 -28.72 -34.23
N GLY I 55 -12.61 -27.96 -34.07
CA GLY I 55 -13.88 -28.50 -33.66
C GLY I 55 -14.01 -28.77 -32.18
N ASP I 56 -13.01 -28.41 -31.38
CA ASP I 56 -13.07 -28.69 -29.95
C ASP I 56 -14.22 -27.93 -29.30
N SER I 57 -14.42 -26.67 -29.67
CA SER I 57 -15.42 -25.80 -29.05
C SER I 57 -16.47 -25.42 -30.07
N THR I 58 -17.74 -25.58 -29.69
CA THR I 58 -18.87 -25.18 -30.52
C THR I 58 -19.77 -24.24 -29.72
N TYR I 59 -20.23 -23.18 -30.37
CA TYR I 59 -21.06 -22.16 -29.73
C TYR I 59 -22.41 -22.11 -30.44
N TYR I 60 -23.46 -21.85 -29.67
CA TYR I 60 -24.83 -21.87 -30.18
C TYR I 60 -25.60 -20.67 -29.68
N ALA I 61 -26.42 -20.10 -30.55
CA ALA I 61 -27.33 -19.05 -30.14
C ALA I 61 -28.41 -19.63 -29.23
N ASP I 62 -28.90 -18.80 -28.30
CA ASP I 62 -29.86 -19.28 -27.33
C ASP I 62 -31.10 -19.86 -28.00
N SER I 63 -31.53 -19.25 -29.11
CA SER I 63 -32.74 -19.71 -29.78
C SER I 63 -32.59 -21.10 -30.40
N VAL I 64 -31.35 -21.54 -30.64
CA VAL I 64 -31.12 -22.83 -31.30
C VAL I 64 -30.37 -23.81 -30.41
N ARG I 65 -29.87 -23.39 -29.25
CA ARG I 65 -29.12 -24.31 -28.40
C ARG I 65 -30.00 -25.47 -27.98
N GLY I 66 -29.44 -26.68 -28.02
CA GLY I 66 -30.15 -27.88 -27.69
C GLY I 66 -30.90 -28.53 -28.83
N ARG I 67 -30.99 -27.86 -29.98
CA ARG I 67 -31.66 -28.39 -31.16
C ARG I 67 -30.73 -28.52 -32.36
N PHE I 68 -29.79 -27.59 -32.52
CA PHE I 68 -28.85 -27.60 -33.64
C PHE I 68 -27.52 -28.16 -33.20
N THR I 69 -26.85 -28.85 -34.12
CA THR I 69 -25.52 -29.41 -33.86
C THR I 69 -24.61 -29.03 -35.01
N ILE I 70 -23.56 -28.27 -34.71
CA ILE I 70 -22.57 -27.86 -35.71
C ILE I 70 -21.36 -28.76 -35.58
N SER I 71 -20.88 -29.25 -36.73
CA SER I 71 -19.70 -30.08 -36.76
C SER I 71 -18.97 -29.84 -38.07
N ARG I 72 -17.68 -30.17 -38.08
CA ARG I 72 -16.84 -29.98 -39.26
C ARG I 72 -15.98 -31.22 -39.46
N ASP I 73 -15.61 -31.45 -40.72
CA ASP I 73 -14.73 -32.55 -41.11
C ASP I 73 -13.49 -31.92 -41.74
N ASN I 74 -12.48 -31.67 -40.92
CA ASN I 74 -11.27 -31.00 -41.41
C ASN I 74 -10.63 -31.78 -42.56
N SER I 75 -10.69 -33.10 -42.51
CA SER I 75 -10.12 -33.90 -43.60
C SER I 75 -10.84 -33.65 -44.90
N LYS I 76 -12.17 -33.54 -44.86
CA LYS I 76 -12.98 -33.33 -46.05
C LYS I 76 -13.20 -31.85 -46.37
N ASN I 77 -12.72 -30.94 -45.53
CA ASN I 77 -12.88 -29.50 -45.76
C ASN I 77 -14.35 -29.16 -45.96
N THR I 78 -15.19 -29.57 -45.02
CA THR I 78 -16.62 -29.30 -45.07
C THR I 78 -17.13 -28.98 -43.68
N LEU I 79 -18.23 -28.24 -43.64
CA LEU I 79 -18.88 -27.83 -42.40
C LEU I 79 -20.32 -28.28 -42.43
N TYR I 80 -20.79 -28.80 -41.29
CA TYR I 80 -22.14 -29.34 -41.17
C TYR I 80 -22.96 -28.52 -40.20
N LEU I 81 -24.28 -28.72 -40.26
CA LEU I 81 -25.20 -28.14 -39.28
C LEU I 81 -26.43 -29.03 -39.24
N GLN I 82 -26.54 -29.84 -38.19
CA GLN I 82 -27.68 -30.74 -38.02
C GLN I 82 -28.75 -30.04 -37.22
N MET I 83 -29.91 -29.84 -37.84
CA MET I 83 -31.05 -29.22 -37.18
C MET I 83 -32.08 -30.29 -36.83
N SER I 84 -32.63 -30.18 -35.61
CA SER I 84 -33.64 -31.10 -35.13
C SER I 84 -34.76 -30.31 -34.47
N SER I 85 -35.96 -30.88 -34.48
CA SER I 85 -37.15 -30.24 -33.91
C SER I 85 -37.27 -28.80 -34.42
N LEU I 86 -37.23 -28.65 -35.74
CA LEU I 86 -37.32 -27.32 -36.34
C LEU I 86 -38.67 -26.69 -36.05
N ARG I 87 -38.68 -25.36 -36.03
CA ARG I 87 -39.87 -24.57 -35.76
C ARG I 87 -40.12 -23.60 -36.89
N ALA I 88 -41.26 -22.91 -36.82
CA ALA I 88 -41.61 -21.96 -37.86
C ALA I 88 -40.62 -20.81 -37.96
N GLU I 89 -40.17 -20.27 -36.82
CA GLU I 89 -39.27 -19.13 -36.85
C GLU I 89 -37.87 -19.50 -37.33
N ASP I 90 -37.56 -20.79 -37.47
CA ASP I 90 -36.26 -21.19 -38.00
C ASP I 90 -36.16 -21.01 -39.51
N THR I 91 -37.24 -20.67 -40.19
CA THR I 91 -37.20 -20.46 -41.63
C THR I 91 -36.36 -19.23 -41.94
N ALA I 92 -35.31 -19.42 -42.73
CA ALA I 92 -34.42 -18.33 -43.10
C ALA I 92 -33.46 -18.85 -44.17
N VAL I 93 -32.51 -17.99 -44.56
CA VAL I 93 -31.45 -18.36 -45.49
C VAL I 93 -30.17 -18.47 -44.68
N TYR I 94 -29.58 -19.66 -44.67
CA TYR I 94 -28.43 -19.97 -43.84
C TYR I 94 -27.15 -19.84 -44.65
N TYR I 95 -26.23 -18.98 -44.21
CA TYR I 95 -24.94 -18.80 -44.84
C TYR I 95 -23.87 -19.46 -43.99
N CYS I 96 -23.06 -20.32 -44.60
CA CYS I 96 -21.85 -20.81 -43.95
C CYS I 96 -20.76 -19.77 -44.15
N VAL I 97 -20.13 -19.35 -43.05
CA VAL I 97 -19.30 -18.16 -43.04
C VAL I 97 -17.95 -18.49 -42.41
N LYS I 98 -16.89 -17.92 -42.97
CA LYS I 98 -15.53 -18.15 -42.52
C LYS I 98 -15.07 -16.98 -41.68
N GLN I 99 -14.59 -17.26 -40.48
CA GLN I 99 -14.06 -16.20 -39.62
C GLN I 99 -12.79 -15.61 -40.23
N ALA I 100 -12.61 -14.31 -40.03
CA ALA I 100 -11.54 -13.59 -40.72
C ALA I 100 -10.16 -14.05 -40.24
N ALA I 101 -9.95 -14.08 -38.93
CA ALA I 101 -8.63 -14.38 -38.37
C ALA I 101 -8.81 -15.17 -37.08
N TYR I 102 -7.70 -15.40 -36.38
CA TYR I 102 -7.70 -16.12 -35.12
C TYR I 102 -6.75 -15.37 -34.18
N CYS I 103 -7.30 -14.44 -33.41
CA CYS I 103 -6.51 -13.64 -32.48
C CYS I 103 -6.60 -14.22 -31.07
N THR I 104 -5.55 -14.00 -30.29
CA THR I 104 -5.46 -14.52 -28.93
C THR I 104 -5.69 -13.46 -27.87
N ARG I 105 -5.28 -12.22 -28.12
CA ARG I 105 -5.41 -11.14 -27.14
C ARG I 105 -6.53 -10.16 -27.50
N THR I 106 -7.38 -10.51 -28.47
CA THR I 106 -8.45 -9.61 -28.88
C THR I 106 -9.55 -10.46 -29.53
N SER I 107 -10.57 -9.78 -30.04
CA SER I 107 -11.72 -10.43 -30.66
C SER I 107 -11.76 -10.05 -32.14
N CYS I 108 -11.87 -11.07 -33.00
CA CYS I 108 -11.85 -10.87 -34.44
C CYS I 108 -12.87 -11.78 -35.12
N TYR I 109 -14.10 -11.81 -34.60
CA TYR I 109 -15.15 -12.60 -35.25
C TYR I 109 -15.86 -11.76 -36.31
N TYR I 110 -15.08 -11.32 -37.29
CA TYR I 110 -15.59 -10.80 -38.55
C TYR I 110 -15.20 -11.73 -39.66
N PHE I 111 -15.86 -11.62 -40.80
CA PHE I 111 -15.83 -12.64 -41.83
C PHE I 111 -15.38 -12.06 -43.16
N ASP I 112 -14.49 -12.77 -43.85
CA ASP I 112 -14.03 -12.35 -45.16
C ASP I 112 -14.93 -12.87 -46.28
N TYR I 113 -15.31 -14.14 -46.22
CA TYR I 113 -16.03 -14.79 -47.30
C TYR I 113 -17.30 -15.42 -46.78
N TRP I 114 -18.40 -15.19 -47.47
CA TRP I 114 -19.70 -15.78 -47.15
C TRP I 114 -20.11 -16.73 -48.25
N GLY I 115 -20.67 -17.87 -47.86
CA GLY I 115 -21.23 -18.77 -48.85
C GLY I 115 -22.47 -18.19 -49.49
N GLN I 116 -22.86 -18.79 -50.61
CA GLN I 116 -24.04 -18.30 -51.33
C GLN I 116 -25.27 -18.32 -50.43
N GLY I 117 -25.45 -19.39 -49.66
CA GLY I 117 -26.55 -19.48 -48.74
C GLY I 117 -27.67 -20.35 -49.26
N THR I 118 -28.21 -21.21 -48.41
CA THR I 118 -29.28 -22.12 -48.77
C THR I 118 -30.54 -21.77 -48.00
N LEU I 119 -31.69 -21.89 -48.66
CA LEU I 119 -32.97 -21.51 -48.08
C LEU I 119 -33.58 -22.72 -47.36
N VAL I 120 -33.81 -22.58 -46.07
CA VAL I 120 -34.48 -23.59 -45.26
C VAL I 120 -35.87 -23.06 -44.92
N THR I 121 -36.90 -23.77 -45.38
CA THR I 121 -38.28 -23.37 -45.18
C THR I 121 -38.96 -24.37 -44.26
N VAL I 122 -39.52 -23.88 -43.16
CA VAL I 122 -40.27 -24.69 -42.21
C VAL I 122 -41.73 -24.29 -42.33
N SER I 123 -42.55 -25.21 -42.83
CA SER I 123 -43.97 -24.93 -43.04
C SER I 123 -44.72 -26.24 -43.20
N SER I 124 -46.04 -26.15 -43.15
CA SER I 124 -46.92 -27.30 -43.33
C SER I 124 -47.91 -27.06 -44.45
N GLU J 1 -26.67 -7.87 -24.72
CA GLU J 1 -26.40 -8.02 -26.18
C GLU J 1 -26.38 -6.64 -26.85
N ILE J 2 -25.22 -6.27 -27.40
CA ILE J 2 -25.09 -4.96 -28.05
C ILE J 2 -26.04 -4.91 -29.24
N VAL J 3 -26.75 -3.80 -29.37
CA VAL J 3 -27.72 -3.59 -30.43
C VAL J 3 -27.15 -2.59 -31.42
N MET J 4 -27.16 -2.95 -32.70
CA MET J 4 -26.65 -2.10 -33.77
C MET J 4 -27.82 -1.42 -34.46
N THR J 5 -27.79 -0.09 -34.51
CA THR J 5 -28.81 0.70 -35.16
C THR J 5 -28.20 1.42 -36.35
N GLN J 6 -28.80 1.26 -37.53
CA GLN J 6 -28.33 1.88 -38.75
C GLN J 6 -29.35 2.92 -39.21
N SER J 7 -28.87 4.13 -39.46
CA SER J 7 -29.72 5.22 -39.92
C SER J 7 -29.07 5.89 -41.12
N PRO J 8 -29.86 6.26 -42.14
CA PRO J 8 -31.30 6.06 -42.29
C PRO J 8 -31.63 4.64 -42.73
N ALA J 9 -32.89 4.19 -42.58
CA ALA J 9 -33.25 2.87 -43.05
C ALA J 9 -33.05 2.74 -44.55
N THR J 10 -33.43 3.77 -45.30
CA THR J 10 -33.23 3.82 -46.74
C THR J 10 -32.60 5.16 -47.11
N LEU J 11 -31.58 5.12 -47.95
CA LEU J 11 -30.90 6.32 -48.42
C LEU J 11 -30.82 6.28 -49.94
N SER J 12 -31.25 7.36 -50.58
CA SER J 12 -31.27 7.47 -52.03
C SER J 12 -30.32 8.56 -52.46
N VAL J 13 -29.28 8.18 -53.19
CA VAL J 13 -28.30 9.12 -53.74
C VAL J 13 -28.01 8.73 -55.17
N SER J 14 -28.03 9.72 -56.07
CA SER J 14 -27.74 9.47 -57.47
C SER J 14 -26.28 9.05 -57.63
N PRO J 15 -25.91 8.58 -58.82
CA PRO J 15 -24.48 8.29 -59.07
C PRO J 15 -23.65 9.56 -59.05
N GLY J 16 -22.43 9.44 -58.52
CA GLY J 16 -21.44 10.51 -58.59
C GLY J 16 -21.18 11.25 -57.30
N GLU J 17 -22.14 11.31 -56.38
CA GLU J 17 -21.95 12.04 -55.13
C GLU J 17 -21.54 11.08 -54.01
N ARG J 18 -21.32 11.66 -52.83
CA ARG J 18 -20.90 10.90 -51.66
C ARG J 18 -22.12 10.40 -50.90
N ALA J 19 -22.05 9.16 -50.43
CA ALA J 19 -23.10 8.57 -49.62
C ALA J 19 -22.52 8.22 -48.26
N THR J 20 -23.19 8.66 -47.20
CA THR J 20 -22.74 8.44 -45.82
C THR J 20 -23.76 7.56 -45.12
N LEU J 21 -23.30 6.43 -44.60
CA LEU J 21 -24.12 5.51 -43.82
C LEU J 21 -23.61 5.51 -42.39
N SER J 22 -24.53 5.64 -41.44
CA SER J 22 -24.19 5.76 -40.02
C SER J 22 -24.67 4.53 -39.26
N CYS J 23 -23.79 3.97 -38.44
CA CYS J 23 -24.13 2.85 -37.57
C CYS J 23 -23.79 3.24 -36.14
N ARG J 24 -24.69 2.90 -35.22
CA ARG J 24 -24.55 3.26 -33.82
C ARG J 24 -24.71 2.03 -32.94
N ALA J 25 -23.97 1.99 -31.85
CA ALA J 25 -23.94 0.86 -30.94
C ALA J 25 -24.54 1.22 -29.60
N SER J 26 -25.23 0.25 -28.98
CA SER J 26 -25.78 0.48 -27.65
C SER J 26 -24.66 0.73 -26.65
N GLN J 27 -23.57 -0.02 -26.76
CA GLN J 27 -22.38 0.18 -25.91
C GLN J 27 -21.17 0.36 -26.81
N GLY J 28 -20.12 0.95 -26.23
CA GLY J 28 -18.89 1.15 -26.96
C GLY J 28 -18.28 -0.14 -27.45
N VAL J 29 -18.01 -0.23 -28.74
CA VAL J 29 -17.41 -1.42 -29.34
C VAL J 29 -15.97 -1.14 -29.78
N SER J 30 -15.32 -0.16 -29.16
CA SER J 30 -13.94 0.22 -29.50
C SER J 30 -13.89 0.46 -31.01
N SER J 31 -12.93 -0.11 -31.74
CA SER J 31 -12.85 0.01 -33.19
C SER J 31 -13.29 -1.27 -33.88
N LYS J 32 -14.02 -2.14 -33.20
CA LYS J 32 -14.36 -3.46 -33.71
C LYS J 32 -15.70 -3.41 -34.43
N LEU J 33 -15.68 -2.79 -35.61
CA LEU J 33 -16.85 -2.73 -36.47
C LEU J 33 -16.47 -3.13 -37.89
N ALA J 34 -17.32 -3.92 -38.52
CA ALA J 34 -17.10 -4.39 -39.87
C ALA J 34 -18.31 -4.03 -40.74
N TRP J 35 -18.06 -3.67 -41.99
CA TRP J 35 -19.10 -3.28 -42.92
C TRP J 35 -19.20 -4.31 -44.03
N TYR J 36 -20.41 -4.81 -44.26
CA TYR J 36 -20.69 -5.80 -45.28
C TYR J 36 -21.65 -5.24 -46.31
N GLN J 37 -21.48 -5.65 -47.56
CA GLN J 37 -22.33 -5.24 -48.66
C GLN J 37 -22.99 -6.48 -49.25
N GLN J 38 -24.31 -6.46 -49.36
CA GLN J 38 -25.09 -7.58 -49.86
C GLN J 38 -25.92 -7.12 -51.05
N LYS J 39 -25.58 -7.62 -52.23
CA LYS J 39 -26.41 -7.41 -53.41
C LYS J 39 -27.60 -8.35 -53.38
N PRO J 40 -28.68 -8.01 -54.08
CA PRO J 40 -29.83 -8.92 -54.11
C PRO J 40 -29.44 -10.29 -54.64
N GLY J 41 -29.98 -11.33 -54.01
CA GLY J 41 -29.69 -12.69 -54.43
C GLY J 41 -28.23 -13.06 -54.41
N GLN J 42 -27.43 -12.39 -53.58
CA GLN J 42 -26.00 -12.68 -53.49
C GLN J 42 -25.58 -12.66 -52.02
N ALA J 43 -24.49 -13.38 -51.74
CA ALA J 43 -23.97 -13.42 -50.40
C ALA J 43 -23.32 -12.07 -50.04
N PRO J 44 -23.32 -11.70 -48.77
CA PRO J 44 -22.66 -10.44 -48.38
C PRO J 44 -21.18 -10.46 -48.74
N ARG J 45 -20.57 -9.29 -48.63
CA ARG J 45 -19.16 -9.12 -48.96
C ARG J 45 -18.54 -8.13 -48.00
N LEU J 46 -17.47 -8.53 -47.33
CA LEU J 46 -16.82 -7.66 -46.37
C LEU J 46 -16.16 -6.48 -47.07
N LEU J 47 -16.45 -5.27 -46.59
CA LEU J 47 -15.84 -4.05 -47.11
C LEU J 47 -14.80 -3.48 -46.16
N ILE J 48 -15.18 -3.25 -44.90
CA ILE J 48 -14.32 -2.63 -43.91
C ILE J 48 -14.28 -3.53 -42.68
N TYR J 49 -13.11 -3.62 -42.06
CA TYR J 49 -12.96 -4.26 -40.75
C TYR J 49 -12.09 -3.37 -39.88
N GLY J 50 -12.36 -3.38 -38.58
CA GLY J 50 -11.68 -2.45 -37.70
C GLY J 50 -12.18 -1.03 -37.82
N ALA J 51 -13.22 -0.79 -38.60
CA ALA J 51 -13.87 0.49 -38.83
C ALA J 51 -13.08 1.42 -39.75
N SER J 52 -11.80 1.15 -40.01
CA SER J 52 -11.02 2.02 -40.88
C SER J 52 -10.28 1.24 -41.95
N THR J 53 -10.06 -0.05 -41.73
CA THR J 53 -9.25 -0.85 -42.64
C THR J 53 -10.11 -1.44 -43.74
N ARG J 54 -9.65 -1.33 -44.98
CA ARG J 54 -10.38 -1.82 -46.14
C ARG J 54 -9.98 -3.26 -46.44
N ALA J 55 -10.97 -4.09 -46.75
CA ALA J 55 -10.70 -5.47 -47.11
C ALA J 55 -9.97 -5.54 -48.45
N THR J 56 -9.22 -6.61 -48.65
CA THR J 56 -8.44 -6.76 -49.87
C THR J 56 -9.37 -6.79 -51.09
N GLY J 57 -9.00 -6.06 -52.13
CA GLY J 57 -9.77 -6.02 -53.35
C GLY J 57 -10.95 -5.07 -53.35
N ILE J 58 -11.07 -4.22 -52.33
CA ILE J 58 -12.19 -3.28 -52.24
C ILE J 58 -11.74 -1.95 -52.84
N PRO J 59 -12.57 -1.28 -53.64
CA PRO J 59 -12.15 0.01 -54.20
C PRO J 59 -11.88 1.03 -53.10
N ALA J 60 -10.93 1.93 -53.38
CA ALA J 60 -10.52 2.91 -52.38
C ALA J 60 -11.64 3.89 -52.04
N ARG J 61 -12.65 4.02 -52.89
CA ARG J 61 -13.74 4.95 -52.60
C ARG J 61 -14.50 4.58 -51.34
N PHE J 62 -14.46 3.31 -50.94
CA PHE J 62 -15.12 2.87 -49.71
C PHE J 62 -14.22 3.25 -48.53
N SER J 63 -14.67 4.19 -47.72
CA SER J 63 -13.93 4.66 -46.56
C SER J 63 -14.81 4.56 -45.33
N GLY J 64 -14.22 4.09 -44.23
CA GLY J 64 -14.93 3.99 -42.97
C GLY J 64 -14.24 4.79 -41.88
N SER J 65 -15.00 5.20 -40.87
CA SER J 65 -14.44 6.01 -39.79
C SER J 65 -15.32 5.85 -38.56
N GLY J 66 -14.77 6.26 -37.42
CA GLY J 66 -15.49 6.19 -36.17
C GLY J 66 -14.80 5.30 -35.14
N SER J 67 -15.17 5.46 -33.88
CA SER J 67 -14.58 4.67 -32.80
C SER J 67 -15.46 4.80 -31.57
N GLY J 68 -15.72 3.68 -30.91
CA GLY J 68 -16.55 3.68 -29.73
C GLY J 68 -18.00 3.38 -30.03
N THR J 69 -18.84 4.41 -30.10
CA THR J 69 -20.27 4.25 -30.32
C THR J 69 -20.74 4.70 -31.69
N GLU J 70 -20.10 5.71 -32.28
CA GLU J 70 -20.52 6.26 -33.56
C GLU J 70 -19.57 5.80 -34.66
N PHE J 71 -20.13 5.22 -35.71
CA PHE J 71 -19.36 4.76 -36.85
C PHE J 71 -20.06 5.18 -38.13
N THR J 72 -19.27 5.46 -39.17
CA THR J 72 -19.79 5.94 -40.44
C THR J 72 -19.05 5.26 -41.58
N LEU J 73 -19.79 4.98 -42.65
CA LEU J 73 -19.23 4.48 -43.90
C LEU J 73 -19.45 5.52 -44.98
N THR J 74 -18.42 5.81 -45.75
CA THR J 74 -18.47 6.85 -46.78
C THR J 74 -18.09 6.25 -48.13
N ILE J 75 -18.91 6.54 -49.14
CA ILE J 75 -18.64 6.12 -50.52
C ILE J 75 -18.47 7.40 -51.32
N SER J 76 -17.21 7.82 -51.49
CA SER J 76 -16.94 9.14 -52.06
C SER J 76 -17.49 9.25 -53.48
N SER J 77 -17.26 8.23 -54.31
CA SER J 77 -17.67 8.24 -55.71
C SER J 77 -18.69 7.13 -55.92
N LEU J 78 -19.96 7.44 -55.68
CA LEU J 78 -21.02 6.46 -55.85
C LEU J 78 -21.07 6.00 -57.30
N GLN J 79 -21.13 4.69 -57.49
CA GLN J 79 -21.15 4.08 -58.82
C GLN J 79 -22.44 3.31 -59.02
N SER J 80 -22.72 2.99 -60.28
CA SER J 80 -23.98 2.32 -60.61
C SER J 80 -24.13 1.00 -59.88
N GLU J 81 -23.03 0.28 -59.64
CA GLU J 81 -23.09 -1.03 -59.00
C GLU J 81 -23.21 -0.94 -57.49
N ASP J 82 -22.97 0.22 -56.88
CA ASP J 82 -22.99 0.35 -55.44
C ASP J 82 -24.38 0.12 -54.83
N PHE J 83 -25.42 -0.06 -55.65
CA PHE J 83 -26.72 -0.41 -55.11
C PHE J 83 -26.63 -1.74 -54.37
N ALA J 84 -26.93 -1.72 -53.08
CA ALA J 84 -26.87 -2.91 -52.24
C ALA J 84 -27.30 -2.52 -50.84
N VAL J 85 -27.44 -3.51 -49.98
CA VAL J 85 -27.76 -3.32 -48.57
C VAL J 85 -26.47 -3.40 -47.77
N TYR J 86 -26.23 -2.43 -46.92
CA TYR J 86 -24.98 -2.33 -46.15
C TYR J 86 -25.29 -2.62 -44.69
N TYR J 87 -24.58 -3.60 -44.13
CA TYR J 87 -24.75 -4.01 -42.74
C TYR J 87 -23.49 -3.66 -41.95
N CYS J 88 -23.69 -3.24 -40.70
CA CYS J 88 -22.60 -2.98 -39.78
C CYS J 88 -22.63 -4.05 -38.69
N GLN J 89 -21.50 -4.72 -38.49
CA GLN J 89 -21.39 -5.81 -37.53
C GLN J 89 -20.34 -5.46 -36.49
N GLN J 90 -20.67 -5.71 -35.22
CA GLN J 90 -19.74 -5.53 -34.12
C GLN J 90 -19.19 -6.88 -33.71
N TYR J 91 -17.87 -6.94 -33.50
CA TYR J 91 -17.21 -8.13 -33.00
C TYR J 91 -16.40 -7.78 -31.76
N HIS J 92 -17.02 -7.03 -30.85
CA HIS J 92 -16.44 -6.70 -29.56
C HIS J 92 -16.99 -7.55 -28.43
N ASN J 93 -18.28 -7.87 -28.47
CA ASN J 93 -18.91 -8.70 -27.45
C ASN J 93 -19.62 -9.87 -28.11
N TRP J 94 -19.46 -11.05 -27.53
CA TRP J 94 -20.15 -12.22 -28.05
C TRP J 94 -21.56 -12.30 -27.46
N PRO J 95 -22.57 -12.60 -28.27
CA PRO J 95 -22.54 -12.88 -29.72
C PRO J 95 -22.37 -11.63 -30.55
N TYR J 96 -21.74 -11.75 -31.72
CA TYR J 96 -21.66 -10.63 -32.64
C TYR J 96 -23.05 -10.30 -33.18
N THR J 97 -23.32 -9.01 -33.32
CA THR J 97 -24.62 -8.52 -33.75
C THR J 97 -24.47 -7.64 -34.98
N PHE J 98 -25.37 -7.84 -35.95
CA PHE J 98 -25.38 -7.06 -37.17
C PHE J 98 -26.38 -5.92 -37.07
N GLY J 99 -26.12 -4.85 -37.83
CA GLY J 99 -27.09 -3.80 -37.97
C GLY J 99 -28.25 -4.23 -38.84
N GLN J 100 -29.35 -3.50 -38.72
CA GLN J 100 -30.55 -3.84 -39.48
C GLN J 100 -30.37 -3.64 -40.98
N GLY J 101 -29.33 -2.93 -41.40
CA GLY J 101 -29.06 -2.77 -42.81
C GLY J 101 -29.59 -1.49 -43.40
N THR J 102 -28.81 -0.85 -44.26
CA THR J 102 -29.22 0.37 -44.95
C THR J 102 -29.35 0.07 -46.44
N LYS J 103 -30.53 0.34 -46.99
CA LYS J 103 -30.79 0.11 -48.41
C LYS J 103 -30.35 1.32 -49.21
N LEU J 104 -29.52 1.09 -50.22
CA LEU J 104 -29.00 2.14 -51.08
C LEU J 104 -29.70 2.05 -52.42
N GLU J 105 -30.34 3.15 -52.84
CA GLU J 105 -31.12 3.20 -54.06
C GLU J 105 -30.49 4.22 -55.01
N ILE J 106 -30.28 3.82 -56.26
CA ILE J 106 -29.75 4.74 -57.26
C ILE J 106 -30.82 5.74 -57.65
N LYS J 107 -30.50 7.03 -57.52
CA LYS J 107 -31.45 8.08 -57.83
C LYS J 107 -31.13 8.71 -59.19
N GLU K 1 55.62 -4.81 -16.99
CA GLU K 1 55.18 -3.42 -16.66
C GLU K 1 54.36 -2.79 -17.79
N VAL K 2 53.46 -1.89 -17.42
CA VAL K 2 52.56 -1.24 -18.38
C VAL K 2 53.27 -0.04 -18.99
N GLN K 3 53.19 0.08 -20.31
CA GLN K 3 53.76 1.19 -21.03
C GLN K 3 52.77 1.73 -22.05
N LEU K 4 52.66 3.05 -22.11
CA LEU K 4 51.79 3.72 -23.09
C LEU K 4 52.60 4.85 -23.73
N VAL K 5 52.76 4.79 -25.04
CA VAL K 5 53.58 5.74 -25.78
C VAL K 5 52.70 6.43 -26.82
N GLU K 6 52.61 7.76 -26.73
CA GLU K 6 51.82 8.54 -27.65
C GLU K 6 52.66 8.95 -28.86
N SER K 7 51.98 9.41 -29.90
CA SER K 7 52.64 9.89 -31.11
C SER K 7 51.61 10.62 -31.96
N GLY K 8 52.09 11.36 -32.94
CA GLY K 8 51.25 12.06 -33.89
C GLY K 8 51.01 13.52 -33.58
N GLY K 9 51.36 13.99 -32.38
CA GLY K 9 51.16 15.38 -32.06
C GLY K 9 52.10 16.29 -32.83
N GLY K 10 51.65 17.52 -33.03
CA GLY K 10 52.46 18.49 -33.76
C GLY K 10 51.65 19.73 -34.07
N LEU K 11 52.26 20.60 -34.88
CA LEU K 11 51.62 21.84 -35.28
C LEU K 11 50.58 21.58 -36.36
N VAL K 12 49.37 22.08 -36.15
CA VAL K 12 48.28 21.93 -37.11
C VAL K 12 47.52 23.26 -37.18
N GLN K 13 47.16 23.65 -38.40
CA GLN K 13 46.45 24.90 -38.57
C GLN K 13 45.01 24.77 -38.07
N PRO K 14 44.39 25.88 -37.64
CA PRO K 14 42.99 25.79 -37.20
C PRO K 14 42.10 25.25 -38.31
N GLY K 15 41.15 24.43 -37.93
CA GLY K 15 40.28 23.78 -38.88
C GLY K 15 40.87 22.57 -39.56
N GLY K 16 42.11 22.19 -39.21
CA GLY K 16 42.76 21.04 -39.80
C GLY K 16 42.38 19.75 -39.11
N SER K 17 43.15 18.70 -39.42
CA SER K 17 42.94 17.38 -38.87
C SER K 17 44.24 16.82 -38.33
N LEU K 18 44.13 15.95 -37.35
CA LEU K 18 45.31 15.33 -36.72
C LEU K 18 44.89 14.02 -36.08
N ARG K 19 45.80 13.05 -36.12
CA ARG K 19 45.57 11.73 -35.55
C ARG K 19 46.69 11.39 -34.58
N LEU K 20 46.32 10.94 -33.39
CA LEU K 20 47.27 10.48 -32.38
C LEU K 20 47.13 8.98 -32.21
N SER K 21 48.25 8.31 -31.97
CA SER K 21 48.27 6.88 -31.74
C SER K 21 48.99 6.60 -30.42
N CYS K 22 48.45 5.66 -29.66
CA CYS K 22 49.02 5.26 -28.37
C CYS K 22 49.21 3.75 -28.37
N SER K 23 50.47 3.31 -28.38
CA SER K 23 50.78 1.89 -28.36
C SER K 23 50.89 1.43 -26.90
N ALA K 24 50.02 0.52 -26.50
CA ALA K 24 49.95 0.04 -25.13
C ALA K 24 50.48 -1.37 -25.05
N SER K 25 51.32 -1.63 -24.04
CA SER K 25 51.90 -2.95 -23.83
C SER K 25 51.99 -3.21 -22.34
N GLY K 26 52.04 -4.50 -21.98
CA GLY K 26 52.17 -4.92 -20.61
C GLY K 26 50.89 -5.34 -19.94
N PHE K 27 49.76 -5.32 -20.64
CA PHE K 27 48.49 -5.71 -20.07
C PHE K 27 47.55 -6.13 -21.19
N THR K 28 46.47 -6.81 -20.81
CA THR K 28 45.45 -7.22 -21.76
C THR K 28 44.74 -5.97 -22.27
N PHE K 29 45.05 -5.56 -23.50
CA PHE K 29 44.53 -4.31 -24.02
C PHE K 29 43.01 -4.35 -24.13
N SER K 30 42.45 -5.46 -24.61
CA SER K 30 41.03 -5.52 -24.90
C SER K 30 40.16 -5.58 -23.65
N SER K 31 40.75 -5.81 -22.48
CA SER K 31 39.98 -5.99 -21.26
C SER K 31 39.82 -4.71 -20.45
N TYR K 32 40.41 -3.60 -20.88
CA TYR K 32 40.38 -2.35 -20.13
C TYR K 32 39.98 -1.21 -21.03
N ALA K 33 39.15 -0.30 -20.50
CA ALA K 33 38.81 0.91 -21.21
C ALA K 33 40.01 1.85 -21.30
N MET K 34 40.07 2.62 -22.37
CA MET K 34 41.15 3.56 -22.60
C MET K 34 40.56 4.95 -22.80
N HIS K 35 41.16 5.94 -22.12
CA HIS K 35 40.68 7.31 -22.16
C HIS K 35 41.74 8.21 -22.78
N TRP K 36 41.29 9.35 -23.29
CA TRP K 36 42.16 10.43 -23.72
C TRP K 36 41.93 11.62 -22.80
N VAL K 37 42.98 12.08 -22.14
CA VAL K 37 42.91 13.19 -21.21
C VAL K 37 43.91 14.24 -21.66
N ARG K 38 43.46 15.49 -21.73
CA ARG K 38 44.29 16.59 -22.19
C ARG K 38 44.45 17.63 -21.10
N GLN K 39 45.59 18.30 -21.09
CA GLN K 39 45.91 19.35 -20.12
C GLN K 39 46.36 20.58 -20.91
N ALA K 40 45.46 21.54 -21.07
CA ALA K 40 45.84 22.78 -21.74
C ALA K 40 46.91 23.50 -20.92
N PRO K 41 47.84 24.20 -21.56
CA PRO K 41 48.88 24.89 -20.79
C PRO K 41 48.27 25.86 -19.80
N GLY K 42 48.83 25.89 -18.60
CA GLY K 42 48.30 26.73 -17.55
C GLY K 42 46.93 26.33 -17.06
N LYS K 43 46.57 25.05 -17.19
CA LYS K 43 45.28 24.57 -16.73
C LYS K 43 45.41 23.12 -16.30
N GLY K 44 44.41 22.64 -15.56
CA GLY K 44 44.42 21.29 -15.07
C GLY K 44 43.94 20.28 -16.10
N LEU K 45 43.98 19.02 -15.69
CA LEU K 45 43.59 17.93 -16.58
C LEU K 45 42.07 17.93 -16.79
N GLU K 46 41.64 17.56 -17.99
CA GLU K 46 40.23 17.49 -18.31
C GLU K 46 39.98 16.31 -19.25
N TYR K 47 38.76 15.81 -19.22
CA TYR K 47 38.40 14.61 -19.97
C TYR K 47 38.06 14.97 -21.40
N VAL K 48 38.54 14.14 -22.34
CA VAL K 48 38.33 14.36 -23.78
C VAL K 48 37.42 13.29 -24.35
N SER K 49 37.82 12.02 -24.28
CA SER K 49 37.01 10.94 -24.81
C SER K 49 37.46 9.63 -24.19
N ALA K 50 36.60 8.62 -24.30
CA ALA K 50 36.87 7.30 -23.75
C ALA K 50 36.26 6.24 -24.65
N ILE K 51 36.80 5.04 -24.56
CA ILE K 51 36.35 3.91 -25.37
C ILE K 51 36.44 2.64 -24.53
N SER K 52 35.46 1.77 -24.66
CA SER K 52 35.41 0.54 -23.87
C SER K 52 36.47 -0.44 -24.37
N GLY K 53 36.54 -1.59 -23.70
CA GLY K 53 37.59 -2.55 -24.02
C GLY K 53 37.47 -3.10 -25.42
N ASN K 54 36.27 -3.51 -25.81
CA ASN K 54 36.03 -4.06 -27.14
C ASN K 54 35.70 -3.00 -28.17
N GLY K 55 35.57 -1.73 -27.76
CA GLY K 55 35.37 -0.64 -28.69
C GLY K 55 33.95 -0.41 -29.12
N ASP K 56 32.97 -1.10 -28.53
CA ASP K 56 31.58 -0.91 -28.93
C ASP K 56 31.12 0.51 -28.58
N SER K 57 31.47 0.98 -27.39
CA SER K 57 30.98 2.24 -26.85
C SER K 57 32.11 3.25 -26.77
N THR K 58 31.88 4.42 -27.35
CA THR K 58 32.83 5.53 -27.28
C THR K 58 32.13 6.74 -26.69
N TYR K 59 32.83 7.44 -25.80
CA TYR K 59 32.29 8.60 -25.11
C TYR K 59 33.12 9.83 -25.45
N TYR K 60 32.46 10.98 -25.54
CA TYR K 60 33.12 12.21 -25.95
C TYR K 60 32.69 13.36 -25.05
N ALA K 61 33.64 14.23 -24.73
CA ALA K 61 33.31 15.46 -24.02
C ALA K 61 32.51 16.38 -24.92
N ASP K 62 31.69 17.23 -24.29
CA ASP K 62 30.80 18.10 -25.06
C ASP K 62 31.59 18.98 -26.02
N SER K 63 32.74 19.47 -25.59
CA SER K 63 33.52 20.37 -26.43
C SER K 63 33.98 19.67 -27.71
N VAL K 64 34.42 18.41 -27.60
CA VAL K 64 35.00 17.70 -28.73
C VAL K 64 34.00 16.79 -29.45
N ARG K 65 32.80 16.60 -28.89
CA ARG K 65 31.83 15.72 -29.53
C ARG K 65 31.49 16.22 -30.93
N GLY K 66 31.43 15.29 -31.88
CA GLY K 66 31.14 15.62 -33.26
C GLY K 66 32.34 16.02 -34.08
N ARG K 67 33.48 16.25 -33.45
CA ARG K 67 34.71 16.61 -34.15
C ARG K 67 35.80 15.57 -34.00
N PHE K 68 35.95 14.98 -32.82
CA PHE K 68 36.96 13.96 -32.59
C PHE K 68 36.36 12.57 -32.82
N THR K 69 37.25 11.58 -32.94
CA THR K 69 36.82 10.20 -33.12
C THR K 69 37.86 9.29 -32.47
N ILE K 70 37.47 8.60 -31.41
CA ILE K 70 38.36 7.69 -30.70
C ILE K 70 38.10 6.28 -31.20
N SER K 71 39.17 5.53 -31.44
CA SER K 71 39.06 4.15 -31.90
C SER K 71 40.27 3.38 -31.38
N ARG K 72 40.12 2.06 -31.32
CA ARG K 72 41.17 1.19 -30.83
C ARG K 72 41.32 -0.01 -31.76
N ASP K 73 42.52 -0.58 -31.77
CA ASP K 73 42.84 -1.78 -32.54
C ASP K 73 43.35 -2.82 -31.56
N ASN K 74 42.43 -3.64 -31.05
CA ASN K 74 42.80 -4.62 -30.04
C ASN K 74 43.87 -5.58 -30.54
N SER K 75 43.82 -5.93 -31.83
CA SER K 75 44.82 -6.84 -32.37
C SER K 75 46.21 -6.24 -32.30
N LYS K 76 46.34 -4.96 -32.64
CA LYS K 76 47.62 -4.28 -32.65
C LYS K 76 47.94 -3.56 -31.35
N ASN K 77 47.03 -3.60 -30.36
CA ASN K 77 47.23 -2.93 -29.08
C ASN K 77 47.56 -1.46 -29.31
N THR K 78 46.66 -0.77 -30.01
CA THR K 78 46.82 0.64 -30.32
C THR K 78 45.52 1.38 -30.04
N LEU K 79 45.66 2.65 -29.67
CA LEU K 79 44.54 3.53 -29.41
C LEU K 79 44.70 4.79 -30.25
N TYR K 80 43.64 5.18 -30.96
CA TYR K 80 43.68 6.28 -31.89
C TYR K 80 42.74 7.40 -31.44
N LEU K 81 43.05 8.61 -31.87
CA LEU K 81 42.19 9.77 -31.66
C LEU K 81 42.29 10.65 -32.90
N GLN K 82 41.23 10.64 -33.71
CA GLN K 82 41.20 11.39 -34.96
C GLN K 82 40.47 12.71 -34.71
N MET K 83 41.20 13.82 -34.75
CA MET K 83 40.61 15.14 -34.59
C MET K 83 40.35 15.76 -35.95
N SER K 84 39.19 16.40 -36.09
CA SER K 84 38.83 17.10 -37.30
C SER K 84 38.28 18.48 -36.94
N SER K 85 38.53 19.45 -37.81
CA SER K 85 38.09 20.83 -37.59
C SER K 85 38.56 21.34 -36.23
N LEU K 86 39.87 21.27 -36.01
CA LEU K 86 40.44 21.69 -34.75
C LEU K 86 40.26 23.20 -34.56
N ARG K 87 40.30 23.62 -33.29
CA ARG K 87 40.14 25.01 -32.91
C ARG K 87 41.32 25.45 -32.06
N ALA K 88 41.38 26.74 -31.77
CA ALA K 88 42.50 27.27 -30.99
C ALA K 88 42.51 26.73 -29.57
N GLU K 89 41.35 26.35 -29.04
CA GLU K 89 41.28 25.88 -27.65
C GLU K 89 41.57 24.39 -27.53
N ASP K 90 41.77 23.69 -28.63
CA ASP K 90 42.13 22.28 -28.59
C ASP K 90 43.61 22.06 -28.32
N THR K 91 44.41 23.12 -28.28
CA THR K 91 45.83 22.98 -27.99
C THR K 91 46.02 22.54 -26.56
N ALA K 92 46.73 21.44 -26.35
CA ALA K 92 46.98 20.90 -25.02
C ALA K 92 47.97 19.75 -25.15
N VAL K 93 48.26 19.11 -24.02
CA VAL K 93 49.06 17.90 -23.99
C VAL K 93 48.10 16.74 -23.79
N TYR K 94 47.99 15.87 -24.80
CA TYR K 94 47.03 14.78 -24.78
C TYR K 94 47.71 13.52 -24.25
N TYR K 95 47.14 12.96 -23.18
CA TYR K 95 47.64 11.73 -22.58
C TYR K 95 46.69 10.59 -22.91
N CYS K 96 47.23 9.50 -23.46
CA CYS K 96 46.46 8.27 -23.57
C CYS K 96 46.53 7.55 -22.23
N VAL K 97 45.38 7.21 -21.69
CA VAL K 97 45.25 6.80 -20.30
C VAL K 97 44.54 5.45 -20.23
N LYS K 98 44.96 4.60 -19.30
CA LYS K 98 44.39 3.28 -19.10
C LYS K 98 43.52 3.31 -17.86
N GLN K 99 42.27 2.89 -18.01
CA GLN K 99 41.38 2.80 -16.86
C GLN K 99 41.86 1.68 -15.93
N ALA K 100 41.81 1.96 -14.62
CA ALA K 100 42.44 1.05 -13.66
C ALA K 100 41.74 -0.30 -13.63
N ALA K 101 40.40 -0.30 -13.65
CA ALA K 101 39.66 -1.54 -13.48
C ALA K 101 38.35 -1.47 -14.25
N TYR K 102 37.66 -2.60 -14.29
CA TYR K 102 36.33 -2.70 -14.90
C TYR K 102 35.39 -3.26 -13.84
N CYS K 103 34.45 -2.44 -13.40
CA CYS K 103 33.50 -2.82 -12.35
C CYS K 103 32.08 -2.69 -12.87
N THR K 104 31.20 -3.56 -12.38
CA THR K 104 29.83 -3.64 -12.85
C THR K 104 28.84 -2.94 -11.94
N ARG K 105 29.03 -3.02 -10.62
CA ARG K 105 28.08 -2.47 -9.65
C ARG K 105 28.60 -1.18 -9.01
N THR K 106 29.56 -0.51 -9.64
CA THR K 106 30.11 0.72 -9.09
C THR K 106 30.89 1.43 -10.20
N SER K 107 31.59 2.49 -9.82
CA SER K 107 32.35 3.32 -10.75
C SER K 107 33.84 3.13 -10.52
N CYS K 108 34.60 2.96 -11.60
CA CYS K 108 36.02 2.68 -11.48
C CYS K 108 36.85 3.42 -12.53
N TYR K 109 36.45 4.63 -12.91
CA TYR K 109 37.23 5.37 -13.90
C TYR K 109 38.36 6.16 -13.25
N TYR K 110 39.19 5.47 -12.48
CA TYR K 110 40.49 5.98 -12.08
C TYR K 110 41.57 5.24 -12.86
N PHE K 111 42.71 5.89 -13.04
CA PHE K 111 43.66 5.52 -14.07
C PHE K 111 44.92 4.92 -13.44
N ASP K 112 45.24 3.69 -13.86
CA ASP K 112 46.44 3.02 -13.35
C ASP K 112 47.70 3.65 -13.92
N TYR K 113 47.73 3.88 -15.24
CA TYR K 113 48.94 4.35 -15.90
C TYR K 113 48.57 5.42 -16.91
N TRP K 114 49.51 6.34 -17.14
CA TRP K 114 49.36 7.44 -18.07
C TRP K 114 50.49 7.40 -19.09
N GLY K 115 50.16 7.69 -20.34
CA GLY K 115 51.19 7.85 -21.35
C GLY K 115 51.98 9.13 -21.14
N GLN K 116 53.15 9.18 -21.77
CA GLN K 116 54.02 10.34 -21.62
C GLN K 116 53.30 11.62 -22.06
N GLY K 117 52.45 11.52 -23.07
CA GLY K 117 51.71 12.66 -23.56
C GLY K 117 52.39 13.32 -24.73
N THR K 118 51.59 13.82 -25.66
CA THR K 118 52.08 14.49 -26.86
C THR K 118 51.41 15.85 -26.98
N LEU K 119 52.22 16.88 -27.23
CA LEU K 119 51.71 18.23 -27.35
C LEU K 119 51.07 18.44 -28.72
N VAL K 120 49.86 18.98 -28.72
CA VAL K 120 49.16 19.36 -29.95
C VAL K 120 48.95 20.86 -29.90
N THR K 121 49.41 21.55 -30.93
CA THR K 121 49.32 23.01 -31.00
C THR K 121 48.48 23.40 -32.21
N VAL K 122 47.46 24.22 -31.97
CA VAL K 122 46.58 24.72 -33.03
C VAL K 122 46.83 26.22 -33.14
N SER K 123 47.48 26.63 -34.22
CA SER K 123 47.79 28.04 -34.42
C SER K 123 48.04 28.28 -35.90
N SER K 124 47.95 29.55 -36.30
CA SER K 124 48.18 29.94 -37.68
C SER K 124 49.60 30.47 -37.85
N GLU L 1 27.93 18.85 -13.45
CA GLU L 1 29.33 18.34 -13.40
C GLU L 1 29.98 18.69 -12.07
N ILE L 2 30.41 17.66 -11.34
CA ILE L 2 31.01 17.89 -10.02
C ILE L 2 32.28 18.70 -10.18
N VAL L 3 32.39 19.77 -9.40
CA VAL L 3 33.55 20.64 -9.42
C VAL L 3 34.43 20.29 -8.23
N MET L 4 35.70 19.99 -8.50
CA MET L 4 36.66 19.62 -7.47
C MET L 4 37.51 20.84 -7.13
N THR L 5 37.51 21.22 -5.85
CA THR L 5 38.24 22.38 -5.38
C THR L 5 39.42 21.91 -4.53
N GLN L 6 40.62 22.33 -4.91
CA GLN L 6 41.83 21.96 -4.20
C GLN L 6 42.41 23.20 -3.51
N SER L 7 42.63 23.10 -2.21
CA SER L 7 43.20 24.18 -1.44
C SER L 7 44.31 23.66 -0.55
N PRO L 8 45.40 24.41 -0.37
CA PRO L 8 45.72 25.71 -0.97
C PRO L 8 46.19 25.56 -2.41
N ALA L 9 46.14 26.63 -3.21
CA ALA L 9 46.62 26.54 -4.59
C ALA L 9 48.10 26.18 -4.62
N THR L 10 48.90 26.79 -3.74
CA THR L 10 50.31 26.50 -3.61
C THR L 10 50.64 26.24 -2.15
N LEU L 11 51.51 25.26 -1.92
CA LEU L 11 51.94 24.89 -0.57
C LEU L 11 53.45 24.75 -0.55
N SER L 12 54.08 25.29 0.50
CA SER L 12 55.53 25.24 0.66
C SER L 12 55.84 24.60 2.00
N VAL L 13 56.49 23.44 1.97
CA VAL L 13 56.88 22.72 3.18
C VAL L 13 58.30 22.22 3.00
N SER L 14 59.14 22.41 4.01
CA SER L 14 60.51 21.95 3.95
C SER L 14 60.55 20.43 4.06
N PRO L 15 61.64 19.81 3.58
CA PRO L 15 61.74 18.36 3.67
C PRO L 15 61.69 17.88 5.12
N GLY L 16 61.04 16.74 5.33
CA GLY L 16 61.00 16.10 6.63
C GLY L 16 59.72 16.33 7.41
N GLU L 17 58.92 17.34 7.06
CA GLU L 17 57.68 17.61 7.77
C GLU L 17 56.51 16.97 7.02
N ARG L 18 55.33 17.10 7.64
CA ARG L 18 54.11 16.57 7.06
C ARG L 18 53.44 17.65 6.20
N ALA L 19 53.03 17.28 5.00
CA ALA L 19 52.29 18.17 4.10
C ALA L 19 50.89 17.61 3.91
N THR L 20 49.89 18.46 4.15
CA THR L 20 48.49 18.06 4.02
C THR L 20 47.88 18.79 2.84
N LEU L 21 47.35 18.03 1.88
CA LEU L 21 46.68 18.56 0.71
C LEU L 21 45.20 18.21 0.80
N SER L 22 44.35 19.22 0.64
CA SER L 22 42.91 19.07 0.80
C SER L 22 42.21 19.20 -0.55
N CYS L 23 41.20 18.37 -0.76
CA CYS L 23 40.38 18.42 -1.95
C CYS L 23 38.91 18.39 -1.54
N ARG L 24 38.11 19.24 -2.18
CA ARG L 24 36.68 19.35 -1.88
C ARG L 24 35.88 19.18 -3.15
N ALA L 25 34.72 18.54 -3.02
CA ALA L 25 33.83 18.26 -4.14
C ALA L 25 32.56 19.08 -4.01
N SER L 26 32.03 19.54 -5.15
CA SER L 26 30.79 20.31 -5.12
C SER L 26 29.65 19.50 -4.53
N GLN L 27 29.68 18.18 -4.69
CA GLN L 27 28.69 17.30 -4.09
C GLN L 27 29.36 15.98 -3.71
N GLY L 28 28.70 15.23 -2.85
CA GLY L 28 29.28 14.01 -2.33
C GLY L 28 29.68 13.04 -3.41
N VAL L 29 30.93 12.58 -3.36
CA VAL L 29 31.45 11.59 -4.29
C VAL L 29 31.76 10.27 -3.57
N SER L 30 31.09 10.02 -2.45
CA SER L 30 31.34 8.81 -1.67
C SER L 30 32.83 8.70 -1.35
N SER L 31 33.40 7.51 -1.50
CA SER L 31 34.83 7.30 -1.32
C SER L 31 35.57 7.24 -2.63
N LYS L 32 34.93 7.64 -3.74
CA LYS L 32 35.51 7.52 -5.07
C LYS L 32 36.32 8.77 -5.39
N LEU L 33 37.52 8.81 -4.83
CA LEU L 33 38.47 9.88 -5.13
C LEU L 33 39.84 9.28 -5.37
N ALA L 34 40.56 9.82 -6.34
CA ALA L 34 41.89 9.35 -6.71
C ALA L 34 42.86 10.52 -6.70
N TRP L 35 44.09 10.26 -6.26
CA TRP L 35 45.13 11.26 -6.18
C TRP L 35 46.24 10.94 -7.18
N TYR L 36 46.64 11.94 -7.96
CA TYR L 36 47.69 11.79 -8.94
C TYR L 36 48.81 12.77 -8.66
N GLN L 37 50.04 12.36 -8.98
CA GLN L 37 51.23 13.18 -8.83
C GLN L 37 51.85 13.38 -10.20
N GLN L 38 52.11 14.63 -10.57
CA GLN L 38 52.68 14.97 -11.87
C GLN L 38 53.91 15.84 -11.66
N LYS L 39 55.08 15.22 -11.67
CA LYS L 39 56.31 15.99 -11.70
C LYS L 39 56.45 16.68 -13.05
N PRO L 40 57.16 17.81 -13.12
CA PRO L 40 57.24 18.54 -14.37
C PRO L 40 57.82 17.67 -15.48
N GLY L 41 57.23 17.78 -16.67
CA GLY L 41 57.71 17.05 -17.83
C GLY L 41 57.49 15.55 -17.75
N GLN L 42 56.56 15.08 -16.93
CA GLN L 42 56.27 13.67 -16.81
C GLN L 42 54.77 13.46 -16.70
N ALA L 43 54.34 12.26 -17.08
CA ALA L 43 52.92 11.92 -16.98
C ALA L 43 52.51 11.77 -15.52
N PRO L 44 51.26 12.08 -15.19
CA PRO L 44 50.81 11.89 -13.80
C PRO L 44 50.91 10.44 -13.37
N ARG L 45 51.17 10.25 -12.08
CA ARG L 45 51.29 8.93 -11.47
C ARG L 45 50.21 8.76 -10.42
N LEU L 46 49.46 7.67 -10.50
CA LEU L 46 48.42 7.40 -9.52
C LEU L 46 49.04 7.13 -8.16
N LEU L 47 48.50 7.76 -7.13
CA LEU L 47 48.93 7.56 -5.75
C LEU L 47 47.89 6.86 -4.91
N ILE L 48 46.68 7.40 -4.85
CA ILE L 48 45.60 6.87 -4.03
C ILE L 48 44.38 6.66 -4.91
N TYR L 49 43.66 5.56 -4.67
CA TYR L 49 42.36 5.34 -5.29
C TYR L 49 41.41 4.85 -4.21
N GLY L 50 40.16 5.26 -4.31
CA GLY L 50 39.21 5.01 -3.24
C GLY L 50 39.38 5.93 -2.04
N ALA L 51 40.24 6.93 -2.14
CA ALA L 51 40.53 7.94 -1.12
C ALA L 51 41.39 7.42 0.02
N SER L 52 41.52 6.10 0.19
CA SER L 52 42.38 5.56 1.24
C SER L 52 43.35 4.49 0.75
N THR L 53 43.11 3.83 -0.37
CA THR L 53 43.96 2.74 -0.82
C THR L 53 45.13 3.28 -1.62
N ARG L 54 46.32 2.73 -1.35
CA ARG L 54 47.54 3.17 -2.00
C ARG L 54 47.81 2.30 -3.23
N ALA L 55 48.14 2.96 -4.34
CA ALA L 55 48.46 2.22 -5.56
C ALA L 55 49.73 1.41 -5.37
N THR L 56 49.82 0.31 -6.11
CA THR L 56 50.97 -0.57 -6.00
C THR L 56 52.25 0.20 -6.34
N GLY L 57 53.28 -0.01 -5.51
CA GLY L 57 54.54 0.67 -5.69
C GLY L 57 54.61 2.06 -5.09
N ILE L 58 53.58 2.51 -4.41
CA ILE L 58 53.57 3.82 -3.78
C ILE L 58 54.07 3.68 -2.35
N PRO L 59 55.07 4.46 -1.92
CA PRO L 59 55.59 4.30 -0.56
C PRO L 59 54.52 4.57 0.49
N ALA L 60 54.84 4.23 1.73
CA ALA L 60 53.90 4.39 2.83
C ALA L 60 53.77 5.83 3.30
N ARG L 61 54.61 6.74 2.81
CA ARG L 61 54.50 8.13 3.23
C ARG L 61 53.15 8.72 2.84
N PHE L 62 52.70 8.43 1.62
CA PHE L 62 51.44 8.98 1.14
C PHE L 62 50.27 8.28 1.81
N SER L 63 49.46 9.05 2.53
CA SER L 63 48.26 8.53 3.18
C SER L 63 47.09 9.40 2.80
N GLY L 64 46.00 8.77 2.36
CA GLY L 64 44.79 9.46 1.97
C GLY L 64 43.66 9.17 2.93
N SER L 65 42.75 10.12 3.09
CA SER L 65 41.62 9.97 3.99
C SER L 65 40.50 10.88 3.53
N GLY L 66 39.31 10.62 4.05
CA GLY L 66 38.15 11.42 3.73
C GLY L 66 37.03 10.61 3.09
N SER L 67 35.84 11.19 3.05
CA SER L 67 34.69 10.52 2.45
C SER L 67 33.58 11.53 2.27
N GLY L 68 32.85 11.43 1.16
CA GLY L 68 31.77 12.33 0.89
C GLY L 68 32.19 13.58 0.14
N THR L 69 32.39 14.67 0.87
CA THR L 69 32.70 15.97 0.27
C THR L 69 34.10 16.46 0.59
N GLU L 70 34.68 16.06 1.71
CA GLU L 70 36.00 16.53 2.14
C GLU L 70 37.00 15.39 2.08
N PHE L 71 38.10 15.62 1.37
CA PHE L 71 39.18 14.64 1.25
C PHE L 71 40.51 15.33 1.48
N THR L 72 41.46 14.58 2.04
CA THR L 72 42.78 15.10 2.35
C THR L 72 43.84 14.07 1.98
N LEU L 73 44.99 14.56 1.51
CA LEU L 73 46.16 13.74 1.25
C LEU L 73 47.27 14.15 2.19
N THR L 74 47.90 13.18 2.83
CA THR L 74 48.93 13.42 3.83
C THR L 74 50.23 12.78 3.40
N ILE L 75 51.31 13.54 3.45
CA ILE L 75 52.66 13.05 3.16
C ILE L 75 53.44 13.20 4.45
N SER L 76 53.52 12.11 5.22
CA SER L 76 54.07 12.20 6.57
C SER L 76 55.54 12.65 6.55
N SER L 77 56.33 12.07 5.66
CA SER L 77 57.77 12.34 5.59
C SER L 77 58.07 12.90 4.20
N LEU L 78 57.98 14.22 4.06
CA LEU L 78 58.30 14.85 2.78
C LEU L 78 59.75 14.61 2.42
N GLN L 79 60.01 14.44 1.13
CA GLN L 79 61.35 14.21 0.61
C GLN L 79 61.62 15.13 -0.57
N SER L 80 62.88 15.17 -0.99
CA SER L 80 63.29 16.09 -2.04
C SER L 80 62.65 15.78 -3.39
N GLU L 81 62.04 14.60 -3.55
CA GLU L 81 61.44 14.21 -4.81
C GLU L 81 59.92 14.25 -4.77
N ASP L 82 59.32 14.75 -3.69
CA ASP L 82 57.88 14.91 -3.62
C ASP L 82 57.41 16.21 -4.24
N PHE L 83 58.32 17.07 -4.70
CA PHE L 83 57.94 18.28 -5.41
C PHE L 83 57.18 17.89 -6.68
N ALA L 84 55.91 18.24 -6.75
CA ALA L 84 55.08 17.93 -7.91
C ALA L 84 53.70 18.51 -7.68
N VAL L 85 52.96 18.67 -8.76
CA VAL L 85 51.57 19.11 -8.68
C VAL L 85 50.70 17.90 -8.41
N TYR L 86 49.86 17.98 -7.38
CA TYR L 86 49.00 16.89 -6.97
C TYR L 86 47.56 17.20 -7.37
N TYR L 87 46.94 16.27 -8.09
CA TYR L 87 45.58 16.43 -8.57
C TYR L 87 44.66 15.42 -7.88
N CYS L 88 43.47 15.87 -7.51
CA CYS L 88 42.44 15.01 -6.96
C CYS L 88 41.36 14.82 -8.02
N GLN L 89 40.98 13.57 -8.26
CA GLN L 89 40.00 13.23 -9.28
C GLN L 89 38.86 12.45 -8.65
N GLN L 90 37.64 12.76 -9.06
CA GLN L 90 36.45 12.04 -8.63
C GLN L 90 35.97 11.16 -9.78
N TYR L 91 35.72 9.89 -9.49
CA TYR L 91 35.14 8.97 -10.46
C TYR L 91 33.81 8.44 -9.94
N HIS L 92 32.99 9.34 -9.40
CA HIS L 92 31.64 9.01 -8.94
C HIS L 92 30.58 9.33 -9.97
N ASN L 93 30.69 10.47 -10.65
CA ASN L 93 29.72 10.89 -11.65
C ASN L 93 30.45 11.17 -12.96
N TRP L 94 29.94 10.61 -14.04
CA TRP L 94 30.50 10.88 -15.37
C TRP L 94 30.04 12.25 -15.84
N PRO L 95 30.93 13.05 -16.46
CA PRO L 95 32.35 12.81 -16.70
C PRO L 95 33.18 12.99 -15.44
N TYR L 96 34.28 12.24 -15.32
CA TYR L 96 35.18 12.43 -14.20
C TYR L 96 35.84 13.80 -14.28
N THR L 97 36.06 14.41 -13.12
CA THR L 97 36.62 15.76 -13.04
C THR L 97 37.86 15.75 -12.16
N PHE L 98 38.84 16.56 -12.54
CA PHE L 98 40.08 16.70 -11.79
C PHE L 98 40.09 18.03 -11.03
N GLY L 99 40.82 18.05 -9.92
CA GLY L 99 41.06 19.30 -9.24
C GLY L 99 42.04 20.17 -9.99
N GLN L 100 42.07 21.46 -9.63
CA GLN L 100 42.96 22.39 -10.31
C GLN L 100 44.42 22.15 -10.00
N GLY L 101 44.72 21.32 -9.01
CA GLY L 101 46.10 21.02 -8.67
C GLY L 101 46.59 21.82 -7.49
N THR L 102 47.56 21.27 -6.77
CA THR L 102 48.16 21.91 -5.59
C THR L 102 49.67 21.78 -5.71
N LYS L 103 50.30 22.82 -6.25
CA LYS L 103 51.76 22.80 -6.40
C LYS L 103 52.41 22.74 -5.02
N LEU L 104 53.28 21.75 -4.83
CA LEU L 104 54.01 21.57 -3.59
C LEU L 104 55.44 22.04 -3.79
N GLU L 105 55.89 22.97 -2.95
CA GLU L 105 57.19 23.60 -3.09
C GLU L 105 58.10 23.18 -1.95
N ILE L 106 59.38 22.95 -2.27
CA ILE L 106 60.38 22.57 -1.29
C ILE L 106 60.91 23.86 -0.68
N LYS L 107 60.50 24.16 0.54
CA LYS L 107 60.90 25.38 1.21
C LYS L 107 62.39 25.34 1.53
C1 NAG M . 25.62 -27.75 18.10
C2 NAG M . 25.26 -28.75 17.01
C3 NAG M . 25.86 -30.12 17.33
C4 NAG M . 27.35 -30.01 17.62
C5 NAG M . 27.62 -28.93 18.66
C6 NAG M . 29.09 -28.67 18.85
C7 NAG M . 23.13 -28.09 15.98
C8 NAG M . 21.66 -28.33 15.94
N2 NAG M . 23.82 -28.85 16.85
O3 NAG M . 25.63 -31.00 16.25
O4 NAG M . 27.82 -31.25 18.10
O5 NAG M . 27.04 -27.69 18.24
O6 NAG M . 29.41 -27.31 18.64
O7 NAG M . 23.68 -27.26 15.27
C1 NAG M . 28.94 -31.70 17.31
C2 NAG M . 29.73 -32.71 18.13
C3 NAG M . 30.89 -33.27 17.30
C4 NAG M . 30.39 -33.80 15.96
C5 NAG M . 29.56 -32.74 15.25
C6 NAG M . 28.92 -33.25 13.98
C7 NAG M . 29.63 -32.19 20.54
C8 NAG M . 28.35 -32.97 20.59
N2 NAG M . 30.23 -32.11 19.36
O3 NAG M . 31.54 -34.30 18.03
O4 NAG M . 31.49 -34.15 15.15
O5 NAG M . 28.49 -32.30 16.10
O6 NAG M . 28.69 -32.20 13.06
O7 NAG M . 30.09 -31.65 21.54
C1 BMA M . 31.43 -35.55 14.82
C2 BMA M . 32.36 -35.77 13.61
C3 BMA M . 32.49 -37.26 13.31
C4 BMA M . 32.82 -38.06 14.57
C5 BMA M . 31.79 -37.76 15.66
C6 BMA M . 32.06 -38.50 16.96
O2 BMA M . 33.67 -35.31 13.90
O3 BMA M . 33.48 -37.49 12.31
O4 BMA M . 32.81 -39.44 14.27
O5 BMA M . 31.83 -36.35 15.92
O6 BMA M . 33.18 -37.87 17.58
C1 MAN M . 32.83 -37.88 11.08
C2 MAN M . 33.89 -38.62 10.23
C3 MAN M . 34.95 -37.63 9.76
C4 MAN M . 34.31 -36.42 9.08
C5 MAN M . 33.30 -35.77 10.03
C6 MAN M . 32.55 -34.60 9.39
O2 MAN M . 33.31 -39.15 9.04
O3 MAN M . 35.90 -38.24 8.89
O4 MAN M . 35.31 -35.47 8.73
O5 MAN M . 32.32 -36.74 10.42
O6 MAN M . 32.37 -33.60 10.38
C1 MAN M . 33.74 -38.78 18.55
C2 MAN M . 34.68 -37.94 19.46
C3 MAN M . 35.91 -37.49 18.68
C4 MAN M . 36.58 -38.67 17.98
C5 MAN M . 35.57 -39.40 17.09
C6 MAN M . 36.13 -40.63 16.42
O2 MAN M . 35.19 -38.73 20.54
O3 MAN M . 36.84 -36.82 19.51
O4 MAN M . 37.66 -38.22 17.19
O5 MAN M . 34.44 -39.82 17.90
O6 MAN M . 35.16 -41.11 15.49
C1 NAG N . -14.63 22.78 53.40
C2 NAG N . -14.42 23.65 54.63
C3 NAG N . -13.17 24.49 54.45
C4 NAG N . -11.97 23.63 54.08
C5 NAG N . -12.31 22.66 52.95
C6 NAG N . -11.23 21.62 52.72
C7 NAG N . -16.62 24.10 55.62
C8 NAG N . -17.73 25.09 55.77
N2 NAG N . -15.58 24.48 54.87
O3 NAG N . -12.90 25.18 55.67
O4 NAG N . -10.92 24.48 53.60
O5 NAG N . -13.51 21.93 53.24
O6 NAG N . -10.95 20.91 53.92
O7 NAG N . -16.66 22.99 56.15
C1 NAG N . -9.71 24.48 54.38
C2 NAG N . -9.72 25.76 55.24
C3 NAG N . -8.45 25.84 56.08
C4 NAG N . -8.27 24.57 56.89
C5 NAG N . -8.32 23.34 55.99
C6 NAG N . -8.26 22.04 56.74
C7 NAG N . -10.59 28.02 54.73
C8 NAG N . -11.29 27.99 56.04
N2 NAG N . -9.87 26.94 54.40
O3 NAG N . -8.52 26.97 56.95
O4 NAG N . -7.01 24.60 57.57
O5 NAG N . -9.54 23.33 55.24
O6 NAG N . -9.15 22.04 57.85
O7 NAG N . -10.66 28.99 53.97
C1 NAG O . -25.38 18.91 46.66
C2 NAG O . -26.14 17.91 47.52
C3 NAG O . -27.56 17.73 47.00
C4 NAG O . -28.26 19.07 46.84
C5 NAG O . -27.39 20.05 46.05
C6 NAG O . -27.95 21.44 46.00
C7 NAG O . -24.57 16.30 48.50
C8 NAG O . -23.95 14.94 48.39
N2 NAG O . -25.44 16.63 47.56
O3 NAG O . -28.29 16.90 47.89
O4 NAG O . -29.49 18.89 46.16
O5 NAG O . -26.09 20.15 46.64
O6 NAG O . -27.12 22.31 45.25
O7 NAG O . -24.28 17.08 49.42
C1 NAG O . -30.56 19.60 46.81
C2 NAG O . -31.84 19.23 46.06
C3 NAG O . -33.05 19.92 46.70
C4 NAG O . -33.08 19.60 48.19
C5 NAG O . -31.76 19.95 48.85
C6 NAG O . -31.69 19.55 50.30
C7 NAG O . -31.46 20.81 44.22
C8 NAG O . -31.40 20.99 42.73
N2 NAG O . -31.75 19.58 44.65
O3 NAG O . -34.24 19.48 46.08
O4 NAG O . -34.12 20.36 48.81
O5 NAG O . -30.69 19.26 48.18
O6 NAG O . -31.51 18.15 50.44
O7 NAG O . -31.26 21.74 44.99
C1 BMA O . -35.10 19.45 49.35
C2 BMA O . -36.12 20.26 50.18
C3 BMA O . -37.25 19.36 50.66
C4 BMA O . -37.82 18.52 49.50
C5 BMA O . -36.69 17.77 48.79
C6 BMA O . -37.19 16.96 47.59
O2 BMA O . -36.71 21.27 49.37
O3 BMA O . -38.29 20.11 51.28
O4 BMA O . -38.77 17.60 50.00
O5 BMA O . -35.75 18.73 48.31
O6 BMA O . -37.73 17.86 46.64
C1 NAG P . -2.94 26.27 35.50
C2 NAG P . -1.45 26.63 35.40
C3 NAG P . -0.66 25.91 36.50
C4 NAG P . -1.27 26.20 37.86
C5 NAG P . -2.74 25.82 37.85
C6 NAG P . -3.45 26.16 39.15
C7 NAG P . -0.72 27.20 33.13
C8 NAG P . -0.17 26.68 31.84
N2 NAG P . -0.92 26.29 34.10
O3 NAG P . 0.69 26.35 36.46
O4 NAG P . -0.59 25.46 38.87
O5 NAG P . -3.41 26.55 36.82
O6 NAG P . -3.79 27.53 39.21
O7 NAG P . -0.97 28.39 33.29
C1 NAG P . -0.02 26.40 39.81
C2 NAG P . 0.68 25.61 40.92
C3 NAG P . 1.34 26.57 41.91
C4 NAG P . 2.25 27.55 41.17
C5 NAG P . 1.48 28.25 40.07
C6 NAG P . 2.35 29.16 39.23
C7 NAG P . -0.65 23.56 41.10
C8 NAG P . -1.62 22.78 41.94
N2 NAG P . -0.24 24.73 41.61
O3 NAG P . 2.10 25.82 42.85
O4 NAG P . 2.75 28.52 42.09
O5 NAG P . 0.91 27.28 39.18
O6 NAG P . 2.98 30.15 40.02
O7 NAG P . -0.27 23.16 40.00
C1 NAG Q . -5.75 -7.19 36.58
C2 NAG Q . -6.56 -5.90 36.44
C3 NAG Q . -7.88 -6.03 37.18
C4 NAG Q . -8.63 -7.27 36.72
C5 NAG Q . -7.74 -8.49 36.86
C6 NAG Q . -8.37 -9.75 36.32
C7 NAG Q . -5.44 -3.73 36.16
C8 NAG Q . -4.67 -2.64 36.84
N2 NAG Q . -5.80 -4.76 36.93
O3 NAG Q . -8.67 -4.87 36.92
O4 NAG Q . -9.80 -7.44 37.51
O5 NAG Q . -6.52 -8.29 36.13
O6 NAG Q . -7.73 -10.17 35.12
O7 NAG Q . -5.72 -3.69 34.97
C1 NAG Q . -10.93 -7.49 36.62
C2 NAG Q . -12.06 -8.24 37.33
C3 NAG Q . -13.31 -8.28 36.45
C4 NAG Q . -13.68 -6.88 36.00
C5 NAG Q . -12.49 -6.16 35.37
C6 NAG Q . -12.77 -4.72 35.04
C7 NAG Q . -11.32 -9.94 38.93
C8 NAG Q . -10.91 -11.37 39.13
N2 NAG Q . -11.65 -9.59 37.69
O3 NAG Q . -14.38 -8.88 37.16
O4 NAG Q . -14.74 -6.94 35.05
O5 NAG Q . -11.38 -6.17 36.28
O6 NAG Q . -12.66 -3.90 36.19
O7 NAG Q . -11.34 -9.14 39.86
C1 BMA Q . -15.83 -6.11 35.50
C2 BMA Q . -16.67 -5.75 34.27
C3 BMA Q . -17.92 -5.00 34.68
C4 BMA Q . -18.66 -5.68 35.83
C5 BMA Q . -17.70 -6.02 36.99
C6 BMA Q . -18.36 -6.86 38.05
O2 BMA Q . -17.11 -6.93 33.61
O3 BMA Q . -18.81 -4.86 33.58
O4 BMA Q . -19.67 -4.83 36.33
O5 BMA Q . -16.62 -6.80 36.45
O6 BMA Q . -18.94 -7.99 37.41
C1 MAN Q . -19.24 -3.49 33.47
C2 MAN Q . -20.43 -3.49 32.49
C3 MAN Q . -19.94 -3.87 31.10
C4 MAN Q . -18.79 -2.95 30.67
C5 MAN Q . -17.66 -3.02 31.71
C6 MAN Q . -16.52 -2.07 31.41
O2 MAN Q . -20.98 -2.18 32.35
O3 MAN Q . -20.99 -3.83 30.14
O4 MAN Q . -18.30 -3.35 29.41
O5 MAN Q . -18.20 -2.67 33.01
O6 MAN Q . -15.37 -2.51 32.13
C1 MAN Q . -22.25 -2.12 33.02
C2 MAN Q . -23.06 -1.01 32.33
C3 MAN Q . -22.40 0.34 32.58
C4 MAN Q . -22.17 0.55 34.09
C5 MAN Q . -21.38 -0.63 34.68
C6 MAN Q . -21.23 -0.54 36.18
O2 MAN Q . -24.38 -0.90 32.87
O3 MAN Q . -23.15 1.41 32.04
O4 MAN Q . -21.45 1.76 34.30
O5 MAN Q . -22.08 -1.85 34.38
O6 MAN Q . -22.48 -0.88 36.78
C1 MAN Q . -19.40 -8.94 38.38
C2 MAN Q . -18.39 -10.10 38.42
C3 MAN Q . -18.41 -10.85 37.08
C4 MAN Q . -19.85 -11.25 36.71
C5 MAN Q . -20.75 -10.01 36.72
C6 MAN Q . -22.21 -10.33 36.43
O2 MAN Q . -18.72 -11.05 39.42
O3 MAN Q . -17.58 -12.01 37.12
O4 MAN Q . -19.86 -11.85 35.42
O5 MAN Q . -20.69 -9.39 38.01
O6 MAN Q . -22.85 -9.13 36.03
C1 NAG R . 27.39 3.30 34.84
C2 NAG R . 28.37 3.56 33.69
C3 NAG R . 29.74 3.95 34.24
C4 NAG R . 29.60 5.11 35.21
C5 NAG R . 28.60 4.77 36.30
C6 NAG R . 28.33 5.93 37.24
C7 NAG R . 28.42 2.48 31.49
C8 NAG R . 28.55 1.17 30.76
N2 NAG R . 28.48 2.40 32.83
O3 NAG R . 30.59 4.29 33.16
O4 NAG R . 30.87 5.40 35.81
O5 NAG R . 27.34 4.44 35.70
O6 NAG R . 27.37 6.82 36.70
O7 NAG R . 28.29 3.55 30.91
C1 NAG R . 31.16 6.79 35.57
C2 NAG R . 32.20 7.24 36.59
C3 NAG R . 32.58 8.71 36.35
C4 NAG R . 33.01 8.90 34.90
C5 NAG R . 31.96 8.36 33.94
C6 NAG R . 32.39 8.41 32.50
C7 NAG R . 31.78 5.91 38.61
C8 NAG R . 31.22 5.89 39.99
N2 NAG R . 31.70 7.07 37.95
O3 NAG R . 33.62 9.08 37.23
O4 NAG R . 33.22 10.28 34.64
O5 NAG R . 31.68 6.99 34.25
O6 NAG R . 32.74 7.12 32.02
O7 NAG R . 32.28 4.91 38.10
C1 NAG S . -8.52 -10.17 48.22
C2 NAG S . -8.05 -10.83 49.51
C3 NAG S . -8.15 -12.35 49.38
C4 NAG S . -9.55 -12.76 48.94
C5 NAG S . -9.95 -12.01 47.67
C6 NAG S . -11.37 -12.27 47.25
C7 NAG S . -6.39 -9.32 50.47
C8 NAG S . -4.94 -9.06 50.72
N2 NAG S . -6.69 -10.44 49.82
O3 NAG S . -7.83 -12.96 50.62
O4 NAG S . -9.60 -14.16 48.68
O5 NAG S . -9.84 -10.60 47.91
O6 NAG S . -11.71 -11.50 46.10
O7 NAG S . -7.25 -8.53 50.85
C1 NAG S . -10.43 -14.78 49.69
C2 NAG S . -10.71 -16.22 49.25
C3 NAG S . -11.56 -16.93 50.30
C4 NAG S . -10.88 -16.84 51.66
C5 NAG S . -10.58 -15.38 52.00
C6 NAG S . -9.78 -15.22 53.29
C7 NAG S . -10.73 -16.30 46.80
C8 NAG S . -11.58 -16.31 45.56
N2 NAG S . -11.39 -16.24 47.96
O3 NAG S . -11.71 -18.29 49.93
O4 NAG S . -11.73 -17.38 52.66
O5 NAG S . -9.79 -14.79 50.96
O6 NAG S . -10.61 -14.73 54.33
O7 NAG S . -9.51 -16.34 46.74
C1 NAG T . -26.28 0.98 45.38
C2 NAG T . -26.62 -0.41 45.91
C3 NAG T . -27.70 -1.07 45.06
C4 NAG T . -28.91 -0.15 44.94
C5 NAG T . -28.48 1.23 44.45
C6 NAG T . -29.61 2.23 44.44
C7 NAG T . -24.62 -1.31 47.02
C8 NAG T . -23.44 -2.23 46.89
N2 NAG T . -25.43 -1.25 45.96
O3 NAG T . -28.08 -2.31 45.64
O4 NAG T . -29.84 -0.70 44.02
O5 NAG T . -27.48 1.76 45.32
O6 NAG T . -29.51 3.11 43.33
O7 NAG T . -24.83 -0.65 48.03
C1 NAG T . -30.99 -1.17 44.76
C2 NAG T . -32.25 -1.02 43.90
C3 NAG T . -33.45 -1.56 44.65
C4 NAG T . -33.20 -2.98 45.11
C5 NAG T . -31.91 -3.07 45.90
C6 NAG T . -31.54 -4.49 46.28
C7 NAG T . -32.09 0.89 42.34
C8 NAG T . -31.42 -0.04 41.37
N2 NAG T . -32.45 0.36 43.52
O3 NAG T . -34.60 -1.51 43.81
O4 NAG T . -34.29 -3.43 45.92
O5 NAG T . -30.82 -2.55 45.13
O6 NAG T . -31.24 -5.27 45.13
O7 NAG T . -32.29 2.07 42.07
C1 NAG U . -9.05 -4.08 53.49
C2 NAG U . -10.50 -4.33 53.07
C3 NAG U . -11.44 -3.62 54.04
C4 NAG U . -11.15 -4.00 55.48
C5 NAG U . -9.66 -3.80 55.78
C6 NAG U . -9.27 -4.30 57.15
C7 NAG U . -10.80 -4.69 50.64
C8 NAG U . -10.65 -6.16 50.90
N2 NAG U . -10.72 -3.88 51.70
O3 NAG U . -12.79 -3.97 53.71
O4 NAG U . -11.92 -3.20 56.36
O5 NAG U . -8.86 -4.51 54.83
O6 NAG U . -7.97 -3.85 57.51
O7 NAG U . -10.99 -4.25 49.51
C1 NAG U . -12.81 -4.05 57.09
C2 NAG U . -13.31 -3.29 58.33
C3 NAG U . -14.31 -4.14 59.10
C4 NAG U . -15.44 -4.60 58.18
C5 NAG U . -14.86 -5.30 56.95
C6 NAG U . -15.92 -5.67 55.94
C7 NAG U . -11.61 -1.71 59.18
C8 NAG U . -12.17 -0.70 58.22
N2 NAG U . -12.19 -2.92 59.18
O3 NAG U . -14.84 -3.38 60.18
O4 NAG U . -16.29 -5.50 58.87
O5 NAG U . -13.94 -4.43 56.28
O6 NAG U . -17.23 -5.57 56.49
O7 NAG U . -10.67 -1.45 59.92
C1 NAG V . 6.56 10.05 52.47
C2 NAG V . 5.50 11.01 51.98
C3 NAG V . 5.67 12.37 52.64
C4 NAG V . 5.71 12.23 54.15
C5 NAG V . 6.75 11.18 54.56
C6 NAG V . 6.73 10.88 56.04
C7 NAG V . 4.65 10.55 49.72
C8 NAG V . 4.84 10.79 48.25
N2 NAG V . 5.54 11.14 50.53
O3 NAG V . 4.59 13.22 52.26
O4 NAG V . 6.06 13.47 54.75
O5 NAG V . 6.50 9.94 53.88
O6 NAG V . 6.22 9.58 56.29
O7 NAG V . 3.74 9.85 50.14
C1 NAG V . 5.00 13.89 55.63
C2 NAG V . 5.54 14.99 56.53
C3 NAG V . 4.45 15.49 57.46
C4 NAG V . 3.23 15.92 56.66
C5 NAG V . 2.77 14.80 55.74
C6 NAG V . 1.65 15.21 54.81
C7 NAG V . 7.94 14.52 56.81
C8 NAG V . 9.00 14.01 57.72
N2 NAG V . 6.69 14.53 57.29
O3 NAG V . 4.94 16.60 58.22
O4 NAG V . 2.16 16.26 57.54
O5 NAG V . 3.87 14.38 54.89
O6 NAG V . 2.15 15.65 53.55
O7 NAG V . 8.19 14.93 55.68
C1 NAG W . 0.90 8.65 52.82
C2 NAG W . 0.79 10.17 52.90
C3 NAG W . 1.71 10.72 53.99
C4 NAG W . 1.45 10.02 55.31
C5 NAG W . 1.55 8.51 55.13
C6 NAG W . 1.18 7.74 56.38
C7 NAG W . 0.42 11.83 51.12
C8 NAG W . 0.88 12.34 49.80
N2 NAG W . 1.10 10.78 51.62
O3 NAG W . 1.51 12.12 54.12
O4 NAG W . 2.39 10.45 56.28
O5 NAG W . 0.65 8.08 54.11
O6 NAG W . 0.61 6.48 56.06
O7 NAG W . -0.50 12.35 51.74
C1 NAG W . 1.72 10.83 57.50
C2 NAG W . 2.77 11.35 58.48
C3 NAG W . 2.13 11.84 59.77
C4 NAG W . 1.04 12.85 59.46
C5 NAG W . 0.04 12.26 58.47
C6 NAG W . -1.02 13.25 58.04
C7 NAG W . 3.66 9.13 59.24
C8 NAG W . 2.27 8.71 59.60
N2 NAG W . 3.83 10.37 58.74
O3 NAG W . 3.13 12.43 60.60
O4 NAG W . 0.35 13.22 60.66
O5 NAG W . 0.73 11.86 57.27
O6 NAG W . -1.90 12.67 57.09
O7 NAG W . 4.63 8.39 59.42
C1 NAG X . 6.71 3.50 58.74
C2 NAG X . 5.30 3.73 59.26
C3 NAG X . 5.35 4.37 60.63
C4 NAG X . 6.21 3.55 61.58
C5 NAG X . 7.57 3.25 60.96
C6 NAG X . 8.40 2.29 61.78
C7 NAG X . 3.51 4.16 57.59
C8 NAG X . 3.11 2.72 57.75
N2 NAG X . 4.56 4.58 58.33
O3 NAG X . 4.02 4.48 61.15
O4 NAG X . 6.41 4.28 62.78
O5 NAG X . 7.41 2.67 59.66
O6 NAG X . 8.03 0.94 61.52
O7 NAG X . 2.92 4.91 56.83
C1 NAG X . 5.78 3.61 63.90
C2 NAG X . 6.21 4.33 65.17
C3 NAG X . 5.55 3.69 66.38
C4 NAG X . 4.03 3.63 66.19
C5 NAG X . 3.70 2.95 64.87
C6 NAG X . 2.21 2.98 64.56
C7 NAG X . 8.46 5.33 64.95
C8 NAG X . 7.79 6.54 64.36
N2 NAG X . 7.65 4.32 65.32
O3 NAG X . 5.85 4.43 67.56
O4 NAG X . 3.44 2.90 67.26
O5 NAG X . 4.36 3.62 63.79
O6 NAG X . 1.66 4.28 64.74
O7 NAG X . 9.67 5.27 65.11
C1 NAG Y . -2.69 -13.69 39.78
C2 NAG Y . -3.62 -13.91 38.59
C3 NAG Y . -4.44 -15.17 38.81
C4 NAG Y . -3.54 -16.35 39.10
C5 NAG Y . -2.60 -16.03 40.25
C6 NAG Y . -1.58 -17.11 40.51
C7 NAG Y . -4.31 -11.82 37.46
C8 NAG Y . -3.14 -12.00 36.54
N2 NAG Y . -4.49 -12.75 38.40
O3 NAG Y . -5.22 -15.43 37.64
O4 NAG Y . -4.33 -17.49 39.45
O5 NAG Y . -1.86 -14.84 39.96
O6 NAG Y . -1.12 -17.07 41.86
O7 NAG Y . -5.09 -10.87 37.33
C1 NAG Y . -4.05 -18.54 38.51
C2 NAG Y . -4.60 -19.85 39.09
C3 NAG Y . -4.38 -21.00 38.11
C4 NAG Y . -4.97 -20.65 36.75
C5 NAG Y . -4.41 -19.32 36.27
C6 NAG Y . -5.02 -18.84 34.97
C7 NAG Y . -4.35 -19.57 41.52
C8 NAG Y . -3.60 -20.00 42.75
N2 NAG Y . -3.98 -20.16 40.38
O3 NAG Y . -5.01 -22.18 38.62
O4 NAG Y . -4.65 -21.67 35.81
O5 NAG Y . -4.66 -18.30 37.25
O6 NAG Y . -6.44 -18.73 35.08
O7 NAG Y . -5.24 -18.74 41.56
C1 NAG Z . -26.07 30.92 37.16
C2 NAG Z . -25.25 31.29 38.39
C3 NAG Z . -26.05 32.20 39.31
C4 NAG Z . -26.59 33.40 38.55
C5 NAG Z . -27.36 32.93 37.33
C6 NAG Z . -27.84 34.07 36.45
C7 NAG Z . -23.56 29.65 39.15
C8 NAG Z . -22.53 30.46 38.42
N2 NAG Z . -24.82 30.09 39.10
O3 NAG Z . -25.21 32.65 40.38
O4 NAG Z . -27.44 34.17 39.39
O5 NAG Z . -26.53 32.10 36.51
O6 NAG Z . -27.53 33.82 35.09
O7 NAG Z . -23.26 28.64 39.78
C1 NAG Z . -27.12 35.57 39.28
C2 NAG Z . -28.14 36.37 40.07
C3 NAG Z . -27.81 37.86 40.01
C4 NAG Z . -26.37 38.09 40.46
C5 NAG Z . -25.42 37.22 39.66
C6 NAG Z . -23.99 37.32 40.13
C7 NAG Z . -30.20 35.04 39.88
C8 NAG Z . -31.56 34.95 39.27
N2 NAG Z . -29.49 36.13 39.56
O3 NAG Z . -28.70 38.57 40.85
O4 NAG Z . -26.02 39.46 40.27
O5 NAG Z . -25.80 35.84 39.78
O6 NAG Z . -23.90 37.25 41.55
O7 NAG Z . -29.76 34.17 40.62
C1 NAG AA . 27.38 6.96 -29.19
C2 NAG AA . 28.00 5.61 -28.86
C3 NAG AA . 29.32 5.44 -29.60
C4 NAG AA . 29.14 5.70 -31.09
C5 NAG AA . 28.45 7.04 -31.31
C6 NAG AA . 28.12 7.32 -32.76
C7 NAG AA . 27.26 5.01 -26.59
C8 NAG AA . 27.65 4.94 -25.15
N2 NAG AA . 28.20 5.48 -27.43
O3 NAG AA . 29.80 4.11 -29.41
O4 NAG AA . 30.42 5.73 -31.72
O5 NAG AA . 27.22 7.08 -30.59
O6 NAG AA . 26.77 6.96 -33.06
O7 NAG AA . 26.17 4.66 -26.99
C1 NAG AA . 30.47 4.81 -32.81
C2 NAG AA . 31.61 5.25 -33.75
C3 NAG AA . 31.76 4.26 -34.90
C4 NAG AA . 31.91 2.84 -34.36
C5 NAG AA . 30.77 2.51 -33.41
C6 NAG AA . 30.91 1.17 -32.76
C7 NAG AA . 31.88 7.71 -33.77
C8 NAG AA . 32.80 7.55 -32.59
N2 NAG AA . 31.35 6.59 -34.26
O3 NAG AA . 32.90 4.62 -35.67
O4 NAG AA . 31.91 1.92 -35.44
O5 NAG AA . 30.72 3.48 -32.36
O6 NAG AA . 30.07 1.05 -31.62
O7 NAG AA . 31.64 8.81 -34.25
C1 BMA AA . 33.09 1.11 -35.39
C2 BMA AA . 32.83 -0.13 -36.26
C3 BMA AA . 34.09 -0.99 -36.35
C4 BMA AA . 35.34 -0.16 -36.68
C5 BMA AA . 35.44 1.08 -35.78
C6 BMA AA . 36.58 2.00 -36.16
O2 BMA AA . 32.51 0.26 -37.59
O3 BMA AA . 33.92 -2.00 -37.33
O4 BMA AA . 36.49 -0.95 -36.51
O5 BMA AA . 34.22 1.82 -35.86
O6 BMA AA . 36.16 2.77 -37.30
C1 MAN AA . 34.00 -3.30 -36.72
C2 MAN AA . 34.08 -4.32 -37.87
C3 MAN AA . 32.76 -4.34 -38.62
C4 MAN AA . 31.60 -4.61 -37.66
C5 MAN AA . 31.59 -3.54 -36.56
C6 MAN AA . 30.53 -3.80 -35.50
O2 MAN AA . 34.26 -5.65 -37.38
O3 MAN AA . 32.77 -5.30 -39.67
O4 MAN AA . 30.37 -4.56 -38.37
O5 MAN AA . 32.87 -3.54 -35.89
O6 MAN AA . 29.97 -2.55 -35.12
C1 MAN AA . 37.19 2.69 -38.32
C2 MAN AA . 37.20 4.03 -39.08
C3 MAN AA . 35.96 4.16 -39.96
C4 MAN AA . 35.78 2.91 -40.83
C5 MAN AA . 35.73 1.67 -39.94
C6 MAN AA . 35.58 0.38 -40.71
O2 MAN AA . 38.32 4.12 -39.97
O3 MAN AA . 36.02 5.32 -40.78
O4 MAN AA . 34.57 3.01 -41.57
O5 MAN AA . 36.95 1.59 -39.18
O6 MAN AA . 36.20 -0.66 -39.96
C1 NAG BA . -7.13 58.20 12.18
C2 NAG BA . -6.56 59.31 11.29
C3 NAG BA . -6.50 58.86 9.83
C4 NAG BA . -7.83 58.27 9.36
C5 NAG BA . -8.40 57.33 10.41
C6 NAG BA . -8.83 56.00 9.84
C7 NAG BA . -7.52 61.16 12.58
C8 NAG BA . -8.33 62.41 12.54
N2 NAG BA . -7.32 60.54 11.42
O3 NAG BA . -5.47 57.88 9.68
O4 NAG BA . -8.77 59.31 9.10
O5 NAG BA . -7.41 57.06 11.41
O6 NAG BA . -7.81 55.41 9.06
O7 NAG BA . -7.05 60.72 13.64
C1 NAG BA . -8.55 59.84 7.77
C2 NAG BA . -9.90 60.31 7.25
C3 NAG BA . -9.75 61.51 6.32
C4 NAG BA . -8.42 61.54 5.58
C5 NAG BA . -7.22 61.31 6.51
C6 NAG BA . -6.37 62.54 6.69
C7 NAG BA . -10.35 58.12 5.93
C8 NAG BA . -8.89 57.77 5.79
N2 NAG BA . -10.66 59.24 6.60
O3 NAG BA . -9.89 62.70 7.08
O4 NAG BA . -8.41 60.55 4.55
O5 NAG BA . -7.68 60.92 7.82
O6 NAG BA . -7.17 63.70 6.86
O7 NAG BA . -11.23 57.38 5.48
C1 NAG CA . -3.11 51.28 22.73
C2 NAG CA . -1.82 51.90 23.24
C3 NAG CA . -1.55 51.46 24.67
C4 NAG CA . -2.75 51.71 25.56
C5 NAG CA . -4.02 51.12 24.94
C6 NAG CA . -5.27 51.48 25.69
C7 NAG CA . -0.26 52.37 21.40
C8 NAG CA . 0.91 51.87 20.61
N2 NAG CA . -0.70 51.57 22.37
O3 NAG CA . -0.41 52.15 25.17
O4 NAG CA . -2.54 51.11 26.82
O5 NAG CA . -4.18 51.63 23.60
O6 NAG CA . -6.43 50.98 25.04
O7 NAG CA . -0.77 53.46 21.17
C1 NAG CA . -2.86 52.02 27.88
C2 NAG CA . -2.62 51.30 29.21
C3 NAG CA . -2.90 52.22 30.38
C4 NAG CA . -2.10 53.50 30.24
C5 NAG CA . -2.34 54.15 28.88
C6 NAG CA . -1.46 55.35 28.63
C7 NAG CA . -4.78 50.11 29.20
C8 NAG CA . -5.46 48.78 29.31
N2 NAG CA . -3.45 50.10 29.29
O3 NAG CA . -2.58 51.57 31.60
O4 NAG CA . -2.46 54.42 31.27
O5 NAG CA . -2.04 53.20 27.84
O6 NAG CA . -0.12 54.96 28.35
O7 NAG CA . -5.41 51.15 29.03
C1 NAG DA . -16.46 41.09 2.65
C2 NAG DA . -17.08 40.92 1.26
C3 NAG DA . -16.26 41.67 0.22
C4 NAG DA . -16.08 43.12 0.63
C5 NAG DA . -15.48 43.20 2.02
C6 NAG DA . -15.35 44.61 2.54
C7 NAG DA . -18.33 38.82 1.00
C8 NAG DA . -18.26 37.38 0.60
N2 NAG DA . -17.19 39.51 0.91
O3 NAG DA . -16.91 41.58 -1.04
O4 NAG DA . -15.25 43.80 -0.30
O5 NAG DA . -16.32 42.49 2.95
O6 NAG DA . -16.56 45.04 3.15
O7 NAG DA . -19.37 39.34 1.39
C1 NAG DA . -16.05 44.74 -1.02
C2 NAG DA . -15.16 45.54 -1.97
C3 NAG DA . -15.99 46.51 -2.80
C4 NAG DA . -17.12 45.77 -3.51
C5 NAG DA . -17.93 44.96 -2.49
C6 NAG DA . -19.00 44.12 -3.13
C7 NAG DA . -12.99 45.67 -0.81
C8 NAG DA . -12.05 46.55 -0.06
N2 NAG DA . -14.12 46.25 -1.24
O3 NAG DA . -15.16 47.15 -3.75
O4 NAG DA . -17.97 46.70 -4.16
O5 NAG DA . -17.08 44.08 -1.77
O6 NAG DA . -20.26 44.80 -3.17
O7 NAG DA . -12.76 44.48 -1.02
C1 NAG EA . 16.57 33.03 1.57
C2 NAG EA . 15.40 33.36 2.49
C3 NAG EA . 15.87 34.14 3.71
C4 NAG EA . 17.01 33.40 4.41
C5 NAG EA . 18.12 33.09 3.41
C6 NAG EA . 19.23 32.25 4.00
C7 NAG EA . 13.12 33.66 1.62
C8 NAG EA . 12.20 34.57 0.86
N2 NAG EA . 14.37 34.11 1.78
O3 NAG EA . 14.80 34.32 4.61
O4 NAG EA . 17.53 34.18 5.47
O5 NAG EA . 17.58 32.34 2.31
O6 NAG EA . 19.24 30.94 3.45
O7 NAG EA . 12.75 32.58 2.06
C1 NAG EA . 17.42 33.41 6.68
C2 NAG EA . 18.48 33.89 7.67
C3 NAG EA . 18.36 33.13 8.98
C4 NAG EA . 16.94 33.20 9.52
C5 NAG EA . 15.95 32.77 8.45
C6 NAG EA . 14.50 32.95 8.87
C7 NAG EA . 20.48 34.77 6.56
C8 NAG EA . 21.85 34.44 6.04
N2 NAG EA . 19.81 33.75 7.11
O3 NAG EA . 19.27 33.67 9.93
O4 NAG EA . 16.81 32.35 10.65
O5 NAG EA . 16.12 33.55 7.26
O6 NAG EA . 14.08 34.29 8.66
O7 NAG EA . 20.01 35.90 6.49
C1 BMA EA . 16.45 33.14 11.80
C2 BMA EA . 16.00 32.17 12.90
C3 BMA EA . 15.77 32.92 14.22
C4 BMA EA . 16.95 33.85 14.54
C5 BMA EA . 17.25 34.76 13.35
C6 BMA EA . 18.44 35.66 13.59
O2 BMA EA . 17.01 31.21 13.16
O3 BMA EA . 15.56 32.01 15.28
O4 BMA EA . 16.63 34.65 15.66
O5 BMA EA . 17.55 33.94 12.22
O6 BMA EA . 19.61 34.85 13.69
C1 MAN EA . 14.26 32.23 15.84
C2 MAN EA . 14.18 31.43 17.17
C3 MAN EA . 14.16 29.93 16.86
C4 MAN EA . 13.06 29.60 15.85
C5 MAN EA . 13.27 30.43 14.58
C6 MAN EA . 12.18 30.21 13.55
O2 MAN EA . 12.97 31.71 17.87
O3 MAN EA . 14.00 29.14 18.03
O4 MAN EA . 13.09 28.23 15.53
O5 MAN EA . 13.26 31.82 14.93
O6 MAN EA . 11.98 28.80 13.41
C1 MAN EA . 13.20 31.60 19.29
C2 MAN EA . 11.83 31.79 19.99
C3 MAN EA . 11.38 33.24 19.89
C4 MAN EA . 12.50 34.19 20.36
C5 MAN EA . 13.76 33.93 19.54
C6 MAN EA . 14.94 34.79 19.96
O2 MAN EA . 11.92 31.50 21.39
O3 MAN EA . 10.19 33.48 20.64
O4 MAN EA . 12.11 35.53 20.19
O5 MAN EA . 14.15 32.55 19.73
O6 MAN EA . 15.46 34.26 21.18
C1 NAG FA . 1.98 31.79 -30.16
C2 NAG FA . 1.31 30.69 -30.98
C3 NAG FA . 0.91 31.22 -32.36
C4 NAG FA . 0.08 32.48 -32.22
C5 NAG FA . 0.81 33.51 -31.37
C6 NAG FA . -0.02 34.75 -31.09
C7 NAG FA . 1.79 28.29 -30.84
C8 NAG FA . 2.82 27.22 -31.01
N2 NAG FA . 2.18 29.54 -31.11
O3 NAG FA . 0.18 30.22 -33.05
O4 NAG FA . -0.18 33.03 -33.51
O5 NAG FA . 1.12 32.93 -30.09
O6 NAG FA . -1.00 34.50 -30.09
O7 NAG FA . 0.65 28.04 -30.46
C1 NAG FA . -1.61 33.27 -33.62
C2 NAG FA . -1.84 34.39 -34.64
C3 NAG FA . -3.33 34.64 -34.81
C4 NAG FA . -4.04 33.34 -35.17
C5 NAG FA . -3.72 32.26 -34.14
C6 NAG FA . -4.29 30.90 -34.50
C7 NAG FA . 0.11 35.88 -34.56
C8 NAG FA . 0.65 37.19 -34.05
N2 NAG FA . -1.15 35.61 -34.23
O3 NAG FA . -3.53 35.61 -35.83
O4 NAG FA . -5.45 33.56 -35.18
O5 NAG FA . -2.29 32.09 -34.05
O6 NAG FA . -4.65 30.84 -35.87
O7 NAG FA . 0.78 35.13 -35.24
C1 NAG GA . 22.68 43.83 2.27
C2 NAG GA . 23.54 44.94 1.67
C3 NAG GA . 25.02 44.54 1.71
C4 NAG GA . 25.42 44.16 3.12
C5 NAG GA . 24.50 43.08 3.65
C6 NAG GA . 24.78 42.71 5.09
C7 NAG GA . 22.20 46.15 0.01
C8 NAG GA . 21.89 46.32 -1.45
N2 NAG GA . 23.13 45.23 0.30
O3 NAG GA . 25.82 45.64 1.25
O4 NAG GA . 26.77 43.70 3.14
O5 NAG GA . 23.14 43.53 3.59
O6 NAG GA . 23.73 41.91 5.63
O7 NAG GA . 21.63 46.80 0.88
C1 NAG GA . 27.53 44.60 3.98
C2 NAG GA . 28.89 43.96 4.26
C3 NAG GA . 29.74 44.91 5.09
C4 NAG GA . 29.84 46.27 4.43
C5 NAG GA . 28.44 46.80 4.13
C6 NAG GA . 28.46 48.10 3.36
C7 NAG GA . 28.46 41.55 4.29
C8 NAG GA . 28.33 40.31 5.14
N2 NAG GA . 28.73 42.68 4.94
O3 NAG GA . 31.05 44.35 5.25
O4 NAG GA . 30.51 47.18 5.29
O5 NAG GA . 27.71 45.87 3.33
O6 NAG GA . 29.32 48.03 2.23
O7 NAG GA . 28.31 41.51 3.07
C1 NAG HA . 13.54 45.51 21.59
C2 NAG HA . 15.07 45.57 21.68
C3 NAG HA . 15.56 44.55 22.71
C4 NAG HA . 14.86 44.76 24.04
C5 NAG HA . 13.35 44.78 23.86
C6 NAG HA . 12.61 45.14 25.13
C7 NAG HA . 16.17 46.27 19.58
C8 NAG HA . 16.09 47.68 20.08
N2 NAG HA . 15.66 45.31 20.38
O3 NAG HA . 16.96 44.69 22.86
O4 NAG HA . 15.20 43.70 24.92
O5 NAG HA . 12.98 45.77 22.88
O6 NAG HA . 13.11 46.33 25.71
O7 NAG HA . 16.67 45.99 18.49
C1 NAG HA . 15.85 44.23 26.09
C2 NAG HA . 16.07 43.09 27.08
C3 NAG HA . 16.83 43.59 28.32
C4 NAG HA . 18.11 44.30 27.90
C5 NAG HA . 17.79 45.39 26.89
C6 NAG HA . 19.04 46.07 26.35
C7 NAG HA . 13.75 42.95 28.01
C8 NAG HA . 13.81 44.42 28.33
N2 NAG HA . 14.84 42.41 27.44
O3 NAG HA . 17.13 42.49 29.16
O4 NAG HA . 18.74 44.86 29.04
O5 NAG HA . 17.11 44.84 25.77
O6 NAG HA . 20.08 46.09 27.32
O7 NAG HA . 12.76 42.27 28.27
C1 NAG IA . 18.10 50.30 3.40
C2 NAG IA . 18.60 50.03 4.81
C3 NAG IA . 18.35 51.24 5.71
C4 NAG IA . 18.89 52.50 5.09
C5 NAG IA . 18.37 52.66 3.67
C6 NAG IA . 18.98 53.84 2.94
C7 NAG IA . 18.31 47.60 5.01
C8 NAG IA . 17.54 46.49 5.68
N2 NAG IA . 17.97 48.84 5.37
O3 NAG IA . 18.97 51.01 6.98
O4 NAG IA . 18.46 53.63 5.85
O5 NAG IA . 18.70 51.49 2.89
O6 NAG IA . 20.37 53.65 2.73
O7 NAG IA . 19.18 47.38 4.18
C1 NAG IA . 19.59 54.31 6.41
C2 NAG IA . 19.16 55.74 6.73
C3 NAG IA . 20.31 56.51 7.37
C4 NAG IA . 20.85 55.75 8.58
C5 NAG IA . 21.21 54.32 8.19
C6 NAG IA . 21.63 53.47 9.36
C7 NAG IA . 17.40 56.70 5.33
C8 NAG IA . 17.08 57.41 4.04
N2 NAG IA . 18.69 56.43 5.54
O3 NAG IA . 19.86 57.80 7.77
O4 NAG IA . 22.01 56.40 9.09
O5 NAG IA . 20.07 53.67 7.59
O6 NAG IA . 21.90 52.13 8.97
O7 NAG IA . 16.53 56.40 6.12
C1 NAG JA . 2.71 52.13 -10.89
C2 NAG JA . 1.88 52.31 -9.61
C3 NAG JA . 0.99 53.54 -9.72
C4 NAG JA . 1.84 54.76 -10.04
C5 NAG JA . 2.61 54.51 -11.33
C6 NAG JA . 3.54 55.64 -11.70
C7 NAG JA . 1.52 50.09 -8.62
C8 NAG JA . 0.56 48.95 -8.44
N2 NAG JA . 1.08 51.12 -9.34
O3 NAG JA . 0.30 53.74 -8.49
O4 NAG JA . 1.08 55.95 -10.17
O5 NAG JA . 3.44 53.34 -11.16
O6 NAG JA . 4.85 55.43 -11.20
O7 NAG JA . 2.64 50.08 -8.12
C1 NAG JA . -0.33 55.74 -10.42
C2 NAG JA . -1.04 57.08 -10.33
C3 NAG JA . -2.53 56.92 -10.63
C4 NAG JA . -2.71 56.23 -11.97
C5 NAG JA . -1.93 54.92 -12.01
C6 NAG JA . -1.98 54.23 -13.36
C7 NAG JA . -1.15 57.05 -7.87
C8 NAG JA . -0.89 57.81 -6.61
N2 NAG JA . -0.85 57.68 -9.01
O3 NAG JA . -3.15 58.19 -10.65
O4 NAG JA . -4.09 55.95 -12.19
O5 NAG JA . -0.55 55.17 -11.72
O6 NAG JA . -2.09 52.83 -13.22
O7 NAG JA . -1.61 55.91 -7.85
C1 NAG KA . 4.72 52.49 -5.28
C2 NAG KA . 3.30 53.01 -5.05
C3 NAG KA . 3.01 54.18 -5.99
C4 NAG KA . 4.07 55.26 -5.82
C5 NAG KA . 5.45 54.67 -6.05
C6 NAG KA . 6.57 55.65 -5.81
C7 NAG KA . 1.23 51.78 -4.49
C8 NAG KA . 1.04 52.76 -3.37
N2 NAG KA . 2.33 51.95 -5.24
O3 NAG KA . 1.72 54.71 -5.71
O4 NAG KA . 3.84 56.32 -6.74
O5 NAG KA . 5.66 53.58 -5.14
O6 NAG KA . 7.68 55.02 -5.18
O7 NAG KA . 0.44 50.86 -4.69
C1 NAG KA . 3.67 57.53 -5.99
C2 NAG KA . 3.68 58.73 -6.95
C3 NAG KA . 3.43 60.03 -6.18
C4 NAG KA . 2.15 59.91 -5.36
C5 NAG KA . 2.20 58.68 -4.46
C6 NAG KA . 0.92 58.45 -3.69
C7 NAG KA . 5.15 58.19 -8.83
C8 NAG KA . 6.52 58.37 -9.43
N2 NAG KA . 4.95 58.79 -7.66
O3 NAG KA . 3.32 61.10 -7.10
O4 NAG KA . 2.00 61.07 -4.55
O5 NAG KA . 2.42 57.50 -5.27
O6 NAG KA . 0.78 57.08 -3.34
O7 NAG KA . 4.28 57.54 -9.39
C1 NAG LA . 10.68 56.44 -12.49
C2 NAG LA . 10.50 57.15 -11.16
C3 NAG LA . 10.37 58.65 -11.37
C4 NAG LA . 11.55 59.17 -12.18
C5 NAG LA . 11.72 58.36 -13.47
C6 NAG LA . 12.96 58.73 -14.24
C7 NAG LA . 9.37 55.85 -9.37
C8 NAG LA . 10.73 55.50 -8.85
N2 NAG LA . 9.33 56.64 -10.46
O3 NAG LA . 10.33 59.30 -10.11
O4 NAG LA . 11.31 60.54 -12.53
O5 NAG LA . 11.83 56.96 -13.15
O6 NAG LA . 14.13 58.56 -13.45
O7 NAG LA . 8.34 55.46 -8.82
C1 NAG LA . 12.26 61.42 -11.89
C2 NAG LA . 11.74 62.85 -12.06
C3 NAG LA . 12.69 63.83 -11.38
C4 NAG LA . 12.91 63.43 -9.93
C5 NAG LA . 13.38 61.98 -9.84
C6 NAG LA . 13.52 61.49 -8.42
C7 NAG LA . 10.40 63.12 -14.11
C8 NAG LA . 9.21 62.66 -13.32
N2 NAG LA . 11.57 63.18 -13.46
O3 NAG LA . 12.13 65.14 -11.44
O4 NAG LA . 13.90 64.27 -9.34
O5 NAG LA . 12.43 61.12 -10.50
O6 NAG LA . 12.91 62.38 -7.50
O7 NAG LA . 10.31 63.41 -15.30
C1 NAG MA . 23.04 34.21 -2.41
C2 NAG MA . 23.33 32.76 -2.08
C3 NAG MA . 24.60 32.65 -1.24
C4 NAG MA . 25.76 33.36 -1.94
C5 NAG MA . 25.36 34.78 -2.31
C6 NAG MA . 26.41 35.49 -3.13
C7 NAG MA . 21.62 32.70 -0.32
C8 NAG MA . 20.47 31.93 0.27
N2 NAG MA . 22.21 32.15 -1.37
O3 NAG MA . 24.93 31.28 -1.04
O4 NAG MA . 26.89 33.39 -1.09
O5 NAG MA . 24.16 34.78 -3.09
O6 NAG MA . 26.60 34.86 -4.39
O7 NAG MA . 21.98 33.78 0.14
C1 NAG MA . 27.85 32.42 -1.57
C2 NAG MA . 29.25 32.96 -1.30
C3 NAG MA . 30.30 31.93 -1.73
C4 NAG MA . 30.04 30.60 -1.06
C5 NAG MA . 28.60 30.15 -1.32
C6 NAG MA . 28.23 28.89 -0.59
C7 NAG MA . 29.90 35.33 -1.39
C8 NAG MA . 30.06 36.54 -2.27
N2 NAG MA . 29.46 34.22 -2.00
O3 NAG MA . 31.60 32.40 -1.38
O4 NAG MA . 30.93 29.62 -1.56
O5 NAG MA . 27.68 31.17 -0.88
O6 NAG MA . 27.43 29.16 0.55
O7 NAG MA . 30.16 35.35 -0.20
C1 NAG NA . -17.00 45.33 25.75
C2 NAG NA . -17.71 46.26 24.76
C3 NAG NA . -18.19 47.53 25.45
C4 NAG NA . -19.03 47.18 26.66
C5 NAG NA . -18.26 46.23 27.59
C6 NAG NA . -19.07 45.76 28.76
C7 NAG NA . -15.61 46.99 23.60
C8 NAG NA . -14.94 47.15 24.94
N2 NAG NA . -16.88 46.57 23.59
O3 NAG NA . -18.97 48.29 24.53
O4 NAG NA . -19.38 48.35 27.39
O5 NAG NA . -17.85 45.06 26.85
O6 NAG NA . -19.34 44.37 28.67
O7 NAG NA . -15.01 47.23 22.56
C1 NAG NA . -20.81 48.53 27.30
C2 NAG NA . -21.30 49.21 28.58
C3 NAG NA . -22.81 49.46 28.48
C4 NAG NA . -23.14 50.23 27.22
C5 NAG NA . -22.56 49.51 26.00
C6 NAG NA . -22.77 50.28 24.71
C7 NAG NA . -19.92 48.61 30.54
C8 NAG NA . -19.01 49.74 30.16
N2 NAG NA . -20.99 48.41 29.75
O3 NAG NA . -23.24 50.20 29.63
O4 NAG NA . -24.56 50.33 27.07
O5 NAG NA . -21.15 49.33 26.16
O6 NAG NA . -24.06 50.86 24.65
O7 NAG NA . -19.71 47.90 31.52
C1 NAG OA . -20.33 -26.60 -24.88
C2 NAG OA . -19.03 -26.63 -25.66
C3 NAG OA . -19.23 -27.37 -26.99
C4 NAG OA . -19.85 -28.74 -26.75
C5 NAG OA . -21.12 -28.60 -25.91
C6 NAG OA . -21.72 -29.93 -25.53
C7 NAG OA . -17.66 -24.67 -25.10
C8 NAG OA . -17.24 -23.29 -25.50
N2 NAG OA . -18.53 -25.29 -25.91
O3 NAG OA . -17.96 -27.52 -27.63
O4 NAG OA . -20.19 -29.33 -27.99
O5 NAG OA . -20.82 -27.92 -24.69
O6 NAG OA . -22.18 -29.92 -24.19
O7 NAG OA . -17.21 -25.22 -24.09
C1 NAG OA . -19.60 -30.63 -28.09
C2 NAG OA . -20.35 -31.41 -29.18
C3 NAG OA . -19.70 -32.79 -29.37
C4 NAG OA . -18.21 -32.65 -29.63
C5 NAG OA . -17.57 -31.82 -28.52
C6 NAG OA . -16.10 -31.55 -28.75
C7 NAG OA . -22.73 -30.77 -29.26
C8 NAG OA . -22.32 -29.65 -30.17
N2 NAG OA . -21.75 -31.57 -28.83
O3 NAG OA . -20.32 -33.43 -30.48
O4 NAG OA . -17.60 -33.94 -29.68
O5 NAG OA . -18.22 -30.55 -28.42
O6 NAG OA . -15.46 -31.12 -27.56
O7 NAG OA . -23.90 -30.94 -28.93
C1 BMA OA . -17.11 -34.15 -31.01
C2 BMA OA . -16.19 -35.38 -30.94
C3 BMA OA . -15.73 -35.76 -32.35
C4 BMA OA . -16.92 -35.87 -33.31
C5 BMA OA . -17.74 -34.58 -33.27
C6 BMA OA . -18.96 -34.61 -34.18
O2 BMA OA . -16.87 -36.51 -30.42
O3 BMA OA . -14.98 -36.97 -32.35
O4 BMA OA . -16.47 -36.10 -34.63
O5 BMA OA . -18.18 -34.38 -31.92
O6 BMA OA . -19.77 -35.71 -33.81
C1 MAN OA . -13.57 -36.65 -32.28
C2 MAN OA . -12.77 -37.95 -32.57
C3 MAN OA . -12.87 -38.90 -31.39
C4 MAN OA . -12.50 -38.20 -30.08
C5 MAN OA . -13.44 -37.00 -29.89
C6 MAN OA . -13.15 -36.22 -28.62
O2 MAN OA . -11.38 -37.67 -32.73
O3 MAN OA . -12.03 -40.05 -31.56
O4 MAN OA . -12.66 -39.09 -28.99
O5 MAN OA . -13.25 -36.11 -31.01
O6 MAN OA . -11.93 -35.51 -28.81
C1 MAN OA . -20.06 -36.48 -35.00
C2 MAN OA . -21.58 -36.80 -35.01
C3 MAN OA . -21.92 -37.84 -33.94
C4 MAN OA . -20.99 -39.06 -34.05
C5 MAN OA . -19.53 -38.59 -33.96
C6 MAN OA . -18.53 -39.72 -34.07
O2 MAN OA . -21.98 -37.37 -36.25
O3 MAN OA . -23.27 -38.25 -34.02
O4 MAN OA . -21.26 -39.97 -33.00
O5 MAN OA . -19.27 -37.66 -35.02
O6 MAN OA . -18.55 -40.18 -35.43
C1 NAG PA . -52.58 27.57 14.22
C2 NAG PA . -54.02 27.13 14.02
C3 NAG PA . -54.10 25.61 13.90
C4 NAG PA . -53.42 24.94 15.09
C5 NAG PA . -52.02 25.53 15.30
C6 NAG PA . -50.93 24.50 15.31
C7 NAG PA . -55.29 28.86 15.24
C8 NAG PA . -54.82 29.85 14.22
N2 NAG PA . -54.87 27.58 15.10
O3 NAG PA . -53.47 25.20 12.68
O4 NAG PA . -54.19 25.16 16.25
O5 NAG PA . -51.72 26.45 14.23
O6 NAG PA . -51.10 23.55 14.26
O7 NAG PA . -56.01 29.19 16.18
C1 NAG PA . -54.69 23.92 16.83
C2 NAG PA . -55.70 23.28 15.86
C3 NAG PA . -56.21 21.97 16.46
C4 NAG PA . -55.05 21.06 16.84
C5 NAG PA . -54.06 21.80 17.74
C6 NAG PA . -52.83 20.99 18.05
C7 NAG PA . -57.56 24.73 16.50
C8 NAG PA . -58.65 25.65 16.01
N2 NAG PA . -56.80 24.17 15.56
O3 NAG PA . -57.06 21.33 15.51
O4 NAG PA . -55.54 19.91 17.51
O5 NAG PA . -53.62 23.00 17.10
O6 NAG PA . -52.27 20.43 16.88
O7 NAG PA . -57.39 24.52 17.70
C1 NAG QA . -43.90 35.89 8.67
C2 NAG QA . -44.60 36.56 7.49
C3 NAG QA . -43.86 37.83 7.09
C4 NAG QA . -43.64 38.73 8.29
C5 NAG QA . -43.00 37.96 9.44
C6 NAG QA . -42.89 38.77 10.71
C7 NAG QA . -45.78 34.87 6.16
C8 NAG QA . -45.73 33.99 4.95
N2 NAG QA . -44.71 35.65 6.37
O3 NAG QA . -44.60 38.51 6.09
O4 NAG QA . -42.77 39.81 7.93
O5 NAG QA . -43.79 36.81 9.75
O6 NAG QA . -42.31 38.01 11.76
O7 NAG QA . -46.74 34.87 6.92
C1 NAG QA . -43.40 41.07 8.17
C2 NAG QA . -42.41 42.17 7.80
C3 NAG QA . -43.03 43.55 7.99
C4 NAG QA . -44.34 43.63 7.21
C5 NAG QA . -45.26 42.49 7.62
C6 NAG QA . -46.54 42.45 6.82
C7 NAG QA . -40.97 42.10 9.85
C8 NAG QA . -42.19 42.31 10.70
N2 NAG QA . -41.14 42.05 8.52
O3 NAG QA . -42.12 44.54 7.51
O4 NAG QA . -44.98 44.88 7.48
O5 NAG QA . -44.60 41.23 7.42
O6 NAG QA . -46.29 42.57 5.43
O7 NAG QA . -39.85 41.98 10.35
C1 NAG RA . -36.58 14.08 21.20
C2 NAG RA . -36.59 12.67 21.75
C3 NAG RA . -37.67 11.84 21.07
C4 NAG RA . -39.01 12.54 21.15
C5 NAG RA . -38.90 13.95 20.62
C6 NAG RA . -40.17 14.76 20.80
C7 NAG RA . -34.37 11.98 22.57
C8 NAG RA . -33.08 11.29 22.22
N2 NAG RA . -35.28 12.04 21.59
O3 NAG RA . -37.74 10.55 21.68
O4 NAG RA . -39.98 11.82 20.39
O5 NAG RA . -37.88 14.66 21.33
O6 NAG RA . -40.30 15.25 22.12
O7 NAG RA . -34.58 12.46 23.68
C1 NAG RA . -41.08 11.46 21.24
C2 NAG RA . -42.30 11.20 20.36
C3 NAG RA . -43.49 10.77 21.23
C4 NAG RA . -43.10 9.57 22.08
C5 NAG RA . -41.83 9.88 22.88
C6 NAG RA . -41.32 8.69 23.66
C7 NAG RA . -42.31 12.55 18.31
C8 NAG RA . -42.75 13.84 17.67
N2 NAG RA . -42.65 12.39 19.59
O3 NAG RA . -44.58 10.42 20.39
O4 NAG RA . -44.15 9.24 22.98
O5 NAG RA . -40.78 10.28 22.00
O6 NAG RA . -41.74 8.73 25.02
O7 NAG RA . -41.69 11.70 17.70
C1 NAG SA . -37.05 -18.88 -7.84
C2 NAG SA . -38.09 -19.38 -6.85
C3 NAG SA . -37.54 -20.58 -6.08
C4 NAG SA . -37.04 -21.65 -7.04
C5 NAG SA . -36.08 -21.05 -8.08
C6 NAG SA . -35.70 -22.02 -9.16
C7 NAG SA . -39.38 -17.38 -6.23
C8 NAG SA . -39.66 -16.37 -5.17
N2 NAG SA . -38.48 -18.32 -5.93
O3 NAG SA . -38.57 -21.12 -5.25
O4 NAG SA . -36.33 -22.65 -6.32
O5 NAG SA . -36.70 -19.93 -8.73
O6 NAG SA . -36.03 -21.53 -10.44
O7 NAG SA . -39.94 -17.35 -7.33
C1 NAG SA . -37.04 -23.89 -6.36
C2 NAG SA . -36.08 -25.02 -6.01
C3 NAG SA . -36.80 -26.36 -5.99
C4 NAG SA . -38.01 -26.28 -5.05
C5 NAG SA . -38.90 -25.11 -5.44
C6 NAG SA . -40.05 -24.91 -4.48
C7 NAG SA . -35.13 -25.25 -8.28
C8 NAG SA . -33.88 -25.27 -9.09
N2 NAG SA . -34.96 -25.06 -6.96
O3 NAG SA . -35.91 -27.37 -5.55
O4 NAG SA . -38.76 -27.49 -5.14
O5 NAG SA . -38.14 -23.90 -5.43
O6 NAG SA . -39.59 -24.80 -3.14
O7 NAG SA . -36.23 -25.41 -8.77
C1 NAG TA . -35.61 10.24 -12.55
C2 NAG TA . -35.43 11.28 -11.45
C3 NAG TA . -35.86 12.66 -11.95
C4 NAG TA . -35.13 13.01 -13.23
C5 NAG TA . -35.36 11.91 -14.26
C6 NAG TA . -34.60 12.14 -15.55
C7 NAG TA . -35.59 10.60 -9.10
C8 NAG TA . -36.52 10.24 -7.97
N2 NAG TA . -36.17 10.90 -10.26
O3 NAG TA . -35.57 13.62 -10.94
O4 NAG TA . -35.58 14.26 -13.74
O5 NAG TA . -34.92 10.65 -13.74
O6 NAG TA . -33.39 11.40 -15.57
O7 NAG TA . -34.38 10.61 -8.95
C1 NAG TA . -34.43 15.13 -13.79
C2 NAG TA . -34.69 16.22 -14.83
C3 NAG TA . -33.51 17.19 -14.88
C4 NAG TA . -33.22 17.73 -13.49
C5 NAG TA . -33.04 16.59 -12.50
C6 NAG TA . -32.87 17.05 -11.07
C7 NAG TA . -36.14 15.39 -16.64
C8 NAG TA . -36.19 14.79 -18.01
N2 NAG TA . -34.92 15.63 -16.15
O3 NAG TA . -33.82 18.26 -15.77
O4 NAG TA . -32.03 18.51 -13.53
O5 NAG TA . -34.19 15.73 -12.52
O6 NAG TA . -34.01 17.77 -10.63
O7 NAG TA . -37.15 15.65 -16.00
C1 BMA TA . -32.35 19.85 -13.08
C2 BMA TA . -31.04 20.61 -12.88
C3 BMA TA . -31.35 22.05 -12.44
C4 BMA TA . -32.41 22.71 -13.36
C5 BMA TA . -33.61 21.78 -13.60
C6 BMA TA . -34.56 22.31 -14.65
O2 BMA TA . -30.31 20.70 -14.09
O3 BMA TA . -30.17 22.85 -12.44
O4 BMA TA . -32.86 23.91 -12.76
O5 BMA TA . -33.14 20.51 -14.04
O6 BMA TA . -33.80 22.85 -15.72
C1 MAN TA . -29.88 23.22 -11.07
C2 MAN TA . -29.30 24.64 -11.09
C3 MAN TA . -27.94 24.63 -11.78
C4 MAN TA . -27.02 23.59 -11.15
C5 MAN TA . -27.69 22.20 -11.17
C6 MAN TA . -26.88 21.14 -10.46
O2 MAN TA . -29.09 25.08 -9.74
O3 MAN TA . -27.33 25.91 -11.79
O4 MAN TA . -25.80 23.53 -11.87
O5 MAN TA . -28.97 22.30 -10.50
O6 MAN TA . -26.50 21.65 -9.18
C1 MAN TA . -28.96 26.52 -9.59
C2 MAN TA . -29.22 26.82 -8.09
C3 MAN TA . -30.71 26.64 -7.80
C4 MAN TA . -31.55 27.51 -8.73
C5 MAN TA . -31.27 27.12 -10.18
C6 MAN TA . -31.99 28.01 -11.17
O2 MAN TA . -28.92 28.17 -7.76
O3 MAN TA . -31.00 26.93 -6.43
O4 MAN TA . -32.93 27.32 -8.45
O5 MAN TA . -29.84 27.25 -10.44
O6 MAN TA . -31.51 27.69 -12.47
C1 MAN TA . -33.50 21.81 -16.68
C2 MAN TA . -32.00 21.90 -17.02
C3 MAN TA . -31.72 23.21 -17.74
C4 MAN TA . -32.66 23.38 -18.95
C5 MAN TA . -34.13 23.23 -18.51
C6 MAN TA . -35.09 23.24 -19.68
O2 MAN TA . -31.62 20.88 -17.95
O3 MAN TA . -30.36 23.32 -18.15
O4 MAN TA . -32.47 24.67 -19.52
O5 MAN TA . -34.29 21.96 -17.83
O6 MAN TA . -34.81 22.10 -20.48
C1 NAG UA . -40.25 -20.29 4.13
C2 NAG UA . -39.33 -21.40 4.64
C3 NAG UA . -40.16 -22.57 5.18
C4 NAG UA . -41.15 -22.07 6.22
C5 NAG UA . -41.99 -20.93 5.66
C6 NAG UA . -42.90 -20.31 6.68
C7 NAG UA . -37.11 -21.94 3.74
C8 NAG UA . -36.35 -22.43 2.54
N2 NAG UA . -38.44 -21.85 3.58
O3 NAG UA . -39.28 -23.53 5.75
O4 NAG UA . -42.00 -23.13 6.63
O5 NAG UA . -41.13 -19.88 5.18
O6 NAG UA . -42.19 -19.45 7.56
O7 NAG UA . -36.56 -21.64 4.79
C1 NAG UA . -41.91 -23.28 8.06
C2 NAG UA . -43.18 -23.94 8.57
C3 NAG UA . -43.11 -24.15 10.07
C4 NAG UA . -41.84 -24.92 10.43
C5 NAG UA . -40.62 -24.22 9.84
C6 NAG UA . -39.33 -25.00 10.06
C7 NAG UA . -45.00 -23.28 7.05
C8 NAG UA . -46.18 -22.39 6.86
N2 NAG UA . -44.35 -23.16 8.21
O3 NAG UA . -44.24 -24.87 10.51
O4 NAG UA . -41.70 -24.99 11.85
O5 NAG UA . -40.77 -24.07 8.43
O6 NAG UA . -39.28 -26.14 9.21
O7 NAG UA . -44.63 -24.08 6.19
C1 NAG VA . -46.67 13.88 -16.84
C2 NAG VA . -47.99 13.52 -17.51
C3 NAG VA . -47.79 13.32 -19.01
C4 NAG VA . -47.10 14.52 -19.63
C5 NAG VA . -45.80 14.82 -18.86
C6 NAG VA . -45.12 16.08 -19.34
C7 NAG VA . -49.29 12.34 -15.78
C8 NAG VA . -49.81 11.01 -15.31
N2 NAG VA . -48.56 12.33 -16.91
O3 NAG VA . -49.06 13.12 -19.63
O4 NAG VA . -46.78 14.26 -20.98
O5 NAG VA . -46.10 15.01 -17.47
O6 NAG VA . -43.96 16.36 -18.56
O7 NAG VA . -49.51 13.38 -15.17
C1 NAG VA . -47.57 15.11 -21.84
C2 NAG VA . -47.38 14.63 -23.27
C3 NAG VA . -48.22 15.48 -24.22
C4 NAG VA . -49.67 15.48 -23.78
C5 NAG VA . -49.78 15.91 -22.31
C6 NAG VA . -51.18 15.82 -21.77
C7 NAG VA . -45.10 13.73 -23.32
C8 NAG VA . -43.69 13.93 -23.79
N2 NAG VA . -45.97 14.68 -23.66
O3 NAG VA . -48.12 14.94 -25.55
O4 NAG VA . -50.43 16.38 -24.58
O5 NAG VA . -48.96 15.06 -21.50
O6 NAG VA . -52.14 15.61 -22.82
O7 NAG VA . -45.42 12.74 -22.66
C1 NAG WA . -42.06 33.11 -8.59
C2 NAG WA . -42.29 33.21 -10.11
C3 NAG WA . -41.16 34.01 -10.75
C4 NAG WA . -40.98 35.35 -10.05
C5 NAG WA . -40.85 35.16 -8.55
C6 NAG WA . -40.84 36.47 -7.79
C7 NAG WA . -43.55 31.35 -11.09
C8 NAG WA . -43.47 29.99 -11.70
N2 NAG WA . -42.39 31.90 -10.71
O3 NAG WA . -41.46 34.22 -12.13
O4 NAG WA . -39.80 35.98 -10.53
O5 NAG WA . -41.96 34.41 -8.04
O6 NAG WA . -40.07 36.37 -6.59
O7 NAG WA . -44.62 31.95 -10.96
C1 NAG WA . -40.13 37.18 -11.24
C2 NAG WA . -38.84 38.00 -11.41
C3 NAG WA . -39.13 39.27 -12.21
C4 NAG WA . -39.81 38.92 -13.53
C5 NAG WA . -41.04 38.06 -13.28
C6 NAG WA . -41.69 37.57 -14.55
C7 NAG WA . -37.54 37.47 -9.40
C8 NAG WA . -37.02 37.98 -8.10
N2 NAG WA . -38.27 38.33 -10.12
O3 NAG WA . -37.91 39.95 -12.45
O4 NAG WA . -40.18 40.11 -14.21
O5 NAG WA . -40.68 36.89 -12.53
O6 NAG WA . -41.04 36.41 -15.06
O7 NAG WA . -37.32 36.33 -9.79
C1 NAG XA . -51.62 16.65 -11.26
C2 NAG XA . -50.99 17.86 -11.95
C3 NAG XA . -51.79 19.12 -11.64
C4 NAG XA . -53.26 18.91 -11.99
C5 NAG XA . -53.79 17.68 -11.29
C6 NAG XA . -55.22 17.34 -11.67
C7 NAG XA . -48.59 17.44 -12.20
C8 NAG XA . -47.22 17.73 -11.66
N2 NAG XA . -49.61 18.03 -11.56
O3 NAG XA . -51.27 20.20 -12.39
O4 NAG XA . -54.02 20.04 -11.60
O5 NAG XA . -52.99 16.54 -11.64
O6 NAG XA . -55.56 16.03 -11.27
O7 NAG XA . -48.77 16.72 -13.18
C1 NAG XA . -54.50 20.72 -12.78
C2 NAG XA . -55.82 21.39 -12.45
C3 NAG XA . -56.34 22.15 -13.66
C4 NAG XA . -55.28 23.10 -14.19
C5 NAG XA . -53.98 22.36 -14.45
C6 NAG XA . -52.84 23.26 -14.87
C7 NAG XA . -57.65 20.64 -10.97
C8 NAG XA . -57.56 21.96 -10.28
N2 NAG XA . -56.80 20.43 -11.98
O3 NAG XA . -57.51 22.87 -13.31
O4 NAG XA . -55.73 23.69 -15.41
O5 NAG XA . -53.55 21.68 -13.26
O6 NAG XA . -53.26 24.61 -14.97
O7 NAG XA . -58.45 19.77 -10.62
C1 NAG YA . -54.44 3.71 5.39
C2 NAG YA . -53.83 4.87 6.20
C3 NAG YA . -54.62 5.07 7.49
C4 NAG YA . -56.09 5.28 7.18
C5 NAG YA . -56.62 4.10 6.35
C6 NAG YA . -58.04 4.29 5.91
C7 NAG YA . -51.43 5.29 5.91
C8 NAG YA . -50.05 4.91 6.33
N2 NAG YA . -52.43 4.61 6.49
O3 NAG YA . -54.11 6.21 8.17
O4 NAG YA . -56.84 5.38 8.39
O5 NAG YA . -55.83 3.97 5.16
O6 NAG YA . -58.14 4.46 4.50
O7 NAG YA . -51.65 6.18 5.08
C1 NAG YA . -57.15 6.77 8.59
C2 NAG YA . -58.48 6.88 9.32
C3 NAG YA . -58.81 8.35 9.58
C4 NAG YA . -57.67 9.03 10.31
C5 NAG YA . -56.36 8.83 9.55
C6 NAG YA . -55.16 9.37 10.29
C7 NAG YA . -59.88 4.95 8.73
C8 NAG YA . -61.00 4.46 7.86
N2 NAG YA . -59.54 6.24 8.56
O3 NAG YA . -60.01 8.42 10.36
O4 NAG YA . -57.93 10.42 10.43
O5 NAG YA . -56.12 7.43 9.36
O6 NAG YA . -54.19 8.36 10.54
O7 NAG YA . -59.31 4.23 9.53
C1 NAG ZA . -53.58 9.02 3.05
C2 NAG ZA . -53.74 9.54 4.47
C3 NAG ZA . -54.98 8.95 5.12
C4 NAG ZA . -56.20 9.21 4.25
C5 NAG ZA . -55.95 8.68 2.85
C6 NAG ZA . -57.07 8.99 1.88
C7 NAG ZA . -52.16 9.99 6.30
C8 NAG ZA . -50.93 9.53 7.02
N2 NAG ZA . -52.55 9.24 5.28
O3 NAG ZA . -55.17 9.52 6.41
O4 NAG ZA . -57.35 8.61 4.81
O5 NAG ZA . -54.77 9.29 2.30
O6 NAG ZA . -56.58 9.21 0.58
O7 NAG ZA . -52.78 11.00 6.65
C1 NAG ZA . -58.47 9.51 4.72
C2 NAG ZA . -59.68 8.86 5.42
C3 NAG ZA . -60.88 9.80 5.40
C4 NAG ZA . -60.51 11.15 5.97
C5 NAG ZA . -59.29 11.71 5.25
C6 NAG ZA . -58.80 13.01 5.84
C7 NAG ZA . -60.36 7.29 3.58
C8 NAG ZA . -60.45 8.45 2.63
N2 NAG ZA . -60.01 7.55 4.85
O3 NAG ZA . -61.94 9.22 6.15
O4 NAG ZA . -61.59 12.06 5.83
O5 NAG ZA . -58.20 10.79 5.34
O6 NAG ZA . -57.75 13.57 5.05
O7 NAG ZA . -60.61 6.14 3.21
C1 NAG AB . -60.41 3.21 -1.71
C2 NAG AB . -60.78 4.68 -1.87
C3 NAG AB . -62.20 4.91 -1.37
C4 NAG AB . -63.17 3.96 -2.05
C5 NAG AB . -62.68 2.51 -1.94
C6 NAG AB . -63.51 1.53 -2.74
C7 NAG AB . -58.90 6.29 -1.76
C8 NAG AB . -58.83 6.23 -3.26
N2 NAG AB . -59.83 5.54 -1.17
O3 NAG AB . -62.57 6.25 -1.64
O4 NAG AB . -64.44 4.06 -1.43
O5 NAG AB . -61.33 2.41 -2.43
O6 NAG AB . -63.51 1.88 -4.11
O7 NAG AB . -58.14 7.00 -1.11
C1 NAG AB . -65.38 4.69 -2.32
C2 NAG AB . -66.67 4.94 -1.53
C3 NAG AB . -67.70 5.63 -2.42
C4 NAG AB . -67.11 6.90 -3.03
C5 NAG AB . -65.79 6.59 -3.73
C6 NAG AB . -65.09 7.83 -4.24
C7 NAG AB . -67.02 3.24 0.24
C8 NAG AB . -66.19 4.12 1.13
N2 NAG AB . -67.22 3.69 -1.02
O3 NAG AB . -68.86 5.95 -1.65
O4 NAG AB . -68.02 7.47 -3.96
O5 NAG AB . -64.89 5.94 -2.83
O6 NAG AB . -65.03 8.84 -3.24
O7 NAG AB . -67.50 2.18 0.62
C1 NAG BB . -39.27 6.86 -18.44
C2 NAG BB . -37.92 7.11 -19.12
C3 NAG BB . -38.13 7.75 -20.48
C4 NAG BB . -39.10 6.92 -21.32
C5 NAG BB . -40.39 6.66 -20.54
C6 NAG BB . -41.35 5.74 -21.26
C7 NAG BB . -36.37 7.48 -17.25
C8 NAG BB . -35.55 8.49 -16.51
N2 NAG BB . -37.08 7.95 -18.29
O3 NAG BB . -36.88 7.85 -21.15
O4 NAG BB . -39.42 7.61 -22.51
O5 NAG BB . -40.08 6.05 -19.28
O6 NAG BB . -42.61 5.71 -20.61
O7 NAG BB . -36.40 6.30 -16.93
C1 NAG BB . -38.58 7.15 -23.58
C2 NAG BB . -39.39 7.18 -24.87
C3 NAG BB . -38.52 6.75 -26.06
C4 NAG BB . -37.25 7.58 -26.11
C5 NAG BB . -36.54 7.54 -24.77
C6 NAG BB . -35.33 8.45 -24.71
C7 NAG BB . -41.82 6.79 -24.88
C8 NAG BB . -42.91 5.77 -24.76
N2 NAG BB . -40.57 6.33 -24.77
O3 NAG BB . -39.26 6.89 -27.26
O4 NAG BB . -36.39 7.10 -27.13
O5 NAG BB . -37.42 7.97 -23.72
O6 NAG BB . -34.54 8.20 -23.55
O7 NAG BB . -42.06 7.98 -25.09
C1 NAG CB . -34.62 37.66 20.83
C2 NAG CB . -35.78 37.02 21.58
C3 NAG CB . -36.73 38.09 22.10
C4 NAG CB . -35.96 39.12 22.93
C5 NAG CB . -34.76 39.65 22.15
C6 NAG CB . -33.87 40.55 22.97
C7 NAG CB . -36.97 36.46 19.50
C8 NAG CB . -37.69 35.38 18.74
N2 NAG CB . -36.50 36.10 20.70
O3 NAG CB . -37.73 37.49 22.90
O4 NAG CB . -36.82 40.21 23.25
O5 NAG CB . -33.95 38.56 21.70
O6 NAG CB . -32.73 39.85 23.45
O7 NAG CB . -36.83 37.58 19.04
C1 NAG CB . -36.82 40.44 24.68
C2 NAG CB . -37.40 41.83 24.92
C3 NAG CB . -37.47 42.12 26.41
C4 NAG CB . -38.23 41.00 27.13
C5 NAG CB . -37.61 39.64 26.79
C6 NAG CB . -38.38 38.49 27.38
C7 NAG CB . -36.85 43.23 22.97
C8 NAG CB . -35.96 44.29 22.43
N2 NAG CB . -36.62 42.85 24.25
O3 NAG CB . -38.13 43.37 26.63
O4 NAG CB . -38.17 41.20 28.54
O5 NAG CB . -37.59 39.46 25.37
O6 NAG CB . -38.16 37.30 26.63
O7 NAG CB . -37.75 42.72 22.31
C1 NAG DB . 23.83 -8.04 33.06
C2 NAG DB . 24.69 -7.14 33.93
C3 NAG DB . 25.96 -6.74 33.17
C4 NAG DB . 26.68 -7.98 32.67
C5 NAG DB . 25.73 -8.86 31.86
C6 NAG DB . 26.35 -10.17 31.44
C7 NAG DB . 23.47 -5.76 35.58
C8 NAG DB . 23.72 -6.85 36.58
N2 NAG DB . 23.96 -5.96 34.35
O3 NAG DB . 26.81 -5.99 34.02
O4 NAG DB . 27.78 -7.60 31.85
O5 NAG DB . 24.59 -9.18 32.66
O6 NAG DB . 26.36 -11.11 32.51
O7 NAG DB . 22.85 -4.75 35.87
C1 NAG EB . 9.85 -9.97 57.39
C2 NAG EB . 9.64 -9.30 58.74
C3 NAG EB . 10.97 -9.19 59.48
C4 NAG EB . 11.64 -10.55 59.58
C5 NAG EB . 11.75 -11.18 58.20
C6 NAG EB . 12.28 -12.60 58.24
C7 NAG EB . 8.09 -7.47 59.36
C8 NAG EB . 7.63 -8.34 60.51
N2 NAG EB . 9.04 -7.98 58.57
O3 NAG EB . 10.75 -8.65 60.78
O4 NAG EB . 12.93 -10.41 60.14
O5 NAG EB . 10.45 -11.25 57.58
O6 NAG EB . 11.31 -13.51 58.75
O7 NAG EB . 7.62 -6.35 59.18
C1 NAG FB . 26.81 -13.62 50.00
C2 NAG FB . 28.18 -14.00 49.44
C3 NAG FB . 28.03 -15.11 48.41
C4 NAG FB . 27.27 -16.29 48.99
C5 NAG FB . 25.95 -15.82 49.57
C6 NAG FB . 25.19 -16.93 50.28
C7 NAG FB . 29.98 -12.33 49.33
C8 NAG FB . 30.51 -11.14 48.61
N2 NAG FB . 28.84 -12.84 48.86
O3 NAG FB . 29.33 -15.53 47.98
O4 NAG FB . 27.03 -17.27 47.98
O5 NAG FB . 26.17 -14.79 50.54
O6 NAG FB . 24.21 -16.39 51.17
O7 NAG FB . 30.54 -12.81 50.31
C1 NAG GB . 35.24 -5.08 6.27
C2 NAG GB . 36.43 -5.58 7.10
C3 NAG GB . 36.61 -4.71 8.34
C4 NAG GB . 36.71 -3.24 7.94
C5 NAG GB . 35.51 -2.84 7.10
C6 NAG GB . 35.60 -1.43 6.57
C7 NAG GB . 36.71 -8.00 6.73
C8 NAG GB . 36.44 -9.36 7.27
N2 NAG GB . 36.26 -6.97 7.47
O3 NAG GB . 37.79 -5.11 9.02
O4 NAG GB . 36.74 -2.43 9.12
O5 NAG GB . 35.43 -3.71 5.95
O6 NAG GB . 36.65 -1.29 5.62
O7 NAG GB . 37.30 -7.82 5.67
C1 NAG HB . 12.94 27.22 -27.46
C2 NAG HB . 12.08 28.21 -28.25
C3 NAG HB . 11.38 27.50 -29.39
C4 NAG HB . 12.38 26.75 -30.25
C5 NAG HB . 13.24 25.83 -29.39
C6 NAG HB . 14.35 25.15 -30.15
C7 NAG HB . 11.20 30.14 -26.96
C8 NAG HB . 12.38 30.92 -27.45
N2 NAG HB . 11.11 28.87 -27.38
O3 NAG HB . 10.67 28.45 -30.18
O4 NAG HB . 11.70 25.97 -31.23
O5 NAG HB . 13.87 26.57 -28.34
O6 NAG HB . 15.05 24.22 -29.34
O7 NAG HB . 10.35 30.63 -26.22
C1 NAG IB . 20.82 51.96 -15.89
C2 NAG IB . 20.76 53.36 -15.28
C3 NAG IB . 19.90 54.27 -16.15
C4 NAG IB . 20.39 54.25 -17.59
C5 NAG IB . 20.50 52.82 -18.10
C6 NAG IB . 21.12 52.72 -19.48
C7 NAG IB . 20.68 54.06 -12.91
C8 NAG IB . 21.80 55.01 -13.22
N2 NAG IB . 20.24 53.30 -13.92
O3 NAG IB . 19.93 55.60 -15.64
O4 NAG IB . 19.49 54.97 -18.41
O5 NAG IB . 21.33 52.04 -17.22
O6 NAG IB . 22.44 53.23 -19.49
O7 NAG IB . 20.20 53.97 -11.78
C1 NAG JB . 21.74 41.42 -33.30
C2 NAG JB . 22.23 40.57 -34.47
C3 NAG JB . 23.40 39.71 -34.02
C4 NAG JB . 24.50 40.57 -33.40
C5 NAG JB . 23.91 41.45 -32.29
C6 NAG JB . 24.91 42.43 -31.73
C7 NAG JB . 20.51 39.97 -36.14
C8 NAG JB . 20.94 41.17 -36.93
N2 NAG JB . 21.16 39.74 -34.99
O3 NAG JB . 23.93 39.00 -35.14
O4 NAG JB . 25.51 39.74 -32.85
O5 NAG JB . 22.82 42.23 -32.81
O6 NAG JB . 26.03 41.76 -31.17
O7 NAG JB . 19.60 39.24 -36.53
C1 NAG KB . 0.93 3.20 -35.37
C2 NAG KB . 1.44 3.85 -36.66
C3 NAG KB . 1.12 5.34 -36.69
C4 NAG KB . -0.36 5.57 -36.42
C5 NAG KB . -0.77 4.88 -35.12
C6 NAG KB . -2.25 4.98 -34.85
C7 NAG KB . 3.43 2.45 -37.06
C8 NAG KB . 4.92 2.43 -37.19
N2 NAG KB . 2.88 3.64 -36.82
O3 NAG KB . 1.48 5.88 -37.95
O4 NAG KB . -0.63 6.96 -36.31
O5 NAG KB . -0.46 3.48 -35.21
O6 NAG KB . -3.00 4.05 -35.62
O7 NAG KB . 2.75 1.43 -37.19
C1 NAG LB . -58.00 -2.75 -14.22
C2 NAG LB . -59.46 -2.32 -14.08
C3 NAG LB . -60.36 -3.55 -14.06
C4 NAG LB . -60.09 -4.44 -15.28
C5 NAG LB . -58.60 -4.76 -15.37
C6 NAG LB . -58.25 -5.52 -16.63
C7 NAG LB . -60.45 -0.44 -12.82
C8 NAG LB . -61.16 -0.06 -14.09
N2 NAG LB . -59.66 -1.53 -12.89
O3 NAG LB . -61.73 -3.15 -14.05
O4 NAG LB . -60.82 -5.65 -15.17
O5 NAG LB . -57.83 -3.55 -15.39
O6 NAG LB . -58.74 -4.87 -17.79
O7 NAG LB . -60.59 0.20 -11.79
C1 NAG MB . -53.74 -20.52 -13.98
C2 NAG MB . -53.22 -21.88 -14.44
C3 NAG MB . -52.29 -21.71 -15.64
C4 NAG MB . -52.97 -20.91 -16.74
C5 NAG MB . -53.51 -19.59 -16.17
C6 NAG MB . -54.32 -18.80 -17.18
C7 NAG MB . -53.15 -23.49 -12.59
C8 NAG MB . -52.31 -24.12 -11.53
N2 NAG MB . -52.55 -22.58 -13.37
O3 NAG MB . -51.92 -22.99 -16.14
O4 NAG MB . -52.05 -20.63 -17.78
O5 NAG MB . -54.38 -19.85 -15.07
O6 NAG MB . -53.72 -18.85 -18.46
O7 NAG MB . -54.33 -23.80 -12.74
C1 NAG NB . -4.93 -43.63 -1.15
C2 NAG NB . -3.88 -44.64 -0.66
C3 NAG NB . -4.48 -45.53 0.42
C4 NAG NB . -5.09 -44.68 1.54
C5 NAG NB . -6.08 -43.69 0.95
C6 NAG NB . -6.65 -42.75 1.99
C7 NAG NB . -2.33 -45.09 -2.50
C8 NAG NB . -1.95 -46.04 -3.60
N2 NAG NB . -3.38 -45.44 -1.77
O3 NAG NB . -3.46 -46.37 0.96
O4 NAG NB . -5.75 -45.52 2.47
O5 NAG NB . -5.43 -42.88 -0.04
O6 NAG NB . -7.60 -41.86 1.41
O7 NAG NB . -1.71 -44.06 -2.30
C1 NAG OB . -16.10 -34.01 0.67
C2 NAG OB . -17.05 -35.00 -0.01
C3 NAG OB . -18.49 -34.69 0.36
C4 NAG OB . -18.65 -34.65 1.88
C5 NAG OB . -17.65 -33.67 2.48
C6 NAG OB . -17.66 -33.66 3.99
C7 NAG OB . -16.40 -35.96 -2.21
C8 NAG OB . -15.99 -37.20 -1.48
N2 NAG OB . -16.89 -34.96 -1.46
O3 NAG OB . -19.36 -35.69 -0.19
O4 NAG OB . -19.97 -34.23 2.23
O5 NAG OB . -16.32 -34.05 2.08
O6 NAG OB . -16.59 -32.89 4.51
O7 NAG OB . -16.28 -35.86 -3.43
#